data_3PCG
#
_entry.id   3PCG
#
_cell.length_a   196.320
_cell.length_b   127.120
_cell.length_c   134.130
_cell.angle_alpha   90.00
_cell.angle_beta   97.60
_cell.angle_gamma   90.00
#
_symmetry.space_group_name_H-M   'I 1 2 1'
#
loop_
_entity.id
_entity.type
_entity.pdbx_description
1 polymer 'PROTOCATECHUATE 3,4-DIOXYGENASE'
2 polymer 'PROTOCATECHUATE 3,4-DIOXYGENASE'
3 non-polymer 'FE (III) ION'
4 non-polymer BETA-MERCAPTOETHANOL
5 non-polymer 4-HYDROXYPHENYLACETATE
6 water water
#
loop_
_entity_poly.entity_id
_entity_poly.type
_entity_poly.pdbx_seq_one_letter_code
_entity_poly.pdbx_strand_id
1 'polypeptide(L)'
;PIELLPETPSQTAGPYVHIGLALEAAGNPTRDQEIWNRLAKPDAPGEHILLLGQVYDGNGHLVRDSFLEVWQADANGEYQ
DAYNLENAFNSFGRTATTFDAGEWTLHTVKPGVVNNAAGVPMAPHINISLFARGINIHLHTRLYFDDEAQANAKCPVLNL
IEQPQRRETLIAKRCEVDGKTAYRFDIRIQGEGETVFFDF
;
A,B,C,D,E,F
2 'polypeptide(L)'
;PAQDNSRFVIRDRNWHPKALTPDYKTSIARSPRQALVSIPQSISETTGPNFSHLGFGAHDHDLLLNFNNGGLPIGERIIV
AGRVVDQYGKPVPNTLVEMWQANAGGRYRHKNDRYLAPLDPNFGGVGRCLTDSDGYYSFRTIKPGPYPWRNGPNDWRPAH
IHFGISGPSIATKLITQLYFEGDPLIPMCPIVKSIANPEAVQQLIAKLDMNNANPMDCLAYRFDIVLRGQRKTHFENC
;
M,N,O,P,Q,R
#
loop_
_chem_comp.id
_chem_comp.type
_chem_comp.name
_chem_comp.formula
4HP non-polymer 4-HYDROXYPHENYLACETATE 'C8 H8 O3'
BME non-polymer BETA-MERCAPTOETHANOL 'C2 H6 O S'
FE non-polymer 'FE (III) ION' 'Fe 3'
#
# COMPACT_ATOMS: atom_id res chain seq x y z
N PRO A 1 -14.05 0.17 -28.08
CA PRO A 1 -14.19 1.55 -28.48
C PRO A 1 -12.84 2.22 -28.11
N ILE A 2 -12.60 3.37 -28.67
CA ILE A 2 -11.36 4.09 -28.35
C ILE A 2 -11.57 4.78 -27.00
N GLU A 3 -10.58 4.72 -26.16
CA GLU A 3 -10.67 5.45 -24.85
C GLU A 3 -9.45 6.35 -24.73
N LEU A 4 -9.69 7.58 -24.33
CA LEU A 4 -8.59 8.57 -24.17
C LEU A 4 -8.13 8.52 -22.71
N LEU A 5 -7.11 9.32 -22.42
CA LEU A 5 -6.70 9.44 -20.99
C LEU A 5 -7.97 10.06 -20.34
N PRO A 6 -8.28 9.63 -19.14
CA PRO A 6 -9.44 10.16 -18.41
C PRO A 6 -9.01 11.52 -17.82
N GLU A 7 -10.01 12.39 -17.78
CA GLU A 7 -9.82 13.75 -17.24
C GLU A 7 -9.60 13.62 -15.72
N THR A 8 -8.74 14.52 -15.22
CA THR A 8 -8.52 14.55 -13.74
C THR A 8 -9.88 14.83 -13.11
N PRO A 9 -10.25 14.08 -12.07
CA PRO A 9 -11.50 14.27 -11.39
C PRO A 9 -11.60 15.58 -10.61
N SER A 10 -12.79 16.16 -10.64
CA SER A 10 -13.09 17.38 -9.90
C SER A 10 -13.28 17.02 -8.41
N GLN A 11 -13.09 18.05 -7.59
CA GLN A 11 -13.26 18.03 -6.16
C GLN A 11 -13.82 19.41 -5.74
N THR A 12 -14.53 19.40 -4.65
CA THR A 12 -15.13 20.68 -4.19
C THR A 12 -14.03 21.72 -3.95
N ALA A 13 -14.43 22.98 -4.09
CA ALA A 13 -13.48 24.09 -3.80
C ALA A 13 -13.28 24.17 -2.30
N GLY A 14 -14.27 23.79 -1.51
CA GLY A 14 -14.18 23.81 -0.04
C GLY A 14 -14.52 25.23 0.46
N PRO A 15 -14.64 25.33 1.77
CA PRO A 15 -14.98 26.62 2.41
C PRO A 15 -13.92 27.70 2.34
N TYR A 16 -12.71 27.37 1.93
CA TYR A 16 -11.60 28.28 1.90
C TYR A 16 -11.09 28.71 0.56
N VAL A 17 -11.90 28.43 -0.46
CA VAL A 17 -11.55 28.80 -1.81
C VAL A 17 -11.03 30.25 -1.89
N HIS A 18 -11.62 31.11 -1.12
CA HIS A 18 -11.29 32.54 -1.12
C HIS A 18 -9.84 32.88 -0.97
N ILE A 19 -9.16 32.12 -0.13
CA ILE A 19 -7.74 32.41 0.09
C ILE A 19 -6.94 32.23 -1.18
N GLY A 20 -7.38 31.31 -2.04
CA GLY A 20 -6.66 31.07 -3.27
C GLY A 20 -7.18 31.85 -4.45
N LEU A 21 -8.47 32.14 -4.43
CA LEU A 21 -9.11 32.80 -5.57
C LEU A 21 -9.80 34.12 -5.40
N ALA A 22 -10.00 34.57 -4.19
CA ALA A 22 -10.66 35.82 -3.84
C ALA A 22 -9.99 36.36 -2.55
N LEU A 23 -8.72 36.71 -2.74
CA LEU A 23 -7.86 37.19 -1.69
C LEU A 23 -8.51 38.25 -0.82
N GLU A 24 -8.94 39.34 -1.44
CA GLU A 24 -9.60 40.45 -0.71
C GLU A 24 -10.67 39.87 0.21
N ALA A 25 -11.56 39.08 -0.36
CA ALA A 25 -12.66 38.42 0.31
C ALA A 25 -12.25 37.51 1.43
N ALA A 26 -11.10 36.87 1.28
CA ALA A 26 -10.58 35.96 2.33
C ALA A 26 -10.08 36.87 3.49
N GLY A 27 -10.07 38.14 3.16
CA GLY A 27 -9.57 39.17 4.10
C GLY A 27 -8.04 38.99 4.25
N ASN A 28 -7.39 38.80 3.11
CA ASN A 28 -5.94 38.61 3.07
C ASN A 28 -5.32 39.65 2.11
N PRO A 29 -4.05 39.91 2.35
CA PRO A 29 -3.30 40.85 1.49
C PRO A 29 -3.39 40.35 0.05
N THR A 30 -3.65 41.27 -0.87
CA THR A 30 -3.74 40.88 -2.30
C THR A 30 -2.37 41.10 -2.94
N ARG A 31 -2.23 40.60 -4.15
CA ARG A 31 -1.01 40.72 -4.96
C ARG A 31 -1.16 41.94 -5.87
N ASP A 32 -0.13 42.29 -6.60
CA ASP A 32 -0.18 43.45 -7.49
C ASP A 32 -1.30 43.33 -8.52
N GLN A 33 -1.48 42.12 -9.04
CA GLN A 33 -2.53 41.90 -10.09
C GLN A 33 -3.46 40.78 -9.64
N GLU A 34 -4.74 41.10 -9.56
CA GLU A 34 -5.75 40.13 -9.15
C GLU A 34 -6.88 40.06 -10.18
N ILE A 35 -7.45 38.88 -10.33
CA ILE A 35 -8.58 38.66 -11.27
C ILE A 35 -9.82 38.89 -10.40
N TRP A 36 -10.50 40.01 -10.68
CA TRP A 36 -11.68 40.36 -9.87
C TRP A 36 -12.95 40.66 -10.60
N ASN A 37 -13.87 41.38 -9.95
CA ASN A 37 -15.21 41.69 -10.41
C ASN A 37 -15.45 42.92 -11.24
N ARG A 38 -14.42 43.52 -11.77
CA ARG A 38 -14.59 44.75 -12.61
C ARG A 38 -14.13 44.43 -14.01
N LEU A 39 -15.05 43.94 -14.84
CA LEU A 39 -14.72 43.59 -16.23
C LEU A 39 -14.46 44.80 -17.11
N ALA A 40 -15.18 45.88 -16.86
CA ALA A 40 -15.03 47.10 -17.64
C ALA A 40 -14.57 48.32 -16.85
N LYS A 41 -13.72 49.09 -17.52
CA LYS A 41 -13.23 50.37 -16.97
C LYS A 41 -14.29 51.40 -17.47
N PRO A 42 -14.41 52.45 -16.71
CA PRO A 42 -15.38 53.52 -16.98
C PRO A 42 -15.50 53.88 -18.45
N ASP A 43 -14.40 53.93 -19.15
CA ASP A 43 -14.29 54.27 -20.55
C ASP A 43 -14.48 53.10 -21.50
N ALA A 44 -15.04 52.02 -21.03
CA ALA A 44 -15.25 50.86 -21.97
C ALA A 44 -16.52 51.18 -22.77
N PRO A 45 -16.47 50.88 -24.05
CA PRO A 45 -17.65 51.10 -24.93
C PRO A 45 -18.74 50.10 -24.50
N GLY A 46 -19.97 50.55 -24.61
CA GLY A 46 -21.15 49.77 -24.25
C GLY A 46 -21.93 50.34 -23.10
N GLU A 47 -23.04 49.67 -22.81
CA GLU A 47 -23.93 50.08 -21.70
C GLU A 47 -23.37 49.49 -20.39
N HIS A 48 -22.88 50.35 -19.54
CA HIS A 48 -22.33 49.97 -18.23
C HIS A 48 -23.46 49.57 -17.29
N ILE A 49 -23.35 48.35 -16.76
CA ILE A 49 -24.34 47.79 -15.86
C ILE A 49 -23.67 47.21 -14.62
N LEU A 50 -24.49 47.03 -13.62
CA LEU A 50 -24.10 46.40 -12.36
C LEU A 50 -24.95 45.09 -12.26
N LEU A 51 -24.28 43.99 -11.98
CA LEU A 51 -24.96 42.70 -11.80
C LEU A 51 -24.78 42.34 -10.29
N LEU A 52 -25.83 41.80 -9.75
CA LEU A 52 -25.82 41.38 -8.33
C LEU A 52 -26.78 40.21 -8.13
N GLY A 53 -26.46 39.41 -7.12
CA GLY A 53 -27.31 38.27 -6.81
C GLY A 53 -26.94 37.61 -5.49
N GLN A 54 -27.81 36.65 -5.18
CA GLN A 54 -27.71 35.81 -3.99
C GLN A 54 -27.84 34.36 -4.49
N VAL A 55 -27.21 33.50 -3.73
CA VAL A 55 -27.18 32.06 -4.02
C VAL A 55 -27.94 31.39 -2.87
N TYR A 56 -28.81 30.46 -3.15
CA TYR A 56 -29.62 29.74 -2.20
C TYR A 56 -29.44 28.22 -2.34
N ASP A 57 -29.49 27.62 -1.18
CA ASP A 57 -29.35 26.14 -1.03
C ASP A 57 -30.74 25.55 -1.13
N GLY A 58 -30.85 24.23 -1.08
CA GLY A 58 -32.11 23.54 -1.16
C GLY A 58 -33.04 23.80 0.01
N ASN A 59 -32.61 24.47 1.04
CA ASN A 59 -33.43 24.74 2.22
C ASN A 59 -33.95 26.20 2.20
N GLY A 60 -33.50 26.96 1.22
CA GLY A 60 -33.87 28.36 1.05
C GLY A 60 -32.92 29.24 1.84
N HIS A 61 -31.77 28.66 2.20
CA HIS A 61 -30.76 29.42 2.99
C HIS A 61 -29.66 29.94 2.06
N LEU A 62 -29.16 31.10 2.44
CA LEU A 62 -28.10 31.79 1.70
C LEU A 62 -26.81 30.95 1.75
N VAL A 63 -26.16 30.92 0.63
CA VAL A 63 -24.85 30.22 0.49
C VAL A 63 -23.83 31.38 0.53
N ARG A 64 -23.25 31.54 1.70
CA ARG A 64 -22.31 32.66 1.91
C ARG A 64 -20.87 32.34 1.57
N ASP A 65 -20.61 31.23 0.91
CA ASP A 65 -19.19 30.91 0.60
C ASP A 65 -18.96 30.57 -0.84
N SER A 66 -19.80 31.09 -1.73
CA SER A 66 -19.72 30.84 -3.15
C SER A 66 -18.56 31.63 -3.81
N PHE A 67 -18.20 31.05 -4.91
CA PHE A 67 -17.17 31.55 -5.81
C PHE A 67 -17.78 31.39 -7.22
N LEU A 68 -17.79 32.54 -7.93
CA LEU A 68 -18.31 32.56 -9.29
C LEU A 68 -17.28 33.15 -10.26
N GLU A 69 -17.28 32.53 -11.41
CA GLU A 69 -16.47 32.92 -12.55
C GLU A 69 -17.48 33.20 -13.68
N VAL A 70 -17.19 34.28 -14.37
CA VAL A 70 -18.05 34.75 -15.48
C VAL A 70 -17.23 34.93 -16.75
N TRP A 71 -17.91 34.69 -17.87
CA TRP A 71 -17.33 34.82 -19.21
C TRP A 71 -18.45 35.40 -20.12
N GLN A 72 -18.09 36.50 -20.75
CA GLN A 72 -19.00 37.23 -21.64
C GLN A 72 -18.28 37.96 -22.76
N ALA A 73 -19.06 38.21 -23.79
CA ALA A 73 -18.60 38.99 -24.97
C ALA A 73 -18.66 40.49 -24.62
N ASP A 74 -17.92 41.25 -25.41
CA ASP A 74 -17.93 42.74 -25.26
C ASP A 74 -19.24 43.22 -25.91
N ALA A 75 -19.43 44.51 -25.90
CA ALA A 75 -20.63 45.15 -26.50
C ALA A 75 -20.77 44.82 -27.98
N ASN A 76 -19.69 44.50 -28.65
CA ASN A 76 -19.70 44.14 -30.06
C ASN A 76 -20.09 42.66 -30.28
N GLY A 77 -20.15 41.88 -29.23
CA GLY A 77 -20.47 40.45 -29.33
C GLY A 77 -19.15 39.69 -29.61
N GLU A 78 -18.04 40.24 -29.18
CA GLU A 78 -16.73 39.65 -29.30
C GLU A 78 -16.14 39.24 -27.93
N TYR A 79 -15.64 38.02 -27.95
CA TYR A 79 -14.97 37.44 -26.78
C TYR A 79 -13.51 37.88 -26.82
N GLN A 80 -13.13 38.55 -25.77
CA GLN A 80 -11.78 39.12 -25.58
C GLN A 80 -11.01 38.21 -24.63
N ASP A 81 -10.23 37.32 -25.22
CA ASP A 81 -9.48 36.35 -24.42
C ASP A 81 -8.18 36.84 -23.86
N ALA A 82 -7.60 37.90 -24.41
CA ALA A 82 -6.29 38.34 -23.87
C ALA A 82 -6.50 39.18 -22.62
N TYR A 83 -6.48 38.48 -21.49
CA TYR A 83 -6.68 39.06 -20.17
C TYR A 83 -5.55 40.01 -19.79
N ASN A 84 -5.95 41.25 -19.52
CA ASN A 84 -5.01 42.32 -19.15
C ASN A 84 -5.72 43.42 -18.37
N LEU A 85 -5.14 43.74 -17.24
CA LEU A 85 -5.63 44.77 -16.32
C LEU A 85 -5.64 46.14 -16.99
N GLU A 86 -4.80 46.31 -17.99
CA GLU A 86 -4.74 47.56 -18.76
C GLU A 86 -5.94 47.67 -19.70
N ASN A 87 -6.49 46.54 -20.13
CA ASN A 87 -7.63 46.52 -21.03
C ASN A 87 -8.76 47.37 -20.38
N ALA A 88 -9.49 48.04 -21.26
CA ALA A 88 -10.65 48.83 -20.84
C ALA A 88 -11.82 47.85 -20.51
N PHE A 89 -11.73 46.69 -21.15
CA PHE A 89 -12.68 45.59 -21.01
C PHE A 89 -12.02 44.21 -21.05
N ASN A 90 -12.43 43.37 -20.11
CA ASN A 90 -12.01 41.98 -20.00
C ASN A 90 -13.30 41.14 -20.03
N SER A 91 -13.24 40.07 -20.76
CA SER A 91 -14.34 39.11 -20.95
C SER A 91 -14.57 38.18 -19.76
N PHE A 92 -13.53 38.11 -18.94
CA PHE A 92 -13.53 37.25 -17.74
C PHE A 92 -13.42 38.02 -16.44
N GLY A 93 -14.10 37.45 -15.43
CA GLY A 93 -14.06 38.03 -14.08
C GLY A 93 -14.40 36.97 -13.02
N ARG A 94 -14.25 37.42 -11.80
CA ARG A 94 -14.54 36.61 -10.60
C ARG A 94 -15.24 37.48 -9.56
N THR A 95 -16.10 36.83 -8.83
CA THR A 95 -16.91 37.45 -7.79
C THR A 95 -17.16 36.34 -6.73
N ALA A 96 -17.72 36.75 -5.63
CA ALA A 96 -17.96 35.83 -4.51
C ALA A 96 -19.06 36.38 -3.63
N THR A 97 -19.65 35.52 -2.81
CA THR A 97 -20.72 35.99 -1.90
C THR A 97 -20.17 36.36 -0.52
N THR A 98 -20.66 37.53 -0.09
CA THR A 98 -20.35 38.09 1.23
C THR A 98 -20.69 37.05 2.31
N PHE A 99 -19.78 36.92 3.25
CA PHE A 99 -19.92 36.03 4.41
C PHE A 99 -21.07 36.59 5.26
N ASP A 100 -21.32 37.86 5.10
CA ASP A 100 -22.39 38.61 5.80
C ASP A 100 -23.73 38.57 5.06
N ALA A 101 -23.90 39.57 4.20
CA ALA A 101 -25.10 39.78 3.39
C ALA A 101 -25.32 38.66 2.39
N GLY A 102 -24.22 38.08 1.91
CA GLY A 102 -24.26 36.95 0.99
C GLY A 102 -24.63 37.36 -0.43
N GLU A 103 -24.22 38.55 -0.83
CA GLU A 103 -24.53 39.02 -2.19
C GLU A 103 -23.26 39.26 -2.98
N TRP A 104 -23.29 38.95 -4.27
CA TRP A 104 -22.10 39.18 -5.12
C TRP A 104 -22.46 40.34 -6.07
N THR A 105 -21.43 40.92 -6.65
CA THR A 105 -21.62 42.04 -7.59
C THR A 105 -20.53 41.92 -8.64
N LEU A 106 -20.89 42.43 -9.80
CA LEU A 106 -20.00 42.44 -10.98
C LEU A 106 -20.22 43.80 -11.68
N HIS A 107 -19.14 44.36 -12.14
CA HIS A 107 -19.19 45.65 -12.87
C HIS A 107 -18.76 45.30 -14.30
N THR A 108 -19.68 45.42 -15.23
CA THR A 108 -19.40 45.07 -16.65
C THR A 108 -20.26 45.87 -17.61
N VAL A 109 -20.25 45.45 -18.85
CA VAL A 109 -21.06 46.02 -19.94
C VAL A 109 -22.00 44.91 -20.45
N LYS A 110 -23.10 45.37 -20.99
CA LYS A 110 -24.10 44.46 -21.57
C LYS A 110 -23.40 43.84 -22.82
N PRO A 111 -23.36 42.51 -22.85
CA PRO A 111 -22.75 41.76 -23.92
C PRO A 111 -23.58 41.89 -25.21
N GLY A 112 -22.86 41.82 -26.31
CA GLY A 112 -23.46 41.87 -27.66
C GLY A 112 -23.86 40.39 -27.97
N VAL A 113 -24.60 40.25 -29.02
CA VAL A 113 -25.12 38.97 -29.50
C VAL A 113 -24.04 38.15 -30.18
N VAL A 114 -24.04 36.88 -29.90
CA VAL A 114 -23.11 35.90 -30.50
C VAL A 114 -23.96 34.78 -31.16
N ASN A 115 -23.47 34.25 -32.25
CA ASN A 115 -24.09 33.18 -33.00
C ASN A 115 -23.58 31.82 -32.50
N ASN A 116 -24.49 30.88 -32.45
CA ASN A 116 -24.16 29.49 -32.04
C ASN A 116 -23.41 28.88 -33.22
N ALA A 117 -23.04 27.61 -33.08
CA ALA A 117 -22.27 26.94 -34.14
C ALA A 117 -22.98 26.91 -35.48
N ALA A 118 -24.29 26.89 -35.51
CA ALA A 118 -25.08 26.83 -36.73
C ALA A 118 -25.38 28.20 -37.33
N GLY A 119 -24.80 29.25 -36.76
CA GLY A 119 -25.01 30.59 -37.26
C GLY A 119 -26.30 31.26 -36.85
N VAL A 120 -26.92 30.72 -35.80
CA VAL A 120 -28.17 31.34 -35.26
C VAL A 120 -27.74 32.20 -34.05
N PRO A 121 -28.27 33.40 -33.99
CA PRO A 121 -27.95 34.32 -32.89
C PRO A 121 -28.55 33.85 -31.57
N MET A 122 -27.75 34.00 -30.54
CA MET A 122 -28.14 33.68 -29.15
C MET A 122 -28.47 35.02 -28.51
N ALA A 123 -29.36 35.07 -27.55
CA ALA A 123 -29.69 36.38 -26.89
C ALA A 123 -28.49 36.75 -26.00
N PRO A 124 -28.33 38.02 -25.72
CA PRO A 124 -27.23 38.50 -24.88
C PRO A 124 -27.25 37.63 -23.61
N HIS A 125 -26.07 37.10 -23.29
CA HIS A 125 -26.00 36.27 -22.07
C HIS A 125 -24.56 36.36 -21.53
N ILE A 126 -24.50 35.96 -20.27
CA ILE A 126 -23.27 35.89 -19.49
C ILE A 126 -23.16 34.41 -18.99
N ASN A 127 -22.02 33.84 -19.28
CA ASN A 127 -21.73 32.44 -18.87
C ASN A 127 -21.19 32.50 -17.42
N ILE A 128 -21.78 31.67 -16.58
CA ILE A 128 -21.46 31.57 -15.19
C ILE A 128 -21.13 30.12 -14.75
N SER A 129 -20.15 30.10 -13.86
CA SER A 129 -19.67 28.84 -13.25
C SER A 129 -19.65 29.08 -11.72
N LEU A 130 -20.39 28.27 -11.05
CA LEU A 130 -20.56 28.24 -9.62
C LEU A 130 -19.77 27.17 -8.89
N PHE A 131 -19.03 27.66 -7.89
CA PHE A 131 -18.21 26.83 -7.01
C PHE A 131 -18.51 27.18 -5.55
N ALA A 132 -18.37 26.16 -4.72
CA ALA A 132 -18.61 26.25 -3.28
C ALA A 132 -18.42 24.91 -2.59
N ARG A 133 -18.22 24.99 -1.26
CA ARG A 133 -18.14 23.75 -0.47
C ARG A 133 -19.56 23.11 -0.71
N GLY A 134 -19.57 21.79 -0.75
CA GLY A 134 -20.83 21.07 -0.93
C GLY A 134 -21.07 20.76 -2.39
N ILE A 135 -20.37 21.45 -3.26
CA ILE A 135 -20.49 21.29 -4.71
C ILE A 135 -19.26 20.53 -5.21
N ASN A 136 -19.48 19.28 -5.57
CA ASN A 136 -18.44 18.35 -6.00
C ASN A 136 -17.83 18.75 -7.33
N ILE A 137 -18.70 19.19 -8.22
CA ILE A 137 -18.27 19.65 -9.58
C ILE A 137 -19.06 20.94 -9.83
N HIS A 138 -18.40 21.93 -10.34
CA HIS A 138 -19.01 23.27 -10.52
C HIS A 138 -20.21 23.23 -11.43
N LEU A 139 -21.13 24.13 -11.20
CA LEU A 139 -22.39 24.28 -11.92
C LEU A 139 -22.27 25.39 -12.98
N HIS A 140 -22.71 25.05 -14.17
CA HIS A 140 -22.66 25.98 -15.30
C HIS A 140 -24.09 26.56 -15.49
N THR A 141 -24.15 27.84 -15.70
CA THR A 141 -25.46 28.51 -15.95
C THR A 141 -25.24 29.67 -16.91
N ARG A 142 -26.34 30.36 -17.16
CA ARG A 142 -26.31 31.54 -18.04
C ARG A 142 -27.30 32.57 -17.45
N LEU A 143 -26.89 33.79 -17.53
CA LEU A 143 -27.71 34.96 -17.11
C LEU A 143 -28.13 35.68 -18.42
N TYR A 144 -29.43 35.81 -18.58
CA TYR A 144 -30.07 36.51 -19.71
C TYR A 144 -30.70 37.75 -19.05
N PHE A 145 -31.16 38.69 -19.85
CA PHE A 145 -31.73 39.94 -19.34
C PHE A 145 -33.21 40.05 -19.71
N ASP A 146 -33.96 40.54 -18.75
CA ASP A 146 -35.40 40.71 -18.87
C ASP A 146 -35.77 41.75 -19.91
N ASP A 147 -34.85 42.62 -20.29
CA ASP A 147 -35.10 43.66 -21.29
C ASP A 147 -34.76 43.22 -22.71
N GLU A 148 -34.54 41.93 -22.91
CA GLU A 148 -34.20 41.38 -24.21
C GLU A 148 -35.19 40.27 -24.56
N ALA A 149 -36.43 40.53 -24.16
CA ALA A 149 -37.54 39.62 -24.34
C ALA A 149 -37.62 39.07 -25.75
N GLN A 150 -37.54 40.00 -26.69
CA GLN A 150 -37.63 39.68 -28.13
C GLN A 150 -36.55 38.70 -28.54
N ALA A 151 -35.35 38.98 -28.11
CA ALA A 151 -34.18 38.13 -28.39
C ALA A 151 -34.25 36.79 -27.66
N ASN A 152 -34.61 36.84 -26.40
CA ASN A 152 -34.72 35.68 -25.52
C ASN A 152 -35.64 34.65 -26.16
N ALA A 153 -36.74 35.17 -26.69
CA ALA A 153 -37.77 34.35 -27.32
C ALA A 153 -37.24 33.47 -28.43
N LYS A 154 -36.19 33.91 -29.11
CA LYS A 154 -35.61 33.14 -30.22
C LYS A 154 -34.25 32.54 -29.89
N CYS A 155 -33.83 32.64 -28.65
CA CYS A 155 -32.50 32.10 -28.29
C CYS A 155 -32.53 30.56 -28.45
N PRO A 156 -31.67 30.09 -29.31
CA PRO A 156 -31.55 28.64 -29.57
C PRO A 156 -31.21 27.87 -28.30
N VAL A 157 -30.47 28.48 -27.39
CA VAL A 157 -30.07 27.80 -26.14
C VAL A 157 -31.24 27.73 -25.15
N LEU A 158 -31.87 28.88 -24.99
CA LEU A 158 -33.05 29.02 -24.09
C LEU A 158 -34.16 28.08 -24.54
N ASN A 159 -34.33 27.95 -25.84
CA ASN A 159 -35.28 27.09 -26.48
C ASN A 159 -35.00 25.62 -26.28
N LEU A 160 -33.81 25.26 -25.81
CA LEU A 160 -33.47 23.84 -25.58
C LEU A 160 -34.09 23.38 -24.25
N ILE A 161 -34.45 24.36 -23.46
CA ILE A 161 -35.08 24.03 -22.15
C ILE A 161 -36.53 23.66 -22.43
N GLU A 162 -36.81 22.38 -22.34
CA GLU A 162 -38.12 21.79 -22.56
C GLU A 162 -39.27 22.61 -21.98
N GLN A 163 -39.19 22.93 -20.71
CA GLN A 163 -40.25 23.65 -19.99
C GLN A 163 -40.10 25.12 -19.82
N PRO A 164 -41.00 25.87 -20.44
CA PRO A 164 -41.02 27.32 -20.42
C PRO A 164 -40.83 27.95 -19.06
N GLN A 165 -41.40 27.37 -18.06
CA GLN A 165 -41.33 27.85 -16.66
C GLN A 165 -39.91 27.85 -16.12
N ARG A 166 -39.07 26.95 -16.62
CA ARG A 166 -37.69 26.77 -16.25
C ARG A 166 -36.79 27.82 -16.88
N ARG A 167 -37.20 28.30 -18.04
CA ARG A 167 -36.44 29.34 -18.76
C ARG A 167 -36.37 30.64 -17.99
N GLU A 168 -37.42 30.93 -17.24
CA GLU A 168 -37.51 32.19 -16.49
C GLU A 168 -36.47 32.25 -15.38
N THR A 169 -35.99 31.09 -14.95
CA THR A 169 -34.98 30.97 -13.90
C THR A 169 -33.67 31.61 -14.37
N LEU A 170 -33.48 31.71 -15.67
CA LEU A 170 -32.29 32.27 -16.26
C LEU A 170 -32.35 33.76 -16.61
N ILE A 171 -33.48 34.40 -16.34
CA ILE A 171 -33.64 35.83 -16.69
C ILE A 171 -33.41 36.77 -15.54
N ALA A 172 -32.42 37.62 -15.66
CA ALA A 172 -32.07 38.60 -14.61
C ALA A 172 -33.09 39.76 -14.70
N LYS A 173 -33.45 40.26 -13.54
CA LYS A 173 -34.45 41.32 -13.38
C LYS A 173 -33.78 42.70 -13.28
N ARG A 174 -34.10 43.52 -14.26
CA ARG A 174 -33.58 44.87 -14.37
C ARG A 174 -34.12 45.76 -13.24
N CYS A 175 -33.23 46.54 -12.69
CA CYS A 175 -33.50 47.48 -11.61
C CYS A 175 -32.47 48.60 -11.79
N GLU A 176 -32.37 49.41 -10.77
CA GLU A 176 -31.40 50.52 -10.75
C GLU A 176 -30.79 50.56 -9.35
N VAL A 177 -29.51 50.83 -9.33
CA VAL A 177 -28.79 50.87 -8.01
C VAL A 177 -28.04 52.19 -8.02
N ASP A 178 -28.49 53.07 -7.13
CA ASP A 178 -27.87 54.42 -7.04
C ASP A 178 -27.93 55.06 -8.44
N GLY A 179 -29.11 55.03 -9.03
CA GLY A 179 -29.34 55.58 -10.36
C GLY A 179 -28.59 54.89 -11.48
N LYS A 180 -28.06 53.70 -11.22
CA LYS A 180 -27.31 52.94 -12.25
C LYS A 180 -28.12 51.69 -12.63
N THR A 181 -27.97 51.33 -13.90
CA THR A 181 -28.65 50.16 -14.44
C THR A 181 -28.00 48.90 -13.83
N ALA A 182 -28.87 48.16 -13.17
CA ALA A 182 -28.51 46.91 -12.49
C ALA A 182 -29.49 45.81 -12.86
N TYR A 183 -29.03 44.59 -12.75
CA TYR A 183 -29.80 43.38 -12.97
C TYR A 183 -29.49 42.46 -11.75
N ARG A 184 -30.55 41.97 -11.18
CA ARG A 184 -30.49 41.05 -10.05
C ARG A 184 -30.65 39.62 -10.61
N PHE A 185 -29.72 38.78 -10.24
CA PHE A 185 -29.72 37.37 -10.69
C PHE A 185 -29.44 36.44 -9.52
N ASP A 186 -30.50 35.90 -9.00
CA ASP A 186 -30.42 34.95 -7.87
C ASP A 186 -30.36 33.51 -8.44
N ILE A 187 -29.58 32.70 -7.79
CA ILE A 187 -29.40 31.29 -8.17
C ILE A 187 -29.94 30.42 -7.04
N ARG A 188 -30.76 29.48 -7.42
CA ARG A 188 -31.37 28.51 -6.48
C ARG A 188 -30.83 27.16 -6.97
N ILE A 189 -29.92 26.66 -6.15
CA ILE A 189 -29.25 25.38 -6.48
C ILE A 189 -30.21 24.21 -6.48
N GLN A 190 -31.16 24.25 -5.59
CA GLN A 190 -32.10 23.12 -5.43
C GLN A 190 -33.48 23.49 -4.95
N GLY A 191 -34.48 22.78 -5.43
CA GLY A 191 -35.84 22.96 -4.97
C GLY A 191 -36.66 23.90 -5.82
N GLU A 192 -37.68 24.46 -5.17
CA GLU A 192 -38.62 25.39 -5.78
C GLU A 192 -37.80 26.50 -6.47
N GLY A 193 -38.11 26.71 -7.73
CA GLY A 193 -37.45 27.71 -8.58
C GLY A 193 -36.01 27.34 -8.91
N GLU A 194 -35.66 26.06 -8.77
CA GLU A 194 -34.28 25.62 -9.06
C GLU A 194 -33.81 26.13 -10.41
N THR A 195 -32.65 26.77 -10.40
CA THR A 195 -32.03 27.34 -11.58
C THR A 195 -31.58 26.25 -12.55
N VAL A 196 -31.78 26.51 -13.84
CA VAL A 196 -31.30 25.55 -14.85
C VAL A 196 -29.73 25.60 -14.85
N PHE A 197 -29.19 24.42 -14.93
CA PHE A 197 -27.69 24.26 -15.01
C PHE A 197 -27.45 23.43 -16.28
N PHE A 198 -26.36 23.73 -16.94
CA PHE A 198 -26.02 23.07 -18.21
C PHE A 198 -24.84 22.11 -18.13
N ASP A 199 -24.84 21.23 -19.15
CA ASP A 199 -23.74 20.27 -19.38
C ASP A 199 -23.39 20.53 -20.86
N PHE A 200 -22.14 20.66 -21.12
CA PHE A 200 -21.59 20.91 -22.45
C PHE A 200 -20.13 20.40 -22.49
N PRO B 1 -10.07 38.85 -31.04
CA PRO B 1 -10.96 38.13 -30.07
C PRO B 1 -10.83 36.64 -30.32
N ALA B 2 -11.48 35.86 -29.48
CA ALA B 2 -11.47 34.39 -29.57
C ALA B 2 -12.40 33.86 -30.64
N GLN B 3 -12.02 32.73 -31.20
CA GLN B 3 -12.72 32.04 -32.30
C GLN B 3 -13.18 30.63 -31.95
N ASP B 4 -14.30 30.24 -32.57
CA ASP B 4 -14.91 28.92 -32.40
C ASP B 4 -14.29 27.88 -33.35
N ASN B 5 -13.10 27.44 -33.05
CA ASN B 5 -12.39 26.47 -33.87
C ASN B 5 -12.28 25.09 -33.27
N SER B 6 -12.53 24.91 -31.99
CA SER B 6 -12.41 23.65 -31.28
C SER B 6 -13.69 23.09 -30.70
N ARG B 7 -13.56 21.81 -30.38
CA ARG B 7 -14.66 21.07 -29.72
C ARG B 7 -13.96 20.38 -28.54
N PHE B 8 -14.69 20.11 -27.50
CA PHE B 8 -14.05 19.43 -26.32
C PHE B 8 -14.79 18.12 -26.07
N VAL B 9 -14.00 17.09 -25.83
CA VAL B 9 -14.55 15.74 -25.58
C VAL B 9 -15.55 15.93 -24.42
N ILE B 10 -16.68 15.28 -24.47
CA ILE B 10 -17.72 15.36 -23.48
C ILE B 10 -17.26 14.83 -22.12
N ARG B 11 -17.65 15.58 -21.07
CA ARG B 11 -17.23 15.14 -19.73
C ARG B 11 -17.89 13.80 -19.39
N ASP B 12 -17.17 12.97 -18.70
CA ASP B 12 -17.68 11.67 -18.20
C ASP B 12 -18.13 11.97 -16.76
N ARG B 13 -19.42 12.16 -16.60
CA ARG B 13 -20.01 12.46 -15.30
C ARG B 13 -20.11 11.28 -14.38
N ASN B 14 -19.75 10.07 -14.86
CA ASN B 14 -19.74 8.94 -13.91
C ASN B 14 -18.29 8.81 -13.39
N TRP B 15 -17.38 9.51 -13.99
CA TRP B 15 -15.95 9.46 -13.59
C TRP B 15 -15.74 10.50 -12.45
N HIS B 16 -16.20 11.71 -12.75
CA HIS B 16 -16.18 12.80 -11.75
C HIS B 16 -17.16 12.36 -10.64
N PRO B 17 -17.03 12.98 -9.47
CA PRO B 17 -17.95 12.71 -8.35
C PRO B 17 -19.36 13.22 -8.75
N LYS B 18 -20.36 12.52 -8.23
CA LYS B 18 -21.78 12.97 -8.55
C LYS B 18 -22.07 14.20 -7.70
N ALA B 19 -23.18 14.90 -8.01
CA ALA B 19 -23.53 16.08 -7.23
C ALA B 19 -23.98 15.63 -5.81
N LEU B 20 -24.88 14.66 -5.76
CA LEU B 20 -25.42 14.20 -4.47
C LEU B 20 -24.65 13.04 -3.90
N THR B 21 -23.91 13.25 -2.83
CA THR B 21 -23.06 12.18 -2.20
C THR B 21 -23.24 12.42 -0.69
N PRO B 22 -24.35 11.84 -0.19
CA PRO B 22 -24.80 12.03 1.15
C PRO B 22 -23.80 11.93 2.27
N ASP B 23 -22.75 11.17 2.17
CA ASP B 23 -21.74 11.03 3.22
C ASP B 23 -20.98 12.36 3.42
N TYR B 24 -20.99 13.09 2.31
CA TYR B 24 -20.40 14.45 2.33
C TYR B 24 -21.69 15.32 2.53
N LYS B 25 -22.00 15.57 3.79
CA LYS B 25 -23.18 16.22 4.28
C LYS B 25 -23.69 17.47 3.61
N THR B 26 -22.76 18.36 3.36
CA THR B 26 -23.06 19.66 2.71
C THR B 26 -23.56 19.46 1.28
N SER B 27 -23.19 18.35 0.67
CA SER B 27 -23.65 18.16 -0.74
C SER B 27 -25.15 18.01 -0.79
N ILE B 28 -25.76 17.56 0.31
CA ILE B 28 -27.18 17.30 0.40
C ILE B 28 -28.05 18.45 -0.06
N ALA B 29 -27.88 19.56 0.66
CA ALA B 29 -28.64 20.78 0.32
C ALA B 29 -28.05 21.56 -0.86
N ARG B 30 -26.83 21.24 -1.29
CA ARG B 30 -26.22 21.98 -2.39
C ARG B 30 -26.08 21.26 -3.71
N SER B 31 -27.00 20.33 -3.93
CA SER B 31 -26.97 19.54 -5.19
C SER B 31 -28.34 19.72 -5.89
N PRO B 32 -28.28 20.01 -7.17
CA PRO B 32 -29.54 20.20 -7.96
C PRO B 32 -30.33 18.90 -7.99
N ARG B 33 -31.63 19.00 -8.01
CA ARG B 33 -32.52 17.86 -8.11
C ARG B 33 -33.00 17.67 -9.55
N GLN B 34 -32.91 18.67 -10.39
CA GLN B 34 -33.33 18.50 -11.83
C GLN B 34 -32.10 18.08 -12.61
N ALA B 35 -32.29 17.30 -13.67
CA ALA B 35 -31.15 16.90 -14.51
C ALA B 35 -30.54 18.16 -15.15
N LEU B 36 -29.28 18.13 -15.47
CA LEU B 36 -28.58 19.21 -16.16
C LEU B 36 -29.10 19.19 -17.63
N VAL B 37 -29.19 20.32 -18.22
CA VAL B 37 -29.60 20.45 -19.63
C VAL B 37 -28.33 20.45 -20.50
N SER B 38 -28.25 19.47 -21.41
CA SER B 38 -27.09 19.46 -22.31
C SER B 38 -27.31 20.47 -23.43
N ILE B 39 -26.28 21.17 -23.79
CA ILE B 39 -26.29 22.16 -24.88
C ILE B 39 -25.07 21.94 -25.76
N PRO B 40 -25.30 22.12 -27.07
CA PRO B 40 -24.21 21.99 -28.05
C PRO B 40 -23.12 23.03 -27.66
N GLN B 41 -21.90 22.71 -28.05
CA GLN B 41 -20.80 23.65 -27.78
C GLN B 41 -20.87 24.79 -28.81
N SER B 42 -20.69 26.00 -28.32
CA SER B 42 -20.70 27.22 -29.15
C SER B 42 -19.45 27.99 -28.71
N ILE B 43 -19.24 29.13 -29.33
CA ILE B 43 -18.09 29.97 -29.03
C ILE B 43 -18.09 30.42 -27.57
N SER B 44 -19.29 30.49 -27.00
CA SER B 44 -19.48 30.89 -25.60
C SER B 44 -18.78 29.88 -24.69
N GLU B 45 -18.89 28.59 -25.03
CA GLU B 45 -18.30 27.52 -24.23
C GLU B 45 -16.92 27.05 -24.61
N THR B 46 -16.54 27.26 -25.86
CA THR B 46 -15.28 26.75 -26.37
C THR B 46 -14.12 27.73 -26.28
N THR B 47 -14.38 28.91 -25.75
CA THR B 47 -13.34 29.92 -25.62
C THR B 47 -13.20 30.12 -24.09
N GLY B 48 -12.23 30.89 -23.74
CA GLY B 48 -11.91 31.22 -22.36
C GLY B 48 -10.70 32.18 -22.34
N PRO B 49 -10.42 32.65 -21.13
CA PRO B 49 -9.33 33.58 -20.92
C PRO B 49 -7.94 32.99 -21.08
N ASN B 50 -7.05 33.84 -21.60
CA ASN B 50 -5.63 33.52 -21.78
C ASN B 50 -4.91 34.50 -20.81
N PHE B 51 -4.19 33.98 -19.88
CA PHE B 51 -3.51 34.76 -18.84
C PHE B 51 -2.05 35.04 -19.11
N SER B 52 -1.61 34.91 -20.34
CA SER B 52 -0.21 35.16 -20.71
C SER B 52 0.27 36.54 -20.27
N HIS B 53 -0.63 37.51 -20.27
CA HIS B 53 -0.26 38.88 -19.91
C HIS B 53 -0.54 39.29 -18.51
N LEU B 54 -0.86 38.35 -17.64
CA LEU B 54 -1.10 38.76 -16.22
C LEU B 54 0.30 39.04 -15.66
N GLY B 55 0.40 40.02 -14.81
CA GLY B 55 1.73 40.38 -14.26
C GLY B 55 1.92 39.63 -12.96
N PHE B 56 2.65 38.52 -13.07
CA PHE B 56 2.93 37.64 -11.93
C PHE B 56 4.17 38.19 -11.17
N GLY B 57 4.09 38.15 -9.88
CA GLY B 57 5.20 38.56 -9.00
C GLY B 57 6.26 37.45 -9.07
N ALA B 58 7.46 37.83 -8.65
CA ALA B 58 8.62 36.94 -8.64
C ALA B 58 8.49 35.70 -7.78
N HIS B 59 7.70 35.78 -6.72
CA HIS B 59 7.58 34.55 -5.84
C HIS B 59 6.17 34.05 -5.84
N ASP B 60 5.41 34.35 -6.90
CA ASP B 60 3.99 33.94 -6.99
C ASP B 60 3.79 32.45 -6.72
N HIS B 61 4.74 31.69 -7.20
CA HIS B 61 4.73 30.22 -7.08
C HIS B 61 5.61 29.70 -5.97
N ASP B 62 6.20 30.56 -5.14
CA ASP B 62 7.08 30.01 -4.06
C ASP B 62 6.47 30.37 -2.72
N LEU B 63 5.77 29.44 -2.12
CA LEU B 63 5.09 29.61 -0.85
C LEU B 63 6.01 29.77 0.35
N LEU B 64 7.26 29.50 0.18
CA LEU B 64 8.30 29.63 1.20
C LEU B 64 8.72 31.10 1.37
N LEU B 65 8.58 31.87 0.31
CA LEU B 65 8.94 33.27 0.28
C LEU B 65 7.84 34.29 0.00
N ASN B 66 6.70 33.87 -0.50
CA ASN B 66 5.67 34.85 -0.89
C ASN B 66 4.82 35.41 0.20
N PHE B 67 4.99 35.10 1.44
CA PHE B 67 4.16 35.66 2.52
C PHE B 67 5.08 36.53 3.40
N GLY B 71 11.11 35.28 7.99
CA GLY B 71 11.56 33.91 8.26
C GLY B 71 10.87 32.91 7.30
N LEU B 72 11.33 31.70 7.44
CA LEU B 72 10.87 30.52 6.68
C LEU B 72 9.73 29.90 7.49
N PRO B 73 8.84 29.29 6.73
CA PRO B 73 7.68 28.62 7.39
C PRO B 73 8.25 27.34 8.00
N ILE B 74 7.51 26.79 8.93
CA ILE B 74 7.91 25.50 9.55
C ILE B 74 7.12 24.40 8.80
N GLY B 75 7.79 23.31 8.50
CA GLY B 75 7.15 22.22 7.77
C GLY B 75 8.10 21.61 6.77
N GLU B 76 7.64 20.47 6.26
CA GLU B 76 8.45 19.70 5.26
C GLU B 76 8.49 20.48 3.96
N ARG B 77 9.66 20.95 3.57
CA ARG B 77 9.83 21.71 2.33
C ARG B 77 9.68 20.70 1.16
N ILE B 78 8.82 21.08 0.21
CA ILE B 78 8.63 20.28 -0.98
C ILE B 78 8.37 21.15 -2.20
N ILE B 79 8.67 20.50 -3.32
CA ILE B 79 8.35 21.09 -4.65
C ILE B 79 7.18 20.20 -5.16
N VAL B 80 6.16 20.86 -5.68
CA VAL B 80 5.02 20.12 -6.29
C VAL B 80 5.17 20.57 -7.79
N ALA B 81 5.35 19.58 -8.64
CA ALA B 81 5.53 19.88 -10.07
C ALA B 81 4.80 18.83 -10.89
N GLY B 82 4.59 19.18 -12.16
CA GLY B 82 3.91 18.23 -13.07
C GLY B 82 3.64 18.94 -14.39
N ARG B 83 2.85 18.20 -15.16
CA ARG B 83 2.44 18.66 -16.48
C ARG B 83 0.92 18.66 -16.59
N VAL B 84 0.49 19.61 -17.39
CA VAL B 84 -0.90 19.79 -17.76
C VAL B 84 -0.98 19.38 -19.26
N VAL B 85 -1.71 18.33 -19.49
CA VAL B 85 -1.96 17.84 -20.85
C VAL B 85 -3.51 17.64 -20.95
N ASP B 86 -3.91 17.30 -22.17
CA ASP B 86 -5.30 16.99 -22.46
C ASP B 86 -5.42 15.48 -22.68
N GLN B 87 -6.66 15.07 -22.85
CA GLN B 87 -7.01 13.65 -23.05
C GLN B 87 -6.22 13.04 -24.18
N TYR B 88 -5.85 13.85 -25.18
CA TYR B 88 -5.07 13.34 -26.30
C TYR B 88 -3.59 13.19 -25.99
N GLY B 89 -3.16 13.75 -24.89
CA GLY B 89 -1.78 13.71 -24.42
C GLY B 89 -1.02 14.96 -24.88
N LYS B 90 -1.74 15.95 -25.33
CA LYS B 90 -1.14 17.22 -25.85
C LYS B 90 -0.92 18.17 -24.67
N PRO B 91 0.26 18.75 -24.62
CA PRO B 91 0.60 19.68 -23.52
C PRO B 91 -0.31 20.92 -23.60
N VAL B 92 -0.59 21.52 -22.48
CA VAL B 92 -1.42 22.75 -22.39
C VAL B 92 -0.50 23.87 -21.92
N PRO B 93 0.09 24.58 -22.88
CA PRO B 93 1.03 25.67 -22.54
C PRO B 93 0.34 26.95 -22.15
N ASN B 94 1.09 27.80 -21.42
CA ASN B 94 0.62 29.07 -20.96
C ASN B 94 -0.75 29.08 -20.33
N THR B 95 -1.06 28.11 -19.52
CA THR B 95 -2.32 27.98 -18.80
C THR B 95 -2.14 28.29 -17.33
N LEU B 96 -3.19 28.82 -16.71
CA LEU B 96 -3.21 29.24 -15.34
C LEU B 96 -3.53 28.10 -14.35
N VAL B 97 -2.54 27.95 -13.47
CA VAL B 97 -2.57 27.00 -12.36
C VAL B 97 -2.52 27.79 -11.04
N GLU B 98 -3.57 27.66 -10.27
CA GLU B 98 -3.69 28.32 -8.97
C GLU B 98 -3.83 27.24 -7.89
N MET B 99 -3.26 27.53 -6.73
CA MET B 99 -3.26 26.56 -5.62
C MET B 99 -3.36 27.28 -4.28
N TRP B 100 -3.90 26.61 -3.30
CA TRP B 100 -4.10 27.07 -1.95
C TRP B 100 -4.10 25.83 -1.05
N GLN B 101 -3.66 26.06 0.16
CA GLN B 101 -3.53 24.97 1.17
C GLN B 101 -3.37 25.53 2.59
N ALA B 102 -3.46 24.61 3.54
CA ALA B 102 -3.28 24.88 4.96
C ALA B 102 -1.75 24.86 5.26
N ASN B 103 -1.47 25.20 6.54
CA ASN B 103 -0.02 25.17 6.92
C ASN B 103 0.28 23.75 7.40
N ALA B 104 1.48 23.60 7.93
CA ALA B 104 1.98 22.31 8.40
C ALA B 104 1.09 21.65 9.42
N GLY B 105 0.32 22.40 10.18
CA GLY B 105 -0.54 21.82 11.22
C GLY B 105 -2.00 21.70 10.81
N GLY B 106 -2.27 22.02 9.55
CA GLY B 106 -3.65 21.97 9.01
C GLY B 106 -4.47 23.23 9.23
N ARG B 107 -3.82 24.33 9.52
CA ARG B 107 -4.51 25.61 9.75
C ARG B 107 -4.51 26.46 8.48
N TYR B 108 -5.68 26.96 8.14
CA TYR B 108 -5.80 27.83 6.93
C TYR B 108 -5.78 29.29 7.44
N ARG B 109 -5.26 30.14 6.58
CA ARG B 109 -5.17 31.61 6.88
C ARG B 109 -6.42 32.23 6.24
N HIS B 110 -7.52 31.97 6.93
CA HIS B 110 -8.88 32.39 6.58
C HIS B 110 -9.64 32.61 7.89
N LYS B 111 -10.34 33.71 7.98
CA LYS B 111 -11.12 34.15 9.12
C LYS B 111 -11.95 33.01 9.78
N ASN B 112 -12.59 32.28 8.87
CA ASN B 112 -13.48 31.20 9.24
C ASN B 112 -12.79 29.98 9.81
N ASP B 113 -11.47 29.93 9.81
CA ASP B 113 -10.79 28.70 10.33
C ASP B 113 -10.42 28.91 11.79
N ARG B 114 -11.15 28.19 12.63
CA ARG B 114 -10.97 28.27 14.08
C ARG B 114 -10.26 27.05 14.64
N TYR B 115 -9.76 26.20 13.76
CA TYR B 115 -9.03 25.01 14.23
C TYR B 115 -7.93 25.55 15.17
N LEU B 116 -7.73 24.83 16.26
CA LEU B 116 -6.77 25.20 17.29
C LEU B 116 -5.33 25.08 16.88
N ALA B 117 -5.02 24.51 15.73
CA ALA B 117 -3.56 24.47 15.32
C ALA B 117 -3.28 25.95 14.96
N PRO B 118 -2.15 26.46 15.40
CA PRO B 118 -1.78 27.85 15.17
C PRO B 118 -1.42 28.20 13.74
N LEU B 119 -1.49 29.51 13.50
CA LEU B 119 -1.09 30.06 12.18
C LEU B 119 0.43 30.04 12.18
N ASP B 120 1.01 30.10 11.02
CA ASP B 120 2.48 30.16 10.86
C ASP B 120 2.70 31.62 10.34
N PRO B 121 3.41 32.39 11.16
CA PRO B 121 3.72 33.77 10.85
C PRO B 121 4.37 34.00 9.50
N ASN B 122 5.13 33.04 9.00
CA ASN B 122 5.81 33.14 7.72
C ASN B 122 5.08 32.35 6.61
N PHE B 123 3.83 32.02 6.81
CA PHE B 123 3.14 31.22 5.74
C PHE B 123 1.76 31.73 5.36
N GLY B 124 1.59 31.96 4.08
CA GLY B 124 0.30 32.47 3.50
C GLY B 124 -0.54 31.29 2.94
N GLY B 125 0.02 30.51 2.05
CA GLY B 125 -0.61 29.34 1.45
C GLY B 125 -1.33 29.56 0.14
N VAL B 126 -0.90 30.50 -0.65
CA VAL B 126 -1.43 30.82 -1.96
C VAL B 126 -0.29 30.84 -2.98
N GLY B 127 -0.52 30.24 -4.12
CA GLY B 127 0.46 30.24 -5.21
C GLY B 127 -0.29 30.23 -6.55
N ARG B 128 0.42 30.60 -7.58
CA ARG B 128 -0.07 30.62 -8.98
C ARG B 128 1.18 30.52 -9.88
N CYS B 129 0.95 29.89 -11.00
CA CYS B 129 1.99 29.64 -11.99
C CYS B 129 1.34 29.47 -13.37
N LEU B 130 2.00 29.97 -14.37
CA LEU B 130 1.59 29.85 -15.76
C LEU B 130 2.44 28.68 -16.28
N THR B 131 1.75 27.70 -16.88
CA THR B 131 2.54 26.55 -17.40
C THR B 131 3.44 27.11 -18.50
N ASP B 132 4.49 26.39 -18.75
CA ASP B 132 5.47 26.75 -19.80
C ASP B 132 5.01 26.15 -21.13
N SER B 133 5.87 26.35 -22.10
CA SER B 133 5.67 25.90 -23.49
C SER B 133 5.34 24.42 -23.58
N ASP B 134 5.80 23.66 -22.61
CA ASP B 134 5.63 22.23 -22.52
C ASP B 134 4.54 21.76 -21.57
N GLY B 135 3.80 22.64 -20.97
CA GLY B 135 2.74 22.32 -20.03
C GLY B 135 3.23 22.12 -18.60
N TYR B 136 4.49 22.38 -18.31
CA TYR B 136 5.01 22.23 -16.96
C TYR B 136 4.76 23.39 -16.00
N TYR B 137 4.47 23.01 -14.78
CA TYR B 137 4.28 23.97 -13.66
C TYR B 137 5.10 23.42 -12.48
N SER B 138 5.41 24.33 -11.57
CA SER B 138 6.15 23.95 -10.35
C SER B 138 5.81 25.01 -9.29
N PHE B 139 5.73 24.55 -8.08
CA PHE B 139 5.47 25.31 -6.87
C PHE B 139 6.50 24.73 -5.82
N ARG B 140 6.79 25.61 -4.91
CA ARG B 140 7.64 25.30 -3.78
C ARG B 140 6.82 25.66 -2.53
N THR B 141 6.63 24.68 -1.68
CA THR B 141 5.80 24.96 -0.48
C THR B 141 6.21 24.04 0.66
N ILE B 142 5.31 23.93 1.63
CA ILE B 142 5.55 22.99 2.74
C ILE B 142 4.35 22.00 2.61
N LYS B 143 4.54 20.80 3.04
CA LYS B 143 3.46 19.78 3.00
C LYS B 143 2.42 20.16 4.09
N PRO B 144 1.18 20.30 3.64
CA PRO B 144 0.05 20.65 4.46
C PRO B 144 -0.31 19.49 5.43
N GLY B 145 -0.96 19.86 6.51
CA GLY B 145 -1.38 18.83 7.49
C GLY B 145 -2.88 18.56 7.28
N PRO B 146 -3.28 17.37 7.72
CA PRO B 146 -4.69 16.95 7.65
C PRO B 146 -5.40 17.90 8.63
N TYR B 147 -6.70 17.81 8.60
CA TYR B 147 -7.49 18.69 9.50
C TYR B 147 -8.90 18.11 9.68
N PRO B 148 -9.36 18.35 10.87
CA PRO B 148 -10.72 17.87 11.28
C PRO B 148 -11.75 18.80 10.69
N TRP B 149 -12.95 18.28 10.46
CA TRP B 149 -14.04 19.13 9.88
C TRP B 149 -15.33 18.58 10.41
N ARG B 150 -16.35 19.39 10.49
CA ARG B 150 -17.62 18.95 11.09
C ARG B 150 -18.47 18.27 10.03
N ASN B 151 -18.34 17.00 9.89
CA ASN B 151 -19.07 16.14 8.92
C ASN B 151 -19.65 15.04 9.85
N GLY B 152 -19.00 13.93 9.88
CA GLY B 152 -19.34 12.82 10.84
C GLY B 152 -18.60 13.37 12.15
N PRO B 153 -18.82 12.66 13.23
CA PRO B 153 -18.24 13.07 14.52
C PRO B 153 -16.74 13.02 14.55
N ASN B 154 -16.09 12.27 13.68
CA ASN B 154 -14.59 12.24 13.77
C ASN B 154 -14.02 12.21 12.39
N ASP B 155 -14.36 13.19 11.57
CA ASP B 155 -13.89 13.26 10.18
C ASP B 155 -12.63 14.07 10.01
N TRP B 156 -11.70 13.56 9.22
CA TRP B 156 -10.42 14.28 8.99
C TRP B 156 -10.12 14.31 7.49
N ARG B 157 -9.84 15.51 6.98
CA ARG B 157 -9.43 15.57 5.54
C ARG B 157 -7.95 15.07 5.51
N PRO B 158 -7.63 14.25 4.52
CA PRO B 158 -6.24 13.85 4.33
C PRO B 158 -5.51 15.17 3.95
N ALA B 159 -4.21 15.20 4.10
CA ALA B 159 -3.44 16.41 3.71
C ALA B 159 -3.66 16.57 2.17
N HIS B 160 -3.91 17.81 1.79
CA HIS B 160 -4.14 18.05 0.33
C HIS B 160 -3.86 19.50 -0.05
N ILE B 161 -3.60 19.69 -1.33
CA ILE B 161 -3.39 21.08 -1.85
C ILE B 161 -4.58 21.29 -2.85
N HIS B 162 -5.25 22.39 -2.73
CA HIS B 162 -6.38 22.70 -3.65
C HIS B 162 -5.78 23.24 -4.95
N PHE B 163 -6.29 22.82 -6.10
CA PHE B 163 -5.76 23.31 -7.39
C PHE B 163 -6.91 23.83 -8.30
N GLY B 164 -6.61 24.83 -9.07
CA GLY B 164 -7.57 25.44 -10.03
C GLY B 164 -6.76 25.54 -11.35
N ILE B 165 -7.32 25.04 -12.43
CA ILE B 165 -6.60 25.07 -13.73
C ILE B 165 -7.58 25.65 -14.76
N SER B 166 -7.08 26.60 -15.58
CA SER B 166 -8.03 27.22 -16.54
C SER B 166 -8.19 26.43 -17.82
N GLY B 167 -7.07 26.05 -18.41
CA GLY B 167 -7.14 25.32 -19.70
C GLY B 167 -7.44 26.38 -20.78
N PRO B 168 -7.69 25.85 -21.98
CA PRO B 168 -7.99 26.69 -23.14
C PRO B 168 -9.35 27.35 -23.12
N SER B 169 -10.32 26.83 -22.38
CA SER B 169 -11.66 27.40 -22.40
C SER B 169 -12.41 27.19 -21.11
N ILE B 170 -13.58 27.81 -20.97
CA ILE B 170 -14.37 27.64 -19.73
C ILE B 170 -14.89 26.21 -19.63
N ALA B 171 -14.87 25.52 -20.78
CA ALA B 171 -15.31 24.09 -20.83
C ALA B 171 -14.26 23.18 -20.17
N THR B 172 -12.99 23.60 -20.17
CA THR B 172 -11.95 22.75 -19.56
C THR B 172 -11.63 23.07 -18.12
N LYS B 173 -12.05 24.26 -17.68
CA LYS B 173 -11.77 24.78 -16.33
C LYS B 173 -12.13 23.74 -15.28
N LEU B 174 -11.23 23.64 -14.30
CA LEU B 174 -11.45 22.59 -13.25
C LEU B 174 -10.83 22.98 -11.93
N ILE B 175 -11.49 22.61 -10.89
CA ILE B 175 -10.99 22.76 -9.51
C ILE B 175 -10.93 21.28 -8.98
N THR B 176 -9.85 20.99 -8.30
CA THR B 176 -9.65 19.66 -7.74
C THR B 176 -8.77 19.75 -6.49
N GLN B 177 -8.37 18.58 -6.01
CA GLN B 177 -7.50 18.47 -4.81
C GLN B 177 -6.46 17.40 -5.07
N LEU B 178 -5.25 17.73 -4.72
CA LEU B 178 -4.09 16.79 -4.83
C LEU B 178 -3.95 16.11 -3.43
N TYR B 179 -3.79 14.85 -3.41
CA TYR B 179 -3.58 14.06 -2.16
C TYR B 179 -2.17 13.52 -2.25
N PHE B 180 -1.60 13.10 -1.12
CA PHE B 180 -0.22 12.59 -1.13
C PHE B 180 -0.15 11.08 -1.03
N GLU B 181 0.74 10.52 -1.81
CA GLU B 181 1.04 9.08 -1.89
C GLU B 181 1.16 8.47 -0.50
N GLY B 182 0.46 7.39 -0.25
CA GLY B 182 0.44 6.63 0.94
C GLY B 182 -0.34 7.12 2.14
N ASP B 183 -0.94 8.27 2.11
CA ASP B 183 -1.73 8.88 3.22
C ASP B 183 -2.93 7.98 3.57
N PRO B 184 -2.89 7.43 4.79
CA PRO B 184 -3.92 6.51 5.24
C PRO B 184 -5.28 7.13 5.44
N LEU B 185 -5.34 8.48 5.53
CA LEU B 185 -6.65 9.13 5.66
C LEU B 185 -7.44 9.07 4.31
N ILE B 186 -6.76 8.91 3.24
CA ILE B 186 -7.38 8.97 1.91
C ILE B 186 -8.67 8.17 1.78
N PRO B 187 -8.56 6.89 2.00
CA PRO B 187 -9.71 5.96 1.85
C PRO B 187 -10.80 6.20 2.83
N MET B 188 -10.62 7.03 3.85
CA MET B 188 -11.71 7.24 4.82
C MET B 188 -12.47 8.53 4.58
N CYS B 189 -11.97 9.35 3.69
CA CYS B 189 -12.57 10.62 3.39
C CYS B 189 -13.81 10.63 2.51
N PRO B 190 -14.89 11.18 3.10
CA PRO B 190 -16.18 11.32 2.38
C PRO B 190 -16.06 12.18 1.14
N ILE B 191 -15.18 13.15 1.09
CA ILE B 191 -14.97 13.99 -0.12
C ILE B 191 -14.25 13.17 -1.19
N VAL B 192 -13.25 12.38 -0.71
CA VAL B 192 -12.53 11.54 -1.65
C VAL B 192 -13.53 10.52 -2.25
N LYS B 193 -14.32 9.93 -1.39
CA LYS B 193 -15.31 8.92 -1.75
C LYS B 193 -16.49 9.45 -2.52
N SER B 194 -16.46 10.76 -2.79
CA SER B 194 -17.54 11.37 -3.61
C SER B 194 -17.35 10.75 -5.01
N ILE B 195 -16.10 10.35 -5.25
CA ILE B 195 -15.63 9.71 -6.46
C ILE B 195 -15.94 8.20 -6.37
N ALA B 196 -16.76 7.70 -7.26
CA ALA B 196 -17.13 6.27 -7.23
C ALA B 196 -16.09 5.27 -7.66
N ASN B 197 -15.33 5.57 -8.71
CA ASN B 197 -14.30 4.73 -9.26
C ASN B 197 -12.93 4.91 -8.57
N PRO B 198 -12.43 3.84 -7.99
CA PRO B 198 -11.15 3.85 -7.29
C PRO B 198 -10.03 4.27 -8.21
N GLU B 199 -10.17 3.92 -9.48
CA GLU B 199 -9.19 4.28 -10.51
C GLU B 199 -9.16 5.80 -10.66
N ALA B 200 -10.25 6.47 -10.46
CA ALA B 200 -10.37 7.93 -10.54
C ALA B 200 -9.64 8.54 -9.34
N VAL B 201 -9.78 7.89 -8.18
CA VAL B 201 -9.09 8.35 -6.97
C VAL B 201 -7.58 8.41 -7.16
N GLN B 202 -7.04 7.41 -7.81
CA GLN B 202 -5.61 7.27 -8.05
C GLN B 202 -5.01 8.45 -8.79
N GLN B 203 -5.82 9.05 -9.64
CA GLN B 203 -5.44 10.20 -10.44
C GLN B 203 -5.18 11.44 -9.60
N LEU B 204 -5.70 11.48 -8.39
CA LEU B 204 -5.51 12.65 -7.52
C LEU B 204 -4.36 12.53 -6.55
N ILE B 205 -3.68 11.40 -6.58
CA ILE B 205 -2.55 11.17 -5.71
C ILE B 205 -1.20 11.55 -6.32
N ALA B 206 -0.56 12.52 -5.70
CA ALA B 206 0.77 12.98 -6.14
C ALA B 206 1.74 11.86 -5.71
N LYS B 207 2.70 11.58 -6.54
CA LYS B 207 3.73 10.56 -6.28
C LYS B 207 5.07 11.22 -5.84
N LEU B 208 5.63 10.57 -4.84
CA LEU B 208 6.96 11.06 -4.31
C LEU B 208 7.90 11.04 -5.55
N ASP B 209 8.60 12.13 -5.72
CA ASP B 209 9.51 12.23 -6.90
C ASP B 209 10.94 12.52 -6.45
N MET B 210 11.69 11.47 -6.14
CA MET B 210 13.07 11.62 -5.68
C MET B 210 13.97 12.28 -6.70
N ASN B 211 13.65 12.06 -7.96
CA ASN B 211 14.41 12.61 -9.08
C ASN B 211 14.35 14.15 -9.12
N ASN B 212 13.28 14.73 -8.67
CA ASN B 212 13.11 16.22 -8.74
C ASN B 212 13.53 16.91 -7.45
N ALA B 213 13.85 16.09 -6.47
CA ALA B 213 14.25 16.68 -5.15
C ALA B 213 15.62 17.36 -5.22
N ASN B 214 15.80 18.28 -4.25
CA ASN B 214 17.06 19.01 -4.07
C ASN B 214 17.65 18.39 -2.75
N PRO B 215 18.71 17.62 -2.97
CA PRO B 215 19.38 16.92 -1.85
C PRO B 215 19.69 17.91 -0.73
N MET B 216 19.53 17.46 0.49
CA MET B 216 19.79 18.23 1.70
C MET B 216 18.95 19.50 1.68
N ASP B 217 17.87 19.47 0.89
CA ASP B 217 17.04 20.71 0.78
C ASP B 217 15.56 20.46 0.91
N CYS B 218 14.99 19.81 -0.14
CA CYS B 218 13.55 19.52 -0.11
C CYS B 218 13.25 18.33 -1.02
N LEU B 219 12.10 17.76 -0.72
CA LEU B 219 11.58 16.62 -1.50
C LEU B 219 10.74 17.20 -2.62
N ALA B 220 10.17 16.27 -3.40
CA ALA B 220 9.33 16.68 -4.55
C ALA B 220 8.27 15.57 -4.80
N TYR B 221 7.15 16.04 -5.25
CA TYR B 221 5.93 15.33 -5.59
C TYR B 221 5.57 15.70 -7.02
N ARG B 222 5.12 14.67 -7.73
CA ARG B 222 4.75 14.87 -9.15
C ARG B 222 3.22 14.75 -9.21
N PHE B 223 2.65 15.72 -9.86
CA PHE B 223 1.14 15.69 -9.99
C PHE B 223 0.83 16.18 -11.41
N ASP B 224 0.45 15.25 -12.27
CA ASP B 224 0.09 15.67 -13.66
C ASP B 224 -1.43 15.80 -13.74
N ILE B 225 -1.89 16.78 -14.50
CA ILE B 225 -3.31 17.05 -14.66
C ILE B 225 -3.72 16.85 -16.11
N VAL B 226 -4.85 16.26 -16.28
CA VAL B 226 -5.44 15.98 -17.61
C VAL B 226 -6.79 16.72 -17.74
N LEU B 227 -6.79 17.59 -18.75
CA LEU B 227 -8.00 18.39 -19.09
C LEU B 227 -8.71 17.73 -20.28
N ARG B 228 -9.99 18.12 -20.45
CA ARG B 228 -10.76 17.51 -21.58
C ARG B 228 -9.96 17.63 -22.86
N GLY B 229 -10.04 16.59 -23.66
CA GLY B 229 -9.35 16.55 -24.97
C GLY B 229 -9.90 17.66 -25.87
N GLN B 230 -8.99 18.27 -26.60
CA GLN B 230 -9.31 19.34 -27.54
C GLN B 230 -9.17 18.79 -28.98
N ARG B 231 -10.21 19.00 -29.79
CA ARG B 231 -10.13 18.57 -31.18
C ARG B 231 -10.71 19.68 -32.10
N LYS B 232 -10.32 19.49 -33.37
CA LYS B 232 -10.80 20.47 -34.40
C LYS B 232 -12.22 20.04 -34.74
N THR B 233 -13.02 21.00 -35.18
CA THR B 233 -14.40 20.73 -35.58
C THR B 233 -14.27 19.99 -36.92
N HIS B 234 -15.22 19.13 -37.20
CA HIS B 234 -15.17 18.40 -38.48
C HIS B 234 -16.59 18.12 -38.95
N PHE B 235 -16.73 18.22 -40.28
CA PHE B 235 -18.02 17.94 -40.94
C PHE B 235 -19.15 18.61 -40.21
N GLU B 236 -18.93 19.77 -39.62
CA GLU B 236 -20.04 20.41 -38.90
C GLU B 236 -20.97 21.22 -39.78
N PRO C 1 -4.53 0.89 9.13
CA PRO C 1 -5.00 1.57 10.36
C PRO C 1 -5.47 0.48 11.34
N ILE C 2 -5.77 0.86 12.55
CA ILE C 2 -6.27 -0.10 13.57
C ILE C 2 -7.78 -0.24 13.48
N GLU C 3 -8.30 -1.44 13.40
CA GLU C 3 -9.76 -1.68 13.39
C GLU C 3 -10.13 -2.52 14.62
N LEU C 4 -11.16 -2.13 15.32
CA LEU C 4 -11.64 -2.87 16.52
C LEU C 4 -12.68 -3.91 16.03
N LEU C 5 -13.32 -4.61 16.97
CA LEU C 5 -14.43 -5.51 16.55
C LEU C 5 -15.55 -4.51 16.09
N PRO C 6 -16.28 -4.95 15.10
CA PRO C 6 -17.38 -4.10 14.56
C PRO C 6 -18.57 -4.19 15.52
N GLU C 7 -19.28 -3.07 15.61
CA GLU C 7 -20.49 -3.06 16.46
C GLU C 7 -21.57 -3.89 15.80
N THR C 8 -22.39 -4.55 16.63
CA THR C 8 -23.53 -5.30 16.01
C THR C 8 -24.38 -4.24 15.26
N PRO C 9 -24.81 -4.57 14.03
CA PRO C 9 -25.65 -3.69 13.24
C PRO C 9 -27.06 -3.55 13.84
N SER C 10 -27.60 -2.33 13.70
CA SER C 10 -28.97 -2.05 14.15
C SER C 10 -29.97 -2.66 13.14
N GLN C 11 -31.18 -2.84 13.58
CA GLN C 11 -32.30 -3.37 12.74
C GLN C 11 -33.53 -2.58 13.30
N THR C 12 -34.51 -2.36 12.50
CA THR C 12 -35.75 -1.67 12.92
C THR C 12 -36.34 -2.44 14.11
N ALA C 13 -37.06 -1.69 14.95
CA ALA C 13 -37.68 -2.31 16.13
C ALA C 13 -38.90 -3.10 15.66
N GLY C 14 -39.42 -2.62 14.51
CA GLY C 14 -40.60 -3.19 13.89
C GLY C 14 -41.90 -2.69 14.57
N PRO C 15 -43.02 -3.05 14.00
CA PRO C 15 -44.34 -2.69 14.50
C PRO C 15 -44.76 -3.32 15.80
N TYR C 16 -44.14 -4.44 16.19
CA TYR C 16 -44.48 -5.13 17.41
C TYR C 16 -43.59 -4.83 18.59
N VAL C 17 -42.83 -3.76 18.49
CA VAL C 17 -41.91 -3.33 19.54
C VAL C 17 -42.55 -3.31 20.91
N HIS C 18 -43.80 -2.89 20.98
CA HIS C 18 -44.56 -2.78 22.21
C HIS C 18 -44.63 -4.04 23.04
N ILE C 19 -44.75 -5.19 22.38
CA ILE C 19 -44.83 -6.44 23.18
C ILE C 19 -43.60 -6.64 24.02
N GLY C 20 -42.44 -6.17 23.58
CA GLY C 20 -41.20 -6.30 24.31
C GLY C 20 -40.86 -5.10 25.21
N LEU C 21 -41.18 -3.91 24.81
CA LEU C 21 -40.83 -2.69 25.55
C LEU C 21 -41.94 -1.83 26.04
N ALA C 22 -43.17 -2.13 25.73
CA ALA C 22 -44.33 -1.30 26.16
C ALA C 22 -45.55 -2.21 26.29
N LEU C 23 -45.41 -3.17 27.21
CA LEU C 23 -46.42 -4.17 27.48
C LEU C 23 -47.84 -3.64 27.47
N GLU C 24 -48.11 -2.69 28.35
CA GLU C 24 -49.45 -2.08 28.47
C GLU C 24 -49.97 -1.77 27.07
N ALA C 25 -49.22 -0.99 26.31
CA ALA C 25 -49.55 -0.58 24.96
C ALA C 25 -49.78 -1.71 23.99
N ALA C 26 -49.06 -2.82 24.14
CA ALA C 26 -49.20 -4.00 23.28
C ALA C 26 -50.56 -4.65 23.58
N GLY C 27 -51.07 -4.23 24.73
CA GLY C 27 -52.33 -4.70 25.28
C GLY C 27 -52.12 -6.08 25.93
N ASN C 28 -50.95 -6.23 26.56
CA ASN C 28 -50.60 -7.48 27.24
C ASN C 28 -50.39 -7.19 28.73
N PRO C 29 -50.52 -8.26 29.50
CA PRO C 29 -50.29 -8.17 30.95
C PRO C 29 -48.84 -7.70 31.19
N THR C 30 -48.68 -6.88 32.20
CA THR C 30 -47.32 -6.38 32.53
C THR C 30 -46.78 -7.24 33.68
N ARG C 31 -45.52 -7.06 33.94
CA ARG C 31 -44.79 -7.74 35.03
C ARG C 31 -44.80 -6.77 36.20
N ASP C 32 -44.35 -7.22 37.35
CA ASP C 32 -44.32 -6.42 38.58
C ASP C 32 -43.67 -5.05 38.31
N GLN C 33 -42.48 -5.13 37.72
CA GLN C 33 -41.71 -3.90 37.44
C GLN C 33 -41.51 -3.65 35.97
N GLU C 34 -41.93 -2.46 35.57
CA GLU C 34 -41.84 -2.00 34.18
C GLU C 34 -41.24 -0.58 34.10
N ILE C 35 -40.46 -0.34 33.07
CA ILE C 35 -39.86 0.96 32.81
C ILE C 35 -40.88 1.74 31.95
N TRP C 36 -41.53 2.76 32.54
CA TRP C 36 -42.56 3.49 31.77
C TRP C 36 -42.41 4.98 31.73
N ASN C 37 -43.46 5.79 31.60
CA ASN C 37 -43.36 7.22 31.41
C ASN C 37 -43.47 8.19 32.56
N ARG C 38 -43.34 7.71 33.76
CA ARG C 38 -43.44 8.52 35.00
C ARG C 38 -42.05 8.57 35.62
N LEU C 39 -41.28 9.56 35.22
CA LEU C 39 -39.92 9.77 35.69
C LEU C 39 -39.90 10.24 37.14
N ALA C 40 -40.93 11.00 37.48
CA ALA C 40 -41.02 11.56 38.82
C ALA C 40 -42.31 11.26 39.57
N LYS C 41 -42.10 10.97 40.84
CA LYS C 41 -43.20 10.75 41.81
C LYS C 41 -43.55 12.18 42.28
N PRO C 42 -44.80 12.36 42.64
CA PRO C 42 -45.32 13.65 43.09
C PRO C 42 -44.44 14.38 44.06
N ASP C 43 -43.73 13.64 44.89
CA ASP C 43 -42.86 14.25 45.91
C ASP C 43 -41.47 14.57 45.43
N ALA C 44 -41.24 14.65 44.13
CA ALA C 44 -39.89 14.95 43.59
C ALA C 44 -39.70 16.44 43.43
N PRO C 45 -38.53 16.91 43.87
CA PRO C 45 -38.15 18.31 43.77
C PRO C 45 -38.07 18.69 42.28
N GLY C 46 -38.30 19.95 42.04
CA GLY C 46 -38.27 20.56 40.72
C GLY C 46 -39.69 20.91 40.27
N GLU C 47 -39.77 21.61 39.15
CA GLU C 47 -41.07 22.00 38.61
C GLU C 47 -41.60 20.74 37.83
N HIS C 48 -42.71 20.24 38.30
CA HIS C 48 -43.37 19.09 37.66
C HIS C 48 -44.03 19.56 36.37
N ILE C 49 -43.75 18.79 35.31
CA ILE C 49 -44.29 19.12 33.99
C ILE C 49 -44.74 17.84 33.27
N LEU C 50 -45.60 18.12 32.29
CA LEU C 50 -46.09 17.07 31.41
C LEU C 50 -45.51 17.40 30.02
N LEU C 51 -45.04 16.34 29.39
CA LEU C 51 -44.50 16.43 28.04
C LEU C 51 -45.47 15.56 27.20
N LEU C 52 -45.68 16.06 26.02
CA LEU C 52 -46.58 15.37 25.06
C LEU C 52 -46.18 15.78 23.66
N GLY C 53 -46.39 14.87 22.71
CA GLY C 53 -46.07 15.12 21.33
C GLY C 53 -46.66 14.05 20.40
N GLN C 54 -46.53 14.40 19.15
CA GLN C 54 -46.94 13.63 17.98
C GLN C 54 -45.72 13.46 17.09
N VAL C 55 -45.75 12.37 16.33
CA VAL C 55 -44.60 12.08 15.44
C VAL C 55 -45.19 12.04 14.02
N TYR C 56 -44.57 12.75 13.11
CA TYR C 56 -44.96 12.81 11.72
C TYR C 56 -43.93 12.22 10.75
N ASP C 57 -44.43 11.50 9.74
CA ASP C 57 -43.60 10.95 8.67
C ASP C 57 -43.51 12.06 7.60
N GLY C 58 -42.81 11.86 6.53
CA GLY C 58 -42.59 12.77 5.44
C GLY C 58 -43.81 13.16 4.61
N ASN C 59 -44.94 12.51 4.81
CA ASN C 59 -46.18 12.79 4.07
C ASN C 59 -47.09 13.61 4.97
N GLY C 60 -46.59 13.86 6.16
CA GLY C 60 -47.34 14.62 7.17
C GLY C 60 -48.32 13.70 7.88
N HIS C 61 -48.07 12.42 7.85
CA HIS C 61 -48.99 11.47 8.54
C HIS C 61 -48.43 11.11 9.90
N LEU C 62 -49.34 10.93 10.84
CA LEU C 62 -48.94 10.53 12.20
C LEU C 62 -48.24 9.14 12.16
N VAL C 63 -47.22 9.03 12.96
CA VAL C 63 -46.48 7.76 13.16
C VAL C 63 -47.11 7.19 14.45
N ARG C 64 -47.99 6.19 14.25
CA ARG C 64 -48.72 5.65 15.39
C ARG C 64 -48.09 4.51 16.12
N ASP C 65 -46.95 4.04 15.67
CA ASP C 65 -46.26 2.90 16.31
C ASP C 65 -44.87 3.27 16.78
N SER C 66 -44.65 4.55 17.09
CA SER C 66 -43.32 4.95 17.55
C SER C 66 -43.13 4.58 19.06
N PHE C 67 -41.88 4.43 19.37
CA PHE C 67 -41.38 4.07 20.71
C PHE C 67 -40.23 5.08 21.01
N LEU C 68 -40.31 5.68 22.18
CA LEU C 68 -39.31 6.67 22.58
C LEU C 68 -38.69 6.39 23.97
N GLU C 69 -37.42 6.72 24.04
CA GLU C 69 -36.67 6.57 25.30
C GLU C 69 -36.12 7.95 25.64
N VAL C 70 -36.15 8.34 26.90
CA VAL C 70 -35.65 9.70 27.23
C VAL C 70 -34.59 9.60 28.32
N TRP C 71 -33.68 10.54 28.30
CA TRP C 71 -32.63 10.58 29.39
C TRP C 71 -32.47 12.07 29.72
N GLN C 72 -32.55 12.38 30.99
CA GLN C 72 -32.42 13.77 31.46
C GLN C 72 -31.93 13.85 32.92
N ALA C 73 -31.34 15.00 33.19
CA ALA C 73 -30.85 15.31 34.55
C ALA C 73 -32.07 15.68 35.38
N ASP C 74 -31.85 15.62 36.70
CA ASP C 74 -32.95 16.00 37.64
C ASP C 74 -32.94 17.55 37.66
N ALA C 75 -33.81 18.04 38.52
CA ALA C 75 -33.93 19.53 38.68
C ALA C 75 -32.58 20.10 39.12
N ASN C 76 -31.76 19.32 39.81
CA ASN C 76 -30.45 19.79 40.26
C ASN C 76 -29.35 19.67 39.20
N GLY C 77 -29.71 19.25 38.00
CA GLY C 77 -28.73 19.10 36.94
C GLY C 77 -27.88 17.85 37.14
N GLU C 78 -28.43 16.83 37.80
CA GLU C 78 -27.73 15.58 38.00
C GLU C 78 -28.45 14.39 37.37
N TYR C 79 -27.60 13.58 36.73
CA TYR C 79 -28.08 12.34 36.08
C TYR C 79 -28.07 11.22 37.13
N GLN C 80 -29.26 10.73 37.36
CA GLN C 80 -29.56 9.65 38.30
C GLN C 80 -29.59 8.33 37.53
N ASP C 81 -28.44 7.68 37.45
CA ASP C 81 -28.28 6.43 36.71
C ASP C 81 -28.76 5.17 37.40
N ALA C 82 -28.90 5.17 38.70
CA ALA C 82 -29.38 3.96 39.41
C ALA C 82 -30.90 3.90 39.35
N TYR C 83 -31.40 3.23 38.31
CA TYR C 83 -32.82 3.04 38.08
C TYR C 83 -33.46 2.14 39.17
N ASN C 84 -34.52 2.69 39.73
CA ASN C 84 -35.29 2.05 40.79
C ASN C 84 -36.67 2.70 40.90
N LEU C 85 -37.67 1.82 40.91
CA LEU C 85 -39.07 2.22 41.02
C LEU C 85 -39.35 2.95 42.32
N GLU C 86 -38.53 2.70 43.32
CA GLU C 86 -38.66 3.34 44.64
C GLU C 86 -38.21 4.79 44.58
N ASN C 87 -37.33 5.15 43.68
CA ASN C 87 -36.84 6.53 43.50
C ASN C 87 -37.98 7.52 43.27
N ALA C 88 -37.75 8.72 43.80
CA ALA C 88 -38.72 9.83 43.66
C ALA C 88 -38.57 10.42 42.24
N PHE C 89 -37.40 10.18 41.66
CA PHE C 89 -37.01 10.61 40.34
C PHE C 89 -36.01 9.63 39.70
N ASN C 90 -36.34 9.23 38.48
CA ASN C 90 -35.52 8.35 37.63
C ASN C 90 -35.16 9.24 36.40
N SER C 91 -33.95 9.22 35.97
CA SER C 91 -33.46 10.00 34.85
C SER C 91 -33.85 9.43 33.47
N PHE C 92 -34.23 8.18 33.48
CA PHE C 92 -34.63 7.37 32.36
C PHE C 92 -36.13 7.03 32.37
N GLY C 93 -36.66 6.98 31.17
CA GLY C 93 -38.07 6.63 30.98
C GLY C 93 -38.33 6.18 29.53
N ARG C 94 -39.54 5.70 29.38
CA ARG C 94 -40.06 5.22 28.12
C ARG C 94 -41.50 5.65 27.94
N THR C 95 -41.80 5.80 26.66
CA THR C 95 -43.11 6.19 26.19
C THR C 95 -43.37 5.68 24.76
N ALA C 96 -44.60 5.82 24.36
CA ALA C 96 -45.03 5.39 23.03
C ALA C 96 -46.26 6.19 22.59
N THR C 97 -46.43 6.25 21.28
CA THR C 97 -47.59 6.92 20.67
C THR C 97 -48.76 5.94 20.56
N THR C 98 -49.91 6.53 20.91
CA THR C 98 -51.21 5.83 20.89
C THR C 98 -51.58 5.47 19.44
N PHE C 99 -52.07 4.24 19.28
CA PHE C 99 -52.48 3.74 17.97
C PHE C 99 -53.65 4.59 17.49
N ASP C 100 -54.32 5.24 18.43
CA ASP C 100 -55.47 6.10 18.13
C ASP C 100 -55.06 7.53 17.81
N ALA C 101 -54.85 8.34 18.84
CA ALA C 101 -54.47 9.73 18.75
C ALA C 101 -53.07 9.94 18.18
N GLY C 102 -52.20 8.96 18.43
CA GLY C 102 -50.81 9.04 17.96
C GLY C 102 -50.01 10.04 18.79
N GLU C 103 -50.40 10.20 20.04
CA GLU C 103 -49.74 11.13 20.96
C GLU C 103 -49.06 10.41 22.11
N TRP C 104 -47.87 10.88 22.48
CA TRP C 104 -47.09 10.31 23.57
C TRP C 104 -47.07 11.30 24.73
N THR C 105 -46.98 10.76 25.93
CA THR C 105 -46.89 11.61 27.12
C THR C 105 -45.81 11.02 28.04
N LEU C 106 -45.34 11.95 28.87
CA LEU C 106 -44.30 11.68 29.87
C LEU C 106 -44.54 12.65 31.05
N HIS C 107 -44.31 12.15 32.21
CA HIS C 107 -44.48 12.90 33.47
C HIS C 107 -43.09 13.02 34.09
N THR C 108 -42.61 14.26 34.09
CA THR C 108 -41.24 14.46 34.66
C THR C 108 -41.14 15.82 35.33
N VAL C 109 -39.91 16.28 35.48
CA VAL C 109 -39.55 17.58 36.04
C VAL C 109 -38.64 18.29 35.03
N LYS C 110 -38.70 19.60 35.04
CA LYS C 110 -37.82 20.39 34.12
C LYS C 110 -36.39 20.15 34.67
N PRO C 111 -35.52 19.69 33.80
CA PRO C 111 -34.15 19.36 34.17
C PRO C 111 -33.30 20.60 34.43
N GLY C 112 -32.32 20.38 35.31
CA GLY C 112 -31.33 21.38 35.68
C GLY C 112 -30.26 21.43 34.57
N VAL C 113 -29.41 22.42 34.66
CA VAL C 113 -28.33 22.67 33.72
C VAL C 113 -27.15 21.74 33.98
N VAL C 114 -26.51 21.31 32.91
CA VAL C 114 -25.31 20.47 32.95
C VAL C 114 -24.28 21.10 32.01
N ASN C 115 -23.02 20.89 32.35
CA ASN C 115 -21.93 21.45 31.51
C ASN C 115 -21.49 20.39 30.47
N ASN C 116 -20.98 20.91 29.39
CA ASN C 116 -20.46 20.05 28.31
C ASN C 116 -19.04 19.66 28.75
N ALA C 117 -18.35 18.89 27.91
CA ALA C 117 -16.99 18.45 28.24
C ALA C 117 -16.08 19.64 28.51
N ALA C 118 -16.22 20.70 27.77
CA ALA C 118 -15.41 21.91 27.94
C ALA C 118 -15.85 22.82 29.06
N GLY C 119 -16.64 22.40 30.00
CA GLY C 119 -17.13 23.21 31.09
C GLY C 119 -18.15 24.25 30.76
N VAL C 120 -18.67 24.33 29.55
CA VAL C 120 -19.74 25.31 29.20
C VAL C 120 -21.10 24.68 29.50
N PRO C 121 -21.96 25.42 30.18
CA PRO C 121 -23.31 24.94 30.48
C PRO C 121 -24.14 24.85 29.19
N MET C 122 -24.96 23.83 29.16
CA MET C 122 -25.89 23.55 28.05
C MET C 122 -27.28 23.95 28.59
N ALA C 123 -28.15 24.39 27.69
CA ALA C 123 -29.52 24.79 28.14
C ALA C 123 -30.15 23.53 28.70
N PRO C 124 -31.16 23.66 29.50
CA PRO C 124 -31.85 22.46 30.07
C PRO C 124 -32.35 21.67 28.85
N HIS C 125 -32.18 20.35 28.89
CA HIS C 125 -32.68 19.53 27.74
C HIS C 125 -32.94 18.12 28.18
N ILE C 126 -33.71 17.46 27.31
CA ILE C 126 -34.05 16.03 27.49
C ILE C 126 -33.50 15.31 26.23
N ASN C 127 -32.77 14.26 26.45
CA ASN C 127 -32.19 13.48 25.31
C ASN C 127 -33.28 12.47 24.90
N ILE C 128 -33.54 12.39 23.63
CA ILE C 128 -34.58 11.48 23.13
C ILE C 128 -34.03 10.58 22.00
N SER C 129 -34.51 9.34 22.10
CA SER C 129 -34.17 8.31 21.07
C SER C 129 -35.53 7.82 20.53
N LEU C 130 -35.60 7.74 19.22
CA LEU C 130 -36.88 7.31 18.60
C LEU C 130 -36.64 6.09 17.72
N PHE C 131 -37.53 5.14 17.93
CA PHE C 131 -37.55 3.81 17.31
C PHE C 131 -38.95 3.56 16.72
N ALA C 132 -39.01 2.96 15.54
CA ALA C 132 -40.25 2.59 14.87
C ALA C 132 -40.01 1.72 13.65
N ARG C 133 -41.06 1.02 13.22
CA ARG C 133 -40.94 0.22 11.97
C ARG C 133 -40.60 1.34 10.92
N GLY C 134 -39.75 0.98 9.97
CA GLY C 134 -39.36 1.97 8.97
C GLY C 134 -38.09 2.70 9.37
N ILE C 135 -37.70 2.65 10.61
CA ILE C 135 -36.46 3.30 11.08
C ILE C 135 -35.44 2.22 11.29
N ASN C 136 -34.38 2.23 10.51
CA ASN C 136 -33.36 1.16 10.58
C ASN C 136 -32.45 1.25 11.81
N ILE C 137 -32.13 2.48 12.15
CA ILE C 137 -31.27 2.81 13.32
C ILE C 137 -31.97 4.04 13.94
N HIS C 138 -32.13 3.95 15.24
CA HIS C 138 -32.85 4.96 16.01
C HIS C 138 -32.26 6.34 15.83
N LEU C 139 -33.18 7.30 15.92
CA LEU C 139 -32.78 8.71 15.73
C LEU C 139 -32.64 9.37 17.11
N HIS C 140 -31.59 10.16 17.19
CA HIS C 140 -31.31 10.91 18.41
C HIS C 140 -31.71 12.42 18.23
N THR C 141 -32.34 12.89 19.30
CA THR C 141 -32.72 14.32 19.34
C THR C 141 -32.65 14.84 20.76
N ARG C 142 -32.87 16.13 20.87
CA ARG C 142 -32.93 16.87 22.10
C ARG C 142 -34.19 17.76 22.14
N LEU C 143 -34.75 17.80 23.35
CA LEU C 143 -35.93 18.69 23.54
C LEU C 143 -35.43 19.86 24.44
N TYR C 144 -35.60 21.04 23.92
CA TYR C 144 -35.24 22.30 24.64
C TYR C 144 -36.61 22.97 24.93
N PHE C 145 -36.59 23.91 25.90
CA PHE C 145 -37.78 24.62 26.37
C PHE C 145 -37.83 26.07 25.90
N ASP C 146 -38.98 26.45 25.35
CA ASP C 146 -39.18 27.79 24.83
C ASP C 146 -38.98 28.88 25.89
N ASP C 147 -39.28 28.68 27.12
CA ASP C 147 -39.11 29.68 28.17
C ASP C 147 -37.70 29.70 28.75
N GLU C 148 -36.76 29.19 27.99
CA GLU C 148 -35.34 29.18 28.40
C GLU C 148 -34.55 29.83 27.28
N ALA C 149 -35.17 30.82 26.69
CA ALA C 149 -34.61 31.58 25.58
C ALA C 149 -33.16 31.99 25.83
N GLN C 150 -32.94 32.54 27.02
CA GLN C 150 -31.60 33.02 27.39
C GLN C 150 -30.56 31.94 27.33
N ALA C 151 -30.84 30.83 27.98
CA ALA C 151 -29.93 29.67 28.01
C ALA C 151 -29.77 29.07 26.60
N ASN C 152 -30.88 28.98 25.89
CA ASN C 152 -30.90 28.39 24.54
C ASN C 152 -29.97 29.16 23.60
N ALA C 153 -30.02 30.47 23.78
CA ALA C 153 -29.22 31.36 22.91
C ALA C 153 -27.74 31.03 23.04
N LYS C 154 -27.33 30.62 24.23
CA LYS C 154 -25.95 30.27 24.50
C LYS C 154 -25.60 28.82 24.51
N CYS C 155 -26.48 27.87 24.21
CA CYS C 155 -26.13 26.45 24.28
C CYS C 155 -25.10 26.10 23.22
N PRO C 156 -24.01 25.46 23.64
CA PRO C 156 -22.97 25.03 22.71
C PRO C 156 -23.46 23.94 21.76
N VAL C 157 -24.49 23.21 22.12
CA VAL C 157 -25.01 22.14 21.22
C VAL C 157 -25.95 22.76 20.19
N LEU C 158 -26.83 23.61 20.69
CA LEU C 158 -27.83 24.29 19.80
C LEU C 158 -27.11 25.14 18.76
N ASN C 159 -26.01 25.75 19.23
CA ASN C 159 -25.17 26.62 18.43
C ASN C 159 -24.38 25.86 17.40
N LEU C 160 -24.39 24.51 17.44
CA LEU C 160 -23.63 23.76 16.44
C LEU C 160 -24.50 23.59 15.18
N ILE C 161 -25.77 23.92 15.35
CA ILE C 161 -26.69 23.77 14.18
C ILE C 161 -26.54 25.08 13.36
N GLU C 162 -25.94 24.89 12.21
CA GLU C 162 -25.64 25.94 11.25
C GLU C 162 -26.76 26.93 11.07
N GLN C 163 -27.93 26.48 10.68
CA GLN C 163 -29.10 27.30 10.44
C GLN C 163 -30.05 27.50 11.59
N PRO C 164 -30.13 28.74 12.06
CA PRO C 164 -30.98 29.18 13.15
C PRO C 164 -32.39 28.66 13.10
N GLN C 165 -32.95 28.65 11.91
CA GLN C 165 -34.34 28.17 11.68
C GLN C 165 -34.44 26.70 12.07
N ARG C 166 -33.34 25.98 11.88
CA ARG C 166 -33.29 24.54 12.20
C ARG C 166 -33.29 24.30 13.70
N ARG C 167 -32.70 25.24 14.44
CA ARG C 167 -32.63 25.22 15.91
C ARG C 167 -34.01 25.26 16.55
N GLU C 168 -34.92 26.00 15.95
CA GLU C 168 -36.30 26.13 16.45
C GLU C 168 -37.02 24.80 16.49
N THR C 169 -36.65 23.84 15.62
CA THR C 169 -37.29 22.52 15.60
C THR C 169 -37.10 21.77 16.91
N LEU C 170 -36.08 22.15 17.67
CA LEU C 170 -35.78 21.50 18.95
C LEU C 170 -36.41 22.16 20.16
N ILE C 171 -37.12 23.26 19.96
CA ILE C 171 -37.74 24.00 21.06
C ILE C 171 -39.17 23.61 21.32
N ALA C 172 -39.43 23.04 22.48
CA ALA C 172 -40.80 22.63 22.89
C ALA C 172 -41.58 23.87 23.36
N LYS C 173 -42.83 23.94 22.93
CA LYS C 173 -43.72 25.04 23.26
C LYS C 173 -44.51 24.77 24.53
N ARG C 174 -44.34 25.70 25.44
CA ARG C 174 -45.03 25.66 26.75
C ARG C 174 -46.53 25.89 26.55
N CYS C 175 -47.29 25.10 27.25
CA CYS C 175 -48.73 25.09 27.30
C CYS C 175 -49.12 24.59 28.71
N GLU C 176 -50.40 24.31 28.77
CA GLU C 176 -51.02 23.80 30.02
C GLU C 176 -52.03 22.74 29.60
N VAL C 177 -52.06 21.69 30.41
CA VAL C 177 -52.98 20.54 30.17
C VAL C 177 -53.70 20.39 31.51
N ASP C 178 -55.01 20.62 31.45
CA ASP C 178 -55.85 20.60 32.66
C ASP C 178 -55.17 21.49 33.72
N GLY C 179 -54.90 22.71 33.29
CA GLY C 179 -54.29 23.72 34.17
C GLY C 179 -52.99 23.29 34.78
N LYS C 180 -52.27 22.43 34.08
CA LYS C 180 -50.94 21.94 34.53
C LYS C 180 -49.96 22.31 33.42
N THR C 181 -48.77 22.65 33.84
CA THR C 181 -47.69 23.04 32.94
C THR C 181 -47.27 21.84 32.07
N ALA C 182 -47.33 22.10 30.79
CA ALA C 182 -46.99 21.13 29.75
C ALA C 182 -46.19 21.81 28.65
N TYR C 183 -45.50 21.01 27.88
CA TYR C 183 -44.69 21.41 26.76
C TYR C 183 -44.99 20.37 25.64
N ARG C 184 -45.14 20.93 24.48
CA ARG C 184 -45.44 20.14 23.29
C ARG C 184 -44.17 20.10 22.44
N PHE C 185 -43.85 18.87 22.10
CA PHE C 185 -42.67 18.59 21.28
C PHE C 185 -43.04 17.56 20.19
N ASP C 186 -43.34 18.11 19.05
CA ASP C 186 -43.73 17.34 17.86
C ASP C 186 -42.44 17.06 17.09
N ILE C 187 -42.38 15.90 16.49
CA ILE C 187 -41.21 15.46 15.73
C ILE C 187 -41.65 15.20 14.27
N ARG C 188 -40.97 15.83 13.37
CA ARG C 188 -41.16 15.73 11.94
C ARG C 188 -39.90 14.99 11.46
N ILE C 189 -40.10 13.72 11.11
CA ILE C 189 -38.96 12.91 10.70
C ILE C 189 -38.38 13.33 9.36
N GLN C 190 -39.26 13.82 8.50
CA GLN C 190 -38.76 14.17 7.14
C GLN C 190 -39.58 15.28 6.52
N GLY C 191 -38.93 16.02 5.63
CA GLY C 191 -39.66 17.11 4.94
C GLY C 191 -39.60 18.44 5.66
N GLU C 192 -40.69 19.18 5.49
CA GLU C 192 -40.90 20.53 6.02
C GLU C 192 -40.87 20.58 7.53
N GLY C 193 -39.99 21.45 8.05
CA GLY C 193 -39.82 21.60 9.51
C GLY C 193 -39.21 20.32 10.10
N GLU C 194 -38.48 19.58 9.30
CA GLU C 194 -37.84 18.32 9.71
C GLU C 194 -36.97 18.60 10.95
N THR C 195 -37.20 17.79 11.97
CA THR C 195 -36.47 17.89 13.22
C THR C 195 -34.99 17.50 13.05
N VAL C 196 -34.16 18.25 13.76
CA VAL C 196 -32.72 18.05 13.81
C VAL C 196 -32.51 16.73 14.61
N PHE C 197 -31.69 15.90 14.06
CA PHE C 197 -31.31 14.58 14.64
C PHE C 197 -29.77 14.65 14.70
N PHE C 198 -29.24 14.05 15.75
CA PHE C 198 -27.81 14.08 16.00
C PHE C 198 -27.15 12.71 15.83
N ASP C 199 -25.84 12.84 15.67
CA ASP C 199 -24.95 11.65 15.58
C ASP C 199 -23.91 12.01 16.69
N PHE C 200 -23.56 11.02 17.46
CA PHE C 200 -22.62 11.19 18.55
C PHE C 200 -22.01 9.82 18.98
N PRO D 1 -24.69 10.54 41.38
CA PRO D 1 -25.09 10.67 39.97
C PRO D 1 -23.96 10.19 39.06
N ALA D 2 -24.34 10.05 37.80
CA ALA D 2 -23.42 9.57 36.75
C ALA D 2 -22.39 10.67 36.47
N GLN D 3 -21.26 10.28 35.97
CA GLN D 3 -20.16 11.19 35.64
C GLN D 3 -19.56 10.94 34.27
N ASP D 4 -19.16 12.05 33.65
CA ASP D 4 -18.54 12.03 32.33
C ASP D 4 -17.09 11.57 32.44
N ASN D 5 -16.86 10.28 32.36
CA ASN D 5 -15.43 9.83 32.41
C ASN D 5 -15.11 8.95 31.22
N SER D 6 -16.09 8.76 30.33
CA SER D 6 -15.86 7.88 29.17
C SER D 6 -16.20 8.51 27.84
N ARG D 7 -15.59 7.91 26.83
CA ARG D 7 -15.81 8.33 25.43
C ARG D 7 -16.18 7.03 24.70
N PHE D 8 -16.99 7.15 23.68
CA PHE D 8 -17.41 5.94 22.92
C PHE D 8 -16.94 6.08 21.49
N VAL D 9 -16.38 4.99 20.98
CA VAL D 9 -15.89 4.92 19.60
C VAL D 9 -17.08 5.40 18.70
N ILE D 10 -16.77 6.19 17.72
CA ILE D 10 -17.82 6.73 16.82
C ILE D 10 -18.44 5.59 15.99
N ARG D 11 -19.74 5.65 15.85
CA ARG D 11 -20.43 4.61 15.03
C ARG D 11 -20.01 4.70 13.57
N ASP D 12 -19.99 3.55 12.96
CA ASP D 12 -19.71 3.41 11.52
C ASP D 12 -21.11 3.25 10.88
N ARG D 13 -21.54 4.37 10.34
CA ARG D 13 -22.83 4.54 9.72
C ARG D 13 -22.97 3.90 8.34
N ASN D 14 -21.87 3.35 7.89
CA ASN D 14 -21.80 2.59 6.65
C ASN D 14 -21.85 1.09 7.00
N TRP D 15 -21.67 0.72 8.25
CA TRP D 15 -21.73 -0.71 8.69
C TRP D 15 -23.21 -1.00 9.05
N HIS D 16 -23.76 -0.08 9.81
CA HIS D 16 -25.17 -0.08 10.20
C HIS D 16 -25.94 0.22 8.86
N PRO D 17 -27.21 -0.14 8.86
CA PRO D 17 -28.09 0.09 7.71
C PRO D 17 -28.35 1.61 7.59
N LYS D 18 -28.43 2.05 6.33
CA LYS D 18 -28.74 3.51 6.16
C LYS D 18 -30.20 3.73 6.52
N ALA D 19 -30.57 5.00 6.60
CA ALA D 19 -31.98 5.35 6.89
C ALA D 19 -32.87 5.10 5.67
N LEU D 20 -32.46 5.55 4.52
CA LEU D 20 -33.28 5.34 3.29
C LEU D 20 -32.91 4.06 2.56
N THR D 21 -33.74 3.06 2.66
CA THR D 21 -33.48 1.73 1.98
C THR D 21 -34.83 1.35 1.35
N PRO D 22 -35.08 1.91 0.18
CA PRO D 22 -36.32 1.78 -0.54
C PRO D 22 -36.97 0.43 -0.66
N ASP D 23 -36.27 -0.67 -0.81
CA ASP D 23 -36.91 -2.01 -0.85
C ASP D 23 -37.74 -2.29 0.40
N TYR D 24 -37.37 -1.65 1.49
CA TYR D 24 -38.05 -1.69 2.78
C TYR D 24 -38.91 -0.40 2.73
N LYS D 25 -40.08 -0.58 2.18
CA LYS D 25 -41.05 0.42 1.88
C LYS D 25 -41.30 1.46 2.91
N THR D 26 -41.57 1.12 4.13
CA THR D 26 -41.87 2.08 5.22
C THR D 26 -40.74 3.06 5.48
N SER D 27 -39.53 2.72 5.16
CA SER D 27 -38.34 3.52 5.34
C SER D 27 -38.39 4.79 4.46
N ILE D 28 -39.07 4.75 3.33
CA ILE D 28 -39.15 5.89 2.42
C ILE D 28 -39.63 7.15 3.12
N ALA D 29 -40.78 7.05 3.76
CA ALA D 29 -41.39 8.17 4.46
C ALA D 29 -40.84 8.38 5.86
N ARG D 30 -40.12 7.40 6.40
CA ARG D 30 -39.63 7.54 7.80
C ARG D 30 -38.14 7.72 7.94
N SER D 31 -37.52 8.41 6.99
CA SER D 31 -36.09 8.64 6.95
C SER D 31 -35.85 10.13 6.73
N PRO D 32 -34.99 10.72 7.58
CA PRO D 32 -34.69 12.14 7.47
C PRO D 32 -34.06 12.42 6.11
N ARG D 33 -34.27 13.63 5.64
CA ARG D 33 -33.68 14.06 4.34
C ARG D 33 -32.46 14.91 4.62
N GLN D 34 -32.43 15.54 5.78
CA GLN D 34 -31.32 16.41 6.18
C GLN D 34 -30.23 15.54 6.83
N ALA D 35 -28.99 15.94 6.65
CA ALA D 35 -27.86 15.18 7.28
C ALA D 35 -27.96 15.28 8.79
N LEU D 36 -27.54 14.25 9.50
CA LEU D 36 -27.49 14.21 10.95
C LEU D 36 -26.48 15.30 11.39
N VAL D 37 -26.72 15.91 12.54
CA VAL D 37 -25.75 16.93 13.03
C VAL D 37 -24.84 16.21 14.07
N SER D 38 -23.53 16.21 13.79
CA SER D 38 -22.57 15.60 14.73
C SER D 38 -22.32 16.57 15.89
N ILE D 39 -22.27 16.02 17.09
CA ILE D 39 -22.02 16.80 18.30
C ILE D 39 -20.99 16.03 19.15
N PRO D 40 -20.21 16.81 19.89
CA PRO D 40 -19.19 16.23 20.77
C PRO D 40 -19.89 15.48 21.90
N GLN D 41 -19.25 14.41 22.37
CA GLN D 41 -19.80 13.64 23.49
C GLN D 41 -19.69 14.51 24.75
N SER D 42 -20.73 14.41 25.56
CA SER D 42 -20.84 15.14 26.84
C SER D 42 -21.50 14.15 27.83
N ILE D 43 -21.64 14.63 29.06
CA ILE D 43 -22.28 13.81 30.09
C ILE D 43 -23.63 13.27 29.68
N SER D 44 -24.35 14.05 28.86
CA SER D 44 -25.66 13.73 28.39
C SER D 44 -25.69 12.44 27.56
N GLU D 45 -24.67 12.27 26.77
CA GLU D 45 -24.56 11.11 25.86
C GLU D 45 -23.75 9.96 26.39
N THR D 46 -22.82 10.24 27.32
CA THR D 46 -21.93 9.25 27.87
C THR D 46 -22.38 8.51 29.09
N THR D 47 -23.50 8.83 29.62
CA THR D 47 -24.14 8.20 30.76
C THR D 47 -25.43 7.54 30.24
N GLY D 48 -26.02 6.75 31.11
CA GLY D 48 -27.25 6.00 30.81
C GLY D 48 -27.65 5.25 32.08
N PRO D 49 -28.85 4.70 32.03
CA PRO D 49 -29.38 3.99 33.19
C PRO D 49 -28.66 2.71 33.48
N ASN D 50 -28.67 2.38 34.76
CA ASN D 50 -28.11 1.12 35.28
C ASN D 50 -29.34 0.37 35.83
N PHE D 51 -29.56 -0.84 35.36
CA PHE D 51 -30.72 -1.64 35.72
C PHE D 51 -30.52 -2.69 36.80
N SER D 52 -29.41 -2.58 37.49
CA SER D 52 -29.04 -3.48 38.58
C SER D 52 -30.13 -3.67 39.61
N HIS D 53 -30.85 -2.62 39.94
CA HIS D 53 -31.90 -2.68 40.95
C HIS D 53 -33.29 -2.94 40.47
N LEU D 54 -33.49 -3.09 39.18
CA LEU D 54 -34.87 -3.39 38.70
C LEU D 54 -35.21 -4.78 39.31
N GLY D 55 -36.43 -4.95 39.70
CA GLY D 55 -36.93 -6.19 40.28
C GLY D 55 -37.40 -7.17 39.20
N PHE D 56 -36.55 -8.10 38.86
CA PHE D 56 -36.84 -9.12 37.85
C PHE D 56 -37.58 -10.30 38.49
N GLY D 57 -38.56 -10.79 37.78
CA GLY D 57 -39.32 -11.98 38.23
C GLY D 57 -38.37 -13.18 37.94
N ALA D 58 -38.72 -14.29 38.56
CA ALA D 58 -38.00 -15.53 38.47
C ALA D 58 -37.98 -16.15 37.07
N HIS D 59 -38.97 -15.94 36.25
CA HIS D 59 -38.99 -16.51 34.89
C HIS D 59 -38.97 -15.44 33.79
N ASP D 60 -38.48 -14.26 34.12
CA ASP D 60 -38.41 -13.13 33.22
C ASP D 60 -37.71 -13.53 31.91
N HIS D 61 -36.66 -14.30 32.04
CA HIS D 61 -35.82 -14.80 31.00
C HIS D 61 -36.29 -16.17 30.45
N ASP D 62 -37.36 -16.72 30.99
CA ASP D 62 -37.80 -18.08 30.53
C ASP D 62 -39.19 -18.04 29.88
N LEU D 63 -39.17 -17.91 28.56
CA LEU D 63 -40.42 -17.82 27.77
C LEU D 63 -41.24 -19.08 27.82
N LEU D 64 -40.62 -20.18 28.24
CA LEU D 64 -41.29 -21.48 28.36
C LEU D 64 -42.24 -21.48 29.55
N LEU D 65 -41.98 -20.67 30.57
CA LEU D 65 -42.79 -20.58 31.76
C LEU D 65 -43.37 -19.24 32.10
N ASN D 66 -42.90 -18.15 31.53
CA ASN D 66 -43.36 -16.83 31.91
C ASN D 66 -44.71 -16.40 31.43
N PHE D 67 -45.41 -17.26 30.65
CA PHE D 67 -46.74 -16.82 30.18
C PHE D 67 -47.80 -17.62 31.00
N GLY D 71 -49.94 -24.94 30.62
CA GLY D 71 -49.03 -25.81 29.90
C GLY D 71 -47.81 -25.18 29.25
N LEU D 72 -47.18 -26.01 28.46
CA LEU D 72 -45.98 -25.71 27.68
C LEU D 72 -46.35 -25.22 26.29
N PRO D 73 -45.53 -24.34 25.79
CA PRO D 73 -45.73 -23.82 24.41
C PRO D 73 -45.40 -24.96 23.42
N ILE D 74 -45.99 -24.86 22.23
CA ILE D 74 -45.67 -25.84 21.15
C ILE D 74 -44.52 -25.18 20.34
N GLY D 75 -43.55 -25.92 19.94
CA GLY D 75 -42.39 -25.36 19.19
C GLY D 75 -41.09 -25.97 19.70
N GLU D 76 -40.06 -25.71 18.92
CA GLU D 76 -38.69 -26.17 19.13
C GLU D 76 -38.09 -25.44 20.34
N ARG D 77 -37.95 -26.28 21.38
CA ARG D 77 -37.35 -25.73 22.66
C ARG D 77 -35.90 -25.40 22.35
N ILE D 78 -35.50 -24.19 22.68
CA ILE D 78 -34.14 -23.75 22.47
C ILE D 78 -33.73 -22.75 23.57
N ILE D 79 -32.47 -22.74 23.80
CA ILE D 79 -31.85 -21.75 24.73
C ILE D 79 -31.07 -20.78 23.80
N VAL D 80 -31.17 -19.51 24.04
CA VAL D 80 -30.40 -18.53 23.25
C VAL D 80 -29.52 -17.83 24.33
N ALA D 81 -28.24 -17.93 24.14
CA ALA D 81 -27.31 -17.30 25.13
C ALA D 81 -26.13 -16.77 24.33
N GLY D 82 -25.36 -15.91 25.00
CA GLY D 82 -24.16 -15.38 24.35
C GLY D 82 -23.55 -14.35 25.33
N ARG D 83 -22.67 -13.57 24.77
CA ARG D 83 -22.02 -12.56 25.65
C ARG D 83 -22.11 -11.19 25.05
N VAL D 84 -22.22 -10.20 25.91
CA VAL D 84 -22.22 -8.80 25.48
C VAL D 84 -20.82 -8.24 25.74
N VAL D 85 -20.12 -7.86 24.70
CA VAL D 85 -18.78 -7.22 24.86
C VAL D 85 -18.78 -5.88 24.14
N ASP D 86 -17.75 -5.08 24.26
CA ASP D 86 -17.60 -3.79 23.56
C ASP D 86 -16.60 -4.00 22.40
N GLN D 87 -16.33 -2.97 21.64
CA GLN D 87 -15.43 -3.07 20.50
C GLN D 87 -14.02 -3.50 20.87
N TYR D 88 -13.61 -3.20 22.10
CA TYR D 88 -12.29 -3.61 22.57
C TYR D 88 -12.33 -5.04 23.09
N GLY D 89 -13.47 -5.71 23.09
CA GLY D 89 -13.53 -7.09 23.59
C GLY D 89 -13.85 -7.18 25.07
N LYS D 90 -14.05 -6.10 25.73
CA LYS D 90 -14.39 -6.03 27.19
C LYS D 90 -15.84 -6.33 27.43
N PRO D 91 -16.11 -7.22 28.37
CA PRO D 91 -17.48 -7.65 28.70
C PRO D 91 -18.26 -6.45 29.27
N VAL D 92 -19.57 -6.56 29.10
CA VAL D 92 -20.47 -5.48 29.61
C VAL D 92 -21.37 -6.15 30.64
N PRO D 93 -20.91 -6.05 31.90
CA PRO D 93 -21.65 -6.70 32.99
C PRO D 93 -22.88 -5.94 33.37
N ASN D 94 -23.83 -6.61 34.01
CA ASN D 94 -25.06 -6.02 34.50
C ASN D 94 -25.72 -5.04 33.52
N THR D 95 -25.95 -5.54 32.31
CA THR D 95 -26.60 -4.69 31.28
C THR D 95 -27.92 -5.34 30.93
N LEU D 96 -28.91 -4.50 30.63
CA LEU D 96 -30.23 -4.96 30.33
C LEU D 96 -30.34 -5.47 28.87
N VAL D 97 -30.77 -6.71 28.81
CA VAL D 97 -31.03 -7.39 27.54
C VAL D 97 -32.53 -7.72 27.51
N GLU D 98 -33.23 -7.17 26.53
CA GLU D 98 -34.67 -7.41 26.37
C GLU D 98 -34.91 -8.05 25.01
N MET D 99 -35.86 -8.97 24.98
CA MET D 99 -36.18 -9.66 23.70
C MET D 99 -37.68 -9.90 23.55
N TRP D 100 -38.09 -10.04 22.30
CA TRP D 100 -39.49 -10.30 21.94
C TRP D 100 -39.50 -11.06 20.61
N GLN D 101 -40.56 -11.83 20.41
CA GLN D 101 -40.60 -12.61 19.11
C GLN D 101 -42.00 -13.19 18.95
N ALA D 102 -42.22 -13.82 17.82
CA ALA D 102 -43.52 -14.47 17.53
C ALA D 102 -43.52 -15.88 18.08
N ASN D 103 -44.64 -16.59 17.88
CA ASN D 103 -44.72 -17.99 18.34
C ASN D 103 -44.15 -18.90 17.23
N ALA D 104 -44.36 -20.20 17.42
CA ALA D 104 -43.82 -21.18 16.44
C ALA D 104 -44.38 -21.03 15.02
N GLY D 105 -45.57 -20.47 14.87
CA GLY D 105 -46.17 -20.30 13.53
C GLY D 105 -45.97 -18.93 12.94
N GLY D 106 -45.23 -18.07 13.68
CA GLY D 106 -44.99 -16.70 13.25
C GLY D 106 -46.08 -15.70 13.65
N ARG D 107 -46.87 -16.03 14.62
CA ARG D 107 -47.95 -15.11 15.11
C ARG D 107 -47.41 -14.38 16.37
N TYR D 108 -47.56 -13.08 16.42
CA TYR D 108 -47.15 -12.26 17.57
C TYR D 108 -48.39 -12.04 18.45
N ARG D 109 -48.16 -11.89 19.73
CA ARG D 109 -49.26 -11.62 20.69
C ARG D 109 -49.32 -10.08 20.85
N HIS D 110 -49.90 -9.49 19.80
CA HIS D 110 -50.08 -8.06 19.64
C HIS D 110 -51.38 -7.78 18.85
N LYS D 111 -52.13 -6.83 19.36
CA LYS D 111 -53.41 -6.38 18.85
C LYS D 111 -53.38 -6.33 17.31
N ASN D 112 -52.34 -5.65 16.85
CA ASN D 112 -52.13 -5.41 15.44
C ASN D 112 -51.74 -6.59 14.62
N ASP D 113 -51.60 -7.79 15.17
CA ASP D 113 -51.18 -8.95 14.36
C ASP D 113 -52.39 -9.81 14.00
N ARG D 114 -52.70 -9.77 12.73
CA ARG D 114 -53.83 -10.50 12.15
C ARG D 114 -53.41 -11.71 11.33
N TYR D 115 -52.14 -12.09 11.36
CA TYR D 115 -51.68 -13.27 10.60
C TYR D 115 -52.61 -14.40 11.06
N LEU D 116 -52.96 -15.23 10.08
CA LEU D 116 -53.88 -16.33 10.26
C LEU D 116 -53.34 -17.47 11.06
N ALA D 117 -52.06 -17.45 11.38
CA ALA D 117 -51.49 -18.55 12.25
C ALA D 117 -52.00 -18.21 13.65
N PRO D 118 -52.38 -19.24 14.38
CA PRO D 118 -52.96 -19.04 15.70
C PRO D 118 -51.96 -18.62 16.78
N LEU D 119 -52.55 -18.11 17.84
CA LEU D 119 -51.78 -17.74 19.05
C LEU D 119 -51.64 -19.06 19.83
N ASP D 120 -50.55 -19.13 20.57
CA ASP D 120 -50.28 -20.29 21.45
C ASP D 120 -50.69 -19.82 22.87
N PRO D 121 -51.68 -20.49 23.42
CA PRO D 121 -52.21 -20.19 24.73
C PRO D 121 -51.19 -20.16 25.86
N ASN D 122 -50.09 -20.84 25.73
CA ASN D 122 -49.02 -20.93 26.69
C ASN D 122 -47.77 -20.13 26.31
N PHE D 123 -47.89 -19.21 25.38
CA PHE D 123 -46.73 -18.43 24.94
C PHE D 123 -47.01 -16.96 24.81
N GLY D 124 -46.16 -16.17 25.49
CA GLY D 124 -46.25 -14.70 25.45
C GLY D 124 -45.29 -14.09 24.45
N GLY D 125 -44.04 -14.48 24.42
CA GLY D 125 -43.06 -13.94 23.49
C GLY D 125 -42.18 -12.83 23.98
N VAL D 126 -42.21 -12.50 25.28
CA VAL D 126 -41.37 -11.47 25.84
C VAL D 126 -40.40 -12.02 26.93
N GLY D 127 -39.17 -11.49 26.88
CA GLY D 127 -38.12 -11.84 27.82
C GLY D 127 -37.15 -10.73 28.13
N ARG D 128 -36.48 -10.83 29.28
CA ARG D 128 -35.48 -9.85 29.73
C ARG D 128 -34.49 -10.54 30.66
N CYS D 129 -33.27 -10.10 30.62
CA CYS D 129 -32.18 -10.70 31.44
C CYS D 129 -31.11 -9.60 31.63
N LEU D 130 -30.58 -9.58 32.83
CA LEU D 130 -29.47 -8.66 33.14
C LEU D 130 -28.19 -9.50 32.96
N THR D 131 -27.25 -9.06 32.16
CA THR D 131 -26.03 -9.83 31.94
C THR D 131 -25.25 -9.99 33.25
N ASP D 132 -24.53 -11.11 33.34
CA ASP D 132 -23.74 -11.36 34.58
C ASP D 132 -22.43 -10.60 34.52
N SER D 133 -21.58 -10.89 35.48
CA SER D 133 -20.27 -10.30 35.66
C SER D 133 -19.41 -10.49 34.44
N ASP D 134 -19.65 -11.57 33.71
CA ASP D 134 -18.86 -11.87 32.51
C ASP D 134 -19.51 -11.43 31.22
N GLY D 135 -20.62 -10.74 31.34
CA GLY D 135 -21.39 -10.24 30.24
C GLY D 135 -22.27 -11.31 29.57
N TYR D 136 -22.53 -12.42 30.19
CA TYR D 136 -23.35 -13.49 29.68
C TYR D 136 -24.83 -13.30 30.02
N TYR D 137 -25.63 -13.74 29.07
CA TYR D 137 -27.10 -13.69 29.17
C TYR D 137 -27.58 -15.04 28.56
N SER D 138 -28.75 -15.43 28.95
CA SER D 138 -29.36 -16.64 28.44
C SER D 138 -30.90 -16.48 28.59
N PHE D 139 -31.54 -17.09 27.64
CA PHE D 139 -32.99 -17.10 27.57
C PHE D 139 -33.37 -18.55 27.15
N ARG D 140 -34.59 -18.85 27.54
CA ARG D 140 -35.12 -20.20 27.12
C ARG D 140 -36.46 -19.84 26.45
N THR D 141 -36.63 -20.39 25.24
CA THR D 141 -37.83 -20.11 24.45
C THR D 141 -38.02 -21.19 23.37
N ILE D 142 -38.88 -20.88 22.41
CA ILE D 142 -39.16 -21.76 21.28
C ILE D 142 -38.67 -20.99 20.04
N LYS D 143 -38.26 -21.71 19.02
CA LYS D 143 -37.79 -21.06 17.78
C LYS D 143 -39.05 -20.47 17.11
N PRO D 144 -38.97 -19.18 16.83
CA PRO D 144 -40.05 -18.44 16.19
C PRO D 144 -40.11 -18.86 14.71
N GLY D 145 -41.29 -18.66 14.18
CA GLY D 145 -41.56 -18.96 12.74
C GLY D 145 -41.45 -17.68 11.91
N PRO D 146 -41.18 -17.90 10.61
CA PRO D 146 -41.11 -16.80 9.65
C PRO D 146 -42.58 -16.27 9.55
N TYR D 147 -42.72 -15.11 8.98
CA TYR D 147 -44.05 -14.53 8.78
C TYR D 147 -44.08 -13.54 7.63
N PRO D 148 -45.21 -13.54 6.98
CA PRO D 148 -45.42 -12.67 5.78
C PRO D 148 -45.74 -11.26 6.28
N TRP D 149 -45.39 -10.33 5.42
CA TRP D 149 -45.69 -8.90 5.77
C TRP D 149 -45.96 -8.17 4.45
N ARG D 150 -46.75 -7.09 4.63
CA ARG D 150 -47.11 -6.30 3.42
C ARG D 150 -46.00 -5.36 3.03
N ASN D 151 -45.15 -5.81 2.14
CA ASN D 151 -44.02 -5.00 1.60
C ASN D 151 -44.18 -5.22 0.08
N GLY D 152 -43.38 -6.12 -0.40
CA GLY D 152 -43.56 -6.55 -1.85
C GLY D 152 -44.76 -7.53 -1.68
N PRO D 153 -45.26 -8.05 -2.80
CA PRO D 153 -46.37 -8.98 -2.83
C PRO D 153 -46.12 -10.32 -2.18
N ASN D 154 -44.88 -10.76 -2.01
CA ASN D 154 -44.66 -12.11 -1.40
C ASN D 154 -43.40 -12.02 -0.54
N ASP D 155 -43.42 -11.15 0.43
CA ASP D 155 -42.31 -10.91 1.35
C ASP D 155 -42.58 -11.67 2.66
N TRP D 156 -41.51 -12.27 3.15
CA TRP D 156 -41.52 -13.07 4.40
C TRP D 156 -40.30 -12.76 5.25
N ARG D 157 -40.58 -12.47 6.50
CA ARG D 157 -39.37 -12.25 7.40
C ARG D 157 -38.82 -13.62 7.72
N PRO D 158 -37.50 -13.74 7.71
CA PRO D 158 -36.89 -15.03 8.16
C PRO D 158 -37.16 -15.09 9.68
N ALA D 159 -37.17 -16.27 10.26
CA ALA D 159 -37.40 -16.40 11.73
C ALA D 159 -36.35 -15.52 12.43
N HIS D 160 -36.77 -14.74 13.42
CA HIS D 160 -35.89 -13.82 14.15
C HIS D 160 -36.45 -13.51 15.53
N ILE D 161 -35.50 -13.07 16.39
CA ILE D 161 -35.86 -12.65 17.73
C ILE D 161 -35.38 -11.16 17.84
N HIS D 162 -36.27 -10.32 18.25
CA HIS D 162 -35.90 -8.89 18.41
C HIS D 162 -35.10 -8.72 19.68
N PHE D 163 -33.99 -7.97 19.58
CA PHE D 163 -33.19 -7.78 20.83
C PHE D 163 -32.98 -6.28 21.10
N GLY D 164 -32.96 -5.93 22.37
CA GLY D 164 -32.66 -4.48 22.74
C GLY D 164 -31.57 -4.57 23.83
N ILE D 165 -30.51 -3.81 23.68
CA ILE D 165 -29.44 -3.87 24.73
C ILE D 165 -29.12 -2.45 25.24
N SER D 166 -29.07 -2.31 26.57
CA SER D 166 -28.80 -1.00 27.17
C SER D 166 -27.35 -0.61 26.97
N GLY D 167 -26.48 -1.37 27.62
CA GLY D 167 -25.04 -1.09 27.56
C GLY D 167 -24.84 0.07 28.60
N PRO D 168 -23.63 0.57 28.65
CA PRO D 168 -23.26 1.62 29.59
C PRO D 168 -23.81 2.99 29.37
N SER D 169 -24.27 3.34 28.17
CA SER D 169 -24.77 4.75 28.03
C SER D 169 -25.83 4.83 26.96
N ILE D 170 -26.46 6.02 26.88
CA ILE D 170 -27.47 6.13 25.80
C ILE D 170 -26.76 5.98 24.47
N ALA D 171 -25.45 6.26 24.46
CA ALA D 171 -24.64 6.16 23.25
C ALA D 171 -24.48 4.71 22.73
N THR D 172 -24.55 3.77 23.62
CA THR D 172 -24.37 2.34 23.21
C THR D 172 -25.66 1.60 22.99
N LYS D 173 -26.78 2.19 23.39
CA LYS D 173 -28.09 1.54 23.27
C LYS D 173 -28.34 1.05 21.83
N LEU D 174 -28.86 -0.15 21.76
CA LEU D 174 -29.10 -0.71 20.39
C LEU D 174 -30.31 -1.63 20.39
N ILE D 175 -31.02 -1.66 19.28
CA ILE D 175 -32.13 -2.55 18.98
C ILE D 175 -31.68 -3.26 17.65
N THR D 176 -31.90 -4.56 17.65
CA THR D 176 -31.47 -5.37 16.49
C THR D 176 -32.33 -6.65 16.45
N GLN D 177 -31.98 -7.50 15.47
CA GLN D 177 -32.70 -8.77 15.32
C GLN D 177 -31.69 -9.92 15.13
N LEU D 178 -32.00 -11.01 15.77
CA LEU D 178 -31.16 -12.25 15.65
C LEU D 178 -31.83 -13.13 14.58
N TYR D 179 -31.02 -13.70 13.72
CA TYR D 179 -31.50 -14.61 12.66
C TYR D 179 -30.86 -15.98 12.99
N PHE D 180 -31.37 -17.03 12.42
CA PHE D 180 -30.92 -18.39 12.64
C PHE D 180 -30.14 -18.93 11.46
N GLU D 181 -28.99 -19.48 11.79
CA GLU D 181 -28.04 -20.10 10.94
C GLU D 181 -28.78 -21.03 9.90
N GLY D 182 -28.42 -20.81 8.69
CA GLY D 182 -28.85 -21.50 7.51
C GLY D 182 -30.22 -21.14 6.95
N ASP D 183 -30.96 -20.29 7.57
CA ASP D 183 -32.35 -19.96 7.13
C ASP D 183 -32.30 -19.38 5.72
N PRO D 184 -32.92 -20.04 4.75
CA PRO D 184 -32.88 -19.54 3.35
C PRO D 184 -33.59 -18.26 3.10
N LEU D 185 -34.40 -17.75 4.00
CA LEU D 185 -35.13 -16.51 3.90
C LEU D 185 -34.20 -15.30 4.13
N ILE D 186 -33.10 -15.52 4.84
CA ILE D 186 -32.17 -14.44 5.12
C ILE D 186 -31.83 -13.55 3.94
N PRO D 187 -31.14 -14.11 2.98
CA PRO D 187 -30.70 -13.33 1.80
C PRO D 187 -31.82 -12.79 0.99
N MET D 188 -33.06 -13.06 1.30
CA MET D 188 -34.18 -12.48 0.49
C MET D 188 -34.86 -11.31 1.24
N CYS D 189 -34.53 -11.10 2.50
CA CYS D 189 -35.26 -10.06 3.26
C CYS D 189 -34.76 -8.65 3.04
N PRO D 190 -35.67 -7.76 2.63
CA PRO D 190 -35.36 -6.36 2.40
C PRO D 190 -34.84 -5.68 3.70
N ILE D 191 -35.34 -6.11 4.83
CA ILE D 191 -34.87 -5.54 6.13
C ILE D 191 -33.41 -5.98 6.37
N VAL D 192 -33.16 -7.28 6.18
CA VAL D 192 -31.79 -7.83 6.31
C VAL D 192 -30.91 -7.01 5.34
N LYS D 193 -31.38 -6.91 4.10
CA LYS D 193 -30.72 -6.19 3.05
C LYS D 193 -30.56 -4.69 3.26
N SER D 194 -31.16 -4.15 4.32
CA SER D 194 -30.96 -2.68 4.59
C SER D 194 -29.48 -2.51 4.94
N ILE D 195 -28.86 -3.63 5.30
CA ILE D 195 -27.43 -3.66 5.66
C ILE D 195 -26.64 -3.94 4.36
N ALA D 196 -25.86 -3.00 3.94
CA ALA D 196 -25.05 -3.13 2.70
C ALA D 196 -23.93 -4.14 2.77
N ASN D 197 -23.24 -4.21 3.90
CA ASN D 197 -22.13 -5.16 4.05
C ASN D 197 -22.56 -6.56 4.45
N PRO D 198 -22.30 -7.51 3.58
CA PRO D 198 -22.60 -8.94 3.82
C PRO D 198 -21.90 -9.39 5.10
N GLU D 199 -20.73 -8.85 5.36
CA GLU D 199 -20.00 -9.17 6.60
C GLU D 199 -20.76 -8.73 7.82
N ALA D 200 -21.52 -7.68 7.74
CA ALA D 200 -22.34 -7.14 8.86
C ALA D 200 -23.53 -8.08 9.10
N VAL D 201 -24.03 -8.61 7.96
CA VAL D 201 -25.15 -9.53 8.03
C VAL D 201 -24.79 -10.73 8.90
N GLN D 202 -23.61 -11.28 8.68
CA GLN D 202 -23.15 -12.47 9.42
C GLN D 202 -23.14 -12.26 10.91
N GLN D 203 -22.95 -11.03 11.34
CA GLN D 203 -22.93 -10.67 12.77
C GLN D 203 -24.27 -10.89 13.42
N LEU D 204 -25.37 -10.94 12.65
CA LEU D 204 -26.72 -11.12 13.15
C LEU D 204 -27.24 -12.56 13.13
N ILE D 205 -26.37 -13.45 12.74
CA ILE D 205 -26.78 -14.86 12.65
C ILE D 205 -26.35 -15.70 13.84
N ALA D 206 -27.33 -16.14 14.60
CA ALA D 206 -27.05 -17.00 15.78
C ALA D 206 -26.58 -18.37 15.28
N LYS D 207 -25.54 -18.91 15.84
CA LYS D 207 -25.04 -20.22 15.43
C LYS D 207 -25.52 -21.34 16.38
N LEU D 208 -25.83 -22.47 15.75
CA LEU D 208 -26.25 -23.68 16.54
C LEU D 208 -25.11 -23.97 17.56
N ASP D 209 -25.53 -24.23 18.77
CA ASP D 209 -24.46 -24.52 19.83
C ASP D 209 -24.81 -25.86 20.46
N MET D 210 -24.23 -26.96 19.93
CA MET D 210 -24.53 -28.31 20.46
C MET D 210 -23.96 -28.42 21.90
N ASN D 211 -22.89 -27.71 22.13
CA ASN D 211 -22.19 -27.68 23.41
C ASN D 211 -23.08 -27.16 24.54
N ASN D 212 -24.01 -26.30 24.26
CA ASN D 212 -24.89 -25.70 25.26
C ASN D 212 -26.27 -26.33 25.34
N ALA D 213 -26.53 -27.28 24.43
CA ALA D 213 -27.81 -27.94 24.41
C ALA D 213 -27.97 -28.89 25.63
N ASN D 214 -29.20 -29.15 25.94
CA ASN D 214 -29.64 -30.07 27.00
C ASN D 214 -30.13 -31.34 26.24
N PRO D 215 -29.33 -32.38 26.34
CA PRO D 215 -29.65 -33.65 25.66
C PRO D 215 -31.04 -34.06 26.00
N MET D 216 -31.74 -34.64 25.04
CA MET D 216 -33.12 -35.14 25.14
C MET D 216 -34.03 -34.02 25.65
N ASP D 217 -33.64 -32.78 25.44
CA ASP D 217 -34.48 -31.67 25.97
C ASP D 217 -34.64 -30.51 25.03
N CYS D 218 -33.55 -29.77 24.88
CA CYS D 218 -33.53 -28.58 24.01
C CYS D 218 -32.19 -28.30 23.40
N LEU D 219 -32.27 -27.67 22.25
CA LEU D 219 -31.13 -27.22 21.44
C LEU D 219 -30.72 -25.83 21.94
N ALA D 220 -29.61 -25.32 21.44
CA ALA D 220 -29.09 -24.02 21.81
C ALA D 220 -28.46 -23.32 20.60
N TYR D 221 -28.55 -22.01 20.68
CA TYR D 221 -28.02 -21.04 19.73
C TYR D 221 -27.16 -20.02 20.47
N ARG D 222 -26.06 -19.67 19.89
CA ARG D 222 -25.11 -18.69 20.47
C ARG D 222 -25.26 -17.37 19.68
N PHE D 223 -25.40 -16.29 20.43
CA PHE D 223 -25.54 -14.96 19.77
C PHE D 223 -24.78 -13.91 20.64
N ASP D 224 -23.61 -13.53 20.21
CA ASP D 224 -22.81 -12.54 20.98
C ASP D 224 -23.16 -11.16 20.37
N ILE D 225 -23.10 -10.17 21.22
CA ILE D 225 -23.41 -8.80 20.84
C ILE D 225 -22.22 -7.91 21.18
N VAL D 226 -21.91 -7.08 20.23
CA VAL D 226 -20.78 -6.12 20.38
C VAL D 226 -21.34 -4.68 20.42
N LEU D 227 -21.03 -3.98 21.51
CA LEU D 227 -21.44 -2.56 21.72
C LEU D 227 -20.25 -1.65 21.41
N ARG D 228 -20.54 -0.36 21.21
CA ARG D 228 -19.49 0.62 20.90
C ARG D 228 -18.38 0.50 21.99
N GLY D 229 -17.15 0.57 21.55
CA GLY D 229 -16.00 0.49 22.47
C GLY D 229 -16.06 1.72 23.42
N GLN D 230 -15.69 1.48 24.65
CA GLN D 230 -15.64 2.47 25.74
C GLN D 230 -14.15 2.67 26.10
N ARG D 231 -13.71 3.91 26.04
CA ARG D 231 -12.34 4.28 26.36
C ARG D 231 -12.44 5.50 27.31
N LYS D 232 -11.31 5.70 27.97
CA LYS D 232 -11.17 6.84 28.91
C LYS D 232 -10.76 8.05 28.09
N THR D 233 -11.25 9.18 28.56
CA THR D 233 -10.92 10.48 27.90
C THR D 233 -9.39 10.63 28.09
N HIS D 234 -8.79 11.37 27.20
CA HIS D 234 -7.36 11.66 27.26
C HIS D 234 -7.12 12.98 26.51
N PHE D 235 -6.16 13.69 27.05
CA PHE D 235 -5.70 14.99 26.61
C PHE D 235 -6.86 15.90 26.22
N GLU D 236 -7.96 15.84 26.92
CA GLU D 236 -9.10 16.68 26.57
C GLU D 236 -9.05 18.12 27.04
N PRO E 1 -32.88 -22.24 -2.79
CA PRO E 1 -34.27 -22.10 -3.15
C PRO E 1 -34.41 -22.41 -4.65
N ILE E 2 -35.64 -22.70 -5.04
CA ILE E 2 -35.94 -22.98 -6.45
C ILE E 2 -35.95 -21.62 -7.19
N GLU E 3 -35.28 -21.65 -8.32
CA GLU E 3 -35.16 -20.49 -9.23
C GLU E 3 -35.69 -20.90 -10.61
N LEU E 4 -36.60 -20.10 -11.10
CA LEU E 4 -37.22 -20.30 -12.43
C LEU E 4 -36.43 -19.46 -13.45
N LEU E 5 -36.85 -19.56 -14.69
CA LEU E 5 -36.21 -18.67 -15.72
C LEU E 5 -36.63 -17.22 -15.30
N PRO E 6 -35.73 -16.30 -15.50
CA PRO E 6 -36.05 -14.90 -15.14
C PRO E 6 -36.90 -14.29 -16.26
N GLU E 7 -37.83 -13.43 -15.86
CA GLU E 7 -38.71 -12.72 -16.80
C GLU E 7 -37.84 -11.76 -17.59
N THR E 8 -38.18 -11.56 -18.85
CA THR E 8 -37.47 -10.59 -19.69
C THR E 8 -37.71 -9.20 -19.04
N PRO E 9 -36.63 -8.44 -18.90
CA PRO E 9 -36.73 -7.13 -18.29
C PRO E 9 -37.47 -6.10 -19.18
N SER E 10 -38.16 -5.20 -18.49
CA SER E 10 -38.86 -4.09 -19.12
C SER E 10 -37.83 -3.03 -19.51
N GLN E 11 -38.17 -2.20 -20.43
CA GLN E 11 -37.42 -1.09 -21.00
C GLN E 11 -38.56 -0.06 -21.31
N THR E 12 -38.24 1.18 -21.15
CA THR E 12 -39.20 2.26 -21.39
C THR E 12 -39.80 2.08 -22.82
N ALA E 13 -41.01 2.59 -22.94
CA ALA E 13 -41.73 2.57 -24.23
C ALA E 13 -41.10 3.63 -25.15
N GLY E 14 -40.50 4.67 -24.57
CA GLY E 14 -39.86 5.72 -25.39
C GLY E 14 -40.88 6.71 -25.95
N PRO E 15 -40.36 7.80 -26.52
CA PRO E 15 -41.18 8.86 -27.10
C PRO E 15 -41.95 8.46 -28.35
N TYR E 16 -41.56 7.43 -29.04
CA TYR E 16 -42.23 7.02 -30.30
C TYR E 16 -43.16 5.84 -30.17
N VAL E 17 -43.64 5.52 -29.00
CA VAL E 17 -44.55 4.41 -28.73
C VAL E 17 -45.81 4.39 -29.60
N HIS E 18 -46.23 5.62 -29.94
CA HIS E 18 -47.44 5.83 -30.74
C HIS E 18 -47.38 5.17 -32.10
N ILE E 19 -46.18 5.11 -32.68
CA ILE E 19 -46.02 4.48 -34.00
C ILE E 19 -46.35 3.00 -34.00
N GLY E 20 -46.07 2.35 -32.85
CA GLY E 20 -46.37 0.94 -32.77
C GLY E 20 -47.72 0.65 -32.16
N LEU E 21 -48.15 1.49 -31.23
CA LEU E 21 -49.41 1.22 -30.52
C LEU E 21 -50.51 2.24 -30.59
N ALA E 22 -50.30 3.35 -31.20
CA ALA E 22 -51.34 4.43 -31.29
C ALA E 22 -51.10 5.14 -32.64
N LEU E 23 -51.29 4.36 -33.70
CA LEU E 23 -51.08 4.75 -35.08
C LEU E 23 -51.67 6.10 -35.46
N GLU E 24 -52.95 6.24 -35.23
CA GLU E 24 -53.64 7.53 -35.56
C GLU E 24 -52.88 8.66 -34.88
N ALA E 25 -52.59 8.42 -33.60
CA ALA E 25 -51.88 9.40 -32.77
C ALA E 25 -50.51 9.72 -33.30
N ALA E 26 -49.81 8.75 -33.88
CA ALA E 26 -48.47 8.98 -34.43
C ALA E 26 -48.59 9.85 -35.71
N GLY E 27 -49.84 9.93 -36.12
CA GLY E 27 -50.18 10.68 -37.36
C GLY E 27 -49.74 9.84 -38.57
N ASN E 28 -49.90 8.54 -38.42
CA ASN E 28 -49.55 7.58 -39.49
C ASN E 28 -50.83 6.82 -39.83
N PRO E 29 -50.86 6.29 -41.03
CA PRO E 29 -52.01 5.52 -41.52
C PRO E 29 -52.22 4.29 -40.64
N THR E 30 -53.47 4.02 -40.34
CA THR E 30 -53.83 2.87 -39.50
C THR E 30 -54.07 1.67 -40.40
N ARG E 31 -54.25 0.54 -39.75
CA ARG E 31 -54.53 -0.76 -40.42
C ARG E 31 -56.05 -0.94 -40.32
N ASP E 32 -56.57 -1.96 -40.95
CA ASP E 32 -58.01 -2.24 -40.96
C ASP E 32 -58.53 -2.35 -39.52
N GLN E 33 -57.82 -3.13 -38.72
CA GLN E 33 -58.21 -3.36 -37.34
C GLN E 33 -57.18 -2.85 -36.35
N GLU E 34 -57.60 -1.88 -35.56
CA GLU E 34 -56.74 -1.27 -34.54
C GLU E 34 -57.43 -1.35 -33.17
N ILE E 35 -56.63 -1.53 -32.14
CA ILE E 35 -57.12 -1.55 -30.74
C ILE E 35 -57.07 -0.07 -30.29
N TRP E 36 -58.24 0.48 -30.00
CA TRP E 36 -58.26 1.92 -29.58
C TRP E 36 -59.11 2.22 -28.38
N ASN E 37 -59.53 3.47 -28.23
CA ASN E 37 -60.28 3.98 -27.08
C ASN E 37 -61.77 3.88 -27.00
N ARG E 38 -62.43 3.09 -27.79
CA ARG E 38 -63.91 2.93 -27.80
C ARG E 38 -64.22 1.52 -27.35
N LEU E 39 -64.37 1.32 -26.05
CA LEU E 39 -64.63 -0.02 -25.53
C LEU E 39 -66.04 -0.52 -25.82
N ALA E 40 -66.96 0.43 -25.83
CA ALA E 40 -68.37 0.09 -26.06
C ALA E 40 -68.98 0.76 -27.27
N LYS E 41 -69.81 -0.04 -27.91
CA LYS E 41 -70.59 0.49 -29.08
C LYS E 41 -71.78 1.18 -28.42
N PRO E 42 -72.28 2.21 -29.06
CA PRO E 42 -73.40 3.01 -28.53
C PRO E 42 -74.53 2.15 -28.05
N ASP E 43 -74.70 1.00 -28.67
CA ASP E 43 -75.78 0.05 -28.29
C ASP E 43 -75.41 -0.93 -27.21
N ALA E 44 -74.30 -0.69 -26.52
CA ALA E 44 -73.88 -1.61 -25.44
C ALA E 44 -74.68 -1.29 -24.19
N PRO E 45 -75.01 -2.34 -23.46
CA PRO E 45 -75.75 -2.24 -22.20
C PRO E 45 -74.87 -1.59 -21.14
N GLY E 46 -75.51 -0.96 -20.18
CA GLY E 46 -74.86 -0.28 -19.08
C GLY E 46 -74.92 1.24 -19.26
N GLU E 47 -74.40 1.90 -18.23
CA GLU E 47 -74.30 3.36 -18.15
C GLU E 47 -73.11 3.76 -19.05
N HIS E 48 -73.36 4.35 -20.18
CA HIS E 48 -72.26 4.77 -21.07
C HIS E 48 -71.63 6.00 -20.45
N ILE E 49 -70.32 6.06 -20.44
CA ILE E 49 -69.59 7.20 -19.84
C ILE E 49 -68.37 7.56 -20.70
N LEU E 50 -67.89 8.75 -20.47
CA LEU E 50 -66.74 9.33 -21.08
C LEU E 50 -65.71 9.58 -19.94
N LEU E 51 -64.54 9.02 -20.18
CA LEU E 51 -63.41 9.17 -19.25
C LEU E 51 -62.38 10.09 -19.93
N LEU E 52 -61.83 10.96 -19.13
CA LEU E 52 -60.78 11.87 -19.64
C LEU E 52 -59.86 12.22 -18.49
N GLY E 53 -58.63 12.59 -18.85
CA GLY E 53 -57.67 12.98 -17.83
C GLY E 53 -56.37 13.46 -18.47
N GLN E 54 -55.58 13.98 -17.54
CA GLN E 54 -54.23 14.47 -17.85
C GLN E 54 -53.25 13.71 -16.97
N VAL E 55 -52.01 13.72 -17.38
CA VAL E 55 -50.92 13.05 -16.66
C VAL E 55 -49.86 14.12 -16.34
N TYR E 56 -49.44 14.20 -15.11
CA TYR E 56 -48.42 15.17 -14.66
C TYR E 56 -47.14 14.51 -14.13
N ASP E 57 -46.05 15.20 -14.36
CA ASP E 57 -44.71 14.75 -13.92
C ASP E 57 -44.49 15.39 -12.53
N GLY E 58 -43.38 15.10 -11.93
CA GLY E 58 -42.99 15.57 -10.62
C GLY E 58 -42.84 17.06 -10.53
N ASN E 59 -42.79 17.79 -11.63
CA ASN E 59 -42.65 19.24 -11.64
C ASN E 59 -44.01 19.89 -11.91
N GLY E 60 -45.00 19.06 -12.04
CA GLY E 60 -46.38 19.46 -12.30
C GLY E 60 -46.65 19.82 -13.75
N HIS E 61 -45.77 19.39 -14.65
CA HIS E 61 -45.86 19.64 -16.08
C HIS E 61 -46.58 18.47 -16.76
N LEU E 62 -47.32 18.75 -17.80
CA LEU E 62 -48.11 17.75 -18.53
C LEU E 62 -47.15 16.75 -19.20
N VAL E 63 -47.62 15.53 -19.19
CA VAL E 63 -46.87 14.42 -19.86
C VAL E 63 -47.63 14.25 -21.18
N ARG E 64 -47.09 14.84 -22.24
CA ARG E 64 -47.79 14.76 -23.52
C ARG E 64 -47.41 13.61 -24.41
N ASP E 65 -46.83 12.55 -23.90
CA ASP E 65 -46.43 11.40 -24.72
C ASP E 65 -46.76 10.07 -24.00
N SER E 66 -47.73 10.14 -23.12
CA SER E 66 -48.09 8.93 -22.36
C SER E 66 -48.98 8.00 -23.17
N PHE E 67 -48.92 6.74 -22.86
CA PHE E 67 -49.71 5.67 -23.50
C PHE E 67 -50.37 4.88 -22.35
N LEU E 68 -51.67 4.65 -22.43
CA LEU E 68 -52.41 3.95 -21.39
C LEU E 68 -53.16 2.75 -21.98
N GLU E 69 -53.29 1.76 -21.15
CA GLU E 69 -54.04 0.53 -21.48
C GLU E 69 -55.00 0.33 -20.33
N VAL E 70 -56.24 -0.01 -20.65
CA VAL E 70 -57.30 -0.24 -19.67
C VAL E 70 -57.89 -1.65 -19.81
N TRP E 71 -58.30 -2.18 -18.67
CA TRP E 71 -58.94 -3.50 -18.55
C TRP E 71 -60.08 -3.28 -17.53
N GLN E 72 -61.27 -3.61 -17.90
CA GLN E 72 -62.46 -3.45 -17.06
C GLN E 72 -63.53 -4.50 -17.42
N ALA E 73 -64.36 -4.75 -16.43
CA ALA E 73 -65.49 -5.70 -16.62
C ALA E 73 -66.59 -4.90 -17.34
N ASP E 74 -67.52 -5.64 -17.86
CA ASP E 74 -68.70 -5.04 -18.56
C ASP E 74 -69.66 -4.62 -17.45
N ALA E 75 -70.81 -4.11 -17.84
CA ALA E 75 -71.82 -3.69 -16.86
C ALA E 75 -72.32 -4.82 -16.01
N ASN E 76 -72.17 -6.06 -16.42
CA ASN E 76 -72.61 -7.23 -15.60
C ASN E 76 -71.50 -7.67 -14.65
N GLY E 77 -70.37 -6.98 -14.69
CA GLY E 77 -69.24 -7.37 -13.80
C GLY E 77 -68.52 -8.58 -14.40
N GLU E 78 -68.45 -8.62 -15.72
CA GLU E 78 -67.79 -9.70 -16.45
C GLU E 78 -66.71 -9.21 -17.37
N TYR E 79 -65.61 -9.97 -17.30
CA TYR E 79 -64.43 -9.65 -18.15
C TYR E 79 -64.60 -10.42 -19.48
N GLN E 80 -64.63 -9.65 -20.54
CA GLN E 80 -64.77 -10.19 -21.89
C GLN E 80 -63.39 -10.18 -22.55
N ASP E 81 -62.70 -11.29 -22.40
CA ASP E 81 -61.34 -11.48 -22.91
C ASP E 81 -61.24 -11.69 -24.41
N ALA E 82 -62.27 -12.20 -25.05
CA ALA E 82 -62.23 -12.43 -26.51
C ALA E 82 -62.45 -11.12 -27.24
N TYR E 83 -61.35 -10.43 -27.54
CA TYR E 83 -61.33 -9.15 -28.23
C TYR E 83 -61.73 -9.35 -29.71
N ASN E 84 -62.73 -8.54 -30.04
CA ASN E 84 -63.28 -8.57 -31.42
C ASN E 84 -63.93 -7.21 -31.68
N LEU E 85 -63.57 -6.59 -32.80
CA LEU E 85 -64.12 -5.28 -33.17
C LEU E 85 -65.61 -5.27 -33.41
N GLU E 86 -66.18 -6.43 -33.64
CA GLU E 86 -67.59 -6.65 -33.86
C GLU E 86 -68.38 -6.59 -32.57
N ASN E 87 -67.74 -6.91 -31.47
CA ASN E 87 -68.37 -6.93 -30.15
C ASN E 87 -68.92 -5.52 -29.87
N ALA E 88 -69.98 -5.52 -29.10
CA ALA E 88 -70.65 -4.29 -28.64
C ALA E 88 -69.80 -3.69 -27.49
N PHE E 89 -69.13 -4.62 -26.81
CA PHE E 89 -68.28 -4.28 -25.66
C PHE E 89 -66.99 -5.11 -25.61
N ASN E 90 -65.91 -4.39 -25.39
CA ASN E 90 -64.57 -4.96 -25.23
C ASN E 90 -64.06 -4.43 -23.86
N SER E 91 -63.52 -5.38 -23.14
CA SER E 91 -62.94 -5.16 -21.81
C SER E 91 -61.60 -4.44 -21.85
N PHE E 92 -60.92 -4.53 -22.95
CA PHE E 92 -59.59 -3.94 -23.17
C PHE E 92 -59.65 -2.74 -24.11
N GLY E 93 -58.81 -1.76 -23.82
CA GLY E 93 -58.70 -0.57 -24.66
C GLY E 93 -57.37 0.15 -24.50
N ARG E 94 -57.12 1.07 -25.41
CA ARG E 94 -55.90 1.87 -25.44
C ARG E 94 -56.23 3.32 -25.75
N THR E 95 -55.41 4.16 -25.12
CA THR E 95 -55.58 5.61 -25.29
C THR E 95 -54.22 6.26 -25.12
N ALA E 96 -54.15 7.53 -25.44
CA ALA E 96 -52.83 8.24 -25.32
C ALA E 96 -53.12 9.71 -25.12
N THR E 97 -52.18 10.46 -24.59
CA THR E 97 -52.36 11.89 -24.39
C THR E 97 -51.91 12.72 -25.59
N THR E 98 -52.69 13.81 -25.79
CA THR E 98 -52.43 14.77 -26.87
C THR E 98 -51.06 15.48 -26.70
N PHE E 99 -50.35 15.53 -27.81
CA PHE E 99 -49.03 16.17 -27.87
C PHE E 99 -49.32 17.67 -27.65
N ASP E 100 -50.57 18.06 -27.78
CA ASP E 100 -51.02 19.45 -27.60
C ASP E 100 -51.64 19.62 -26.20
N ALA E 101 -52.96 19.53 -26.17
CA ALA E 101 -53.73 19.64 -24.92
C ALA E 101 -53.21 18.67 -23.86
N GLY E 102 -52.75 17.49 -24.26
CA GLY E 102 -52.23 16.50 -23.32
C GLY E 102 -53.32 15.84 -22.50
N GLU E 103 -54.46 15.59 -23.10
CA GLU E 103 -55.60 14.94 -22.46
C GLU E 103 -55.94 13.64 -23.15
N TRP E 104 -56.28 12.61 -22.38
CA TRP E 104 -56.64 11.32 -22.99
C TRP E 104 -58.16 11.17 -22.79
N THR E 105 -58.76 10.34 -23.61
CA THR E 105 -60.19 10.08 -23.55
C THR E 105 -60.44 8.62 -23.86
N LEU E 106 -61.55 8.18 -23.31
CA LEU E 106 -61.98 6.77 -23.46
C LEU E 106 -63.52 6.78 -23.39
N HIS E 107 -64.13 6.04 -24.28
CA HIS E 107 -65.60 5.90 -24.37
C HIS E 107 -65.86 4.44 -23.95
N THR E 108 -66.58 4.28 -22.87
CA THR E 108 -66.89 2.95 -22.30
C THR E 108 -68.19 3.04 -21.50
N VAL E 109 -68.37 2.04 -20.69
CA VAL E 109 -69.49 1.89 -19.77
C VAL E 109 -68.90 1.64 -18.36
N LYS E 110 -69.73 1.98 -17.41
CA LYS E 110 -69.39 1.82 -15.99
C LYS E 110 -69.39 0.32 -15.69
N PRO E 111 -68.24 -0.13 -15.13
CA PRO E 111 -68.04 -1.52 -14.83
C PRO E 111 -68.90 -2.01 -13.68
N GLY E 112 -69.32 -3.24 -13.85
CA GLY E 112 -70.11 -3.93 -12.79
C GLY E 112 -69.07 -4.39 -11.73
N VAL E 113 -69.58 -4.85 -10.63
CA VAL E 113 -68.77 -5.27 -9.47
C VAL E 113 -68.26 -6.69 -9.69
N VAL E 114 -67.03 -6.91 -9.26
CA VAL E 114 -66.37 -8.22 -9.35
C VAL E 114 -65.84 -8.51 -7.91
N ASN E 115 -65.76 -9.79 -7.61
CA ASN E 115 -65.25 -10.20 -6.28
C ASN E 115 -63.75 -10.52 -6.38
N ASN E 116 -63.12 -10.38 -5.25
CA ASN E 116 -61.68 -10.71 -5.10
C ASN E 116 -61.59 -12.22 -4.88
N ALA E 117 -60.38 -12.71 -4.80
CA ALA E 117 -60.12 -14.15 -4.61
C ALA E 117 -60.87 -14.70 -3.41
N ALA E 118 -60.99 -13.92 -2.37
CA ALA E 118 -61.71 -14.31 -1.14
C ALA E 118 -63.21 -14.28 -1.25
N GLY E 119 -63.78 -13.77 -2.32
CA GLY E 119 -65.23 -13.68 -2.49
C GLY E 119 -65.82 -12.35 -2.08
N VAL E 120 -64.98 -11.39 -1.79
CA VAL E 120 -65.43 -10.04 -1.39
C VAL E 120 -65.49 -9.13 -2.62
N PRO E 121 -66.64 -8.50 -2.80
CA PRO E 121 -66.82 -7.59 -3.95
C PRO E 121 -65.91 -6.38 -3.85
N MET E 122 -65.36 -5.99 -4.98
CA MET E 122 -64.52 -4.77 -5.07
C MET E 122 -65.42 -3.68 -5.66
N ALA E 123 -65.12 -2.45 -5.33
CA ALA E 123 -65.91 -1.31 -5.90
C ALA E 123 -65.64 -1.29 -7.40
N PRO E 124 -66.62 -0.82 -8.15
CA PRO E 124 -66.47 -0.75 -9.62
C PRO E 124 -65.15 -0.05 -9.89
N HIS E 125 -64.30 -0.61 -10.75
CA HIS E 125 -63.00 0.00 -11.06
C HIS E 125 -62.51 -0.37 -12.47
N ILE E 126 -61.61 0.47 -12.94
CA ILE E 126 -60.93 0.31 -14.23
C ILE E 126 -59.42 0.16 -13.97
N ASN E 127 -58.86 -0.92 -14.48
CA ASN E 127 -57.43 -1.21 -14.31
C ASN E 127 -56.65 -0.43 -15.38
N ILE E 128 -55.68 0.35 -14.89
CA ILE E 128 -54.87 1.14 -15.86
C ILE E 128 -53.39 0.81 -15.80
N SER E 129 -52.74 0.75 -16.97
CA SER E 129 -51.27 0.58 -17.05
C SER E 129 -50.79 1.85 -17.83
N LEU E 130 -49.88 2.56 -17.30
CA LEU E 130 -49.31 3.76 -17.86
C LEU E 130 -47.86 3.51 -18.33
N PHE E 131 -47.58 3.91 -19.54
CA PHE E 131 -46.29 3.77 -20.21
C PHE E 131 -45.89 5.12 -20.79
N ALA E 132 -44.58 5.38 -20.84
CA ALA E 132 -44.13 6.65 -21.46
C ALA E 132 -42.60 6.72 -21.36
N ARG E 133 -42.04 7.61 -22.14
CA ARG E 133 -40.57 7.81 -22.04
C ARG E 133 -40.40 8.31 -20.54
N GLY E 134 -39.27 7.91 -20.02
CA GLY E 134 -38.87 8.19 -18.62
C GLY E 134 -39.45 7.15 -17.71
N ILE E 135 -40.27 6.24 -18.18
CA ILE E 135 -40.86 5.21 -17.28
C ILE E 135 -40.26 3.87 -17.69
N ASN E 136 -39.30 3.41 -16.93
CA ASN E 136 -38.59 2.13 -17.26
C ASN E 136 -39.48 0.92 -17.18
N ILE E 137 -40.40 0.95 -16.28
CA ILE E 137 -41.35 -0.14 -16.09
C ILE E 137 -42.72 0.50 -15.84
N HIS E 138 -43.70 -0.01 -16.59
CA HIS E 138 -45.04 0.59 -16.47
C HIS E 138 -45.63 0.61 -15.11
N LEU E 139 -46.48 1.62 -14.94
CA LEU E 139 -47.20 1.85 -13.70
C LEU E 139 -48.63 1.32 -13.76
N HIS E 140 -49.01 0.64 -12.68
CA HIS E 140 -50.36 0.08 -12.53
C HIS E 140 -51.15 0.92 -11.50
N THR E 141 -52.39 1.20 -11.86
CA THR E 141 -53.28 1.96 -10.96
C THR E 141 -54.72 1.53 -11.24
N ARG E 142 -55.63 2.06 -10.46
CA ARG E 142 -57.05 1.79 -10.61
C ARG E 142 -57.81 3.11 -10.62
N LEU E 143 -58.89 3.12 -11.36
CA LEU E 143 -59.78 4.30 -11.42
C LEU E 143 -61.10 3.85 -10.76
N TYR E 144 -61.44 4.57 -9.73
CA TYR E 144 -62.67 4.36 -8.94
C TYR E 144 -63.56 5.61 -9.24
N PHE E 145 -64.83 5.50 -8.96
CA PHE E 145 -65.81 6.55 -9.23
C PHE E 145 -66.32 7.22 -7.98
N ASP E 146 -66.34 8.55 -7.99
CA ASP E 146 -66.81 9.35 -6.87
C ASP E 146 -68.27 9.12 -6.51
N ASP E 147 -69.08 8.64 -7.41
CA ASP E 147 -70.51 8.41 -7.06
C ASP E 147 -70.75 7.01 -6.52
N GLU E 148 -69.68 6.31 -6.15
CA GLU E 148 -69.77 4.94 -5.62
C GLU E 148 -69.17 4.87 -4.23
N ALA E 149 -69.29 5.96 -3.49
CA ALA E 149 -68.76 6.09 -2.15
C ALA E 149 -69.07 4.92 -1.25
N GLN E 150 -70.28 4.39 -1.30
CA GLN E 150 -70.65 3.28 -0.41
C GLN E 150 -69.78 2.07 -0.69
N ALA E 151 -69.64 1.75 -1.97
CA ALA E 151 -68.84 0.61 -2.42
C ALA E 151 -67.36 0.81 -2.15
N ASN E 152 -66.89 2.00 -2.43
CA ASN E 152 -65.52 2.42 -2.28
C ASN E 152 -65.04 2.24 -0.82
N ALA E 153 -65.91 2.60 0.10
CA ALA E 153 -65.62 2.53 1.54
C ALA E 153 -65.32 1.09 1.95
N LYS E 154 -65.95 0.12 1.32
CA LYS E 154 -65.78 -1.28 1.59
C LYS E 154 -64.90 -2.05 0.62
N CYS E 155 -64.22 -1.41 -0.31
CA CYS E 155 -63.36 -2.12 -1.27
C CYS E 155 -62.13 -2.69 -0.52
N PRO E 156 -61.94 -3.99 -0.71
CA PRO E 156 -60.80 -4.68 -0.10
C PRO E 156 -59.49 -4.18 -0.66
N VAL E 157 -59.51 -3.63 -1.87
CA VAL E 157 -58.24 -3.13 -2.45
C VAL E 157 -57.94 -1.73 -1.94
N LEU E 158 -58.97 -0.91 -1.95
CA LEU E 158 -58.86 0.50 -1.53
C LEU E 158 -58.43 0.58 -0.07
N ASN E 159 -58.90 -0.36 0.73
CA ASN E 159 -58.64 -0.53 2.13
C ASN E 159 -57.23 -1.00 2.43
N LEU E 160 -56.50 -1.45 1.42
CA LEU E 160 -55.12 -1.91 1.60
C LEU E 160 -54.21 -0.70 1.69
N ILE E 161 -54.72 0.45 1.23
CA ILE E 161 -53.88 1.67 1.26
C ILE E 161 -53.97 2.22 2.68
N GLU E 162 -52.82 2.22 3.32
CA GLU E 162 -52.66 2.67 4.70
C GLU E 162 -53.34 4.01 4.97
N GLN E 163 -52.91 5.03 4.26
CA GLN E 163 -53.42 6.40 4.39
C GLN E 163 -54.66 6.72 3.59
N PRO E 164 -55.71 7.03 4.34
CA PRO E 164 -57.02 7.42 3.77
C PRO E 164 -56.86 8.48 2.71
N GLN E 165 -55.99 9.44 2.98
CA GLN E 165 -55.70 10.54 2.05
C GLN E 165 -55.20 10.04 0.71
N ARG E 166 -54.41 8.96 0.69
CA ARG E 166 -53.86 8.42 -0.56
C ARG E 166 -54.95 7.81 -1.43
N ARG E 167 -55.93 7.22 -0.77
CA ARG E 167 -57.05 6.55 -1.40
C ARG E 167 -57.80 7.50 -2.35
N GLU E 168 -57.92 8.74 -1.91
CA GLU E 168 -58.63 9.77 -2.68
C GLU E 168 -58.02 10.01 -4.04
N THR E 169 -56.75 9.68 -4.19
CA THR E 169 -56.06 9.88 -5.47
C THR E 169 -56.60 8.95 -6.58
N LEU E 170 -57.29 7.91 -6.20
CA LEU E 170 -57.81 6.93 -7.15
C LEU E 170 -59.25 7.16 -7.51
N ILE E 171 -59.81 8.27 -7.07
CA ILE E 171 -61.27 8.51 -7.34
C ILE E 171 -61.49 9.51 -8.43
N ALA E 172 -62.15 9.08 -9.50
CA ALA E 172 -62.47 9.97 -10.64
C ALA E 172 -63.68 10.82 -10.21
N LYS E 173 -63.65 12.07 -10.61
CA LYS E 173 -64.64 13.09 -10.32
C LYS E 173 -65.63 13.26 -11.47
N ARG E 174 -66.85 12.88 -11.17
CA ARG E 174 -67.97 12.96 -12.11
C ARG E 174 -68.21 14.42 -12.52
N CYS E 175 -68.53 14.57 -13.77
CA CYS E 175 -68.82 15.80 -14.48
C CYS E 175 -69.71 15.41 -15.68
N GLU E 176 -69.93 16.37 -16.54
CA GLU E 176 -70.73 16.19 -17.75
C GLU E 176 -70.06 16.89 -18.92
N VAL E 177 -70.09 16.22 -20.05
CA VAL E 177 -69.47 16.77 -21.30
C VAL E 177 -70.57 16.67 -22.36
N ASP E 178 -70.98 17.85 -22.83
CA ASP E 178 -72.05 17.89 -23.86
C ASP E 178 -73.25 17.09 -23.36
N GLY E 179 -73.61 17.33 -22.10
CA GLY E 179 -74.75 16.61 -21.53
C GLY E 179 -74.51 15.10 -21.53
N LYS E 180 -73.25 14.70 -21.51
CA LYS E 180 -72.86 13.27 -21.46
C LYS E 180 -72.11 13.07 -20.13
N THR E 181 -72.38 11.95 -19.49
CA THR E 181 -71.75 11.63 -18.21
C THR E 181 -70.24 11.39 -18.46
N ALA E 182 -69.46 12.09 -17.67
CA ALA E 182 -68.00 12.03 -17.74
C ALA E 182 -67.40 12.00 -16.32
N TYR E 183 -66.20 11.43 -16.28
CA TYR E 183 -65.42 11.36 -15.05
C TYR E 183 -63.98 11.73 -15.49
N ARG E 184 -63.45 12.64 -14.70
CA ARG E 184 -62.11 13.14 -14.87
C ARG E 184 -61.19 12.36 -13.89
N PHE E 185 -60.13 11.88 -14.47
CA PHE E 185 -59.12 11.11 -13.69
C PHE E 185 -57.71 11.58 -14.08
N ASP E 186 -57.19 12.46 -13.25
CA ASP E 186 -55.84 13.00 -13.45
C ASP E 186 -54.84 12.09 -12.74
N ILE E 187 -53.67 11.95 -13.34
CA ILE E 187 -52.61 11.10 -12.79
C ILE E 187 -51.41 11.94 -12.43
N ARG E 188 -51.02 11.87 -11.17
CA ARG E 188 -49.78 12.62 -10.74
C ARG E 188 -48.75 11.53 -10.42
N ILE E 189 -47.75 11.44 -11.27
CA ILE E 189 -46.70 10.43 -11.20
C ILE E 189 -45.82 10.58 -9.97
N GLN E 190 -45.57 11.85 -9.65
CA GLN E 190 -44.67 12.20 -8.54
C GLN E 190 -45.03 13.49 -7.82
N GLY E 191 -44.74 13.52 -6.53
CA GLY E 191 -44.94 14.68 -5.67
C GLY E 191 -46.29 14.76 -4.99
N GLU E 192 -46.71 16.02 -4.79
CA GLU E 192 -47.97 16.33 -4.11
C GLU E 192 -49.15 15.75 -4.86
N GLY E 193 -49.96 15.02 -4.11
CA GLY E 193 -51.15 14.36 -4.71
C GLY E 193 -50.71 13.18 -5.57
N GLU E 194 -49.50 12.68 -5.36
CA GLU E 194 -48.98 11.52 -6.13
C GLU E 194 -49.97 10.36 -6.09
N THR E 195 -50.33 9.85 -7.26
CA THR E 195 -51.31 8.77 -7.35
C THR E 195 -50.72 7.45 -6.81
N VAL E 196 -51.62 6.66 -6.24
CA VAL E 196 -51.23 5.33 -5.75
C VAL E 196 -50.99 4.44 -7.03
N PHE E 197 -49.84 3.77 -6.98
CA PHE E 197 -49.49 2.83 -8.07
C PHE E 197 -49.37 1.46 -7.36
N PHE E 198 -49.81 0.41 -8.00
CA PHE E 198 -49.76 -0.92 -7.43
C PHE E 198 -48.66 -1.82 -8.02
N ASP E 199 -48.52 -2.91 -7.27
CA ASP E 199 -47.61 -4.04 -7.55
C ASP E 199 -48.48 -5.32 -7.26
N PHE E 200 -48.39 -6.21 -8.23
CA PHE E 200 -49.17 -7.47 -8.10
C PHE E 200 -48.53 -8.52 -9.05
N PRO F 1 -66.89 -15.12 -20.52
CA PRO F 1 -66.01 -14.14 -19.82
C PRO F 1 -64.84 -14.89 -19.20
N ALA F 2 -63.83 -14.13 -18.81
CA ALA F 2 -62.60 -14.71 -18.21
C ALA F 2 -62.87 -15.22 -16.80
N GLN F 3 -62.07 -16.17 -16.36
CA GLN F 3 -62.18 -16.76 -15.02
C GLN F 3 -60.83 -16.65 -14.27
N ASP F 4 -60.93 -16.44 -12.97
CA ASP F 4 -59.74 -16.33 -12.10
C ASP F 4 -59.29 -17.75 -11.69
N ASN F 5 -58.49 -18.37 -12.51
CA ASN F 5 -58.01 -19.74 -12.21
C ASN F 5 -56.47 -19.83 -12.18
N SER F 6 -55.83 -18.69 -12.39
CA SER F 6 -54.37 -18.63 -12.42
C SER F 6 -53.76 -17.61 -11.44
N ARG F 7 -52.51 -17.92 -11.13
CA ARG F 7 -51.70 -17.04 -10.24
C ARG F 7 -50.41 -16.79 -11.06
N PHE F 8 -49.84 -15.64 -10.92
CA PHE F 8 -48.59 -15.32 -11.67
C PHE F 8 -47.51 -15.06 -10.63
N VAL F 9 -46.35 -15.63 -10.88
CA VAL F 9 -45.18 -15.48 -10.02
C VAL F 9 -44.87 -13.97 -9.87
N ILE F 10 -44.60 -13.57 -8.63
CA ILE F 10 -44.29 -12.18 -8.32
C ILE F 10 -43.13 -11.65 -9.15
N ARG F 11 -43.27 -10.43 -9.64
CA ARG F 11 -42.17 -9.84 -10.42
C ARG F 11 -40.99 -9.56 -9.48
N ASP F 12 -39.82 -9.70 -10.06
CA ASP F 12 -38.57 -9.38 -9.35
C ASP F 12 -38.21 -7.93 -9.78
N ARG F 13 -38.53 -7.01 -8.89
CA ARG F 13 -38.32 -5.61 -9.06
C ARG F 13 -36.88 -5.14 -8.97
N ASN F 14 -36.00 -6.05 -8.67
CA ASN F 14 -34.55 -5.83 -8.59
C ASN F 14 -33.91 -6.30 -9.87
N TRP F 15 -34.64 -7.12 -10.68
CA TRP F 15 -34.18 -7.62 -11.98
C TRP F 15 -34.49 -6.54 -13.04
N HIS F 16 -35.77 -6.17 -13.07
CA HIS F 16 -36.25 -5.11 -13.96
C HIS F 16 -35.50 -3.81 -13.44
N PRO F 17 -35.43 -2.85 -14.33
CA PRO F 17 -34.82 -1.53 -13.97
C PRO F 17 -35.75 -0.88 -12.97
N LYS F 18 -35.14 -0.07 -12.08
CA LYS F 18 -35.98 0.61 -11.04
C LYS F 18 -36.59 1.83 -11.79
N ALA F 19 -37.46 2.53 -11.09
CA ALA F 19 -38.11 3.75 -11.54
C ALA F 19 -37.11 4.91 -11.62
N LEU F 20 -36.32 5.12 -10.53
CA LEU F 20 -35.37 6.26 -10.61
C LEU F 20 -34.00 5.81 -11.08
N THR F 21 -33.59 6.26 -12.23
CA THR F 21 -32.22 5.89 -12.76
C THR F 21 -31.72 7.18 -13.37
N PRO F 22 -31.22 8.08 -12.49
CA PRO F 22 -30.81 9.39 -12.87
C PRO F 22 -30.03 9.62 -14.10
N ASP F 23 -29.22 8.70 -14.59
CA ASP F 23 -28.43 8.93 -15.82
C ASP F 23 -29.38 9.07 -17.04
N TYR F 24 -30.55 8.51 -16.84
CA TYR F 24 -31.64 8.51 -17.83
C TYR F 24 -32.53 9.69 -17.27
N LYS F 25 -32.12 10.88 -17.72
CA LYS F 25 -32.66 12.11 -17.20
C LYS F 25 -34.14 12.28 -17.01
N THR F 26 -34.89 11.89 -18.04
CA THR F 26 -36.36 12.04 -18.00
C THR F 26 -36.98 11.24 -16.86
N SER F 27 -36.27 10.19 -16.43
CA SER F 27 -36.89 9.37 -15.33
C SER F 27 -36.90 10.09 -14.02
N ILE F 28 -36.13 11.22 -13.94
CA ILE F 28 -36.09 11.92 -12.67
C ILE F 28 -37.48 12.39 -12.28
N ALA F 29 -38.12 13.08 -13.23
CA ALA F 29 -39.46 13.59 -12.96
C ALA F 29 -40.60 12.67 -13.23
N ARG F 30 -40.33 11.50 -13.81
CA ARG F 30 -41.38 10.52 -14.14
C ARG F 30 -41.37 9.27 -13.32
N SER F 31 -40.78 9.37 -12.11
CA SER F 31 -40.69 8.21 -11.18
C SER F 31 -41.41 8.59 -9.93
N PRO F 32 -42.21 7.72 -9.39
CA PRO F 32 -42.97 7.98 -8.15
C PRO F 32 -42.01 8.08 -6.97
N ARG F 33 -42.39 8.84 -5.97
CA ARG F 33 -41.56 8.93 -4.74
C ARG F 33 -42.16 8.04 -3.67
N GLN F 34 -43.42 7.65 -3.82
CA GLN F 34 -44.05 6.76 -2.84
C GLN F 34 -43.78 5.33 -3.29
N ALA F 35 -43.72 4.41 -2.32
CA ALA F 35 -43.50 3.00 -2.65
C ALA F 35 -44.80 2.47 -3.28
N LEU F 36 -44.65 1.49 -4.12
CA LEU F 36 -45.83 0.85 -4.79
C LEU F 36 -46.60 0.13 -3.67
N VAL F 37 -47.87 0.03 -3.82
CA VAL F 37 -48.75 -0.66 -2.87
C VAL F 37 -48.98 -2.08 -3.44
N SER F 38 -48.58 -3.09 -2.65
CA SER F 38 -48.81 -4.48 -3.16
C SER F 38 -50.23 -4.90 -2.92
N ILE F 39 -50.85 -5.59 -3.86
CA ILE F 39 -52.25 -6.10 -3.63
C ILE F 39 -52.25 -7.56 -4.09
N PRO F 40 -53.12 -8.33 -3.49
CA PRO F 40 -53.24 -9.75 -3.85
C PRO F 40 -53.84 -9.81 -5.25
N GLN F 41 -53.49 -10.85 -5.95
CA GLN F 41 -53.98 -11.10 -7.32
C GLN F 41 -55.46 -11.54 -7.25
N SER F 42 -56.23 -10.91 -8.10
CA SER F 42 -57.68 -11.25 -8.21
C SER F 42 -58.02 -11.34 -9.72
N ILE F 43 -59.26 -11.66 -10.02
CA ILE F 43 -59.69 -11.76 -11.43
C ILE F 43 -59.28 -10.55 -12.24
N SER F 44 -59.24 -9.38 -11.60
CA SER F 44 -58.86 -8.16 -12.31
C SER F 44 -57.47 -8.20 -12.90
N GLU F 45 -56.56 -8.78 -12.16
CA GLU F 45 -55.15 -8.85 -12.55
C GLU F 45 -54.76 -10.12 -13.26
N THR F 46 -55.46 -11.21 -13.07
CA THR F 46 -55.06 -12.49 -13.65
C THR F 46 -55.72 -12.86 -14.94
N THR F 47 -56.40 -11.90 -15.55
CA THR F 47 -57.08 -12.14 -16.83
C THR F 47 -56.56 -11.00 -17.74
N GLY F 48 -56.82 -11.17 -19.00
CA GLY F 48 -56.42 -10.15 -20.00
C GLY F 48 -57.11 -10.54 -21.34
N PRO F 49 -56.91 -9.64 -22.28
CA PRO F 49 -57.48 -9.82 -23.62
C PRO F 49 -56.76 -10.94 -24.38
N ASN F 50 -57.57 -11.64 -25.14
CA ASN F 50 -57.09 -12.71 -26.05
C ASN F 50 -57.30 -12.10 -27.46
N PHE F 51 -56.27 -12.02 -28.25
CA PHE F 51 -56.37 -11.39 -29.58
C PHE F 51 -56.51 -12.36 -30.73
N SER F 52 -56.96 -13.56 -30.46
CA SER F 52 -57.13 -14.59 -31.48
C SER F 52 -58.10 -14.20 -32.58
N HIS F 53 -59.06 -13.32 -32.32
CA HIS F 53 -59.99 -12.91 -33.36
C HIS F 53 -59.75 -11.55 -33.95
N LEU F 54 -58.60 -10.94 -33.66
CA LEU F 54 -58.28 -9.62 -34.24
C LEU F 54 -57.96 -9.93 -35.71
N GLY F 55 -58.45 -9.13 -36.62
CA GLY F 55 -58.20 -9.38 -38.05
C GLY F 55 -56.90 -8.78 -38.53
N PHE F 56 -55.85 -9.59 -38.54
CA PHE F 56 -54.52 -9.19 -38.99
C PHE F 56 -54.41 -9.17 -40.52
N GLY F 57 -53.74 -8.16 -41.05
CA GLY F 57 -53.49 -8.09 -42.49
C GLY F 57 -52.47 -9.19 -42.84
N ALA F 58 -52.36 -9.50 -44.11
CA ALA F 58 -51.44 -10.52 -44.62
C ALA F 58 -49.96 -10.17 -44.38
N HIS F 59 -49.68 -8.89 -44.38
CA HIS F 59 -48.30 -8.42 -44.17
C HIS F 59 -48.07 -7.69 -42.86
N ASP F 60 -48.90 -7.98 -41.86
CA ASP F 60 -48.82 -7.31 -40.56
C ASP F 60 -47.43 -7.46 -39.93
N HIS F 61 -46.85 -8.61 -40.15
CA HIS F 61 -45.52 -8.98 -39.63
C HIS F 61 -44.37 -8.78 -40.57
N ASP F 62 -44.59 -8.22 -41.76
CA ASP F 62 -43.53 -8.05 -42.77
C ASP F 62 -43.26 -6.59 -43.06
N LEU F 63 -42.29 -6.02 -42.36
CA LEU F 63 -41.96 -4.59 -42.54
C LEU F 63 -41.34 -4.27 -43.89
N LEU F 64 -41.03 -5.27 -44.69
CA LEU F 64 -40.47 -5.12 -46.02
C LEU F 64 -41.61 -4.80 -47.03
N LEU F 65 -42.80 -5.27 -46.72
CA LEU F 65 -43.95 -5.07 -47.59
C LEU F 65 -45.13 -4.33 -47.00
N ASN F 66 -45.14 -4.07 -45.71
CA ASN F 66 -46.30 -3.41 -45.13
C ASN F 66 -46.39 -1.92 -45.23
N PHE F 67 -45.45 -1.20 -45.79
CA PHE F 67 -45.58 0.27 -45.85
C PHE F 67 -45.73 0.67 -47.33
N GLY F 71 -41.68 0.39 -53.57
CA GLY F 71 -40.31 -0.13 -53.55
C GLY F 71 -40.02 -0.87 -52.24
N LEU F 72 -38.78 -1.32 -52.19
CA LEU F 72 -38.23 -2.06 -51.04
C LEU F 72 -37.41 -1.05 -50.22
N PRO F 73 -37.51 -1.23 -48.90
CA PRO F 73 -36.74 -0.37 -47.98
C PRO F 73 -35.23 -0.63 -48.20
N ILE F 74 -34.48 0.41 -47.86
CA ILE F 74 -33.01 0.33 -47.93
C ILE F 74 -32.52 -0.15 -46.56
N GLY F 75 -31.61 -1.09 -46.54
CA GLY F 75 -31.11 -1.56 -45.20
C GLY F 75 -30.85 -3.05 -45.22
N GLU F 76 -30.34 -3.51 -44.10
CA GLU F 76 -30.00 -4.93 -43.91
C GLU F 76 -31.25 -5.75 -43.69
N ARG F 77 -31.54 -6.61 -44.63
CA ARG F 77 -32.75 -7.47 -44.55
C ARG F 77 -32.46 -8.60 -43.49
N ILE F 78 -33.40 -8.67 -42.58
CA ILE F 78 -33.35 -9.66 -41.52
C ILE F 78 -34.74 -10.10 -41.13
N ILE F 79 -34.73 -11.27 -40.57
CA ILE F 79 -35.89 -11.90 -39.96
C ILE F 79 -35.53 -11.85 -38.42
N VAL F 80 -36.49 -11.54 -37.64
CA VAL F 80 -36.39 -11.56 -36.18
C VAL F 80 -37.52 -12.53 -35.76
N ALA F 81 -37.09 -13.63 -35.15
CA ALA F 81 -37.98 -14.66 -34.68
C ALA F 81 -37.59 -15.14 -33.28
N GLY F 82 -38.49 -15.88 -32.69
CA GLY F 82 -38.19 -16.45 -31.35
C GLY F 82 -39.46 -17.04 -30.82
N ARG F 83 -39.35 -17.42 -29.57
CA ARG F 83 -40.53 -18.04 -28.90
C ARG F 83 -40.85 -17.28 -27.63
N VAL F 84 -42.13 -17.23 -27.29
CA VAL F 84 -42.57 -16.59 -26.05
C VAL F 84 -42.94 -17.78 -25.11
N VAL F 85 -42.27 -17.82 -24.01
CA VAL F 85 -42.50 -18.84 -22.97
C VAL F 85 -42.74 -18.13 -21.62
N ASP F 86 -43.12 -18.89 -20.64
CA ASP F 86 -43.32 -18.36 -19.28
C ASP F 86 -42.08 -18.84 -18.49
N GLN F 87 -41.98 -18.36 -17.27
CA GLN F 87 -40.87 -18.66 -16.40
C GLN F 87 -40.76 -20.16 -16.17
N TYR F 88 -41.91 -20.86 -16.29
CA TYR F 88 -41.87 -22.30 -16.10
C TYR F 88 -41.39 -22.95 -17.41
N GLY F 89 -41.11 -22.16 -18.42
CA GLY F 89 -40.66 -22.69 -19.71
C GLY F 89 -41.81 -23.18 -20.58
N LYS F 90 -43.05 -22.89 -20.22
CA LYS F 90 -44.23 -23.33 -21.03
C LYS F 90 -44.46 -22.28 -22.11
N PRO F 91 -44.82 -22.70 -23.31
CA PRO F 91 -45.05 -21.78 -24.43
C PRO F 91 -46.33 -20.97 -24.23
N VAL F 92 -46.30 -19.74 -24.73
CA VAL F 92 -47.44 -18.84 -24.64
C VAL F 92 -48.02 -18.68 -26.05
N PRO F 93 -48.95 -19.55 -26.38
CA PRO F 93 -49.57 -19.54 -27.72
C PRO F 93 -50.61 -18.45 -27.93
N ASN F 94 -50.82 -18.04 -29.16
CA ASN F 94 -51.80 -17.06 -29.58
C ASN F 94 -51.72 -15.78 -28.73
N THR F 95 -50.53 -15.28 -28.58
CA THR F 95 -50.35 -14.07 -27.77
C THR F 95 -49.94 -12.98 -28.73
N LEU F 96 -50.28 -11.75 -28.41
CA LEU F 96 -49.97 -10.63 -29.27
C LEU F 96 -48.60 -10.04 -29.02
N VAL F 97 -47.83 -9.98 -30.12
CA VAL F 97 -46.52 -9.42 -30.16
C VAL F 97 -46.53 -8.21 -31.12
N GLU F 98 -46.18 -7.08 -30.60
CA GLU F 98 -46.11 -5.84 -31.40
C GLU F 98 -44.71 -5.25 -31.33
N MET F 99 -44.29 -4.67 -32.43
CA MET F 99 -42.92 -4.08 -32.48
C MET F 99 -42.98 -2.81 -33.30
N TRP F 100 -42.05 -1.93 -33.09
CA TRP F 100 -41.89 -0.64 -33.82
C TRP F 100 -40.39 -0.39 -33.79
N GLN F 101 -39.86 0.31 -34.76
CA GLN F 101 -38.40 0.56 -34.81
C GLN F 101 -38.15 1.73 -35.78
N ALA F 102 -36.93 2.18 -35.87
CA ALA F 102 -36.56 3.26 -36.82
C ALA F 102 -36.08 2.55 -38.10
N ASN F 103 -35.68 3.36 -39.05
CA ASN F 103 -35.16 2.98 -40.36
C ASN F 103 -33.66 2.68 -40.24
N ALA F 104 -33.06 2.30 -41.34
CA ALA F 104 -31.65 1.90 -41.37
C ALA F 104 -30.74 3.00 -40.83
N GLY F 105 -31.23 4.22 -40.84
CA GLY F 105 -30.51 5.40 -40.41
C GLY F 105 -30.81 5.92 -39.03
N GLY F 106 -31.73 5.28 -38.30
CA GLY F 106 -32.06 5.74 -36.96
C GLY F 106 -33.19 6.73 -36.90
N ARG F 107 -33.88 6.95 -37.98
CA ARG F 107 -35.02 7.85 -38.09
C ARG F 107 -36.36 7.15 -38.00
N TYR F 108 -37.22 7.67 -37.15
CA TYR F 108 -38.57 7.14 -36.92
C TYR F 108 -39.57 7.94 -37.79
N ARG F 109 -40.57 7.19 -38.21
CA ARG F 109 -41.68 7.83 -39.02
C ARG F 109 -42.64 8.33 -37.93
N HIS F 110 -42.24 9.44 -37.32
CA HIS F 110 -42.95 10.11 -36.23
C HIS F 110 -42.67 11.61 -36.32
N LYS F 111 -43.73 12.38 -36.19
CA LYS F 111 -43.78 13.84 -36.28
C LYS F 111 -42.66 14.51 -35.46
N ASN F 112 -42.61 14.03 -34.23
CA ASN F 112 -41.66 14.48 -33.22
C ASN F 112 -40.21 14.14 -33.54
N ASP F 113 -39.96 13.30 -34.53
CA ASP F 113 -38.55 12.93 -34.85
C ASP F 113 -37.96 13.83 -35.91
N ARG F 114 -37.06 14.70 -35.46
CA ARG F 114 -36.41 15.63 -36.39
C ARG F 114 -34.94 15.32 -36.60
N TYR F 115 -34.57 14.07 -36.42
CA TYR F 115 -33.16 13.65 -36.63
C TYR F 115 -32.88 13.90 -38.11
N LEU F 116 -31.66 14.26 -38.42
CA LEU F 116 -31.32 14.58 -39.80
C LEU F 116 -31.23 13.44 -40.77
N ALA F 117 -31.18 12.22 -40.29
CA ALA F 117 -31.16 11.02 -41.19
C ALA F 117 -32.58 11.02 -41.80
N PRO F 118 -32.59 10.84 -43.11
CA PRO F 118 -33.83 10.87 -43.87
C PRO F 118 -34.77 9.71 -43.64
N LEU F 119 -36.05 9.97 -43.94
CA LEU F 119 -37.10 8.94 -43.93
C LEU F 119 -36.84 8.04 -45.14
N ASP F 120 -37.28 6.83 -45.03
CA ASP F 120 -37.20 5.81 -46.09
C ASP F 120 -38.66 5.69 -46.62
N PRO F 121 -38.80 6.17 -47.85
CA PRO F 121 -40.06 6.18 -48.56
C PRO F 121 -40.81 4.84 -48.55
N ASN F 122 -40.11 3.73 -48.49
CA ASN F 122 -40.75 2.40 -48.50
C ASN F 122 -40.77 1.74 -47.12
N PHE F 123 -40.62 2.53 -46.07
CA PHE F 123 -40.58 1.88 -44.71
C PHE F 123 -41.40 2.65 -43.69
N GLY F 124 -42.25 1.90 -43.01
CA GLY F 124 -43.13 2.39 -41.95
C GLY F 124 -42.46 2.13 -40.57
N GLY F 125 -42.11 0.87 -40.33
CA GLY F 125 -41.45 0.48 -39.07
C GLY F 125 -42.39 -0.06 -38.02
N VAL F 126 -43.57 -0.51 -38.44
CA VAL F 126 -44.52 -1.08 -37.44
C VAL F 126 -44.84 -2.53 -37.83
N GLY F 127 -44.98 -3.40 -36.84
CA GLY F 127 -45.32 -4.80 -37.12
C GLY F 127 -46.07 -5.42 -35.96
N ARG F 128 -46.77 -6.52 -36.23
CA ARG F 128 -47.52 -7.28 -35.26
C ARG F 128 -47.64 -8.75 -35.73
N CYS F 129 -47.72 -9.61 -34.76
CA CYS F 129 -47.79 -11.08 -35.03
C CYS F 129 -48.38 -11.76 -33.82
N LEU F 130 -49.22 -12.72 -34.08
CA LEU F 130 -49.85 -13.51 -32.99
C LEU F 130 -49.05 -14.81 -32.92
N THR F 131 -48.53 -15.15 -31.74
CA THR F 131 -47.72 -16.37 -31.62
C THR F 131 -48.58 -17.58 -32.01
N ASP F 132 -47.90 -18.60 -32.47
CA ASP F 132 -48.51 -19.87 -32.90
C ASP F 132 -48.66 -20.79 -31.69
N SER F 133 -49.03 -22.02 -31.98
CA SER F 133 -49.28 -23.07 -31.02
C SER F 133 -48.11 -23.29 -30.09
N ASP F 134 -46.94 -23.14 -30.68
CA ASP F 134 -45.68 -23.31 -30.01
C ASP F 134 -45.09 -22.07 -29.38
N GLY F 135 -45.81 -20.98 -29.42
CA GLY F 135 -45.30 -19.72 -28.86
C GLY F 135 -44.30 -19.05 -29.82
N TYR F 136 -44.28 -19.45 -31.10
CA TYR F 136 -43.35 -18.83 -32.05
C TYR F 136 -43.96 -17.62 -32.76
N TYR F 137 -43.10 -16.64 -33.02
CA TYR F 137 -43.41 -15.42 -33.72
C TYR F 137 -42.24 -15.13 -34.67
N SER F 138 -42.51 -14.31 -35.65
CA SER F 138 -41.49 -13.92 -36.63
C SER F 138 -41.98 -12.68 -37.37
N PHE F 139 -41.01 -11.83 -37.65
CA PHE F 139 -41.06 -10.60 -38.33
C PHE F 139 -39.92 -10.58 -39.38
N ARG F 140 -40.20 -9.88 -40.41
CA ARG F 140 -39.17 -9.71 -41.48
C ARG F 140 -39.03 -8.18 -41.53
N THR F 141 -37.82 -7.71 -41.47
CA THR F 141 -37.62 -6.23 -41.44
C THR F 141 -36.20 -5.89 -41.82
N ILE F 142 -35.80 -4.66 -41.54
CA ILE F 142 -34.42 -4.20 -41.82
C ILE F 142 -33.84 -3.83 -40.44
N LYS F 143 -32.53 -4.02 -40.32
CA LYS F 143 -31.89 -3.70 -39.01
C LYS F 143 -31.86 -2.17 -38.84
N PRO F 144 -32.43 -1.71 -37.75
CA PRO F 144 -32.48 -0.29 -37.41
C PRO F 144 -31.07 0.24 -37.13
N GLY F 145 -30.88 1.54 -37.27
CA GLY F 145 -29.62 2.17 -36.98
C GLY F 145 -29.77 2.91 -35.61
N PRO F 146 -28.63 3.15 -35.03
CA PRO F 146 -28.60 3.86 -33.71
C PRO F 146 -29.04 5.31 -34.02
N TYR F 147 -29.37 6.04 -32.95
CA TYR F 147 -29.73 7.47 -33.16
C TYR F 147 -29.38 8.24 -31.84
N PRO F 148 -29.04 9.48 -32.08
CA PRO F 148 -28.67 10.38 -30.95
C PRO F 148 -29.94 10.82 -30.27
N TRP F 149 -29.80 11.27 -29.04
CA TRP F 149 -30.97 11.76 -28.25
C TRP F 149 -30.38 12.70 -27.18
N ARG F 150 -31.23 13.60 -26.77
CA ARG F 150 -30.82 14.64 -25.81
C ARG F 150 -30.89 14.16 -24.38
N ASN F 151 -29.82 13.54 -23.95
CA ASN F 151 -29.69 13.02 -22.56
C ASN F 151 -28.38 13.75 -22.12
N GLY F 152 -27.26 13.05 -22.19
CA GLY F 152 -25.98 13.75 -21.92
C GLY F 152 -25.69 14.43 -23.30
N PRO F 153 -24.62 15.18 -23.34
CA PRO F 153 -24.24 15.86 -24.59
C PRO F 153 -23.90 14.93 -25.74
N ASN F 154 -23.66 13.65 -25.57
CA ASN F 154 -23.30 12.80 -26.75
C ASN F 154 -23.81 11.38 -26.54
N ASP F 155 -25.07 11.25 -26.26
CA ASP F 155 -25.71 9.94 -26.01
C ASP F 155 -26.30 9.40 -27.31
N TRP F 156 -26.11 8.12 -27.50
CA TRP F 156 -26.60 7.35 -28.63
C TRP F 156 -27.28 6.05 -28.19
N ARG F 157 -28.51 5.92 -28.65
CA ARG F 157 -29.24 4.65 -28.34
C ARG F 157 -28.57 3.60 -29.28
N PRO F 158 -28.33 2.44 -28.75
CA PRO F 158 -27.83 1.33 -29.63
C PRO F 158 -29.06 0.98 -30.51
N ALA F 159 -28.75 0.39 -31.63
CA ALA F 159 -29.87 -0.09 -32.54
C ALA F 159 -30.71 -1.05 -31.68
N HIS F 160 -32.00 -0.85 -31.77
CA HIS F 160 -32.97 -1.69 -31.03
C HIS F 160 -34.32 -1.68 -31.75
N ILE F 161 -35.12 -2.63 -31.39
CA ILE F 161 -36.47 -2.84 -31.86
C ILE F 161 -37.36 -2.83 -30.61
N HIS F 162 -38.39 -2.05 -30.60
CA HIS F 162 -39.32 -2.00 -29.44
C HIS F 162 -40.30 -3.16 -29.59
N PHE F 163 -40.54 -3.81 -28.44
CA PHE F 163 -41.46 -4.96 -28.40
C PHE F 163 -42.51 -4.74 -27.29
N GLY F 164 -43.72 -5.15 -27.56
CA GLY F 164 -44.88 -5.11 -26.66
C GLY F 164 -45.47 -6.55 -26.74
N ILE F 165 -45.57 -7.21 -25.61
CA ILE F 165 -46.09 -8.58 -25.55
C ILE F 165 -47.25 -8.60 -24.55
N SER F 166 -48.37 -9.19 -24.94
CA SER F 166 -49.54 -9.26 -24.09
C SER F 166 -49.49 -10.33 -22.99
N GLY F 167 -49.31 -11.55 -23.42
CA GLY F 167 -49.31 -12.73 -22.52
C GLY F 167 -50.78 -12.98 -22.14
N PRO F 168 -51.00 -13.92 -21.24
CA PRO F 168 -52.31 -14.32 -20.77
C PRO F 168 -53.06 -13.34 -19.91
N SER F 169 -52.39 -12.31 -19.38
CA SER F 169 -53.15 -11.36 -18.49
C SER F 169 -52.48 -10.00 -18.43
N ILE F 170 -53.15 -9.05 -17.78
CA ILE F 170 -52.59 -7.72 -17.63
C ILE F 170 -51.34 -7.82 -16.73
N ALA F 171 -51.29 -8.92 -15.96
CA ALA F 171 -50.15 -9.16 -15.06
C ALA F 171 -48.87 -9.49 -15.83
N THR F 172 -49.03 -10.19 -16.96
CA THR F 172 -47.90 -10.58 -17.78
C THR F 172 -47.47 -9.55 -18.82
N LYS F 173 -48.33 -8.56 -19.10
CA LYS F 173 -48.02 -7.61 -20.19
C LYS F 173 -46.71 -6.94 -19.98
N LEU F 174 -45.95 -6.81 -21.06
CA LEU F 174 -44.62 -6.19 -20.99
C LEU F 174 -44.21 -5.44 -22.25
N ILE F 175 -43.49 -4.32 -22.01
CA ILE F 175 -42.87 -3.56 -23.04
C ILE F 175 -41.34 -3.61 -22.79
N THR F 176 -40.64 -3.96 -23.85
CA THR F 176 -39.18 -4.01 -23.76
C THR F 176 -38.54 -3.55 -25.05
N GLN F 177 -37.21 -3.69 -25.10
CA GLN F 177 -36.38 -3.31 -26.25
C GLN F 177 -35.43 -4.47 -26.52
N LEU F 178 -35.28 -4.79 -27.79
CA LEU F 178 -34.34 -5.86 -28.21
C LEU F 178 -33.09 -5.11 -28.71
N TYR F 179 -31.93 -5.64 -28.48
CA TYR F 179 -30.66 -5.04 -28.90
C TYR F 179 -29.91 -6.14 -29.70
N PHE F 180 -28.91 -5.75 -30.47
CA PHE F 180 -28.23 -6.74 -31.31
C PHE F 180 -26.85 -7.17 -30.85
N GLU F 181 -26.63 -8.45 -30.87
CA GLU F 181 -25.38 -9.12 -30.52
C GLU F 181 -24.17 -8.37 -31.03
N GLY F 182 -23.25 -8.07 -30.13
CA GLY F 182 -22.03 -7.37 -30.32
C GLY F 182 -22.04 -5.89 -30.52
N ASP F 183 -23.19 -5.21 -30.48
CA ASP F 183 -23.20 -3.72 -30.71
C ASP F 183 -22.40 -3.02 -29.58
N PRO F 184 -21.40 -2.27 -29.99
CA PRO F 184 -20.54 -1.59 -28.99
C PRO F 184 -21.24 -0.53 -28.19
N LEU F 185 -22.37 0.01 -28.68
CA LEU F 185 -23.12 1.04 -28.01
C LEU F 185 -23.87 0.54 -26.76
N ILE F 186 -24.18 -0.73 -26.69
CA ILE F 186 -24.95 -1.29 -25.60
C ILE F 186 -24.51 -0.97 -24.20
N PRO F 187 -23.22 -1.16 -23.94
CA PRO F 187 -22.66 -0.88 -22.58
C PRO F 187 -22.64 0.57 -22.18
N MET F 188 -22.72 1.49 -23.08
CA MET F 188 -22.71 2.93 -22.88
C MET F 188 -24.08 3.56 -22.74
N CYS F 189 -25.13 2.82 -23.02
CA CYS F 189 -26.48 3.44 -22.96
C CYS F 189 -27.09 3.53 -21.58
N PRO F 190 -27.53 4.74 -21.26
CA PRO F 190 -28.18 5.08 -20.00
C PRO F 190 -29.45 4.30 -19.78
N ILE F 191 -30.21 3.98 -20.82
CA ILE F 191 -31.45 3.21 -20.72
C ILE F 191 -31.20 1.73 -20.44
N VAL F 192 -30.19 1.20 -21.10
CA VAL F 192 -29.76 -0.20 -20.91
C VAL F 192 -29.31 -0.31 -19.44
N LYS F 193 -28.54 0.68 -19.02
CA LYS F 193 -28.00 0.77 -17.67
C LYS F 193 -29.02 0.96 -16.59
N SER F 194 -30.28 1.20 -16.98
CA SER F 194 -31.38 1.30 -16.03
C SER F 194 -31.46 -0.08 -15.34
N ILE F 195 -30.97 -1.09 -16.07
CA ILE F 195 -30.93 -2.46 -15.58
C ILE F 195 -29.63 -2.63 -14.77
N ALA F 196 -29.76 -2.86 -13.48
CA ALA F 196 -28.62 -3.02 -12.60
C ALA F 196 -27.83 -4.29 -12.82
N ASN F 197 -28.47 -5.39 -13.16
CA ASN F 197 -27.81 -6.68 -13.36
C ASN F 197 -27.45 -6.97 -14.81
N PRO F 198 -26.15 -7.12 -15.05
CA PRO F 198 -25.62 -7.41 -16.37
C PRO F 198 -26.20 -8.67 -16.97
N GLU F 199 -26.59 -9.59 -16.08
CA GLU F 199 -27.19 -10.84 -16.56
C GLU F 199 -28.57 -10.57 -17.15
N ALA F 200 -29.24 -9.58 -16.60
CA ALA F 200 -30.59 -9.17 -17.04
C ALA F 200 -30.48 -8.56 -18.45
N VAL F 201 -29.40 -7.81 -18.64
CA VAL F 201 -29.09 -7.15 -19.88
C VAL F 201 -28.96 -8.15 -21.03
N GLN F 202 -28.26 -9.24 -20.78
CA GLN F 202 -27.99 -10.29 -21.75
C GLN F 202 -29.27 -10.83 -22.35
N GLN F 203 -30.31 -10.85 -21.53
CA GLN F 203 -31.62 -11.36 -21.91
C GLN F 203 -32.23 -10.51 -23.03
N LEU F 204 -31.76 -9.28 -23.19
CA LEU F 204 -32.27 -8.33 -24.16
C LEU F 204 -31.51 -8.30 -25.49
N ILE F 205 -30.45 -9.13 -25.55
CA ILE F 205 -29.63 -9.17 -26.75
C ILE F 205 -30.05 -10.28 -27.70
N ALA F 206 -30.48 -9.92 -28.89
CA ALA F 206 -30.90 -11.00 -29.89
C ALA F 206 -29.63 -11.61 -30.47
N LYS F 207 -29.56 -12.92 -30.63
CA LYS F 207 -28.38 -13.56 -31.19
C LYS F 207 -28.51 -13.75 -32.70
N LEU F 208 -27.38 -13.65 -33.36
CA LEU F 208 -27.35 -13.89 -34.83
C LEU F 208 -27.80 -15.35 -35.04
N ASP F 209 -28.65 -15.56 -36.01
CA ASP F 209 -29.11 -17.00 -36.20
C ASP F 209 -28.93 -17.40 -37.65
N MET F 210 -27.74 -17.85 -38.02
CA MET F 210 -27.42 -18.28 -39.35
C MET F 210 -28.29 -19.41 -39.86
N ASN F 211 -28.82 -20.17 -38.94
CA ASN F 211 -29.65 -21.34 -39.14
C ASN F 211 -31.03 -20.98 -39.72
N ASN F 212 -31.52 -19.86 -39.35
CA ASN F 212 -32.81 -19.33 -39.75
C ASN F 212 -32.73 -18.35 -40.91
N ALA F 213 -31.53 -18.07 -41.40
CA ALA F 213 -31.38 -17.14 -42.49
C ALA F 213 -31.71 -17.80 -43.86
N ASN F 214 -32.07 -16.91 -44.78
CA ASN F 214 -32.35 -17.32 -46.18
C ASN F 214 -31.10 -16.97 -47.00
N PRO F 215 -30.34 -18.00 -47.36
CA PRO F 215 -29.12 -17.82 -48.16
C PRO F 215 -29.38 -16.86 -49.33
N MET F 216 -28.46 -16.00 -49.59
CA MET F 216 -28.47 -14.99 -50.65
C MET F 216 -29.68 -14.05 -50.53
N ASP F 217 -30.21 -13.93 -49.32
CA ASP F 217 -31.41 -13.11 -49.11
C ASP F 217 -31.38 -12.22 -47.88
N CYS F 218 -31.52 -12.84 -46.72
CA CYS F 218 -31.52 -12.08 -45.45
C CYS F 218 -30.96 -12.93 -44.30
N LEU F 219 -30.48 -12.14 -43.32
CA LEU F 219 -29.95 -12.79 -42.08
C LEU F 219 -31.16 -12.94 -41.15
N ALA F 220 -30.91 -13.47 -39.98
CA ALA F 220 -31.89 -13.73 -38.95
C ALA F 220 -31.23 -13.58 -37.55
N TYR F 221 -32.11 -13.15 -36.68
CA TYR F 221 -31.74 -12.96 -35.26
C TYR F 221 -32.86 -13.71 -34.49
N ARG F 222 -32.47 -14.26 -33.37
CA ARG F 222 -33.32 -15.00 -32.47
C ARG F 222 -33.48 -14.21 -31.17
N PHE F 223 -34.71 -14.05 -30.76
CA PHE F 223 -35.05 -13.29 -29.52
C PHE F 223 -36.19 -14.03 -28.82
N ASP F 224 -35.89 -14.74 -27.77
CA ASP F 224 -36.91 -15.47 -26.97
C ASP F 224 -37.34 -14.52 -25.83
N ILE F 225 -38.60 -14.62 -25.49
CA ILE F 225 -39.18 -13.76 -24.47
C ILE F 225 -39.78 -14.63 -23.39
N VAL F 226 -39.47 -14.26 -22.17
CA VAL F 226 -40.00 -15.01 -21.00
C VAL F 226 -40.90 -14.05 -20.19
N LEU F 227 -42.13 -14.49 -20.08
CA LEU F 227 -43.20 -13.81 -19.34
C LEU F 227 -43.31 -14.48 -17.95
N ARG F 228 -43.98 -13.77 -17.06
CA ARG F 228 -44.17 -14.28 -15.66
C ARG F 228 -44.78 -15.68 -15.71
N GLY F 229 -44.28 -16.52 -14.79
CA GLY F 229 -44.71 -17.90 -14.66
C GLY F 229 -46.19 -17.96 -14.20
N GLN F 230 -46.92 -18.80 -14.88
CA GLN F 230 -48.36 -19.00 -14.62
C GLN F 230 -48.56 -20.36 -13.94
N ARG F 231 -49.31 -20.38 -12.87
CA ARG F 231 -49.55 -21.63 -12.13
C ARG F 231 -50.99 -21.62 -11.67
N LYS F 232 -51.47 -22.81 -11.33
CA LYS F 232 -52.89 -22.90 -10.85
C LYS F 232 -52.88 -22.48 -9.37
N THR F 233 -54.02 -22.04 -8.92
CA THR F 233 -54.23 -21.64 -7.53
C THR F 233 -54.19 -22.98 -6.74
N HIS F 234 -53.80 -22.87 -5.51
CA HIS F 234 -53.73 -24.07 -4.63
C HIS F 234 -53.95 -23.59 -3.21
N PHE F 235 -54.64 -24.43 -2.46
CA PHE F 235 -54.97 -24.22 -1.07
C PHE F 235 -55.38 -22.80 -0.73
N GLU F 236 -56.09 -22.15 -1.64
CA GLU F 236 -56.49 -20.76 -1.35
C GLU F 236 -57.67 -20.66 -0.44
N PRO G 1 8.31 -26.21 15.54
CA PRO G 1 8.81 -25.61 16.76
C PRO G 1 7.82 -24.52 17.24
N ILE G 2 7.86 -24.27 18.52
CA ILE G 2 7.03 -23.21 19.14
C ILE G 2 7.71 -21.87 18.75
N GLU G 3 6.89 -20.91 18.38
CA GLU G 3 7.43 -19.57 18.03
C GLU G 3 6.63 -18.56 18.85
N LEU G 4 7.31 -17.61 19.45
CA LEU G 4 6.60 -16.58 20.27
C LEU G 4 6.44 -15.32 19.42
N LEU G 5 5.93 -14.28 20.01
CA LEU G 5 5.86 -12.98 19.29
C LEU G 5 7.33 -12.57 19.12
N PRO G 6 7.65 -12.08 17.95
CA PRO G 6 9.03 -11.62 17.69
C PRO G 6 9.26 -10.31 18.49
N GLU G 7 10.51 -10.11 18.87
CA GLU G 7 10.88 -8.86 19.61
C GLU G 7 10.98 -7.71 18.61
N THR G 8 10.58 -6.53 19.06
CA THR G 8 10.66 -5.32 18.19
C THR G 8 12.14 -5.19 17.81
N PRO G 9 12.39 -5.03 16.51
CA PRO G 9 13.77 -4.91 16.03
C PRO G 9 14.39 -3.56 16.50
N SER G 10 15.68 -3.63 16.69
CA SER G 10 16.46 -2.45 17.11
C SER G 10 16.72 -1.55 15.89
N GLN G 11 17.09 -0.29 16.24
CA GLN G 11 17.49 0.69 15.21
C GLN G 11 18.57 1.55 15.93
N THR G 12 19.44 2.10 15.15
CA THR G 12 20.54 2.93 15.64
C THR G 12 19.90 4.08 16.44
N ALA G 13 20.69 4.51 17.46
CA ALA G 13 20.23 5.61 18.29
C ALA G 13 20.25 6.88 17.42
N GLY G 14 21.21 6.91 16.49
CA GLY G 14 21.40 8.04 15.58
C GLY G 14 22.24 9.13 16.24
N PRO G 15 22.55 10.17 15.45
CA PRO G 15 23.39 11.29 15.92
C PRO G 15 22.81 12.19 16.98
N TYR G 16 21.53 12.29 17.15
CA TYR G 16 20.88 13.16 18.14
C TYR G 16 20.35 12.52 19.37
N VAL G 17 20.88 11.35 19.72
CA VAL G 17 20.46 10.60 20.89
C VAL G 17 20.51 11.44 22.17
N HIS G 18 21.43 12.39 22.21
CA HIS G 18 21.62 13.24 23.37
C HIS G 18 20.39 14.04 23.78
N ILE G 19 19.65 14.48 22.78
CA ILE G 19 18.44 15.26 23.07
C ILE G 19 17.45 14.47 23.88
N GLY G 20 17.38 13.16 23.61
CA GLY G 20 16.44 12.32 24.36
C GLY G 20 16.99 11.75 25.66
N LEU G 21 18.26 11.35 25.60
CA LEU G 21 18.89 10.69 26.76
C LEU G 21 20.06 11.37 27.41
N ALA G 22 20.46 12.53 27.01
CA ALA G 22 21.62 13.23 27.59
C ALA G 22 21.45 14.73 27.35
N LEU G 23 20.38 15.24 27.93
CA LEU G 23 19.93 16.62 27.82
C LEU G 23 21.05 17.63 27.94
N GLU G 24 21.71 17.59 29.07
CA GLU G 24 22.85 18.47 29.37
C GLU G 24 23.79 18.41 28.16
N ALA G 25 24.19 17.19 27.81
CA ALA G 25 25.09 16.98 26.67
C ALA G 25 24.63 17.53 25.37
N ALA G 26 23.35 17.53 25.05
CA ALA G 26 22.85 18.09 23.77
C ALA G 26 22.90 19.63 23.88
N GLY G 27 23.08 20.05 25.12
CA GLY G 27 23.13 21.48 25.46
C GLY G 27 21.69 22.06 25.43
N ASN G 28 20.78 21.27 25.99
CA ASN G 28 19.38 21.67 26.11
C ASN G 28 19.12 21.72 27.63
N PRO G 29 18.17 22.55 27.99
CA PRO G 29 17.77 22.70 29.40
C PRO G 29 17.36 21.29 29.86
N THR G 30 17.68 20.97 31.07
CA THR G 30 17.33 19.62 31.61
C THR G 30 16.03 19.76 32.41
N ARG G 31 15.55 18.61 32.83
CA ARG G 31 14.32 18.51 33.67
C ARG G 31 14.75 18.42 35.13
N ASP G 32 13.81 18.40 36.03
CA ASP G 32 14.06 18.32 37.47
C ASP G 32 14.95 17.14 37.79
N GLN G 33 14.58 15.97 37.25
CA GLN G 33 15.38 14.75 37.54
C GLN G 33 15.84 14.13 36.22
N GLU G 34 17.13 13.95 36.15
CA GLU G 34 17.81 13.33 35.00
C GLU G 34 18.67 12.17 35.45
N ILE G 35 18.76 11.17 34.59
CA ILE G 35 19.60 9.97 34.83
C ILE G 35 20.96 10.30 34.24
N TRP G 36 21.95 10.49 35.14
CA TRP G 36 23.28 10.87 34.64
C TRP G 36 24.42 10.00 35.08
N ASN G 37 25.61 10.56 35.05
CA ASN G 37 26.88 9.95 35.34
C ASN G 37 27.42 9.88 36.74
N ARG G 38 26.63 10.15 37.74
CA ARG G 38 27.06 10.11 39.16
C ARG G 38 26.24 9.09 39.91
N LEU G 39 26.76 7.86 39.99
CA LEU G 39 26.10 6.76 40.65
C LEU G 39 26.17 6.78 42.17
N ALA G 40 27.21 7.44 42.67
CA ALA G 40 27.42 7.50 44.13
C ALA G 40 27.54 8.93 44.64
N LYS G 41 26.88 9.12 45.75
CA LYS G 41 26.98 10.45 46.45
C LYS G 41 28.21 10.25 47.36
N PRO G 42 28.82 11.35 47.73
CA PRO G 42 30.01 11.36 48.59
C PRO G 42 29.91 10.46 49.79
N ASP G 43 28.76 10.35 50.39
CA ASP G 43 28.55 9.52 51.58
C ASP G 43 28.27 8.05 51.30
N ALA G 44 28.44 7.62 50.08
CA ALA G 44 28.18 6.20 49.71
C ALA G 44 29.37 5.37 50.18
N PRO G 45 29.05 4.21 50.72
CA PRO G 45 30.07 3.26 51.22
C PRO G 45 30.82 2.69 50.03
N GLY G 46 32.04 2.26 50.27
CA GLY G 46 32.90 1.66 49.25
C GLY G 46 33.98 2.63 48.81
N GLU G 47 34.85 2.16 47.92
CA GLU G 47 35.96 2.98 47.41
C GLU G 47 35.45 3.78 46.19
N HIS G 48 35.47 5.08 46.34
CA HIS G 48 35.06 6.03 45.31
C HIS G 48 36.12 6.09 44.21
N ILE G 49 35.64 5.89 43.00
CA ILE G 49 36.49 5.90 41.82
C ILE G 49 35.89 6.70 40.66
N LEU G 50 36.84 7.04 39.80
CA LEU G 50 36.53 7.76 38.58
C LEU G 50 36.84 6.85 37.38
N LEU G 51 35.81 6.78 36.56
CA LEU G 51 35.86 6.00 35.30
C LEU G 51 35.83 7.02 34.14
N LEU G 52 36.73 6.78 33.22
CA LEU G 52 36.85 7.61 32.01
C LEU G 52 37.36 6.75 30.87
N GLY G 53 37.05 7.19 29.66
CA GLY G 53 37.45 6.47 28.47
C GLY G 53 37.02 7.20 27.21
N GLN G 54 37.62 6.65 26.16
CA GLN G 54 37.35 7.15 24.79
C GLN G 54 36.87 5.95 23.97
N VAL G 55 36.14 6.25 22.93
CA VAL G 55 35.59 5.20 22.03
C VAL G 55 36.18 5.41 20.65
N TYR G 56 36.67 4.34 20.06
CA TYR G 56 37.28 4.39 18.74
C TYR G 56 36.56 3.51 17.71
N ASP G 57 36.62 4.04 16.52
CA ASP G 57 36.04 3.35 15.33
C ASP G 57 37.14 2.51 14.69
N GLY G 58 36.76 1.79 13.64
CA GLY G 58 37.62 0.90 12.91
C GLY G 58 38.81 1.59 12.26
N ASN G 59 38.75 2.88 12.13
CA ASN G 59 39.79 3.69 11.52
C ASN G 59 40.69 4.32 12.64
N GLY G 60 40.41 3.96 13.87
CA GLY G 60 41.17 4.49 15.01
C GLY G 60 40.83 5.96 15.26
N HIS G 61 39.67 6.38 14.85
CA HIS G 61 39.14 7.73 15.01
C HIS G 61 38.11 7.71 16.15
N LEU G 62 38.20 8.76 16.95
CA LEU G 62 37.34 8.94 18.12
C LEU G 62 35.85 9.00 17.70
N VAL G 63 35.06 8.31 18.50
CA VAL G 63 33.59 8.31 18.35
C VAL G 63 33.12 9.39 19.36
N ARG G 64 32.74 10.49 18.79
CA ARG G 64 32.31 11.66 19.55
C ARG G 64 30.83 11.78 19.78
N ASP G 65 30.04 10.78 19.45
CA ASP G 65 28.58 10.88 19.60
C ASP G 65 28.03 9.63 20.29
N SER G 66 28.92 8.98 21.03
CA SER G 66 28.51 7.75 21.72
C SER G 66 27.70 8.07 22.95
N PHE G 67 26.87 7.09 23.31
CA PHE G 67 26.01 7.14 24.48
C PHE G 67 26.22 5.79 25.19
N LEU G 68 26.46 5.85 26.49
CA LEU G 68 26.70 4.60 27.23
C LEU G 68 25.83 4.47 28.46
N GLU G 69 25.45 3.21 28.72
CA GLU G 69 24.66 2.91 29.93
C GLU G 69 25.48 1.87 30.72
N VAL G 70 25.46 2.06 32.04
CA VAL G 70 26.16 1.19 32.98
C VAL G 70 25.21 0.62 34.02
N TRP G 71 25.55 -0.57 34.44
CA TRP G 71 24.83 -1.33 35.47
C TRP G 71 25.90 -2.09 36.29
N GLN G 72 25.93 -1.81 37.56
CA GLN G 72 26.92 -2.43 38.47
C GLN G 72 26.32 -2.63 39.85
N ALA G 73 26.96 -3.50 40.60
CA ALA G 73 26.55 -3.78 42.01
C ALA G 73 27.22 -2.71 42.89
N ASP G 74 26.69 -2.56 44.07
CA ASP G 74 27.24 -1.62 45.08
C ASP G 74 28.50 -2.30 45.66
N ALA G 75 29.17 -1.56 46.57
CA ALA G 75 30.37 -2.11 47.20
C ALA G 75 30.11 -3.43 47.91
N ASN G 76 28.89 -3.76 48.29
CA ASN G 76 28.62 -5.02 48.96
C ASN G 76 28.26 -6.14 47.97
N GLY G 77 28.35 -5.81 46.71
CA GLY G 77 28.04 -6.80 45.66
C GLY G 77 26.53 -6.95 45.51
N GLU G 78 25.80 -5.88 45.79
CA GLU G 78 24.35 -5.88 45.63
C GLU G 78 23.88 -4.94 44.54
N TYR G 79 22.91 -5.44 43.78
CA TYR G 79 22.33 -4.64 42.68
C TYR G 79 21.13 -3.86 43.26
N GLN G 80 21.28 -2.56 43.21
CA GLN G 80 20.27 -1.61 43.71
C GLN G 80 19.38 -1.20 42.54
N ASP G 81 18.25 -1.87 42.39
CA ASP G 81 17.34 -1.64 41.28
C ASP G 81 16.37 -0.49 41.44
N ALA G 82 16.07 -0.11 42.66
CA ALA G 82 15.12 1.02 42.87
C ALA G 82 15.85 2.33 42.63
N TYR G 83 15.77 2.84 41.40
CA TYR G 83 16.42 4.09 41.01
C TYR G 83 15.78 5.29 41.72
N ASN G 84 16.65 6.03 42.36
CA ASN G 84 16.15 7.23 43.13
C ASN G 84 17.33 8.17 43.35
N LEU G 85 17.10 9.44 43.00
CA LEU G 85 18.13 10.48 43.10
C LEU G 85 18.49 10.76 44.56
N GLU G 86 17.60 10.37 45.45
CA GLU G 86 17.80 10.53 46.89
C GLU G 86 18.83 9.53 47.38
N ASN G 87 18.91 8.40 46.70
CA ASN G 87 19.80 7.30 47.02
C ASN G 87 21.26 7.76 47.08
N ALA G 88 21.99 7.13 47.99
CA ALA G 88 23.42 7.42 48.18
C ALA G 88 24.20 6.73 47.06
N PHE G 89 23.59 5.67 46.52
CA PHE G 89 24.13 4.90 45.41
C PHE G 89 23.02 4.35 44.49
N ASN G 90 23.27 4.52 43.22
CA ASN G 90 22.35 3.95 42.18
C ASN G 90 23.25 2.99 41.38
N SER G 91 22.76 1.78 41.13
CA SER G 91 23.47 0.78 40.35
C SER G 91 23.48 1.15 38.84
N PHE G 92 22.59 2.04 38.48
CA PHE G 92 22.44 2.48 37.10
C PHE G 92 22.81 3.93 36.85
N GLY G 93 23.49 4.09 35.70
CA GLY G 93 23.89 5.43 35.25
C GLY G 93 24.01 5.50 33.72
N ARG G 94 24.26 6.72 33.30
CA ARG G 94 24.46 7.08 31.91
C ARG G 94 25.55 8.15 31.78
N THR G 95 26.19 8.05 30.62
CA THR G 95 27.29 8.88 30.21
C THR G 95 27.38 8.97 28.69
N ALA G 96 28.17 9.89 28.22
CA ALA G 96 28.32 10.11 26.78
C ALA G 96 29.66 10.75 26.46
N THR G 97 30.07 10.64 25.20
CA THR G 97 31.34 11.22 24.76
C THR G 97 31.22 12.68 24.34
N THR G 98 32.28 13.44 24.75
CA THR G 98 32.33 14.85 24.41
C THR G 98 32.43 15.02 22.87
N PHE G 99 31.70 15.99 22.40
CA PHE G 99 31.73 16.35 20.96
C PHE G 99 33.17 16.86 20.68
N ASP G 100 33.79 17.42 21.69
CA ASP G 100 35.18 17.92 21.64
C ASP G 100 36.20 16.79 21.85
N ALA G 101 36.68 16.69 23.08
CA ALA G 101 37.67 15.69 23.53
C ALA G 101 37.21 14.26 23.28
N GLY G 102 35.91 14.06 23.43
CA GLY G 102 35.31 12.75 23.20
C GLY G 102 35.64 11.76 24.29
N GLU G 103 35.70 12.25 25.51
CA GLU G 103 35.98 11.32 26.63
C GLU G 103 34.76 11.29 27.53
N TRP G 104 34.42 10.13 28.02
CA TRP G 104 33.25 10.06 28.92
C TRP G 104 33.84 9.88 30.32
N THR G 105 33.04 10.17 31.29
CA THR G 105 33.46 10.00 32.70
C THR G 105 32.25 9.52 33.49
N LEU G 106 32.55 8.75 34.49
CA LEU G 106 31.55 8.18 35.41
C LEU G 106 32.13 8.29 36.84
N HIS G 107 31.26 8.67 37.74
CA HIS G 107 31.60 8.79 39.19
C HIS G 107 30.82 7.71 39.91
N THR G 108 31.52 6.77 40.50
CA THR G 108 30.84 5.63 41.17
C THR G 108 31.78 5.02 42.21
N VAL G 109 31.49 3.80 42.60
CA VAL G 109 32.33 3.06 43.53
C VAL G 109 32.68 1.71 42.89
N LYS G 110 33.78 1.16 43.36
CA LYS G 110 34.26 -0.15 42.91
C LYS G 110 33.22 -1.18 43.37
N PRO G 111 32.65 -1.90 42.40
CA PRO G 111 31.61 -2.89 42.66
C PRO G 111 32.09 -4.08 43.51
N GLY G 112 31.20 -4.60 44.31
CA GLY G 112 31.49 -5.79 45.11
C GLY G 112 31.33 -6.99 44.12
N VAL G 113 31.71 -8.15 44.60
CA VAL G 113 31.66 -9.41 43.86
C VAL G 113 30.25 -10.01 43.87
N VAL G 114 29.89 -10.60 42.73
CA VAL G 114 28.60 -11.25 42.57
C VAL G 114 28.85 -12.63 41.93
N ASN G 115 28.02 -13.57 42.32
CA ASN G 115 28.13 -14.95 41.82
C ASN G 115 27.24 -15.10 40.56
N ASN G 116 27.65 -16.01 39.73
CA ASN G 116 26.93 -16.41 38.52
C ASN G 116 25.85 -17.41 38.97
N ALA G 117 25.07 -17.82 38.00
CA ALA G 117 23.96 -18.76 38.22
C ALA G 117 24.44 -20.03 38.88
N ALA G 118 25.60 -20.55 38.54
CA ALA G 118 26.11 -21.79 39.14
C ALA G 118 26.69 -21.57 40.52
N GLY G 119 26.63 -20.37 41.06
CA GLY G 119 27.18 -20.03 42.37
C GLY G 119 28.65 -19.70 42.34
N VAL G 120 29.24 -19.52 41.19
CA VAL G 120 30.68 -19.19 41.09
C VAL G 120 30.83 -17.67 41.06
N PRO G 121 31.74 -17.17 41.89
CA PRO G 121 31.98 -15.72 41.97
C PRO G 121 32.60 -15.18 40.70
N MET G 122 32.09 -14.03 40.32
CA MET G 122 32.55 -13.30 39.12
C MET G 122 33.48 -12.19 39.63
N ALA G 123 34.47 -11.88 38.80
CA ALA G 123 35.42 -10.77 39.27
C ALA G 123 34.62 -9.48 39.20
N PRO G 124 34.96 -8.50 40.03
CA PRO G 124 34.28 -7.20 40.05
C PRO G 124 34.20 -6.66 38.60
N HIS G 125 32.99 -6.27 38.23
CA HIS G 125 32.80 -5.73 36.85
C HIS G 125 31.64 -4.75 36.80
N ILE G 126 31.68 -3.97 35.72
CA ILE G 126 30.64 -2.97 35.42
C ILE G 126 30.08 -3.41 34.03
N ASN G 127 28.79 -3.58 33.95
CA ASN G 127 28.20 -4.04 32.63
C ASN G 127 27.94 -2.76 31.80
N ILE G 128 28.44 -2.72 30.62
CA ILE G 128 28.27 -1.59 29.71
C ILE G 128 27.52 -1.96 28.41
N SER G 129 26.70 -0.99 28.01
CA SER G 129 25.92 -1.02 26.78
C SER G 129 26.28 0.28 26.03
N LEU G 130 26.74 0.11 24.83
CA LEU G 130 27.17 1.20 23.95
C LEU G 130 26.21 1.46 22.77
N PHE G 131 25.87 2.72 22.57
CA PHE G 131 24.94 3.17 21.52
C PHE G 131 25.55 4.38 20.79
N ALA G 132 25.22 4.45 19.49
CA ALA G 132 25.66 5.54 18.63
C ALA G 132 25.13 5.36 17.18
N ARG G 133 25.32 6.46 16.45
CA ARG G 133 24.99 6.43 14.99
C ARG G 133 25.98 5.39 14.39
N GLY G 134 25.51 4.62 13.43
CA GLY G 134 26.41 3.59 12.83
C GLY G 134 26.28 2.27 13.57
N ILE G 135 25.64 2.30 14.71
CA ILE G 135 25.42 1.08 15.52
C ILE G 135 23.97 0.70 15.51
N ASN G 136 23.65 -0.36 14.75
CA ASN G 136 22.27 -0.82 14.57
C ASN G 136 21.63 -1.43 15.77
N ILE G 137 22.45 -2.21 16.48
CA ILE G 137 22.00 -2.84 17.74
C ILE G 137 23.17 -2.58 18.70
N HIS G 138 22.82 -2.13 19.87
CA HIS G 138 23.83 -1.76 20.90
C HIS G 138 24.76 -2.91 21.21
N LEU G 139 25.96 -2.52 21.61
CA LEU G 139 27.03 -3.43 22.03
C LEU G 139 27.12 -3.54 23.54
N HIS G 140 27.28 -4.76 23.99
CA HIS G 140 27.40 -5.14 25.41
C HIS G 140 28.85 -5.57 25.69
N THR G 141 29.42 -4.99 26.72
CA THR G 141 30.76 -5.32 27.16
C THR G 141 30.77 -5.26 28.71
N ARG G 142 31.91 -5.63 29.24
CA ARG G 142 32.15 -5.61 30.70
C ARG G 142 33.51 -4.91 30.92
N LEU G 143 33.55 -4.21 32.02
CA LEU G 143 34.82 -3.48 32.41
C LEU G 143 35.30 -4.17 33.72
N TYR G 144 36.49 -4.71 33.64
CA TYR G 144 37.14 -5.36 34.80
C TYR G 144 38.28 -4.41 35.21
N PHE G 145 38.89 -4.71 36.34
CA PHE G 145 39.95 -3.84 36.89
C PHE G 145 41.29 -4.52 36.89
N ASP G 146 42.30 -3.78 36.46
CA ASP G 146 43.68 -4.28 36.41
C ASP G 146 44.16 -4.68 37.82
N ASP G 147 43.61 -4.08 38.84
CA ASP G 147 44.00 -4.35 40.22
C ASP G 147 43.31 -5.50 40.88
N GLU G 148 42.62 -6.30 40.08
CA GLU G 148 41.88 -7.49 40.51
C GLU G 148 42.31 -8.73 39.73
N ALA G 149 43.59 -8.75 39.38
CA ALA G 149 44.21 -9.83 38.63
C ALA G 149 43.83 -11.22 39.14
N GLN G 150 43.86 -11.41 40.45
CA GLN G 150 43.54 -12.69 41.06
C GLN G 150 42.11 -13.11 40.73
N ALA G 151 41.20 -12.23 41.03
CA ALA G 151 39.77 -12.49 40.78
C ALA G 151 39.51 -12.73 39.29
N ASN G 152 40.06 -11.89 38.45
CA ASN G 152 39.96 -11.90 37.01
C ASN G 152 40.34 -13.26 36.40
N ALA G 153 41.40 -13.82 36.90
CA ALA G 153 41.93 -15.10 36.43
C ALA G 153 40.97 -16.25 36.65
N LYS G 154 40.08 -16.10 37.60
CA LYS G 154 39.09 -17.09 37.97
C LYS G 154 37.67 -16.75 37.55
N CYS G 155 37.49 -15.66 36.81
CA CYS G 155 36.14 -15.23 36.41
C CYS G 155 35.58 -16.21 35.38
N PRO G 156 34.46 -16.79 35.72
CA PRO G 156 33.76 -17.72 34.82
C PRO G 156 33.33 -17.02 33.53
N VAL G 157 33.22 -15.71 33.55
CA VAL G 157 32.80 -14.97 32.34
C VAL G 157 34.00 -14.69 31.47
N LEU G 158 35.01 -14.17 32.07
CA LEU G 158 36.29 -13.84 31.42
C LEU G 158 36.89 -15.10 30.82
N ASN G 159 36.70 -16.22 31.53
CA ASN G 159 37.18 -17.51 31.10
C ASN G 159 36.48 -18.07 29.88
N LEU G 160 35.31 -17.55 29.55
CA LEU G 160 34.58 -18.01 28.36
C LEU G 160 35.31 -17.50 27.12
N ILE G 161 36.09 -16.45 27.29
CA ILE G 161 36.85 -15.88 26.16
C ILE G 161 38.05 -16.78 25.84
N GLU G 162 37.89 -17.50 24.75
CA GLU G 162 38.85 -18.45 24.26
C GLU G 162 40.29 -17.96 24.30
N GLN G 163 40.53 -16.81 23.71
CA GLN G 163 41.86 -16.21 23.61
C GLN G 163 42.19 -15.22 24.69
N PRO G 164 43.21 -15.58 25.47
CA PRO G 164 43.69 -14.77 26.59
C PRO G 164 43.93 -13.32 26.22
N GLN G 165 44.45 -13.07 25.05
CA GLN G 165 44.78 -11.75 24.54
C GLN G 165 43.56 -10.83 24.41
N ARG G 166 42.44 -11.44 24.14
CA ARG G 166 41.15 -10.73 23.96
C ARG G 166 40.58 -10.31 25.31
N ARG G 167 40.89 -11.14 26.30
CA ARG G 167 40.49 -10.94 27.69
C ARG G 167 41.06 -9.60 28.18
N GLU G 168 42.30 -9.38 27.83
CA GLU G 168 43.00 -8.14 28.23
C GLU G 168 42.25 -6.90 27.79
N THR G 169 41.47 -7.01 26.72
CA THR G 169 40.71 -5.87 26.18
C THR G 169 39.63 -5.36 27.12
N LEU G 170 39.27 -6.16 28.11
CA LEU G 170 38.25 -5.82 29.07
C LEU G 170 38.81 -5.30 30.41
N ILE G 171 40.10 -5.06 30.49
CA ILE G 171 40.64 -4.63 31.81
C ILE G 171 40.97 -3.15 31.86
N ALA G 172 40.27 -2.44 32.73
CA ALA G 172 40.52 -0.98 32.88
C ALA G 172 41.87 -0.83 33.61
N LYS G 173 42.62 0.15 33.19
CA LYS G 173 43.94 0.50 33.68
C LYS G 173 43.86 1.61 34.73
N ARG G 174 44.24 1.24 35.93
CA ARG G 174 44.26 2.12 37.09
C ARG G 174 45.24 3.29 36.89
N CYS G 175 44.77 4.43 37.33
CA CYS G 175 45.46 5.70 37.29
C CYS G 175 44.94 6.54 38.47
N GLU G 176 45.30 7.78 38.39
CA GLU G 176 44.93 8.79 39.41
C GLU G 176 44.60 10.07 38.65
N VAL G 177 43.58 10.74 39.09
CA VAL G 177 43.16 12.01 38.45
C VAL G 177 42.92 12.96 39.64
N ASP G 178 43.74 14.01 39.65
CA ASP G 178 43.67 14.99 40.76
C ASP G 178 43.75 14.17 42.05
N GLY G 179 44.77 13.32 42.08
CA GLY G 179 45.01 12.44 43.23
C GLY G 179 43.77 11.61 43.55
N LYS G 180 42.97 11.36 42.50
CA LYS G 180 41.75 10.53 42.68
C LYS G 180 41.98 9.20 41.94
N THR G 181 41.55 8.13 42.58
CA THR G 181 41.72 6.79 41.96
C THR G 181 40.78 6.77 40.73
N ALA G 182 41.37 6.51 39.61
CA ALA G 182 40.65 6.45 38.32
C ALA G 182 41.12 5.20 37.56
N TYR G 183 40.34 4.82 36.58
CA TYR G 183 40.60 3.71 35.68
C TYR G 183 40.16 4.16 34.26
N ARG G 184 41.05 3.96 33.33
CA ARG G 184 40.79 4.30 31.95
C ARG G 184 40.31 3.00 31.23
N PHE G 185 39.19 3.16 30.56
CA PHE G 185 38.57 2.04 29.82
C PHE G 185 38.22 2.54 28.41
N ASP G 186 39.13 2.25 27.51
CA ASP G 186 38.98 2.62 26.11
C ASP G 186 38.29 1.42 25.41
N ILE G 187 37.41 1.79 24.50
CA ILE G 187 36.65 0.81 23.71
C ILE G 187 37.06 0.98 22.24
N ARG G 188 37.39 -0.13 21.62
CA ARG G 188 37.78 -0.10 20.17
C ARG G 188 36.73 -1.03 19.52
N ILE G 189 35.78 -0.42 18.82
CA ILE G 189 34.69 -1.14 18.19
C ILE G 189 35.11 -2.13 17.13
N GLN G 190 36.15 -1.76 16.41
CA GLN G 190 36.65 -2.54 15.30
C GLN G 190 38.14 -2.52 15.13
N GLY G 191 38.69 -3.64 14.66
CA GLY G 191 40.11 -3.77 14.36
C GLY G 191 41.03 -4.20 15.47
N GLU G 192 42.29 -3.79 15.30
CA GLU G 192 43.38 -4.08 16.24
C GLU G 192 42.97 -3.69 17.65
N GLY G 193 42.98 -4.66 18.54
CA GLY G 193 42.60 -4.45 19.94
C GLY G 193 41.11 -4.30 20.12
N GLU G 194 40.37 -4.77 19.11
CA GLU G 194 38.90 -4.72 19.16
C GLU G 194 38.41 -5.31 20.48
N THR G 195 37.57 -4.54 21.16
CA THR G 195 37.02 -4.94 22.45
C THR G 195 36.04 -6.12 22.29
N VAL G 196 36.13 -7.00 23.30
CA VAL G 196 35.16 -8.13 23.31
C VAL G 196 33.76 -7.54 23.58
N PHE G 197 32.79 -8.09 22.85
CA PHE G 197 31.38 -7.75 22.95
C PHE G 197 30.62 -9.06 23.18
N PHE G 198 29.65 -8.99 24.04
CA PHE G 198 28.90 -10.16 24.43
C PHE G 198 27.48 -10.21 23.82
N ASP G 199 27.00 -11.46 23.90
CA ASP G 199 25.62 -11.77 23.54
C ASP G 199 25.07 -12.57 24.76
N PHE G 200 23.88 -12.29 25.18
CA PHE G 200 23.20 -12.94 26.27
C PHE G 200 21.65 -12.72 26.18
N PRO H 1 17.57 -5.42 47.21
CA PRO H 1 18.38 -5.49 45.99
C PRO H 1 17.74 -6.47 45.00
N ALA H 2 18.13 -6.34 43.76
CA ALA H 2 17.60 -7.20 42.68
C ALA H 2 18.07 -8.64 42.88
N GLN H 3 17.29 -9.57 42.35
CA GLN H 3 17.61 -11.01 42.45
C GLN H 3 17.44 -11.71 41.09
N ASP H 4 18.23 -12.74 40.91
CA ASP H 4 18.27 -13.57 39.71
C ASP H 4 17.16 -14.61 39.70
N ASN H 5 15.96 -14.19 39.32
CA ASN H 5 14.81 -15.13 39.31
C ASN H 5 14.28 -15.39 37.92
N SER H 6 14.87 -14.73 36.93
CA SER H 6 14.38 -14.81 35.56
C SER H 6 15.44 -15.15 34.51
N ARG H 7 14.90 -15.67 33.41
CA ARG H 7 15.68 -16.00 32.22
C ARG H 7 15.00 -15.26 31.06
N PHE H 8 15.75 -14.74 30.14
CA PHE H 8 15.14 -14.03 28.97
C PHE H 8 15.38 -14.83 27.70
N VAL H 9 14.30 -15.01 26.93
CA VAL H 9 14.42 -15.73 25.65
C VAL H 9 15.57 -15.09 24.85
N ILE H 10 16.47 -15.91 24.34
CA ILE H 10 17.60 -15.51 23.55
C ILE H 10 17.14 -14.62 22.37
N ARG H 11 17.90 -13.57 22.11
CA ARG H 11 17.61 -12.65 21.00
C ARG H 11 17.82 -13.31 19.64
N ASP H 12 16.98 -12.93 18.69
CA ASP H 12 17.19 -13.48 17.31
C ASP H 12 17.95 -12.39 16.51
N ARG H 13 19.21 -12.58 16.34
CA ARG H 13 20.12 -11.68 15.67
C ARG H 13 20.04 -11.65 14.17
N ASN H 14 19.11 -12.45 13.63
CA ASN H 14 18.80 -12.50 12.23
C ASN H 14 17.53 -11.63 12.02
N TRP H 15 16.75 -11.42 13.05
CA TRP H 15 15.53 -10.63 13.09
C TRP H 15 15.91 -9.13 13.20
N HIS H 16 16.77 -8.85 14.21
CA HIS H 16 17.33 -7.50 14.39
C HIS H 16 18.30 -7.28 13.23
N PRO H 17 18.59 -6.03 12.95
CA PRO H 17 19.55 -5.63 11.91
C PRO H 17 20.96 -6.15 12.29
N LYS H 18 21.75 -6.50 11.31
CA LYS H 18 23.13 -6.98 11.56
C LYS H 18 23.99 -5.72 11.86
N ALA H 19 25.21 -5.95 12.30
CA ALA H 19 26.14 -4.89 12.62
C ALA H 19 26.62 -4.18 11.36
N LEU H 20 27.14 -4.94 10.41
CA LEU H 20 27.63 -4.33 9.16
C LEU H 20 26.55 -4.37 8.07
N THR H 21 26.07 -3.21 7.72
CA THR H 21 25.03 -3.01 6.68
C THR H 21 25.57 -1.84 5.86
N PRO H 22 26.48 -2.19 4.96
CA PRO H 22 27.20 -1.24 4.14
C PRO H 22 26.43 -0.11 3.51
N ASP H 23 25.15 -0.25 3.19
CA ASP H 23 24.42 0.90 2.58
C ASP H 23 24.26 2.06 3.57
N TYR H 24 24.35 1.69 4.83
CA TYR H 24 24.31 2.65 5.96
C TYR H 24 25.84 2.82 6.27
N LYS H 25 26.37 3.74 5.49
CA LYS H 25 27.80 4.05 5.50
C LYS H 25 28.48 4.10 6.83
N THR H 26 27.87 4.74 7.82
CA THR H 26 28.52 4.81 9.13
C THR H 26 28.75 3.48 9.83
N SER H 27 27.92 2.48 9.47
CA SER H 27 28.10 1.16 10.08
C SER H 27 29.37 0.45 9.65
N ILE H 28 29.96 0.90 8.52
CA ILE H 28 31.18 0.21 8.03
C ILE H 28 32.28 0.25 9.08
N ALA H 29 32.60 1.44 9.58
CA ALA H 29 33.62 1.60 10.62
C ALA H 29 33.16 1.39 12.03
N ARG H 30 31.86 1.28 12.32
CA ARG H 30 31.36 1.11 13.67
C ARG H 30 30.70 -0.21 13.99
N SER H 31 31.16 -1.26 13.32
CA SER H 31 30.66 -2.63 13.49
C SER H 31 31.88 -3.51 13.80
N PRO H 32 31.75 -4.34 14.82
CA PRO H 32 32.84 -5.24 15.22
C PRO H 32 33.18 -6.28 14.15
N ARG H 33 34.44 -6.60 14.00
CA ARG H 33 34.77 -7.65 12.98
C ARG H 33 34.84 -8.98 13.70
N GLN H 34 35.10 -9.03 14.99
CA GLN H 34 35.12 -10.32 15.71
C GLN H 34 33.67 -10.67 16.11
N ALA H 35 33.41 -11.93 16.25
CA ALA H 35 32.09 -12.44 16.68
C ALA H 35 31.81 -12.05 18.13
N LEU H 36 30.54 -11.91 18.45
CA LEU H 36 30.11 -11.63 19.82
C LEU H 36 30.43 -12.89 20.65
N VAL H 37 30.74 -12.70 21.89
CA VAL H 37 30.97 -13.88 22.74
C VAL H 37 29.67 -14.15 23.52
N SER H 38 29.12 -15.36 23.29
CA SER H 38 27.90 -15.72 24.04
C SER H 38 28.21 -16.08 25.49
N ILE H 39 27.43 -15.58 26.41
CA ILE H 39 27.64 -15.96 27.86
C ILE H 39 26.29 -16.27 28.46
N PRO H 40 26.27 -17.14 29.47
CA PRO H 40 25.02 -17.50 30.14
C PRO H 40 24.52 -16.28 30.90
N GLN H 41 23.24 -16.25 31.18
CA GLN H 41 22.62 -15.15 31.93
C GLN H 41 22.88 -15.37 33.45
N SER H 42 23.25 -14.29 34.09
CA SER H 42 23.50 -14.28 35.54
C SER H 42 22.74 -13.04 36.06
N ILE H 43 22.81 -12.82 37.36
CA ILE H 43 22.14 -11.65 37.94
C ILE H 43 22.57 -10.35 37.27
N SER H 44 23.76 -10.30 36.72
CA SER H 44 24.30 -9.09 36.06
C SER H 44 23.44 -8.69 34.86
N GLU H 45 23.05 -9.68 34.11
CA GLU H 45 22.26 -9.54 32.88
C GLU H 45 20.76 -9.61 33.10
N THR H 46 20.30 -10.34 34.11
CA THR H 46 18.90 -10.51 34.36
C THR H 46 18.20 -9.49 35.21
N THR H 47 18.95 -8.47 35.66
CA THR H 47 18.39 -7.41 36.49
C THR H 47 18.55 -6.07 35.75
N GLY H 48 17.85 -5.07 36.30
CA GLY H 48 17.93 -3.72 35.68
C GLY H 48 17.21 -2.76 36.62
N PRO H 49 17.39 -1.50 36.35
CA PRO H 49 16.78 -0.45 37.16
C PRO H 49 15.27 -0.41 36.98
N ASN H 50 14.61 -0.04 38.04
CA ASN H 50 13.19 0.15 38.15
C ASN H 50 13.06 1.71 38.38
N PHE H 51 12.36 2.35 37.48
CA PHE H 51 12.17 3.78 37.51
C PHE H 51 10.92 4.29 38.19
N SER H 52 10.21 3.44 38.88
CA SER H 52 9.01 3.83 39.59
C SER H 52 9.16 5.04 40.49
N HIS H 53 10.32 5.29 41.04
CA HIS H 53 10.48 6.44 41.93
C HIS H 53 11.09 7.65 41.33
N LEU H 54 11.24 7.67 40.01
CA LEU H 54 11.79 8.88 39.35
C LEU H 54 10.65 9.92 39.40
N GLY H 55 11.08 11.15 39.62
CA GLY H 55 10.11 12.27 39.73
C GLY H 55 9.88 12.84 38.33
N PHE H 56 8.79 12.42 37.72
CA PHE H 56 8.46 12.92 36.37
C PHE H 56 7.66 14.24 36.56
N GLY H 57 7.90 15.15 35.65
CA GLY H 57 7.18 16.44 35.61
C GLY H 57 5.79 16.14 34.99
N ALA H 58 4.89 17.05 35.26
CA ALA H 58 3.48 17.00 34.85
C ALA H 58 3.28 16.85 33.35
N HIS H 59 4.22 17.40 32.59
CA HIS H 59 4.15 17.32 31.12
C HIS H 59 5.33 16.58 30.52
N ASP H 60 5.95 15.68 31.24
CA ASP H 60 7.12 14.96 30.66
C ASP H 60 6.73 14.24 29.35
N HIS H 61 5.49 13.85 29.25
CA HIS H 61 5.03 13.10 28.07
C HIS H 61 4.19 13.92 27.10
N ASP H 62 4.12 15.22 27.31
CA ASP H 62 3.27 16.07 26.40
C ASP H 62 4.17 17.09 25.72
N LEU H 63 4.62 16.76 24.52
CA LEU H 63 5.51 17.60 23.73
C LEU H 63 4.87 18.87 23.20
N LEU H 64 3.59 19.00 23.37
CA LEU H 64 2.82 20.17 22.97
C LEU H 64 2.99 21.27 24.02
N LEU H 65 3.21 20.88 25.28
CA LEU H 65 3.38 21.78 26.38
C LEU H 65 4.69 21.77 27.15
N ASN H 66 5.52 20.76 26.97
CA ASN H 66 6.75 20.64 27.75
C ASN H 66 7.90 21.50 27.35
N PHE H 67 7.82 22.30 26.33
CA PHE H 67 8.92 23.19 25.92
C PHE H 67 8.43 24.65 26.24
N GLY H 71 3.47 29.69 23.37
CA GLY H 71 2.81 29.19 22.20
C GLY H 71 2.75 27.67 22.05
N LEU H 72 1.98 27.33 21.04
CA LEU H 72 1.74 25.91 20.65
C LEU H 72 2.66 25.66 19.47
N PRO H 73 3.25 24.47 19.44
CA PRO H 73 4.14 24.10 18.33
C PRO H 73 3.32 24.05 17.01
N ILE H 74 4.02 24.22 15.91
CA ILE H 74 3.38 24.14 14.59
C ILE H 74 3.51 22.68 14.09
N GLY H 75 2.44 22.14 13.59
CA GLY H 75 2.44 20.79 13.05
C GLY H 75 1.18 19.99 13.36
N GLU H 76 1.21 18.77 12.84
CA GLU H 76 0.11 17.81 12.96
C GLU H 76 0.08 17.26 14.39
N ARG H 77 -0.95 17.64 15.08
CA ARG H 77 -1.13 17.22 16.50
C ARG H 77 -1.49 15.75 16.49
N ILE H 78 -0.75 14.98 17.30
CA ILE H 78 -0.99 13.56 17.39
C ILE H 78 -0.68 13.00 18.79
N ILE H 79 -1.41 11.93 19.01
CA ILE H 79 -1.20 11.11 20.24
C ILE H 79 -0.46 9.86 19.71
N VAL H 80 0.59 9.46 20.39
CA VAL H 80 1.30 8.19 20.02
C VAL H 80 1.13 7.34 21.31
N ALA H 81 0.41 6.24 21.20
CA ALA H 81 0.14 5.37 22.34
C ALA H 81 0.31 3.91 21.97
N GLY H 82 0.38 3.04 22.96
CA GLY H 82 0.54 1.60 22.65
C GLY H 82 0.82 0.88 23.97
N ARG H 83 1.24 -0.36 23.79
CA ARG H 83 1.52 -1.20 24.96
C ARG H 83 2.91 -1.84 24.78
N VAL H 84 3.48 -2.06 25.94
CA VAL H 84 4.79 -2.76 26.00
C VAL H 84 4.47 -4.13 26.60
N VAL H 85 4.72 -5.16 25.85
CA VAL H 85 4.50 -6.54 26.32
C VAL H 85 5.81 -7.29 25.99
N ASP H 86 5.90 -8.49 26.47
CA ASP H 86 7.05 -9.38 26.25
C ASP H 86 6.59 -10.43 25.21
N GLN H 87 7.48 -11.25 24.80
CA GLN H 87 7.24 -12.27 23.77
C GLN H 87 6.12 -13.22 24.14
N TYR H 88 5.92 -13.46 25.40
CA TYR H 88 4.86 -14.35 25.87
C TYR H 88 3.53 -13.57 25.87
N GLY H 89 3.61 -12.28 25.59
CA GLY H 89 2.38 -11.45 25.52
C GLY H 89 1.99 -10.79 26.81
N LYS H 90 2.87 -10.90 27.80
CA LYS H 90 2.67 -10.31 29.15
C LYS H 90 3.00 -8.84 29.14
N PRO H 91 2.11 -8.03 29.69
CA PRO H 91 2.33 -6.57 29.77
C PRO H 91 3.59 -6.33 30.64
N VAL H 92 4.22 -5.19 30.35
CA VAL H 92 5.44 -4.76 31.08
C VAL H 92 5.09 -3.45 31.80
N PRO H 93 4.75 -3.62 33.07
CA PRO H 93 4.31 -2.46 33.88
C PRO H 93 5.43 -1.67 34.50
N ASN H 94 5.12 -0.38 34.73
CA ASN H 94 6.11 0.51 35.37
C ASN H 94 7.46 0.47 34.69
N THR H 95 7.46 0.59 33.38
CA THR H 95 8.68 0.57 32.60
C THR H 95 8.87 1.92 31.92
N LEU H 96 10.11 2.29 31.73
CA LEU H 96 10.52 3.55 31.19
C LEU H 96 10.56 3.62 29.67
N VAL H 97 9.76 4.52 29.16
CA VAL H 97 9.68 4.77 27.70
C VAL H 97 10.13 6.22 27.45
N GLU H 98 11.22 6.37 26.71
CA GLU H 98 11.76 7.68 26.36
C GLU H 98 11.71 7.84 24.86
N MET H 99 11.48 9.04 24.39
CA MET H 99 11.37 9.35 22.95
C MET H 99 11.94 10.71 22.64
N TRP H 100 12.35 10.86 21.40
CA TRP H 100 12.94 12.13 20.91
C TRP H 100 12.62 12.19 19.42
N GLN H 101 12.56 13.40 18.88
CA GLN H 101 12.23 13.51 17.43
C GLN H 101 12.50 14.93 16.93
N ALA H 102 12.38 15.06 15.61
CA ALA H 102 12.56 16.40 14.98
C ALA H 102 11.23 17.16 15.10
N ASN H 103 11.25 18.38 14.57
CA ASN H 103 10.03 19.21 14.54
C ASN H 103 9.27 18.87 13.24
N ALA H 104 8.22 19.66 13.00
CA ALA H 104 7.41 19.43 11.79
C ALA H 104 8.21 19.50 10.50
N GLY H 105 9.30 20.25 10.48
CA GLY H 105 10.12 20.44 9.31
C GLY H 105 11.31 19.50 9.20
N GLY H 106 11.46 18.63 10.20
CA GLY H 106 12.60 17.69 10.22
C GLY H 106 13.85 18.29 10.88
N ARG H 107 13.71 19.31 11.65
CA ARG H 107 14.79 20.00 12.38
C ARG H 107 14.84 19.54 13.84
N TYR H 108 16.06 19.09 14.25
CA TYR H 108 16.25 18.64 15.65
C TYR H 108 16.82 19.86 16.41
N ARG H 109 16.50 19.91 17.66
CA ARG H 109 16.98 20.97 18.57
C ARG H 109 18.27 20.41 19.21
N HIS H 110 19.28 20.41 18.38
CA HIS H 110 20.62 19.88 18.68
C HIS H 110 21.62 20.74 17.90
N LYS H 111 22.69 21.09 18.60
CA LYS H 111 23.76 21.93 18.08
C LYS H 111 24.22 21.48 16.70
N ASN H 112 24.42 20.17 16.60
CA ASN H 112 24.90 19.55 15.38
C ASN H 112 23.96 19.56 14.21
N ASP H 113 22.69 19.91 14.38
CA ASP H 113 21.71 19.92 13.28
C ASP H 113 21.71 21.24 12.55
N ARG H 114 22.34 21.28 11.39
CA ARG H 114 22.32 22.57 10.65
C ARG H 114 21.35 22.49 9.47
N TYR H 115 20.43 21.55 9.46
CA TYR H 115 19.48 21.50 8.31
C TYR H 115 18.79 22.87 8.29
N LEU H 116 18.57 23.35 7.09
CA LEU H 116 17.97 24.65 6.80
C LEU H 116 16.56 24.87 7.27
N ALA H 117 15.80 23.84 7.54
CA ALA H 117 14.41 24.03 8.06
C ALA H 117 14.59 24.60 9.49
N PRO H 118 13.81 25.62 9.79
CA PRO H 118 13.86 26.31 11.06
C PRO H 118 13.44 25.57 12.29
N LEU H 119 13.99 26.02 13.43
CA LEU H 119 13.61 25.47 14.75
C LEU H 119 12.22 26.05 15.03
N ASP H 120 11.49 25.38 15.89
CA ASP H 120 10.15 25.82 16.31
C ASP H 120 10.36 26.31 17.76
N PRO H 121 10.11 27.60 17.97
CA PRO H 121 10.31 28.22 19.28
C PRO H 121 9.53 27.58 20.39
N ASN H 122 8.43 26.88 20.04
CA ASN H 122 7.61 26.21 21.06
C ASN H 122 7.84 24.70 21.12
N PHE H 123 8.87 24.22 20.44
CA PHE H 123 9.07 22.73 20.43
C PHE H 123 10.48 22.33 20.79
N GLY H 124 10.56 21.37 21.71
CA GLY H 124 11.78 20.78 22.23
C GLY H 124 12.02 19.42 21.54
N GLY H 125 11.05 18.51 21.62
CA GLY H 125 11.06 17.23 21.03
C GLY H 125 11.57 16.03 21.85
N VAL H 126 11.39 16.06 23.15
CA VAL H 126 11.76 15.00 24.07
C VAL H 126 10.58 14.66 24.98
N GLY H 127 10.39 13.35 25.21
CA GLY H 127 9.30 12.93 26.13
C GLY H 127 9.76 11.69 26.88
N ARG H 128 9.08 11.33 27.91
CA ARG H 128 9.28 10.18 28.76
C ARG H 128 7.93 9.89 29.44
N CYS H 129 7.72 8.63 29.67
CA CYS H 129 6.49 8.10 30.27
C CYS H 129 6.78 6.71 30.84
N LEU H 130 6.16 6.48 31.98
CA LEU H 130 6.27 5.24 32.71
C LEU H 130 5.01 4.42 32.37
N THR H 131 5.18 3.23 31.84
CA THR H 131 3.97 2.42 31.54
C THR H 131 3.14 2.19 32.79
N ASP H 132 1.85 2.09 32.59
CA ASP H 132 0.87 1.85 33.67
C ASP H 132 0.89 0.34 33.98
N SER H 133 -0.01 -0.04 34.86
CA SER H 133 -0.17 -1.42 35.32
C SER H 133 -0.45 -2.38 34.16
N ASP H 134 -0.95 -1.87 33.08
CA ASP H 134 -1.31 -2.65 31.91
C ASP H 134 -0.31 -2.62 30.78
N GLY H 135 0.75 -1.88 31.02
CA GLY H 135 1.81 -1.74 30.03
C GLY H 135 1.57 -0.64 29.02
N TYR H 136 0.56 0.20 29.26
CA TYR H 136 0.24 1.31 28.38
C TYR H 136 1.07 2.55 28.63
N TYR H 137 1.39 3.21 27.56
CA TYR H 137 2.10 4.49 27.55
C TYR H 137 1.41 5.42 26.53
N SER H 138 1.68 6.72 26.74
CA SER H 138 1.18 7.65 25.73
C SER H 138 1.90 8.96 25.82
N PHE H 139 2.04 9.54 24.66
CA PHE H 139 2.70 10.78 24.40
C PHE H 139 1.75 11.62 23.49
N ARG H 140 1.95 12.88 23.69
CA ARG H 140 1.19 13.86 22.83
C ARG H 140 2.27 14.70 22.18
N THR H 141 2.13 14.83 20.88
CA THR H 141 3.18 15.54 20.11
C THR H 141 2.67 15.91 18.72
N ILE H 142 3.65 16.28 17.90
CA ILE H 142 3.39 16.65 16.51
C ILE H 142 4.22 15.67 15.66
N LYS H 143 3.65 15.33 14.50
CA LYS H 143 4.30 14.43 13.55
C LYS H 143 5.56 15.11 13.04
N PRO H 144 6.73 14.44 13.19
CA PRO H 144 8.00 14.99 12.74
C PRO H 144 8.08 14.86 11.20
N GLY H 145 8.86 15.73 10.62
CA GLY H 145 9.06 15.69 9.18
C GLY H 145 10.29 14.84 8.88
N PRO H 146 10.29 14.30 7.65
CA PRO H 146 11.45 13.53 7.17
C PRO H 146 12.62 14.53 7.10
N TYR H 147 13.82 14.01 6.96
CA TYR H 147 15.01 14.90 6.84
C TYR H 147 16.12 14.22 6.08
N PRO H 148 16.88 15.04 5.39
CA PRO H 148 18.00 14.60 4.54
C PRO H 148 19.22 14.33 5.41
N TRP H 149 20.12 13.50 4.97
CA TRP H 149 21.35 13.19 5.79
C TRP H 149 22.45 12.84 4.81
N ARG H 150 23.69 12.97 5.26
CA ARG H 150 24.80 12.67 4.34
C ARG H 150 25.15 11.20 4.28
N ASN H 151 24.48 10.41 3.46
CA ASN H 151 24.75 8.96 3.27
C ASN H 151 25.01 8.93 1.73
N GLY H 152 24.06 8.42 0.98
CA GLY H 152 24.19 8.53 -0.52
C GLY H 152 23.89 10.07 -0.73
N PRO H 153 24.03 10.51 -1.98
CA PRO H 153 23.84 11.92 -2.32
C PRO H 153 22.42 12.45 -2.20
N ASN H 154 21.46 11.57 -2.06
CA ASN H 154 20.05 12.00 -1.94
C ASN H 154 19.26 11.10 -1.01
N ASP H 155 19.79 10.92 0.19
CA ASP H 155 19.16 10.10 1.24
C ASP H 155 18.28 10.95 2.17
N TRP H 156 17.08 10.43 2.41
CA TRP H 156 16.08 11.06 3.27
C TRP H 156 15.54 10.05 4.28
N ARG H 157 15.61 10.43 5.54
CA ARG H 157 15.02 9.51 6.57
C ARG H 157 13.48 9.76 6.49
N PRO H 158 12.74 8.68 6.60
CA PRO H 158 11.26 8.80 6.69
C PRO H 158 11.00 9.46 8.07
N ALA H 159 9.90 10.11 8.21
CA ALA H 159 9.50 10.71 9.49
C ALA H 159 9.53 9.56 10.50
N HIS H 160 10.15 9.83 11.65
CA HIS H 160 10.24 8.86 12.73
C HIS H 160 10.36 9.51 14.11
N ILE H 161 10.11 8.68 15.09
CA ILE H 161 10.25 9.01 16.49
C ILE H 161 11.24 7.94 17.09
N HIS H 162 12.21 8.47 17.73
CA HIS H 162 13.22 7.55 18.39
C HIS H 162 12.59 7.09 19.71
N PHE H 163 12.77 5.82 20.00
CA PHE H 163 12.25 5.27 21.28
C PHE H 163 13.39 4.51 22.02
N GLY H 164 13.34 4.53 23.32
CA GLY H 164 14.21 3.82 24.24
C GLY H 164 13.24 3.18 25.27
N ILE H 165 13.37 1.89 25.46
CA ILE H 165 12.49 1.19 26.44
C ILE H 165 13.39 0.38 27.40
N SER H 166 13.12 0.55 28.71
CA SER H 166 14.00 -0.16 29.69
C SER H 166 13.74 -1.63 29.83
N GLY H 167 12.52 -1.97 30.13
CA GLY H 167 12.00 -3.32 30.36
C GLY H 167 12.52 -3.73 31.75
N PRO H 168 12.28 -5.01 32.06
CA PRO H 168 12.70 -5.56 33.34
C PRO H 168 14.19 -5.70 33.63
N SER H 169 15.08 -5.71 32.68
CA SER H 169 16.51 -5.87 32.94
C SER H 169 17.33 -5.21 31.82
N ILE H 170 18.61 -5.30 31.94
CA ILE H 170 19.51 -4.76 30.90
C ILE H 170 19.49 -5.63 29.65
N ALA H 171 19.01 -6.84 29.78
CA ALA H 171 18.90 -7.81 28.67
C ALA H 171 17.72 -7.44 27.72
N THR H 172 16.74 -6.70 28.27
CA THR H 172 15.56 -6.30 27.52
C THR H 172 15.60 -4.90 26.97
N LYS H 173 16.54 -4.09 27.42
CA LYS H 173 16.69 -2.70 27.00
C LYS H 173 16.87 -2.64 25.49
N LEU H 174 16.06 -1.73 24.93
CA LEU H 174 16.08 -1.56 23.46
C LEU H 174 15.94 -0.08 23.06
N ILE H 175 16.56 0.23 21.96
CA ILE H 175 16.45 1.52 21.28
C ILE H 175 15.93 1.17 19.86
N THR H 176 15.01 1.97 19.39
CA THR H 176 14.42 1.67 18.03
C THR H 176 13.84 3.02 17.53
N GLN H 177 13.13 2.87 16.41
CA GLN H 177 12.49 4.05 15.77
C GLN H 177 11.16 3.59 15.21
N LEU H 178 10.18 4.40 15.44
CA LEU H 178 8.81 4.22 14.95
C LEU H 178 8.67 5.02 13.65
N TYR H 179 8.07 4.35 12.66
CA TYR H 179 7.79 4.91 11.35
C TYR H 179 6.25 5.01 11.19
N PHE H 180 5.89 5.90 10.29
CA PHE H 180 4.41 6.14 10.11
C PHE H 180 3.87 5.37 8.91
N GLU H 181 2.71 4.82 9.17
CA GLU H 181 1.99 4.02 8.15
C GLU H 181 1.85 4.76 6.82
N GLY H 182 2.19 4.07 5.78
CA GLY H 182 2.10 4.48 4.40
C GLY H 182 3.18 5.41 3.91
N ASP H 183 4.08 5.86 4.79
CA ASP H 183 5.21 6.74 4.34
C ASP H 183 6.00 6.02 3.26
N PRO H 184 6.06 6.68 2.09
CA PRO H 184 6.74 6.09 0.90
C PRO H 184 8.24 6.11 0.99
N LEU H 185 8.76 6.90 1.96
CA LEU H 185 10.21 6.94 2.14
C LEU H 185 10.72 5.65 2.83
N ILE H 186 9.91 4.98 3.55
CA ILE H 186 10.29 3.80 4.34
C ILE H 186 11.12 2.78 3.58
N PRO H 187 10.59 2.33 2.44
CA PRO H 187 11.29 1.31 1.64
C PRO H 187 12.60 1.78 1.07
N MET H 188 12.86 3.07 1.03
CA MET H 188 14.11 3.58 0.44
C MET H 188 15.20 3.81 1.46
N CYS H 189 14.86 3.73 2.73
CA CYS H 189 15.80 3.99 3.82
C CYS H 189 16.80 2.88 4.12
N PRO H 190 18.06 3.25 3.94
CA PRO H 190 19.19 2.34 4.18
C PRO H 190 19.22 1.89 5.63
N ILE H 191 18.73 2.73 6.52
CA ILE H 191 18.66 2.38 7.94
C ILE H 191 17.53 1.37 8.17
N VAL H 192 16.38 1.63 7.56
CA VAL H 192 15.24 0.73 7.67
C VAL H 192 15.74 -0.63 7.10
N LYS H 193 16.39 -0.54 5.98
CA LYS H 193 16.94 -1.68 5.26
C LYS H 193 18.06 -2.43 5.96
N SER H 194 18.55 -1.93 7.08
CA SER H 194 19.57 -2.68 7.89
C SER H 194 18.85 -3.93 8.40
N ILE H 195 17.51 -3.85 8.41
CA ILE H 195 16.69 -5.00 8.84
C ILE H 195 16.42 -5.85 7.58
N ALA H 196 16.92 -7.05 7.56
CA ALA H 196 16.78 -7.95 6.42
C ALA H 196 15.40 -8.49 6.16
N ASN H 197 14.59 -8.75 7.14
CA ASN H 197 13.24 -9.30 7.00
C ASN H 197 12.13 -8.27 6.98
N PRO H 198 11.35 -8.25 5.90
CA PRO H 198 10.24 -7.34 5.69
C PRO H 198 9.20 -7.37 6.79
N GLU H 199 9.00 -8.57 7.34
CA GLU H 199 8.04 -8.74 8.43
C GLU H 199 8.52 -7.97 9.66
N ALA H 200 9.82 -7.90 9.81
CA ALA H 200 10.44 -7.21 10.98
C ALA H 200 10.22 -5.72 10.84
N VAL H 201 10.36 -5.22 9.60
CA VAL H 201 10.13 -3.79 9.33
C VAL H 201 8.68 -3.40 9.69
N GLN H 202 7.74 -4.29 9.37
CA GLN H 202 6.32 -4.03 9.62
C GLN H 202 6.05 -3.74 11.10
N GLN H 203 6.88 -4.35 11.93
CA GLN H 203 6.73 -4.20 13.38
C GLN H 203 7.09 -2.79 13.84
N LEU H 204 7.81 -2.03 13.03
CA LEU H 204 8.25 -0.69 13.35
C LEU H 204 7.32 0.42 12.85
N ILE H 205 6.25 -0.05 12.14
CA ILE H 205 5.28 0.85 11.58
C ILE H 205 4.08 1.14 12.44
N ALA H 206 4.00 2.44 12.84
CA ALA H 206 2.86 2.82 13.73
C ALA H 206 1.60 2.93 12.89
N LYS H 207 0.51 2.40 13.37
CA LYS H 207 -0.76 2.44 12.61
C LYS H 207 -1.68 3.57 13.02
N LEU H 208 -2.31 4.17 12.04
CA LEU H 208 -3.30 5.26 12.29
C LEU H 208 -4.39 4.64 13.18
N ASP H 209 -4.69 5.35 14.23
CA ASP H 209 -5.68 4.88 15.23
C ASP H 209 -6.75 5.93 15.48
N MET H 210 -7.76 5.86 14.60
CA MET H 210 -8.88 6.82 14.63
C MET H 210 -9.67 6.65 15.92
N ASN H 211 -9.57 5.45 16.47
CA ASN H 211 -10.33 5.16 17.71
C ASN H 211 -9.79 5.92 18.92
N ASN H 212 -8.59 6.35 18.84
CA ASN H 212 -7.90 7.06 19.93
C ASN H 212 -7.78 8.57 19.72
N ALA H 213 -8.21 9.01 18.56
CA ALA H 213 -8.13 10.43 18.21
C ALA H 213 -9.14 11.25 19.00
N ASN H 214 -8.84 12.50 19.11
CA ASN H 214 -9.70 13.49 19.78
C ASN H 214 -10.33 14.29 18.59
N PRO H 215 -11.57 13.98 18.33
CA PRO H 215 -12.31 14.67 17.21
C PRO H 215 -12.08 16.16 17.29
N MET H 216 -11.85 16.82 16.19
CA MET H 216 -11.62 18.26 16.06
C MET H 216 -10.40 18.69 16.88
N ASP H 217 -9.47 17.78 17.14
CA ASP H 217 -8.30 18.13 17.97
C ASP H 217 -7.03 17.47 17.49
N CYS H 218 -6.94 16.15 17.64
CA CYS H 218 -5.72 15.47 17.15
C CYS H 218 -5.97 14.02 16.73
N LEU H 219 -5.12 13.57 15.85
CA LEU H 219 -5.13 12.17 15.35
C LEU H 219 -4.29 11.36 16.35
N ALA H 220 -4.28 10.05 16.16
CA ALA H 220 -3.53 9.11 17.02
C ALA H 220 -3.01 7.96 16.17
N TYR H 221 -1.85 7.49 16.65
CA TYR H 221 -1.09 6.38 16.11
C TYR H 221 -0.86 5.39 17.28
N ARG H 222 -0.92 4.14 16.93
CA ARG H 222 -0.74 3.04 17.90
C ARG H 222 0.60 2.37 17.58
N PHE H 223 1.39 2.23 18.60
CA PHE H 223 2.72 1.56 18.40
C PHE H 223 2.95 0.63 19.58
N ASP H 224 2.80 -0.66 19.37
CA ASP H 224 3.05 -1.65 20.42
C ASP H 224 4.51 -2.10 20.34
N ILE H 225 5.04 -2.34 21.51
CA ILE H 225 6.45 -2.76 21.64
C ILE H 225 6.50 -4.13 22.33
N VAL H 226 7.34 -4.96 21.74
CA VAL H 226 7.56 -6.30 22.29
C VAL H 226 9.01 -6.45 22.77
N LEU H 227 9.12 -6.69 24.07
CA LEU H 227 10.50 -6.95 24.64
C LEU H 227 10.65 -8.47 24.75
N ARG H 228 11.90 -8.91 24.99
CA ARG H 228 12.25 -10.31 25.13
C ARG H 228 11.37 -11.01 26.18
N GLY H 229 10.95 -12.23 25.84
CA GLY H 229 10.12 -13.04 26.72
C GLY H 229 10.88 -13.31 28.03
N GLN H 230 10.15 -13.21 29.11
CA GLN H 230 10.71 -13.43 30.48
C GLN H 230 10.10 -14.70 31.06
N ARG H 231 10.95 -15.61 31.50
CA ARG H 231 10.41 -16.86 32.10
C ARG H 231 11.15 -17.14 33.40
N LYS H 232 10.56 -17.99 34.21
CA LYS H 232 11.20 -18.42 35.47
C LYS H 232 12.28 -19.46 35.07
N THR H 233 13.25 -19.57 35.95
CA THR H 233 14.34 -20.57 35.71
C THR H 233 13.70 -21.93 36.02
N HIS H 234 14.25 -22.96 35.42
CA HIS H 234 13.74 -24.33 35.66
C HIS H 234 14.90 -25.29 35.52
N PHE H 235 14.86 -26.33 36.32
CA PHE H 235 15.89 -27.38 36.35
C PHE H 235 17.29 -26.86 36.14
N GLU H 236 17.64 -25.73 36.75
CA GLU H 236 18.98 -25.16 36.57
C GLU H 236 20.12 -25.76 37.30
N PRO I 1 6.02 6.03 -5.81
CA PRO I 1 6.99 7.04 -6.23
C PRO I 1 7.18 6.93 -7.76
N ILE I 2 7.70 8.00 -8.32
CA ILE I 2 7.95 8.06 -9.78
C ILE I 2 9.29 7.36 -9.99
N GLU I 3 9.38 6.50 -10.96
CA GLU I 3 10.60 5.78 -11.33
C GLU I 3 10.89 6.11 -12.79
N LEU I 4 12.14 6.40 -13.08
CA LEU I 4 12.54 6.74 -14.48
C LEU I 4 13.01 5.46 -15.18
N LEU I 5 13.54 5.59 -16.39
CA LEU I 5 14.13 4.35 -17.00
C LEU I 5 15.44 4.19 -16.13
N PRO I 6 15.82 2.95 -15.97
CA PRO I 6 17.04 2.59 -15.22
C PRO I 6 18.27 2.89 -16.10
N GLU I 7 19.32 3.38 -15.46
CA GLU I 7 20.56 3.65 -16.22
C GLU I 7 21.15 2.27 -16.54
N THR I 8 21.84 2.23 -17.67
CA THR I 8 22.59 1.01 -18.06
C THR I 8 23.63 0.75 -16.95
N PRO I 9 23.68 -0.52 -16.51
CA PRO I 9 24.62 -0.96 -15.50
C PRO I 9 26.04 -0.98 -16.06
N SER I 10 26.92 -0.57 -15.13
CA SER I 10 28.36 -0.55 -15.40
C SER I 10 28.91 -1.98 -15.47
N GLN I 11 30.08 -2.07 -16.05
CA GLN I 11 30.79 -3.40 -16.11
C GLN I 11 32.30 -3.02 -16.12
N THR I 12 33.11 -3.89 -15.53
CA THR I 12 34.56 -3.62 -15.52
C THR I 12 35.03 -3.39 -16.96
N ALA I 13 36.01 -2.48 -17.07
CA ALA I 13 36.61 -2.18 -18.41
C ALA I 13 37.48 -3.37 -18.83
N GLY I 14 37.87 -4.19 -17.92
CA GLY I 14 38.66 -5.37 -18.12
C GLY I 14 40.12 -5.02 -18.41
N PRO I 15 40.93 -6.09 -18.50
CA PRO I 15 42.36 -6.00 -18.73
C PRO I 15 42.80 -5.45 -20.07
N TYR I 16 41.88 -5.44 -21.05
CA TYR I 16 42.29 -4.97 -22.39
C TYR I 16 41.73 -3.63 -22.75
N VAL I 17 41.39 -2.83 -21.73
CA VAL I 17 40.82 -1.52 -22.01
C VAL I 17 41.67 -0.72 -22.99
N HIS I 18 42.96 -0.91 -22.96
CA HIS I 18 43.91 -0.16 -23.79
C HIS I 18 43.65 -0.23 -25.27
N ILE I 19 43.23 -1.43 -25.73
CA ILE I 19 42.96 -1.54 -27.19
C ILE I 19 41.90 -0.56 -27.61
N GLY I 20 40.94 -0.27 -26.72
CA GLY I 20 39.87 0.64 -27.02
C GLY I 20 40.14 2.11 -26.72
N LEU I 21 40.81 2.38 -25.61
CA LEU I 21 41.04 3.73 -25.16
C LEU I 21 42.45 4.20 -24.93
N ALA I 22 43.43 3.36 -25.14
CA ALA I 22 44.85 3.74 -24.93
C ALA I 22 45.66 2.93 -25.93
N LEU I 23 45.36 3.18 -27.20
CA LEU I 23 45.93 2.47 -28.34
C LEU I 23 47.42 2.27 -28.30
N GLU I 24 48.12 3.38 -28.12
CA GLU I 24 49.60 3.35 -28.03
C GLU I 24 49.99 2.29 -26.99
N ALA I 25 49.37 2.43 -25.83
CA ALA I 25 49.57 1.57 -24.66
C ALA I 25 49.31 0.12 -24.96
N ALA I 26 48.30 -0.11 -25.78
CA ALA I 26 47.95 -1.50 -26.17
C ALA I 26 49.06 -2.04 -27.06
N GLY I 27 49.85 -1.10 -27.57
CA GLY I 27 50.96 -1.38 -28.47
C GLY I 27 50.42 -1.66 -29.89
N ASN I 28 49.35 -0.97 -30.22
CA ASN I 28 48.68 -1.06 -31.49
C ASN I 28 48.78 0.34 -32.16
N PRO I 29 48.61 0.30 -33.48
CA PRO I 29 48.66 1.51 -34.30
C PRO I 29 47.55 2.47 -33.86
N THR I 30 47.89 3.73 -33.83
CA THR I 30 46.91 4.75 -33.42
C THR I 30 46.24 5.29 -34.67
N ARG I 31 45.21 6.07 -34.42
CA ARG I 31 44.41 6.73 -35.48
C ARG I 31 44.91 8.17 -35.61
N ASP I 32 44.42 8.91 -36.58
CA ASP I 32 44.82 10.27 -36.84
C ASP I 32 44.78 11.16 -35.59
N GLN I 33 43.62 11.12 -34.97
CA GLN I 33 43.34 11.90 -33.76
C GLN I 33 43.02 10.97 -32.59
N GLU I 34 43.83 11.07 -31.55
CA GLU I 34 43.68 10.27 -30.34
C GLU I 34 43.57 11.19 -29.12
N ILE I 35 42.78 10.81 -28.16
CA ILE I 35 42.56 11.53 -26.91
C ILE I 35 43.59 10.98 -25.92
N TRP I 36 44.56 11.84 -25.59
CA TRP I 36 45.63 11.34 -24.67
C TRP I 36 46.03 12.22 -23.56
N ASN I 37 47.24 12.03 -23.03
CA ASN I 37 47.73 12.72 -21.86
C ASN I 37 48.38 14.07 -21.92
N ARG I 38 48.18 14.82 -22.98
CA ARG I 38 48.79 16.18 -23.10
C ARG I 38 47.64 17.16 -23.28
N LEU I 39 47.21 17.78 -22.20
CA LEU I 39 46.11 18.72 -22.20
C LEU I 39 46.50 20.11 -22.70
N ALA I 40 47.77 20.46 -22.42
CA ALA I 40 48.28 21.78 -22.80
C ALA I 40 49.47 21.74 -23.73
N LYS I 41 49.34 22.65 -24.68
CA LYS I 41 50.39 22.90 -25.69
C LYS I 41 51.34 23.91 -25.01
N PRO I 42 52.61 23.74 -25.30
CA PRO I 42 53.69 24.56 -24.75
C PRO I 42 53.26 25.99 -24.51
N ASP I 43 52.57 26.49 -25.48
CA ASP I 43 52.04 27.85 -25.56
C ASP I 43 50.77 28.14 -24.82
N ALA I 44 50.30 27.23 -24.00
CA ALA I 44 49.04 27.47 -23.24
C ALA I 44 49.41 28.22 -21.96
N PRO I 45 48.59 29.22 -21.65
CA PRO I 45 48.78 30.05 -20.46
C PRO I 45 48.61 29.23 -19.18
N GLY I 46 49.27 29.72 -18.12
CA GLY I 46 49.21 29.09 -16.81
C GLY I 46 50.53 28.40 -16.49
N GLU I 47 50.64 27.90 -15.25
CA GLU I 47 51.89 27.21 -14.85
C GLU I 47 51.83 25.78 -15.45
N HIS I 48 52.72 25.48 -16.34
CA HIS I 48 52.78 24.12 -16.93
C HIS I 48 53.36 23.18 -15.88
N ILE I 49 52.68 22.06 -15.69
CA ILE I 49 53.08 21.06 -14.70
C ILE I 49 52.95 19.64 -15.29
N LEU I 50 53.64 18.75 -14.63
CA LEU I 50 53.67 17.33 -14.92
C LEU I 50 53.07 16.59 -13.72
N LEU I 51 52.14 15.73 -14.04
CA LEU I 51 51.47 14.91 -12.99
C LEU I 51 51.92 13.47 -13.20
N LEU I 52 52.22 12.80 -12.12
CA LEU I 52 52.63 11.38 -12.23
C LEU I 52 52.10 10.70 -10.97
N GLY I 53 51.91 9.40 -11.03
CA GLY I 53 51.43 8.62 -9.91
C GLY I 53 51.43 7.13 -10.23
N GLN I 54 51.17 6.40 -9.18
CA GLN I 54 51.07 4.93 -9.19
C GLN I 54 49.74 4.61 -8.49
N VAL I 55 49.24 3.45 -8.81
CA VAL I 55 48.00 2.93 -8.26
C VAL I 55 48.30 1.64 -7.51
N TYR I 56 47.75 1.52 -6.32
CA TYR I 56 47.97 0.34 -5.49
C TYR I 56 46.66 -0.36 -5.11
N ASP I 57 46.79 -1.65 -5.06
CA ASP I 57 45.63 -2.51 -4.69
C ASP I 57 45.71 -2.67 -3.17
N GLY I 58 44.77 -3.41 -2.64
CA GLY I 58 44.58 -3.73 -1.28
C GLY I 58 45.75 -4.50 -0.68
N ASN I 59 46.52 -5.16 -1.52
CA ASN I 59 47.69 -5.92 -1.02
C ASN I 59 48.94 -5.06 -1.06
N GLY I 60 48.81 -3.84 -1.52
CA GLY I 60 49.86 -2.86 -1.66
C GLY I 60 50.65 -3.04 -2.96
N HIS I 61 50.08 -3.81 -3.85
CA HIS I 61 50.65 -4.14 -5.16
C HIS I 61 50.19 -3.15 -6.23
N LEU I 62 51.14 -2.86 -7.12
CA LEU I 62 50.89 -1.91 -8.20
C LEU I 62 49.83 -2.52 -9.15
N VAL I 63 48.98 -1.64 -9.57
CA VAL I 63 47.90 -1.96 -10.54
C VAL I 63 48.50 -1.49 -11.89
N ARG I 64 48.93 -2.44 -12.70
CA ARG I 64 49.56 -2.05 -13.98
C ARG I 64 48.66 -2.03 -15.17
N ASP I 65 47.34 -1.97 -14.99
CA ASP I 65 46.41 -2.00 -16.12
C ASP I 65 45.28 -1.00 -15.94
N SER I 66 45.59 0.06 -15.19
CA SER I 66 44.61 1.08 -14.90
C SER I 66 44.47 2.05 -16.08
N PHE I 67 43.34 2.67 -16.12
CA PHE I 67 42.97 3.66 -17.15
C PHE I 67 42.32 4.82 -16.39
N LEU I 68 42.86 6.01 -16.63
CA LEU I 68 42.34 7.20 -15.93
C LEU I 68 41.93 8.27 -16.93
N GLU I 69 40.88 8.98 -16.61
CA GLU I 69 40.34 10.09 -17.37
C GLU I 69 40.42 11.28 -16.38
N VAL I 70 40.67 12.47 -16.92
CA VAL I 70 40.79 13.67 -16.08
C VAL I 70 39.99 14.84 -16.64
N TRP I 71 39.52 15.69 -15.77
CA TRP I 71 38.75 16.90 -16.15
C TRP I 71 39.13 18.01 -15.17
N GLN I 72 39.57 19.12 -15.75
CA GLN I 72 39.98 20.30 -14.99
C GLN I 72 39.75 21.60 -15.75
N ALA I 73 39.61 22.68 -14.98
CA ALA I 73 39.47 24.03 -15.55
C ALA I 73 40.89 24.41 -16.09
N ASP I 74 40.86 25.45 -16.89
CA ASP I 74 42.10 26.02 -17.48
C ASP I 74 42.68 26.93 -16.35
N ALA I 75 43.77 27.57 -16.68
CA ALA I 75 44.47 28.48 -15.73
C ALA I 75 43.52 29.55 -15.26
N ASN I 76 42.52 29.89 -16.08
CA ASN I 76 41.55 30.91 -15.69
C ASN I 76 40.39 30.31 -14.92
N GLY I 77 40.42 29.03 -14.61
CA GLY I 77 39.27 28.44 -13.85
C GLY I 77 38.08 28.31 -14.81
N GLU I 78 38.36 28.11 -16.09
CA GLU I 78 37.29 27.93 -17.08
C GLU I 78 37.41 26.48 -17.61
N TYR I 79 36.24 25.89 -17.78
CA TYR I 79 36.19 24.48 -18.29
C TYR I 79 36.04 24.59 -19.81
N GLN I 80 37.00 24.10 -20.52
CA GLN I 80 37.07 24.10 -21.98
C GLN I 80 36.52 22.78 -22.52
N ASP I 81 35.23 22.72 -22.70
CA ASP I 81 34.51 21.54 -23.15
C ASP I 81 34.61 21.17 -24.61
N ALA I 82 34.81 22.12 -25.50
CA ALA I 82 34.91 21.85 -26.94
C ALA I 82 36.27 21.23 -27.26
N TYR I 83 36.38 19.93 -27.14
CA TYR I 83 37.60 19.16 -27.37
C TYR I 83 38.07 19.28 -28.83
N ASN I 84 39.31 19.68 -28.95
CA ASN I 84 39.93 19.89 -30.28
C ASN I 84 41.45 19.75 -30.11
N LEU I 85 42.07 19.06 -31.04
CA LEU I 85 43.52 18.83 -31.00
C LEU I 85 44.29 20.10 -31.32
N GLU I 86 43.59 21.06 -31.87
CA GLU I 86 44.16 22.36 -32.26
C GLU I 86 44.20 23.31 -31.06
N ASN I 87 43.41 22.98 -30.05
CA ASN I 87 43.31 23.74 -28.81
C ASN I 87 44.71 23.79 -28.15
N ALA I 88 44.94 24.96 -27.55
CA ALA I 88 46.25 25.18 -26.85
C ALA I 88 46.14 24.45 -25.51
N PHE I 89 44.87 24.35 -25.11
CA PHE I 89 44.47 23.69 -23.87
C PHE I 89 43.10 22.98 -24.05
N ASN I 90 43.07 21.77 -23.52
CA ASN I 90 41.85 20.93 -23.49
C ASN I 90 41.66 20.55 -21.99
N SER I 91 40.44 20.68 -21.52
CA SER I 91 40.07 20.37 -20.13
C SER I 91 40.02 18.89 -19.80
N PHE I 92 39.98 18.06 -20.84
CA PHE I 92 39.89 16.60 -20.73
C PHE I 92 41.13 15.91 -21.31
N GLY I 93 41.46 14.79 -20.70
CA GLY I 93 42.60 13.96 -21.13
C GLY I 93 42.46 12.52 -20.59
N ARG I 94 43.41 11.69 -21.02
CA ARG I 94 43.47 10.29 -20.64
C ARG I 94 44.90 9.82 -20.48
N THR I 95 45.03 8.95 -19.50
CA THR I 95 46.37 8.36 -19.21
C THR I 95 46.13 6.94 -18.75
N ALA I 96 47.21 6.20 -18.58
CA ALA I 96 47.16 4.79 -18.14
C ALA I 96 48.49 4.44 -17.49
N THR I 97 48.53 3.38 -16.74
CA THR I 97 49.78 2.92 -16.08
C THR I 97 50.54 1.88 -16.88
N THR I 98 51.89 2.07 -16.85
CA THR I 98 52.81 1.17 -17.54
C THR I 98 52.69 -0.26 -17.02
N PHE I 99 52.75 -1.22 -17.95
CA PHE I 99 52.64 -2.64 -17.58
C PHE I 99 53.92 -3.02 -16.81
N ASP I 100 54.96 -2.27 -17.04
CA ASP I 100 56.27 -2.42 -16.40
C ASP I 100 56.34 -1.61 -15.08
N ALA I 101 56.67 -0.35 -15.25
CA ALA I 101 56.83 0.65 -14.20
C ALA I 101 55.56 0.85 -13.38
N GLY I 102 54.45 0.85 -14.10
CA GLY I 102 53.13 1.04 -13.52
C GLY I 102 52.92 2.50 -13.13
N GLU I 103 53.48 3.42 -13.91
CA GLU I 103 53.29 4.85 -13.58
C GLU I 103 52.60 5.60 -14.69
N TRP I 104 51.69 6.49 -14.37
CA TRP I 104 50.96 7.29 -15.36
C TRP I 104 51.54 8.71 -15.27
N THR I 105 51.38 9.42 -16.36
CA THR I 105 51.83 10.79 -16.48
C THR I 105 50.80 11.56 -17.32
N LEU I 106 50.75 12.84 -17.00
CA LEU I 106 49.86 13.79 -17.65
C LEU I 106 50.58 15.13 -17.74
N HIS I 107 50.41 15.81 -18.85
CA HIS I 107 51.04 17.12 -19.10
C HIS I 107 49.95 18.19 -19.16
N THR I 108 49.95 19.04 -18.15
CA THR I 108 48.90 20.09 -18.07
C THR I 108 49.43 21.36 -17.44
N VAL I 109 48.48 22.22 -17.10
CA VAL I 109 48.71 23.50 -16.43
C VAL I 109 47.93 23.41 -15.09
N LYS I 110 48.24 24.31 -14.21
CA LYS I 110 47.56 24.29 -12.87
C LYS I 110 46.23 24.97 -13.07
N PRO I 111 45.18 24.26 -12.62
CA PRO I 111 43.82 24.72 -12.76
C PRO I 111 43.50 25.94 -11.91
N GLY I 112 42.71 26.80 -12.49
CA GLY I 112 42.18 28.03 -11.88
C GLY I 112 41.07 27.54 -10.92
N VAL I 113 40.69 28.46 -10.06
CA VAL I 113 39.66 28.23 -9.04
C VAL I 113 38.28 28.36 -9.67
N VAL I 114 37.37 27.51 -9.23
CA VAL I 114 35.96 27.56 -9.71
C VAL I 114 35.10 27.50 -8.44
N ASN I 115 33.91 28.08 -8.51
CA ASN I 115 32.98 28.10 -7.38
C ASN I 115 32.01 26.91 -7.42
N ASN I 116 31.59 26.52 -6.24
CA ASN I 116 30.59 25.39 -6.15
C ASN I 116 29.25 26.05 -6.50
N ALA I 117 28.19 25.30 -6.42
CA ALA I 117 26.86 25.76 -6.75
C ALA I 117 26.38 26.90 -5.86
N ALA I 118 26.83 26.92 -4.64
CA ALA I 118 26.44 27.96 -3.68
C ALA I 118 27.29 29.21 -3.84
N GLY I 119 28.16 29.27 -4.83
CA GLY I 119 29.01 30.42 -5.08
C GLY I 119 30.30 30.46 -4.31
N VAL I 120 30.60 29.42 -3.55
CA VAL I 120 31.85 29.34 -2.79
C VAL I 120 32.93 28.72 -3.66
N PRO I 121 34.09 29.35 -3.65
CA PRO I 121 35.24 28.87 -4.43
C PRO I 121 35.85 27.60 -3.83
N MET I 122 36.13 26.67 -4.74
CA MET I 122 36.76 25.40 -4.40
C MET I 122 38.26 25.56 -4.70
N ALA I 123 39.03 24.80 -3.95
CA ALA I 123 40.52 24.87 -4.19
C ALA I 123 40.78 24.22 -5.55
N PRO I 124 41.87 24.60 -6.17
CA PRO I 124 42.27 24.06 -7.47
C PRO I 124 42.28 22.54 -7.37
N HIS I 125 41.64 21.91 -8.36
CA HIS I 125 41.62 20.43 -8.33
C HIS I 125 41.41 19.88 -9.73
N ILE I 126 41.83 18.63 -9.87
CA ILE I 126 41.64 17.89 -11.12
C ILE I 126 40.68 16.71 -10.78
N ASN I 127 39.59 16.63 -11.56
CA ASN I 127 38.61 15.52 -11.32
C ASN I 127 39.20 14.29 -12.01
N ILE I 128 39.20 13.17 -11.33
CA ILE I 128 39.72 11.93 -11.90
C ILE I 128 38.73 10.77 -11.82
N SER I 129 38.73 9.97 -12.87
CA SER I 129 37.88 8.74 -12.86
C SER I 129 38.87 7.57 -13.12
N LEU I 130 38.78 6.53 -12.34
CA LEU I 130 39.70 5.38 -12.56
C LEU I 130 38.94 4.11 -12.96
N PHE I 131 39.50 3.41 -13.92
CA PHE I 131 38.96 2.16 -14.49
C PHE I 131 40.06 1.08 -14.50
N ALA I 132 39.65 -0.19 -14.35
CA ALA I 132 40.58 -1.30 -14.38
C ALA I 132 39.83 -2.63 -14.21
N ARG I 133 40.52 -3.69 -14.59
CA ARG I 133 39.97 -5.05 -14.39
C ARG I 133 39.81 -5.09 -12.83
N GLY I 134 38.76 -5.76 -12.39
CA GLY I 134 38.50 -5.87 -10.97
C GLY I 134 37.72 -4.72 -10.38
N ILE I 135 37.40 -3.71 -11.16
CA ILE I 135 36.62 -2.55 -10.67
C ILE I 135 35.32 -2.57 -11.49
N ASN I 136 34.26 -2.95 -10.81
CA ASN I 136 32.96 -3.08 -11.54
C ASN I 136 32.42 -1.78 -12.04
N ILE I 137 32.63 -0.73 -11.26
CA ILE I 137 32.16 0.64 -11.58
C ILE I 137 33.30 1.59 -11.23
N HIS I 138 33.59 2.51 -12.14
CA HIS I 138 34.73 3.40 -11.92
C HIS I 138 34.68 4.22 -10.65
N LEU I 139 35.87 4.50 -10.14
CA LEU I 139 36.06 5.29 -8.89
C LEU I 139 36.36 6.74 -9.26
N HIS I 140 35.64 7.62 -8.55
CA HIS I 140 35.76 9.07 -8.73
C HIS I 140 36.60 9.61 -7.50
N THR I 141 37.51 10.50 -7.87
CA THR I 141 38.36 11.18 -6.93
C THR I 141 38.80 12.54 -7.40
N ARG I 142 39.51 13.24 -6.54
CA ARG I 142 40.00 14.62 -6.92
C ARG I 142 41.48 14.71 -6.52
N LEU I 143 42.23 15.45 -7.33
CA LEU I 143 43.65 15.72 -7.06
C LEU I 143 43.76 17.20 -6.61
N TYR I 144 44.31 17.44 -5.45
CA TYR I 144 44.55 18.81 -4.94
C TYR I 144 46.08 18.95 -4.82
N PHE I 145 46.53 20.18 -4.67
CA PHE I 145 47.98 20.51 -4.61
C PHE I 145 48.41 20.94 -3.22
N ASP I 146 49.55 20.37 -2.81
CA ASP I 146 50.14 20.63 -1.50
C ASP I 146 50.53 22.10 -1.32
N ASP I 147 50.84 22.78 -2.42
CA ASP I 147 51.23 24.19 -2.35
C ASP I 147 50.05 25.14 -2.33
N GLU I 148 48.90 24.70 -1.90
CA GLU I 148 47.69 25.56 -1.87
C GLU I 148 46.91 25.32 -0.57
N ALA I 149 47.66 25.09 0.48
CA ALA I 149 47.10 24.82 1.80
C ALA I 149 45.97 25.78 2.16
N GLN I 150 46.23 27.04 1.95
CA GLN I 150 45.27 28.09 2.29
C GLN I 150 43.91 27.81 1.66
N ALA I 151 43.95 27.51 0.37
CA ALA I 151 42.68 27.24 -0.37
C ALA I 151 42.12 25.88 0.06
N ASN I 152 43.04 24.92 0.18
CA ASN I 152 42.63 23.57 0.57
C ASN I 152 41.82 23.62 1.87
N ALA I 153 42.31 24.49 2.75
CA ALA I 153 41.67 24.58 4.08
C ALA I 153 40.24 25.02 4.01
N LYS I 154 39.93 25.84 3.05
CA LYS I 154 38.60 26.39 2.82
C LYS I 154 37.77 25.66 1.75
N CYS I 155 38.32 24.61 1.14
CA CYS I 155 37.49 23.94 0.09
C CYS I 155 36.25 23.33 0.70
N PRO I 156 35.10 23.69 0.14
CA PRO I 156 33.82 23.17 0.59
C PRO I 156 33.70 21.66 0.33
N VAL I 157 34.39 21.13 -0.64
CA VAL I 157 34.31 19.67 -0.95
C VAL I 157 35.20 18.93 0.04
N LEU I 158 36.40 19.40 0.13
CA LEU I 158 37.43 18.81 1.02
C LEU I 158 36.93 18.83 2.45
N ASN I 159 36.17 19.87 2.78
CA ASN I 159 35.58 20.07 4.09
C ASN I 159 34.48 19.09 4.38
N LEU I 160 33.96 18.42 3.34
CA LEU I 160 32.91 17.41 3.52
C LEU I 160 33.49 16.09 4.01
N ILE I 161 34.81 15.94 3.91
CA ILE I 161 35.37 14.62 4.40
C ILE I 161 35.49 14.75 5.92
N GLU I 162 34.72 13.93 6.60
CA GLU I 162 34.60 13.84 8.02
C GLU I 162 35.91 13.93 8.77
N GLN I 163 36.81 13.00 8.51
CA GLN I 163 38.11 12.91 9.15
C GLN I 163 39.23 13.61 8.41
N PRO I 164 39.80 14.59 9.06
CA PRO I 164 40.92 15.36 8.50
C PRO I 164 42.02 14.50 7.91
N GLN I 165 42.36 13.38 8.53
CA GLN I 165 43.43 12.50 8.05
C GLN I 165 43.13 11.94 6.67
N ARG I 166 41.86 11.77 6.38
CA ARG I 166 41.40 11.26 5.07
C ARG I 166 41.58 12.32 4.00
N ARG I 167 41.46 13.59 4.38
CA ARG I 167 41.63 14.69 3.42
C ARG I 167 43.00 14.71 2.77
N GLU I 168 44.01 14.33 3.55
CA GLU I 168 45.39 14.31 3.12
C GLU I 168 45.63 13.39 1.93
N THR I 169 44.81 12.34 1.83
CA THR I 169 44.95 11.38 0.74
C THR I 169 44.75 12.04 -0.61
N LEU I 170 44.07 13.15 -0.66
CA LEU I 170 43.77 13.85 -1.88
C LEU I 170 44.76 14.92 -2.32
N ILE I 171 45.83 15.11 -1.57
CA ILE I 171 46.82 16.14 -1.85
C ILE I 171 48.05 15.64 -2.54
N ALA I 172 48.28 16.18 -3.75
CA ALA I 172 49.47 15.79 -4.53
C ALA I 172 50.69 16.54 -3.95
N LYS I 173 51.77 15.80 -3.84
CA LYS I 173 53.02 16.35 -3.29
C LYS I 173 53.90 16.86 -4.42
N ARG I 174 54.16 18.16 -4.32
CA ARG I 174 55.00 18.86 -5.30
C ARG I 174 56.42 18.29 -5.28
N CYS I 175 56.94 18.12 -6.46
CA CYS I 175 58.29 17.64 -6.73
C CYS I 175 58.74 18.34 -8.02
N GLU I 176 59.82 17.83 -8.55
CA GLU I 176 60.41 18.39 -9.80
C GLU I 176 61.08 17.24 -10.56
N VAL I 177 60.76 17.23 -11.84
CA VAL I 177 61.28 16.19 -12.76
C VAL I 177 62.03 16.92 -13.87
N ASP I 178 63.34 16.69 -13.90
CA ASP I 178 64.17 17.38 -14.93
C ASP I 178 63.97 18.89 -14.70
N GLY I 179 64.11 19.30 -13.45
CA GLY I 179 63.93 20.73 -13.13
C GLY I 179 62.58 21.25 -13.61
N LYS I 180 61.63 20.35 -13.83
CA LYS I 180 60.27 20.74 -14.25
C LYS I 180 59.35 20.47 -13.04
N THR I 181 58.40 21.37 -12.89
CA THR I 181 57.41 21.33 -11.82
C THR I 181 56.50 20.10 -11.99
N ALA I 182 56.51 19.28 -10.97
CA ALA I 182 55.71 18.06 -10.98
C ALA I 182 55.02 17.90 -9.63
N TYR I 183 54.02 17.03 -9.63
CA TYR I 183 53.21 16.69 -8.47
C TYR I 183 52.96 15.17 -8.57
N ARG I 184 53.17 14.52 -7.47
CA ARG I 184 52.99 13.06 -7.43
C ARG I 184 51.66 12.82 -6.68
N PHE I 185 50.84 11.98 -7.31
CA PHE I 185 49.52 11.66 -6.73
C PHE I 185 49.32 10.15 -6.85
N ASP I 186 49.53 9.51 -5.70
CA ASP I 186 49.39 8.04 -5.67
C ASP I 186 47.96 7.74 -5.16
N ILE I 187 47.38 6.73 -5.84
CA ILE I 187 46.04 6.28 -5.45
C ILE I 187 46.11 4.93 -4.75
N ARG I 188 45.47 4.82 -3.63
CA ARG I 188 45.40 3.58 -2.87
C ARG I 188 43.92 3.21 -2.79
N ILE I 189 43.58 2.21 -3.63
CA ILE I 189 42.24 1.71 -3.73
C ILE I 189 41.69 1.17 -2.41
N GLN I 190 42.53 0.40 -1.73
CA GLN I 190 42.04 -0.25 -0.49
C GLN I 190 43.13 -0.30 0.56
N GLY I 191 42.69 -0.38 1.82
CA GLY I 191 43.57 -0.53 2.93
C GLY I 191 44.17 0.74 3.46
N GLU I 192 45.35 0.58 4.01
CA GLU I 192 46.11 1.66 4.64
C GLU I 192 46.27 2.87 3.76
N GLY I 193 45.76 3.99 4.23
CA GLY I 193 45.82 5.28 3.49
C GLY I 193 44.92 5.21 2.26
N GLU I 194 43.87 4.43 2.35
CA GLU I 194 42.93 4.29 1.23
C GLU I 194 42.48 5.68 0.77
N THR I 195 42.59 5.91 -0.50
CA THR I 195 42.21 7.17 -1.12
C THR I 195 40.68 7.37 -1.02
N VAL I 196 40.34 8.63 -0.78
CA VAL I 196 38.94 9.03 -0.68
C VAL I 196 38.36 9.00 -2.14
N PHE I 197 37.19 8.40 -2.22
CA PHE I 197 36.46 8.29 -3.51
C PHE I 197 35.08 8.89 -3.27
N PHE I 198 34.58 9.56 -4.33
CA PHE I 198 33.32 10.26 -4.27
C PHE I 198 32.15 9.58 -4.97
N ASP I 199 30.99 10.12 -4.61
CA ASP I 199 29.72 9.71 -5.22
C ASP I 199 29.03 11.05 -5.48
N PHE I 200 28.54 11.24 -6.66
CA PHE I 200 27.85 12.46 -7.07
C PHE I 200 26.89 12.14 -8.26
N PRO J 1 33.28 28.41 -22.78
CA PRO J 1 33.51 27.38 -21.72
C PRO J 1 32.17 26.88 -21.20
N ALA J 2 32.22 25.75 -20.54
CA ALA J 2 31.02 25.11 -19.98
C ALA J 2 30.47 25.90 -18.80
N GLN J 3 29.18 25.65 -18.56
CA GLN J 3 28.43 26.28 -17.46
C GLN J 3 27.58 25.22 -16.75
N ASP J 4 27.41 25.47 -15.48
CA ASP J 4 26.66 24.63 -14.55
C ASP J 4 25.17 24.92 -14.72
N ASN J 5 24.51 24.21 -15.61
CA ASN J 5 23.08 24.48 -15.86
C ASN J 5 22.18 23.30 -15.57
N SER J 6 22.78 22.13 -15.33
CA SER J 6 21.93 20.95 -15.07
C SER J 6 22.43 20.15 -13.89
N ARG J 7 21.55 19.25 -13.49
CA ARG J 7 21.75 18.33 -12.38
C ARG J 7 21.49 16.93 -12.98
N PHE J 8 22.20 15.96 -12.45
CA PHE J 8 21.94 14.57 -12.98
C PHE J 8 21.34 13.78 -11.84
N VAL J 9 20.37 12.94 -12.18
CA VAL J 9 19.68 12.06 -11.24
C VAL J 9 20.75 11.17 -10.53
N ILE J 10 20.63 11.06 -9.23
CA ILE J 10 21.61 10.27 -8.47
C ILE J 10 21.68 8.84 -9.01
N ARG J 11 22.88 8.29 -9.06
CA ARG J 11 23.05 6.90 -9.50
C ARG J 11 22.46 5.93 -8.47
N ASP J 12 21.99 4.78 -8.96
CA ASP J 12 21.44 3.72 -8.09
C ASP J 12 22.54 2.65 -7.99
N ARG J 13 23.26 2.73 -6.86
CA ARG J 13 24.38 1.83 -6.61
C ARG J 13 24.03 0.44 -6.21
N ASN J 14 22.71 0.19 -6.16
CA ASN J 14 22.18 -1.16 -5.86
C ASN J 14 21.76 -1.79 -7.22
N TRP J 15 21.71 -0.96 -8.24
CA TRP J 15 21.30 -1.42 -9.61
C TRP J 15 22.57 -1.86 -10.35
N HIS J 16 23.57 -1.02 -10.20
CA HIS J 16 24.91 -1.23 -10.71
C HIS J 16 25.53 -2.31 -9.78
N PRO J 17 26.58 -2.93 -10.31
CA PRO J 17 27.29 -3.97 -9.56
C PRO J 17 28.01 -3.29 -8.39
N LYS J 18 28.06 -3.95 -7.27
CA LYS J 18 28.81 -3.39 -6.10
C LYS J 18 30.31 -3.54 -6.40
N ALA J 19 31.11 -2.85 -5.56
CA ALA J 19 32.57 -2.92 -5.73
C ALA J 19 33.11 -4.29 -5.39
N LEU J 20 32.71 -4.84 -4.25
CA LEU J 20 33.20 -6.15 -3.80
C LEU J 20 32.24 -7.28 -4.21
N THR J 21 32.66 -8.06 -5.17
CA THR J 21 31.82 -9.21 -5.67
C THR J 21 32.86 -10.34 -5.80
N PRO J 22 33.03 -11.02 -4.64
CA PRO J 22 34.02 -12.04 -4.48
C PRO J 22 34.18 -13.07 -5.54
N ASP J 23 33.09 -13.52 -6.19
CA ASP J 23 33.25 -14.57 -7.24
C ASP J 23 34.15 -14.01 -8.34
N TYR J 24 34.11 -12.69 -8.46
CA TYR J 24 35.02 -12.03 -9.47
C TYR J 24 36.27 -11.71 -8.61
N LYS J 25 37.18 -12.65 -8.57
CA LYS J 25 38.37 -12.65 -7.81
C LYS J 25 39.15 -11.39 -7.68
N THR J 26 39.58 -10.81 -8.80
CA THR J 26 40.37 -9.58 -8.80
C THR J 26 39.71 -8.44 -8.07
N SER J 27 38.39 -8.48 -7.96
CA SER J 27 37.69 -7.39 -7.26
C SER J 27 37.98 -7.39 -5.76
N ILE J 28 38.48 -8.53 -5.25
CA ILE J 28 38.71 -8.57 -3.78
C ILE J 28 39.64 -7.46 -3.33
N ALA J 29 40.81 -7.37 -3.95
CA ALA J 29 41.88 -6.44 -3.70
C ALA J 29 41.74 -5.10 -4.40
N ARG J 30 40.74 -4.99 -5.26
CA ARG J 30 40.55 -3.72 -6.00
C ARG J 30 39.26 -3.00 -5.66
N SER J 31 38.70 -3.29 -4.49
CA SER J 31 37.47 -2.63 -4.02
C SER J 31 37.82 -1.86 -2.73
N PRO J 32 37.39 -0.64 -2.68
CA PRO J 32 37.60 0.25 -1.52
C PRO J 32 36.87 -0.32 -0.32
N ARG J 33 37.43 -0.10 0.87
CA ARG J 33 36.80 -0.64 2.11
C ARG J 33 36.07 0.45 2.86
N GLN J 34 36.42 1.72 2.56
CA GLN J 34 35.73 2.85 3.20
C GLN J 34 34.54 3.18 2.28
N ALA J 35 33.55 3.86 2.85
CA ALA J 35 32.37 4.24 2.04
C ALA J 35 32.73 5.40 1.14
N LEU J 36 32.06 5.46 -0.03
CA LEU J 36 32.31 6.64 -0.93
C LEU J 36 31.80 7.86 -0.11
N VAL J 37 32.35 9.01 -0.42
CA VAL J 37 31.89 10.26 0.22
C VAL J 37 30.95 10.98 -0.75
N SER J 38 29.69 11.20 -0.41
CA SER J 38 28.79 11.89 -1.34
C SER J 38 29.11 13.39 -1.32
N ILE J 39 29.10 13.98 -2.51
CA ILE J 39 29.33 15.43 -2.65
C ILE J 39 28.25 15.98 -3.58
N PRO J 40 27.82 17.19 -3.28
CA PRO J 40 26.81 17.88 -4.07
C PRO J 40 27.44 18.16 -5.45
N GLN J 41 26.58 18.18 -6.46
CA GLN J 41 27.05 18.42 -7.85
C GLN J 41 27.45 19.89 -8.00
N SER J 42 28.54 20.07 -8.73
CA SER J 42 29.07 21.44 -9.03
C SER J 42 29.45 21.39 -10.53
N ILE J 43 29.86 22.54 -11.04
CA ILE J 43 30.29 22.68 -12.43
C ILE J 43 31.36 21.63 -12.76
N SER J 44 32.09 21.21 -11.74
CA SER J 44 33.16 20.23 -11.91
C SER J 44 32.59 18.87 -12.33
N GLU J 45 31.45 18.52 -11.78
CA GLU J 45 30.81 17.23 -12.05
C GLU J 45 29.74 17.26 -13.12
N THR J 46 29.15 18.44 -13.35
CA THR J 46 28.05 18.58 -14.27
C THR J 46 28.41 18.98 -15.68
N THR J 47 29.71 19.01 -15.96
CA THR J 47 30.17 19.38 -17.30
C THR J 47 31.10 18.25 -17.75
N GLY J 48 31.44 18.30 -19.03
CA GLY J 48 32.31 17.24 -19.59
C GLY J 48 32.63 17.68 -21.03
N PRO J 49 33.58 16.98 -21.61
CA PRO J 49 34.01 17.22 -22.97
C PRO J 49 32.90 16.93 -23.98
N ASN J 50 32.99 17.66 -25.06
CA ASN J 50 32.12 17.53 -26.25
C ASN J 50 33.10 17.15 -27.38
N PHE J 51 32.82 16.04 -28.07
CA PHE J 51 33.72 15.56 -29.11
C PHE J 51 33.26 15.90 -30.52
N SER J 52 32.36 16.84 -30.64
CA SER J 52 31.82 17.28 -31.92
C SER J 52 32.94 17.61 -32.91
N HIS J 53 34.00 18.22 -32.44
CA HIS J 53 35.11 18.60 -33.29
C HIS J 53 36.22 17.62 -33.47
N LEU J 54 36.13 16.42 -32.92
CA LEU J 54 37.21 15.42 -33.08
C LEU J 54 37.16 14.95 -34.55
N GLY J 55 38.34 14.74 -35.08
CA GLY J 55 38.46 14.30 -36.49
C GLY J 55 38.49 12.79 -36.58
N PHE J 56 37.32 12.24 -36.81
CA PHE J 56 37.17 10.76 -36.94
C PHE J 56 37.48 10.31 -38.37
N GLY J 57 38.10 9.15 -38.49
CA GLY J 57 38.38 8.61 -39.86
C GLY J 57 37.04 8.09 -40.42
N ALA J 58 37.10 7.78 -41.72
CA ALA J 58 35.93 7.32 -42.45
C ALA J 58 35.47 5.92 -42.06
N HIS J 59 36.29 5.09 -41.54
CA HIS J 59 36.00 3.73 -41.11
C HIS J 59 36.25 3.51 -39.63
N ASP J 60 36.11 4.61 -38.88
CA ASP J 60 36.35 4.54 -37.42
C ASP J 60 35.38 3.57 -36.76
N HIS J 61 34.15 3.60 -37.25
CA HIS J 61 33.07 2.77 -36.80
C HIS J 61 32.95 1.48 -37.61
N ASP J 62 33.83 1.22 -38.55
CA ASP J 62 33.71 -0.02 -39.36
C ASP J 62 34.91 -0.93 -39.12
N LEU J 63 34.68 -1.94 -38.33
CA LEU J 63 35.74 -2.91 -37.97
C LEU J 63 36.09 -3.92 -39.04
N LEU J 64 35.30 -3.88 -40.11
CA LEU J 64 35.49 -4.81 -41.24
C LEU J 64 36.55 -4.18 -42.15
N LEU J 65 36.70 -2.87 -42.03
CA LEU J 65 37.69 -2.16 -42.85
C LEU J 65 38.74 -1.33 -42.13
N ASN J 66 38.58 -1.01 -40.89
CA ASN J 66 39.51 -0.16 -40.14
C ASN J 66 40.82 -0.76 -39.75
N PHE J 67 41.12 -1.99 -40.08
CA PHE J 67 42.43 -2.58 -39.69
C PHE J 67 43.18 -2.95 -40.99
N GLY J 71 42.31 -7.60 -46.65
CA GLY J 71 41.40 -8.79 -46.65
C GLY J 71 40.28 -8.53 -45.64
N LEU J 72 39.28 -9.39 -45.73
CA LEU J 72 38.11 -9.25 -44.79
C LEU J 72 38.39 -10.19 -43.63
N PRO J 73 37.98 -9.78 -42.43
CA PRO J 73 38.18 -10.62 -41.23
C PRO J 73 37.29 -11.89 -41.39
N ILE J 74 37.64 -12.90 -40.62
CA ILE J 74 36.79 -14.14 -40.62
C ILE J 74 35.80 -14.05 -39.46
N GLY J 75 34.53 -14.42 -39.72
CA GLY J 75 33.56 -14.35 -38.59
C GLY J 75 32.23 -13.81 -39.06
N GLU J 76 31.29 -13.85 -38.15
CA GLU J 76 29.92 -13.43 -38.43
C GLU J 76 29.78 -11.94 -38.56
N ARG J 77 29.48 -11.53 -39.79
CA ARG J 77 29.32 -10.08 -40.06
C ARG J 77 28.06 -9.60 -39.37
N ILE J 78 28.24 -8.53 -38.57
CA ILE J 78 27.06 -7.98 -37.88
C ILE J 78 27.22 -6.47 -37.75
N ILE J 79 26.04 -5.85 -37.66
CA ILE J 79 25.94 -4.42 -37.39
C ILE J 79 25.43 -4.41 -35.90
N VAL J 80 26.01 -3.48 -35.17
CA VAL J 80 25.62 -3.23 -33.76
C VAL J 80 25.20 -1.75 -33.78
N ALA J 81 23.93 -1.52 -33.55
CA ALA J 81 23.37 -0.18 -33.56
C ALA J 81 22.37 -0.01 -32.43
N GLY J 82 22.12 1.27 -32.15
CA GLY J 82 21.14 1.54 -31.08
C GLY J 82 21.11 3.06 -30.91
N ARG J 83 20.38 3.37 -29.86
CA ARG J 83 20.20 4.77 -29.48
C ARG J 83 20.71 4.94 -28.03
N VAL J 84 21.17 6.16 -27.80
CA VAL J 84 21.64 6.63 -26.48
C VAL J 84 20.67 7.70 -25.99
N VAL J 85 19.98 7.38 -24.91
CA VAL J 85 18.99 8.33 -24.32
C VAL J 85 19.33 8.48 -22.81
N ASP J 86 18.64 9.40 -22.16
CA ASP J 86 18.87 9.57 -20.70
C ASP J 86 17.68 8.91 -20.04
N GLN J 87 17.60 8.89 -18.73
CA GLN J 87 16.54 8.32 -17.94
C GLN J 87 15.19 9.00 -18.20
N TYR J 88 15.21 10.21 -18.76
CA TYR J 88 13.94 10.87 -19.08
C TYR J 88 13.48 10.48 -20.49
N GLY J 89 14.24 9.62 -21.16
CA GLY J 89 13.90 9.17 -22.51
C GLY J 89 14.38 10.13 -23.58
N LYS J 90 15.13 11.13 -23.21
CA LYS J 90 15.68 12.15 -24.13
C LYS J 90 16.94 11.66 -24.81
N PRO J 91 16.98 11.91 -26.14
CA PRO J 91 18.15 11.53 -26.92
C PRO J 91 19.38 12.34 -26.47
N VAL J 92 20.52 11.70 -26.58
CA VAL J 92 21.83 12.26 -26.28
C VAL J 92 22.65 12.34 -27.57
N PRO J 93 22.49 13.48 -28.25
CA PRO J 93 23.15 13.69 -29.54
C PRO J 93 24.62 14.04 -29.43
N ASN J 94 25.32 13.82 -30.56
CA ASN J 94 26.76 14.17 -30.60
C ASN J 94 27.54 13.65 -29.39
N THR J 95 27.27 12.43 -29.00
CA THR J 95 28.02 11.88 -27.84
C THR J 95 28.96 10.81 -28.31
N LEU J 96 30.09 10.66 -27.66
CA LEU J 96 31.10 9.68 -28.03
C LEU J 96 30.84 8.26 -27.50
N VAL J 97 30.79 7.31 -28.42
CA VAL J 97 30.65 5.90 -28.20
C VAL J 97 31.91 5.17 -28.72
N GLU J 98 32.63 4.55 -27.82
CA GLU J 98 33.86 3.81 -28.16
C GLU J 98 33.65 2.34 -27.89
N MET J 99 34.20 1.45 -28.69
CA MET J 99 34.01 -0.02 -28.42
C MET J 99 35.29 -0.75 -28.72
N TRP J 100 35.45 -1.95 -28.23
CA TRP J 100 36.60 -2.82 -28.36
C TRP J 100 36.08 -4.26 -28.10
N GLN J 101 36.72 -5.20 -28.73
CA GLN J 101 36.24 -6.61 -28.58
C GLN J 101 37.34 -7.56 -29.07
N ALA J 102 37.12 -8.85 -28.86
CA ALA J 102 38.07 -9.88 -29.34
C ALA J 102 37.69 -10.22 -30.77
N ASN J 103 38.38 -11.20 -31.36
CA ASN J 103 38.09 -11.67 -32.72
C ASN J 103 37.06 -12.78 -32.63
N ALA J 104 36.79 -13.43 -33.78
CA ALA J 104 35.76 -14.52 -33.80
C ALA J 104 36.14 -15.69 -32.92
N GLY J 105 37.43 -15.80 -32.62
CA GLY J 105 37.95 -16.90 -31.78
C GLY J 105 38.07 -16.56 -30.29
N GLY J 106 37.84 -15.28 -29.98
CA GLY J 106 37.93 -14.80 -28.60
C GLY J 106 39.35 -14.31 -28.30
N ARG J 107 40.11 -14.03 -29.34
CA ARG J 107 41.50 -13.53 -29.13
C ARG J 107 41.52 -12.02 -29.29
N TYR J 108 42.09 -11.33 -28.32
CA TYR J 108 42.19 -9.85 -28.39
C TYR J 108 43.53 -9.46 -29.01
N ARG J 109 43.51 -8.32 -29.68
CA ARG J 109 44.83 -7.84 -30.25
C ARG J 109 45.53 -6.99 -29.18
N HIS J 110 46.07 -7.70 -28.20
CA HIS J 110 46.79 -7.13 -27.05
C HIS J 110 47.90 -8.09 -26.61
N LYS J 111 49.04 -7.53 -26.26
CA LYS J 111 50.25 -8.18 -25.84
C LYS J 111 49.95 -9.32 -24.84
N ASN J 112 49.19 -8.86 -23.86
CA ASN J 112 48.82 -9.70 -22.73
C ASN J 112 47.88 -10.81 -23.06
N ASP J 113 47.37 -10.85 -24.29
CA ASP J 113 46.42 -11.97 -24.60
C ASP J 113 47.26 -13.12 -25.15
N ARG J 114 47.32 -14.17 -24.37
CA ARG J 114 48.08 -15.38 -24.73
C ARG J 114 47.19 -16.56 -25.02
N TYR J 115 45.90 -16.31 -25.14
CA TYR J 115 44.93 -17.42 -25.45
C TYR J 115 45.40 -18.06 -26.75
N LEU J 116 45.24 -19.36 -26.83
CA LEU J 116 45.67 -20.12 -28.01
C LEU J 116 44.94 -19.86 -29.27
N ALA J 117 43.79 -19.22 -29.25
CA ALA J 117 43.05 -18.91 -30.50
C ALA J 117 43.86 -17.85 -31.24
N PRO J 118 44.08 -18.05 -32.53
CA PRO J 118 44.87 -17.14 -33.34
C PRO J 118 44.27 -15.75 -33.52
N LEU J 119 45.12 -14.85 -33.95
CA LEU J 119 44.77 -13.47 -34.29
C LEU J 119 44.31 -13.50 -35.75
N ASP J 120 43.39 -12.61 -36.07
CA ASP J 120 42.90 -12.46 -37.45
C ASP J 120 43.72 -11.35 -38.09
N PRO J 121 44.50 -11.71 -39.10
CA PRO J 121 45.32 -10.75 -39.84
C PRO J 121 44.55 -9.51 -40.26
N ASN J 122 43.25 -9.61 -40.51
CA ASN J 122 42.45 -8.46 -40.93
C ASN J 122 41.51 -7.91 -39.86
N PHE J 123 41.78 -8.15 -38.59
CA PHE J 123 40.88 -7.65 -37.52
C PHE J 123 41.69 -6.97 -36.42
N GLY J 124 41.25 -5.75 -36.12
CA GLY J 124 41.87 -4.95 -35.03
C GLY J 124 40.96 -5.04 -33.78
N GLY J 125 39.71 -4.66 -33.92
CA GLY J 125 38.69 -4.66 -32.91
C GLY J 125 38.48 -3.40 -32.12
N VAL J 126 38.73 -2.24 -32.72
CA VAL J 126 38.50 -0.95 -32.04
C VAL J 126 37.60 -0.10 -32.93
N GLY J 127 36.59 0.52 -32.34
CA GLY J 127 35.70 1.37 -33.15
C GLY J 127 35.27 2.55 -32.27
N ARG J 128 34.79 3.58 -32.95
CA ARG J 128 34.31 4.79 -32.34
C ARG J 128 33.30 5.42 -33.31
N CYS J 129 32.32 6.06 -32.72
CA CYS J 129 31.22 6.69 -33.46
C CYS J 129 30.64 7.81 -32.57
N LEU J 130 30.34 8.90 -33.21
CA LEU J 130 29.70 10.04 -32.55
C LEU J 130 28.20 9.86 -32.84
N THR J 131 27.36 9.90 -31.82
CA THR J 131 25.93 9.70 -32.03
C THR J 131 25.41 10.90 -32.84
N ASP J 132 24.37 10.58 -33.59
CA ASP J 132 23.72 11.60 -34.43
C ASP J 132 22.80 12.48 -33.61
N SER J 133 22.18 13.39 -34.36
CA SER J 133 21.22 14.36 -33.81
C SER J 133 20.12 13.68 -33.05
N ASP J 134 19.83 12.41 -33.36
CA ASP J 134 18.77 11.69 -32.66
C ASP J 134 19.24 10.69 -31.63
N GLY J 135 20.52 10.73 -31.29
CA GLY J 135 21.09 9.80 -30.35
C GLY J 135 21.49 8.44 -30.91
N TYR J 136 21.44 8.22 -32.23
CA TYR J 136 21.81 6.91 -32.79
C TYR J 136 23.29 6.78 -33.12
N TYR J 137 23.73 5.52 -33.03
CA TYR J 137 25.09 5.13 -33.34
C TYR J 137 24.99 3.78 -34.09
N SER J 138 26.11 3.48 -34.75
CA SER J 138 26.17 2.17 -35.42
C SER J 138 27.61 1.83 -35.70
N PHE J 139 27.83 0.52 -35.64
CA PHE J 139 29.13 -0.08 -35.89
C PHE J 139 28.85 -1.33 -36.78
N ARG J 140 29.91 -1.67 -37.44
CA ARG J 140 29.88 -2.90 -38.30
C ARG J 140 31.16 -3.65 -37.91
N THR J 141 30.92 -4.87 -37.49
CA THR J 141 32.07 -5.72 -37.02
C THR J 141 31.69 -7.18 -37.22
N ILE J 142 32.47 -8.03 -36.53
CA ILE J 142 32.15 -9.47 -36.55
C ILE J 142 31.84 -9.79 -35.06
N LYS J 143 31.02 -10.80 -34.90
CA LYS J 143 30.63 -11.25 -33.55
C LYS J 143 31.81 -11.91 -32.88
N PRO J 144 32.12 -11.46 -31.64
CA PRO J 144 33.22 -12.00 -30.88
C PRO J 144 32.96 -13.38 -30.29
N GLY J 145 34.03 -14.11 -30.07
CA GLY J 145 33.96 -15.48 -29.45
C GLY J 145 34.18 -15.35 -27.94
N PRO J 146 33.58 -16.28 -27.20
CA PRO J 146 33.72 -16.32 -25.74
C PRO J 146 35.25 -16.58 -25.53
N TYR J 147 35.67 -16.36 -24.32
CA TYR J 147 37.11 -16.64 -24.00
C TYR J 147 37.23 -17.06 -22.54
N PRO J 148 38.23 -17.91 -22.31
CA PRO J 148 38.49 -18.44 -20.95
C PRO J 148 39.33 -17.41 -20.20
N TRP J 149 39.23 -17.45 -18.87
CA TRP J 149 40.06 -16.43 -18.12
C TRP J 149 40.42 -17.10 -16.81
N ARG J 150 41.45 -16.65 -16.17
CA ARG J 150 41.85 -17.36 -14.90
C ARG J 150 41.14 -16.79 -13.71
N ASN J 151 39.99 -17.32 -13.40
CA ASN J 151 39.14 -16.90 -12.26
C ASN J 151 38.95 -18.25 -11.50
N GLY J 152 37.85 -18.88 -11.79
CA GLY J 152 37.59 -20.26 -11.25
C GLY J 152 38.41 -21.15 -12.26
N PRO J 153 38.47 -22.44 -11.98
CA PRO J 153 39.23 -23.36 -12.84
C PRO J 153 38.62 -23.56 -14.22
N ASN J 154 37.43 -23.05 -14.49
CA ASN J 154 36.86 -23.27 -15.86
C ASN J 154 35.85 -22.14 -16.12
N ASP J 155 36.29 -20.94 -16.09
CA ASP J 155 35.44 -19.75 -16.31
C ASP J 155 35.57 -19.32 -17.76
N TRP J 156 34.43 -18.86 -18.29
CA TRP J 156 34.42 -18.41 -19.69
C TRP J 156 33.59 -17.13 -19.79
N ARG J 157 34.17 -16.17 -20.44
CA ARG J 157 33.41 -14.90 -20.65
C ARG J 157 32.44 -15.21 -21.83
N PRO J 158 31.20 -14.80 -21.64
CA PRO J 158 30.22 -14.94 -22.74
C PRO J 158 30.73 -13.91 -23.79
N ALA J 159 30.49 -14.24 -25.03
CA ALA J 159 30.89 -13.23 -26.09
C ALA J 159 30.33 -11.88 -25.68
N HIS J 160 31.14 -10.83 -25.82
CA HIS J 160 30.69 -9.45 -25.46
C HIS J 160 31.47 -8.38 -26.24
N ILE J 161 30.89 -7.20 -26.28
CA ILE J 161 31.57 -6.05 -26.91
C ILE J 161 31.76 -5.00 -25.75
N HIS J 162 32.91 -4.40 -25.69
CA HIS J 162 33.13 -3.41 -24.56
C HIS J 162 32.65 -2.06 -25.08
N PHE J 163 31.95 -1.35 -24.22
CA PHE J 163 31.46 0.01 -24.64
C PHE J 163 31.85 1.01 -23.52
N GLY J 164 32.14 2.18 -23.96
CA GLY J 164 32.50 3.37 -23.13
C GLY J 164 31.60 4.49 -23.77
N ILE J 165 30.91 5.24 -22.98
CA ILE J 165 30.01 6.31 -23.46
C ILE J 165 30.24 7.61 -22.65
N SER J 166 30.44 8.69 -23.37
CA SER J 166 30.78 9.98 -22.65
C SER J 166 29.59 10.61 -22.02
N GLY J 167 28.62 10.94 -22.84
CA GLY J 167 27.36 11.59 -22.38
C GLY J 167 27.73 13.09 -22.25
N PRO J 168 26.81 13.84 -21.68
CA PRO J 168 26.97 15.28 -21.54
C PRO J 168 27.88 15.76 -20.43
N SER J 169 28.27 14.86 -19.52
CA SER J 169 29.11 15.27 -18.38
C SER J 169 29.95 14.12 -17.88
N ILE J 170 30.92 14.45 -16.96
CA ILE J 170 31.74 13.30 -16.44
C ILE J 170 30.89 12.49 -15.50
N ALA J 171 29.77 13.07 -15.09
CA ALA J 171 28.81 12.43 -14.19
C ALA J 171 28.06 11.30 -14.95
N THR J 172 28.00 11.44 -16.26
CA THR J 172 27.26 10.42 -17.06
C THR J 172 28.15 9.37 -17.66
N LYS J 173 29.45 9.60 -17.67
CA LYS J 173 30.40 8.66 -18.31
C LYS J 173 30.20 7.27 -17.73
N LEU J 174 30.30 6.34 -18.69
CA LEU J 174 30.06 4.93 -18.28
C LEU J 174 30.80 4.02 -19.22
N ILE J 175 31.25 2.94 -18.63
CA ILE J 175 31.89 1.85 -19.39
C ILE J 175 31.03 0.61 -19.00
N THR J 176 30.80 -0.22 -20.05
CA THR J 176 29.96 -1.41 -19.78
C THR J 176 30.35 -2.48 -20.82
N GLN J 177 29.51 -3.52 -20.81
CA GLN J 177 29.71 -4.65 -21.77
C GLN J 177 28.36 -5.09 -22.30
N LEU J 178 28.30 -5.28 -23.59
CA LEU J 178 27.06 -5.76 -24.30
C LEU J 178 27.27 -7.30 -24.51
N TYR J 179 26.24 -8.06 -24.22
CA TYR J 179 26.18 -9.52 -24.34
C TYR J 179 25.15 -9.85 -25.45
N PHE J 180 25.14 -11.06 -25.97
CA PHE J 180 24.23 -11.42 -27.07
C PHE J 180 23.04 -12.22 -26.64
N GLU J 181 21.88 -11.81 -27.16
CA GLU J 181 20.62 -12.46 -26.79
C GLU J 181 20.82 -14.01 -26.97
N GLY J 182 20.46 -14.76 -25.95
CA GLY J 182 20.49 -16.16 -25.83
C GLY J 182 21.75 -16.88 -25.47
N ASP J 183 22.87 -16.19 -25.32
CA ASP J 183 24.17 -16.88 -25.02
C ASP J 183 24.04 -17.64 -23.71
N PRO J 184 24.23 -18.96 -23.79
CA PRO J 184 24.11 -19.80 -22.56
C PRO J 184 25.18 -19.50 -21.52
N LEU J 185 26.24 -18.79 -21.86
CA LEU J 185 27.31 -18.42 -20.95
C LEU J 185 27.00 -17.24 -20.02
N ILE J 186 26.02 -16.42 -20.33
CA ILE J 186 25.68 -15.25 -19.51
C ILE J 186 25.35 -15.54 -18.06
N PRO J 187 24.44 -16.48 -17.82
CA PRO J 187 24.03 -16.81 -16.45
C PRO J 187 25.14 -17.41 -15.64
N MET J 188 26.23 -17.83 -16.21
CA MET J 188 27.33 -18.46 -15.45
C MET J 188 28.50 -17.56 -15.13
N CYS J 189 28.59 -16.42 -15.75
CA CYS J 189 29.66 -15.47 -15.62
C CYS J 189 29.61 -14.63 -14.35
N PRO J 190 30.68 -14.80 -13.55
CA PRO J 190 30.81 -14.05 -12.29
C PRO J 190 30.85 -12.56 -12.48
N ILE J 191 31.27 -12.06 -13.62
CA ILE J 191 31.30 -10.62 -13.92
C ILE J 191 29.87 -10.15 -14.19
N VAL J 192 29.16 -10.95 -15.02
CA VAL J 192 27.74 -10.61 -15.26
C VAL J 192 27.06 -10.61 -13.88
N LYS J 193 27.29 -11.68 -13.15
CA LYS J 193 26.70 -11.82 -11.80
C LYS J 193 27.13 -10.77 -10.81
N SER J 194 28.07 -9.89 -11.19
CA SER J 194 28.49 -8.80 -10.25
C SER J 194 27.27 -7.89 -10.08
N ILE J 195 26.32 -8.06 -11.00
CA ILE J 195 25.06 -7.27 -10.98
C ILE J 195 24.00 -8.12 -10.26
N ALA J 196 23.56 -7.67 -9.11
CA ALA J 196 22.61 -8.44 -8.32
C ALA J 196 21.21 -8.59 -8.87
N ASN J 197 20.73 -7.55 -9.56
CA ASN J 197 19.34 -7.61 -10.10
C ASN J 197 19.29 -8.19 -11.47
N PRO J 198 18.55 -9.27 -11.64
CA PRO J 198 18.36 -9.95 -12.93
C PRO J 198 17.82 -9.05 -13.99
N GLU J 199 17.01 -8.09 -13.55
CA GLU J 199 16.40 -7.12 -14.46
C GLU J 199 17.48 -6.21 -15.08
N ALA J 200 18.51 -5.93 -14.35
CA ALA J 200 19.62 -5.07 -14.78
C ALA J 200 20.46 -5.77 -15.85
N VAL J 201 20.56 -7.08 -15.66
CA VAL J 201 21.34 -7.91 -16.60
C VAL J 201 20.72 -7.85 -18.00
N GLN J 202 19.38 -7.91 -17.99
CA GLN J 202 18.60 -7.89 -19.24
C GLN J 202 18.97 -6.67 -20.08
N GLN J 203 19.28 -5.63 -19.35
CA GLN J 203 19.65 -4.34 -19.96
C GLN J 203 20.93 -4.41 -20.74
N LEU J 204 21.80 -5.36 -20.49
CA LEU J 204 23.08 -5.52 -21.18
C LEU J 204 22.99 -6.50 -22.35
N ILE J 205 21.81 -7.00 -22.60
CA ILE J 205 21.65 -7.98 -23.71
C ILE J 205 21.20 -7.41 -25.02
N ALA J 206 22.07 -7.55 -26.02
CA ALA J 206 21.77 -7.05 -27.37
C ALA J 206 20.75 -7.98 -28.04
N LYS J 207 19.74 -7.38 -28.64
CA LYS J 207 18.65 -8.16 -29.28
C LYS J 207 18.93 -8.30 -30.78
N LEU J 208 18.61 -9.50 -31.24
CA LEU J 208 18.81 -9.71 -32.73
C LEU J 208 17.78 -8.74 -33.38
N ASP J 209 18.27 -8.01 -34.36
CA ASP J 209 17.34 -7.03 -35.03
C ASP J 209 17.34 -7.35 -36.55
N MET J 210 16.48 -8.26 -36.98
CA MET J 210 16.39 -8.67 -38.37
C MET J 210 15.97 -7.51 -39.31
N ASN J 211 15.31 -6.53 -38.75
CA ASN J 211 14.81 -5.34 -39.46
C ASN J 211 15.97 -4.53 -40.00
N ASN J 212 17.05 -4.53 -39.28
CA ASN J 212 18.23 -3.77 -39.64
C ASN J 212 19.31 -4.51 -40.40
N ALA J 213 19.15 -5.81 -40.53
CA ALA J 213 20.14 -6.63 -41.22
C ALA J 213 20.08 -6.32 -42.74
N ASN J 214 21.18 -6.64 -43.37
CA ASN J 214 21.37 -6.48 -44.81
C ASN J 214 21.25 -7.91 -45.40
N PRO J 215 20.15 -8.15 -46.05
CA PRO J 215 19.90 -9.52 -46.64
C PRO J 215 21.16 -9.97 -47.36
N MET J 216 21.49 -11.22 -47.28
CA MET J 216 22.62 -11.91 -47.88
C MET J 216 23.97 -11.28 -47.54
N ASP J 217 24.02 -10.46 -46.49
CA ASP J 217 25.27 -9.76 -46.14
C ASP J 217 25.67 -9.91 -44.68
N CYS J 218 24.87 -9.28 -43.83
CA CYS J 218 25.15 -9.29 -42.37
C CYS J 218 23.89 -9.19 -41.54
N LEU J 219 24.01 -9.72 -40.33
CA LEU J 219 22.91 -9.67 -39.33
C LEU J 219 23.13 -8.35 -38.58
N ALA J 220 22.25 -8.07 -37.64
CA ALA J 220 22.26 -6.85 -36.84
C ALA J 220 21.68 -7.14 -35.45
N TYR J 221 22.26 -6.40 -34.53
CA TYR J 221 21.89 -6.47 -33.10
C TYR J 221 21.57 -5.03 -32.67
N ARG J 222 20.64 -4.94 -31.79
CA ARG J 222 20.19 -3.61 -31.30
C ARG J 222 20.62 -3.46 -29.83
N PHE J 223 21.30 -2.40 -29.54
CA PHE J 223 21.69 -2.22 -28.08
C PHE J 223 21.48 -0.74 -27.76
N ASP J 224 20.46 -0.47 -26.96
CA ASP J 224 20.17 0.91 -26.55
C ASP J 224 20.84 1.11 -25.16
N ILE J 225 21.32 2.29 -24.98
CA ILE J 225 22.00 2.79 -23.82
C ILE J 225 21.25 3.91 -23.11
N VAL J 226 21.13 3.78 -21.80
CA VAL J 226 20.49 4.76 -20.93
C VAL J 226 21.51 5.31 -19.90
N LEU J 227 21.71 6.63 -20.03
CA LEU J 227 22.57 7.43 -19.17
C LEU J 227 21.72 8.23 -18.15
N ARG J 228 22.41 8.63 -17.06
CA ARG J 228 21.75 9.42 -16.01
C ARG J 228 20.84 10.53 -16.62
N GLY J 229 19.66 10.58 -16.06
CA GLY J 229 18.68 11.61 -16.50
C GLY J 229 19.28 12.99 -16.16
N GLN J 230 19.04 13.92 -17.05
CA GLN J 230 19.50 15.32 -17.00
C GLN J 230 18.35 16.29 -16.81
N ARG J 231 18.44 17.15 -15.80
CA ARG J 231 17.36 18.14 -15.56
C ARG J 231 18.00 19.50 -15.24
N LYS J 232 17.16 20.52 -15.33
CA LYS J 232 17.63 21.90 -15.01
C LYS J 232 17.58 22.00 -13.46
N THR J 233 18.46 22.88 -12.98
CA THR J 233 18.48 23.14 -11.53
C THR J 233 17.14 23.86 -11.28
N HIS J 234 16.69 23.92 -10.08
CA HIS J 234 15.44 24.60 -9.70
C HIS J 234 15.49 24.90 -8.19
N PHE J 235 14.98 26.06 -7.82
CA PHE J 235 14.92 26.52 -6.43
C PHE J 235 16.22 26.25 -5.67
N GLU J 236 17.32 26.47 -6.34
CA GLU J 236 18.64 26.24 -5.74
C GLU J 236 19.22 27.51 -5.13
N PRO K 1 22.09 -26.00 -20.76
CA PRO K 1 23.40 -26.60 -20.51
C PRO K 1 23.16 -27.95 -19.83
N ILE K 2 24.14 -28.85 -19.92
CA ILE K 2 24.08 -30.15 -19.28
C ILE K 2 24.46 -30.02 -17.80
N GLU K 3 23.64 -30.62 -16.97
CA GLU K 3 23.88 -30.59 -15.51
C GLU K 3 24.01 -32.02 -15.01
N LEU K 4 25.07 -32.29 -14.24
CA LEU K 4 25.26 -33.67 -13.68
C LEU K 4 24.58 -33.74 -12.32
N LEU K 5 24.80 -34.89 -11.66
CA LEU K 5 24.29 -34.99 -10.25
C LEU K 5 25.29 -34.01 -9.50
N PRO K 6 24.70 -33.28 -8.60
CA PRO K 6 25.49 -32.34 -7.76
C PRO K 6 26.29 -33.14 -6.71
N GLU K 7 27.50 -32.66 -6.47
CA GLU K 7 28.39 -33.32 -5.47
C GLU K 7 27.79 -33.09 -4.10
N THR K 8 28.00 -34.06 -3.24
CA THR K 8 27.50 -33.92 -1.85
C THR K 8 28.28 -32.70 -1.29
N PRO K 9 27.56 -31.81 -0.63
CA PRO K 9 28.16 -30.62 -0.02
C PRO K 9 29.11 -30.99 1.15
N SER K 10 30.15 -30.19 1.24
CA SER K 10 31.15 -30.36 2.37
C SER K 10 30.56 -29.74 3.64
N GLN K 11 31.07 -30.16 4.78
CA GLN K 11 30.69 -29.69 6.11
C GLN K 11 32.01 -29.72 6.94
N THR K 12 32.11 -28.81 7.86
CA THR K 12 33.31 -28.73 8.72
C THR K 12 33.49 -30.12 9.37
N ALA K 13 34.76 -30.44 9.58
CA ALA K 13 35.15 -31.68 10.24
C ALA K 13 34.77 -31.61 11.72
N GLY K 14 34.72 -30.40 12.21
CA GLY K 14 34.37 -30.04 13.57
C GLY K 14 35.54 -30.28 14.53
N PRO K 15 35.33 -29.90 15.78
CA PRO K 15 36.34 -30.03 16.83
C PRO K 15 36.78 -31.42 17.19
N TYR K 16 35.91 -32.39 16.97
CA TYR K 16 36.18 -33.78 17.34
C TYR K 16 36.66 -34.66 16.23
N VAL K 17 37.11 -34.11 15.13
CA VAL K 17 37.62 -34.88 14.00
C VAL K 17 38.55 -36.02 14.42
N HIS K 18 39.39 -35.72 15.41
CA HIS K 18 40.40 -36.67 15.89
C HIS K 18 39.86 -38.03 16.22
N ILE K 19 38.64 -38.03 16.80
CA ILE K 19 38.05 -39.30 17.20
C ILE K 19 37.90 -40.25 16.01
N GLY K 20 37.65 -39.69 14.83
CA GLY K 20 37.47 -40.47 13.64
C GLY K 20 38.71 -40.68 12.80
N LEU K 21 39.60 -39.74 12.76
CA LEU K 21 40.81 -39.77 11.93
C LEU K 21 42.16 -39.64 12.58
N ALA K 22 42.20 -39.47 13.89
CA ALA K 22 43.46 -39.31 14.63
C ALA K 22 43.27 -39.81 16.06
N LEU K 23 42.97 -41.11 16.12
CA LEU K 23 42.66 -41.81 17.35
C LEU K 23 43.66 -41.50 18.45
N GLU K 24 44.93 -41.70 18.19
CA GLU K 24 46.00 -41.41 19.18
C GLU K 24 45.76 -40.02 19.75
N ALA K 25 45.69 -39.05 18.83
CA ALA K 25 45.46 -37.65 19.19
C ALA K 25 44.19 -37.46 19.97
N ALA K 26 43.13 -38.15 19.57
CA ALA K 26 41.84 -38.01 20.32
C ALA K 26 42.03 -38.57 21.73
N GLY K 27 43.16 -39.25 21.87
CA GLY K 27 43.52 -39.90 23.12
C GLY K 27 42.63 -41.14 23.33
N ASN K 28 42.28 -41.78 22.23
CA ASN K 28 41.48 -43.02 22.28
C ASN K 28 42.38 -44.15 21.72
N PRO K 29 42.08 -45.35 22.16
CA PRO K 29 42.80 -46.56 21.71
C PRO K 29 42.70 -46.59 20.18
N THR K 30 43.77 -47.08 19.57
CA THR K 30 43.81 -47.15 18.10
C THR K 30 43.49 -48.57 17.66
N ARG K 31 43.32 -48.75 16.36
CA ARG K 31 43.02 -50.14 15.86
C ARG K 31 44.35 -50.68 15.39
N ASP K 32 44.41 -51.90 14.94
CA ASP K 32 45.66 -52.52 14.49
C ASP K 32 46.35 -51.67 13.41
N GLN K 33 45.55 -51.22 12.47
CA GLN K 33 46.10 -50.43 11.35
C GLN K 33 45.46 -49.06 11.36
N GLU K 34 46.34 -48.06 11.39
CA GLU K 34 45.93 -46.65 11.39
C GLU K 34 46.75 -45.93 10.34
N ILE K 35 46.13 -44.96 9.69
CA ILE K 35 46.83 -44.13 8.68
C ILE K 35 47.39 -42.96 9.51
N TRP K 36 48.72 -42.88 9.62
CA TRP K 36 49.29 -41.79 10.44
C TRP K 36 50.34 -40.98 9.78
N ASN K 37 51.25 -40.38 10.52
CA ASN K 37 52.27 -39.47 10.05
C ASN K 37 53.64 -39.98 9.66
N ARG K 38 53.79 -41.30 9.52
CA ARG K 38 55.13 -41.85 9.11
C ARG K 38 54.98 -42.38 7.70
N LEU K 39 55.35 -41.60 6.71
CA LEU K 39 55.23 -42.04 5.31
C LEU K 39 56.30 -43.01 4.87
N ALA K 40 57.49 -42.83 5.42
CA ALA K 40 58.64 -43.67 5.05
C ALA K 40 59.27 -44.41 6.22
N LYS K 41 59.64 -45.65 5.89
CA LYS K 41 60.37 -46.51 6.84
C LYS K 41 61.86 -46.13 6.69
N PRO K 42 62.58 -46.23 7.78
CA PRO K 42 64.01 -45.90 7.81
C PRO K 42 64.75 -46.39 6.58
N ASP K 43 64.36 -47.54 6.05
CA ASP K 43 65.05 -48.09 4.87
C ASP K 43 64.49 -47.64 3.54
N ALA K 44 63.66 -46.62 3.55
CA ALA K 44 63.12 -46.14 2.25
C ALA K 44 64.18 -45.25 1.61
N PRO K 45 64.36 -45.42 0.33
CA PRO K 45 65.30 -44.62 -0.47
C PRO K 45 64.86 -43.16 -0.48
N GLY K 46 65.82 -42.27 -0.65
CA GLY K 46 65.56 -40.81 -0.71
C GLY K 46 66.08 -40.13 0.54
N GLU K 47 66.09 -38.80 0.55
CA GLU K 47 66.56 -38.05 1.72
C GLU K 47 65.39 -38.04 2.74
N HIS K 48 65.61 -38.61 3.87
CA HIS K 48 64.57 -38.60 4.92
C HIS K 48 64.55 -37.20 5.51
N ILE K 49 63.35 -36.72 5.77
CA ILE K 49 63.17 -35.37 6.34
C ILE K 49 62.06 -35.39 7.39
N LEU K 50 62.12 -34.37 8.20
CA LEU K 50 61.19 -34.06 9.27
C LEU K 50 60.50 -32.73 8.86
N LEU K 51 59.19 -32.81 8.86
CA LEU K 51 58.37 -31.62 8.47
C LEU K 51 57.56 -31.29 9.75
N LEU K 52 57.53 -29.99 10.03
CA LEU K 52 56.77 -29.51 11.18
C LEU K 52 56.20 -28.14 10.83
N GLY K 53 55.18 -27.75 11.53
CA GLY K 53 54.58 -26.41 11.30
C GLY K 53 53.46 -26.16 12.30
N GLN K 54 53.01 -24.93 12.25
CA GLN K 54 51.89 -24.45 13.10
C GLN K 54 50.87 -23.83 12.15
N VAL K 55 49.67 -23.73 12.66
CA VAL K 55 48.59 -23.09 11.80
C VAL K 55 48.06 -21.93 12.60
N TYR K 56 47.91 -20.78 12.02
CA TYR K 56 47.37 -19.59 12.64
C TYR K 56 46.04 -19.15 11.94
N ASP K 57 45.20 -18.60 12.79
CA ASP K 57 43.90 -18.04 12.38
C ASP K 57 44.17 -16.58 12.00
N GLY K 58 43.16 -15.82 11.67
CA GLY K 58 43.25 -14.43 11.28
C GLY K 58 43.64 -13.50 12.42
N ASN K 59 43.60 -13.98 13.67
CA ASN K 59 43.97 -13.09 14.80
C ASN K 59 45.44 -13.34 15.19
N GLY K 60 46.03 -14.29 14.47
CA GLY K 60 47.43 -14.64 14.74
C GLY K 60 47.50 -15.70 15.84
N HIS K 61 46.36 -16.28 16.19
CA HIS K 61 46.31 -17.33 17.23
C HIS K 61 46.41 -18.72 16.62
N LEU K 62 46.98 -19.61 17.38
CA LEU K 62 47.22 -20.99 17.05
C LEU K 62 45.89 -21.76 16.92
N VAL K 63 45.87 -22.58 15.91
CA VAL K 63 44.70 -23.45 15.62
C VAL K 63 45.19 -24.81 16.19
N ARG K 64 44.74 -25.13 17.36
CA ARG K 64 45.15 -26.36 18.04
C ARG K 64 44.29 -27.58 17.76
N ASP K 65 43.43 -27.54 16.78
CA ASP K 65 42.51 -28.61 16.41
C ASP K 65 42.54 -28.88 14.90
N SER K 66 43.60 -28.50 14.22
CA SER K 66 43.67 -28.73 12.76
C SER K 66 44.01 -30.18 12.43
N PHE K 67 43.57 -30.64 11.29
CA PHE K 67 43.81 -32.02 10.78
C PHE K 67 44.28 -31.84 9.34
N LEU K 68 45.38 -32.45 9.00
CA LEU K 68 46.05 -32.40 7.73
C LEU K 68 46.22 -33.75 7.08
N GLU K 69 46.10 -33.79 5.77
CA GLU K 69 46.33 -35.00 4.96
C GLU K 69 47.35 -34.56 3.90
N VAL K 70 48.30 -35.45 3.61
CA VAL K 70 49.37 -35.11 2.64
C VAL K 70 49.40 -36.18 1.55
N TRP K 71 49.87 -35.78 0.40
CA TRP K 71 50.00 -36.62 -0.81
C TRP K 71 51.27 -36.15 -1.51
N GLN K 72 52.18 -37.07 -1.70
CA GLN K 72 53.45 -36.75 -2.36
C GLN K 72 54.04 -37.96 -3.08
N ALA K 73 54.89 -37.63 -4.05
CA ALA K 73 55.64 -38.64 -4.81
C ALA K 73 56.77 -39.13 -3.86
N ASP K 74 57.29 -40.29 -4.23
CA ASP K 74 58.46 -40.85 -3.45
C ASP K 74 59.68 -40.11 -4.02
N ALA K 75 60.85 -40.60 -3.71
CA ALA K 75 62.12 -40.02 -4.14
C ALA K 75 62.29 -40.03 -5.64
N ASN K 76 61.71 -41.02 -6.27
CA ASN K 76 61.78 -41.20 -7.74
C ASN K 76 60.76 -40.41 -8.51
N GLY K 77 59.96 -39.62 -7.80
CA GLY K 77 58.94 -38.78 -8.45
C GLY K 77 57.75 -39.65 -8.85
N GLU K 78 57.53 -40.71 -8.10
CA GLU K 78 56.39 -41.59 -8.38
C GLU K 78 55.40 -41.64 -7.23
N TYR K 79 54.12 -41.65 -7.65
CA TYR K 79 53.04 -41.73 -6.63
C TYR K 79 52.68 -43.20 -6.36
N GLN K 80 52.92 -43.56 -5.13
CA GLN K 80 52.64 -44.90 -4.57
C GLN K 80 51.22 -44.86 -4.02
N ASP K 81 50.28 -45.29 -4.87
CA ASP K 81 48.86 -45.26 -4.53
C ASP K 81 48.37 -46.42 -3.71
N ALA K 82 49.05 -47.55 -3.80
CA ALA K 82 48.61 -48.74 -3.06
C ALA K 82 49.05 -48.65 -1.61
N TYR K 83 48.19 -48.05 -0.79
CA TYR K 83 48.45 -47.87 0.63
C TYR K 83 48.61 -49.23 1.32
N ASN K 84 49.73 -49.32 2.02
CA ASN K 84 50.06 -50.56 2.77
C ASN K 84 51.09 -50.23 3.84
N LEU K 85 50.81 -50.69 5.05
CA LEU K 85 51.68 -50.46 6.21
C LEU K 85 53.03 -51.17 6.09
N GLU K 86 53.08 -52.18 5.24
CA GLU K 86 54.32 -52.93 5.02
C GLU K 86 55.24 -52.19 4.08
N ASN K 87 54.67 -51.41 3.18
CA ASN K 87 55.49 -50.63 2.23
C ASN K 87 56.53 -49.85 3.04
N ALA K 88 57.66 -49.60 2.39
CA ALA K 88 58.73 -48.82 3.07
C ALA K 88 58.40 -47.33 2.86
N PHE K 89 57.52 -47.14 1.87
CA PHE K 89 57.08 -45.78 1.52
C PHE K 89 55.62 -45.75 1.10
N ASN K 90 54.93 -44.76 1.70
CA ASN K 90 53.48 -44.54 1.38
C ASN K 90 53.40 -43.06 1.00
N SER K 91 52.73 -42.84 -0.13
CA SER K 91 52.54 -41.51 -0.71
C SER K 91 51.53 -40.69 0.09
N PHE K 92 50.74 -41.34 0.90
CA PHE K 92 49.69 -40.76 1.74
C PHE K 92 49.98 -40.84 3.24
N GLY K 93 49.63 -39.77 3.93
CA GLY K 93 49.72 -39.66 5.38
C GLY K 93 48.71 -38.67 5.97
N ARG K 94 48.71 -38.70 7.31
CA ARG K 94 47.84 -37.82 8.12
C ARG K 94 48.59 -37.35 9.37
N THR K 95 48.26 -36.15 9.78
CA THR K 95 48.89 -35.55 11.00
C THR K 95 47.87 -34.57 11.55
N ALA K 96 48.07 -34.03 12.72
CA ALA K 96 47.18 -33.10 13.38
C ALA K 96 47.98 -32.17 14.33
N THR K 97 47.35 -31.08 14.75
CA THR K 97 48.03 -30.15 15.66
C THR K 97 47.77 -30.42 17.14
N THR K 98 48.91 -30.36 17.87
CA THR K 98 48.86 -30.59 19.32
C THR K 98 47.89 -29.56 19.94
N PHE K 99 47.15 -30.08 20.90
CA PHE K 99 46.18 -29.25 21.64
C PHE K 99 47.04 -28.33 22.54
N ASP K 100 48.24 -28.76 22.80
CA ASP K 100 49.23 -28.03 23.62
C ASP K 100 50.07 -27.08 22.75
N ALA K 101 51.19 -27.61 22.33
CA ALA K 101 52.18 -26.94 21.48
C ALA K 101 51.51 -26.41 20.21
N GLY K 102 50.66 -27.29 19.67
CA GLY K 102 49.91 -26.94 18.44
C GLY K 102 50.80 -27.05 17.21
N GLU K 103 51.68 -28.02 17.21
CA GLU K 103 52.56 -28.22 16.02
C GLU K 103 52.29 -29.62 15.48
N TRP K 104 52.34 -29.73 14.16
CA TRP K 104 52.14 -31.08 13.54
C TRP K 104 53.54 -31.50 13.05
N THR K 105 53.69 -32.78 12.89
CA THR K 105 54.95 -33.39 12.41
C THR K 105 54.62 -34.53 11.49
N LEU K 106 55.56 -34.69 10.56
CA LEU K 106 55.40 -35.79 9.53
C LEU K 106 56.81 -36.30 9.30
N HIS K 107 56.91 -37.58 9.06
CA HIS K 107 58.23 -38.23 8.80
C HIS K 107 58.17 -38.80 7.39
N THR K 108 58.91 -38.22 6.46
CA THR K 108 58.86 -38.70 5.06
C THR K 108 60.22 -38.55 4.40
N VAL K 109 60.17 -38.44 3.08
CA VAL K 109 61.37 -38.23 2.25
C VAL K 109 61.05 -37.12 1.23
N LYS K 110 62.10 -36.41 0.83
CA LYS K 110 61.98 -35.32 -0.15
C LYS K 110 61.48 -35.96 -1.46
N PRO K 111 60.29 -35.50 -1.86
CA PRO K 111 59.63 -35.97 -3.07
C PRO K 111 60.45 -35.71 -4.32
N GLY K 112 60.35 -36.66 -5.27
CA GLY K 112 61.09 -36.48 -6.55
C GLY K 112 60.23 -35.55 -7.42
N VAL K 113 60.78 -35.09 -8.50
CA VAL K 113 60.04 -34.17 -9.44
C VAL K 113 59.06 -34.94 -10.31
N VAL K 114 57.88 -34.37 -10.52
CA VAL K 114 56.86 -34.96 -11.43
C VAL K 114 56.50 -33.87 -12.44
N ASN K 115 56.00 -34.23 -13.60
CA ASN K 115 55.66 -33.19 -14.61
C ASN K 115 54.16 -32.89 -14.56
N ASN K 116 53.85 -31.73 -15.09
CA ASN K 116 52.41 -31.31 -15.16
C ASN K 116 51.80 -32.05 -16.37
N ALA K 117 50.59 -31.64 -16.67
CA ALA K 117 49.84 -32.26 -17.78
C ALA K 117 50.56 -31.97 -19.08
N ALA K 118 51.13 -30.78 -19.17
CA ALA K 118 51.83 -30.34 -20.38
C ALA K 118 53.21 -30.94 -20.50
N GLY K 119 53.61 -31.75 -19.54
CA GLY K 119 54.93 -32.38 -19.56
C GLY K 119 56.04 -31.49 -19.00
N VAL K 120 55.66 -30.39 -18.40
CA VAL K 120 56.61 -29.45 -17.77
C VAL K 120 56.74 -29.85 -16.30
N PRO K 121 57.94 -30.19 -15.90
CA PRO K 121 58.23 -30.61 -14.53
C PRO K 121 57.89 -29.49 -13.53
N MET K 122 57.39 -30.01 -12.42
CA MET K 122 57.02 -29.14 -11.26
C MET K 122 58.13 -29.32 -10.22
N ALA K 123 58.36 -28.28 -9.41
CA ALA K 123 59.40 -28.41 -8.37
C ALA K 123 58.86 -29.38 -7.32
N PRO K 124 59.76 -30.06 -6.63
CA PRO K 124 59.37 -31.01 -5.57
C PRO K 124 58.35 -30.32 -4.67
N HIS K 125 57.25 -30.99 -4.45
CA HIS K 125 56.19 -30.44 -3.59
C HIS K 125 55.39 -31.55 -2.95
N ILE K 126 54.74 -31.13 -1.88
CA ILE K 126 53.85 -31.95 -1.07
C ILE K 126 52.45 -31.31 -1.08
N ASN K 127 51.49 -32.13 -1.45
CA ASN K 127 50.08 -31.67 -1.52
C ASN K 127 49.49 -31.80 -0.11
N ILE K 128 48.92 -30.69 0.35
CA ILE K 128 48.30 -30.66 1.67
C ILE K 128 46.82 -30.20 1.57
N SER K 129 46.04 -30.84 2.41
CA SER K 129 44.59 -30.51 2.58
C SER K 129 44.41 -30.27 4.10
N LEU K 130 43.85 -29.14 4.46
CA LEU K 130 43.68 -28.81 5.90
C LEU K 130 42.19 -28.79 6.25
N PHE K 131 41.89 -29.36 7.37
CA PHE K 131 40.59 -29.49 7.96
C PHE K 131 40.56 -29.02 9.41
N ALA K 132 39.39 -28.49 9.79
CA ALA K 132 39.20 -28.01 11.16
C ALA K 132 37.87 -27.30 11.37
N ARG K 133 37.55 -27.30 12.67
CA ARG K 133 36.31 -26.57 13.08
C ARG K 133 36.59 -25.16 12.49
N GLY K 134 35.51 -24.58 12.01
CA GLY K 134 35.57 -23.24 11.40
C GLY K 134 35.83 -23.32 9.93
N ILE K 135 36.24 -24.48 9.40
CA ILE K 135 36.55 -24.54 7.93
C ILE K 135 35.45 -25.35 7.26
N ASN K 136 34.60 -24.62 6.53
CA ASN K 136 33.42 -25.30 5.90
C ASN K 136 33.81 -26.27 4.82
N ILE K 137 34.85 -25.94 4.10
CA ILE K 137 35.35 -26.88 3.03
C ILE K 137 36.86 -26.81 3.18
N HIS K 138 37.50 -27.96 3.02
CA HIS K 138 38.95 -28.02 3.23
C HIS K 138 39.75 -27.15 2.33
N LEU K 139 40.93 -26.75 2.85
CA LEU K 139 41.86 -25.87 2.16
C LEU K 139 42.99 -26.69 1.54
N HIS K 140 43.27 -26.41 0.29
CA HIS K 140 44.32 -27.07 -0.49
C HIS K 140 45.51 -26.09 -0.67
N THR K 141 46.68 -26.67 -0.38
CA THR K 141 47.94 -25.89 -0.54
C THR K 141 49.05 -26.87 -0.90
N ARG K 142 50.21 -26.36 -1.17
CA ARG K 142 51.39 -27.17 -1.51
C ARG K 142 52.57 -26.60 -0.68
N LEU K 143 53.43 -27.53 -0.30
CA LEU K 143 54.66 -27.18 0.43
C LEU K 143 55.83 -27.43 -0.58
N TYR K 144 56.63 -26.44 -0.74
CA TYR K 144 57.84 -26.37 -1.54
C TYR K 144 59.03 -26.25 -0.53
N PHE K 145 60.20 -26.55 -1.05
CA PHE K 145 61.45 -26.53 -0.26
C PHE K 145 62.34 -25.38 -0.67
N ASP K 146 62.87 -24.68 0.35
CA ASP K 146 63.70 -23.52 0.21
C ASP K 146 65.02 -23.81 -0.50
N ASP K 147 65.52 -25.01 -0.41
CA ASP K 147 66.80 -25.36 -1.08
C ASP K 147 66.54 -25.87 -2.49
N GLU K 148 65.40 -25.50 -3.05
CA GLU K 148 65.09 -25.94 -4.43
C GLU K 148 64.71 -24.75 -5.29
N ALA K 149 65.26 -23.59 -4.95
CA ALA K 149 65.04 -22.33 -5.62
C ALA K 149 65.09 -22.37 -7.14
N GLN K 150 66.06 -23.05 -7.71
CA GLN K 150 66.20 -23.09 -9.17
C GLN K 150 64.88 -23.63 -9.75
N ALA K 151 64.56 -24.79 -9.25
CA ALA K 151 63.34 -25.51 -9.62
C ALA K 151 62.10 -24.69 -9.28
N ASN K 152 62.07 -24.16 -8.06
CA ASN K 152 60.92 -23.35 -7.63
C ASN K 152 60.69 -22.23 -8.65
N ALA K 153 61.81 -21.71 -9.14
CA ALA K 153 61.77 -20.58 -10.08
C ALA K 153 61.06 -20.95 -11.37
N LYS K 154 61.16 -22.20 -11.74
CA LYS K 154 60.58 -22.70 -12.98
C LYS K 154 59.27 -23.43 -12.81
N CYS K 155 58.77 -23.59 -11.60
CA CYS K 155 57.51 -24.29 -11.36
C CYS K 155 56.35 -23.65 -12.10
N PRO K 156 55.69 -24.50 -12.90
CA PRO K 156 54.52 -24.07 -13.67
C PRO K 156 53.39 -23.69 -12.73
N VAL K 157 53.31 -24.32 -11.58
CA VAL K 157 52.24 -24.06 -10.60
C VAL K 157 52.54 -22.78 -9.81
N LEU K 158 53.72 -22.75 -9.24
CA LEU K 158 54.17 -21.56 -8.43
C LEU K 158 54.10 -20.33 -9.31
N ASN K 159 54.40 -20.50 -10.58
CA ASN K 159 54.37 -19.44 -11.59
C ASN K 159 52.99 -18.94 -11.93
N LEU K 160 51.96 -19.59 -11.44
CA LEU K 160 50.57 -19.21 -11.66
C LEU K 160 50.15 -18.14 -10.68
N ILE K 161 50.86 -18.08 -9.56
CA ILE K 161 50.51 -17.02 -8.54
C ILE K 161 51.01 -15.69 -9.09
N GLU K 162 50.10 -14.76 -9.36
CA GLU K 162 50.42 -13.46 -9.92
C GLU K 162 51.53 -12.72 -9.17
N GLN K 163 51.29 -12.45 -7.91
CA GLN K 163 52.21 -11.74 -7.00
C GLN K 163 53.31 -12.60 -6.42
N PRO K 164 54.53 -12.26 -6.81
CA PRO K 164 55.74 -12.93 -6.39
C PRO K 164 55.86 -13.13 -4.88
N GLN K 165 55.38 -12.17 -4.14
CA GLN K 165 55.42 -12.17 -2.67
C GLN K 165 54.60 -13.30 -2.07
N ARG K 166 53.49 -13.66 -2.72
CA ARG K 166 52.58 -14.71 -2.22
C ARG K 166 53.18 -16.09 -2.43
N ARG K 167 54.10 -16.18 -3.39
CA ARG K 167 54.75 -17.47 -3.69
C ARG K 167 55.61 -17.91 -2.49
N GLU K 168 56.18 -16.91 -1.82
CA GLU K 168 57.05 -17.20 -0.67
C GLU K 168 56.29 -17.86 0.45
N THR K 169 54.98 -17.66 0.48
CA THR K 169 54.15 -18.28 1.51
C THR K 169 54.12 -19.81 1.37
N LEU K 170 54.50 -20.35 0.24
CA LEU K 170 54.52 -21.78 0.00
C LEU K 170 55.85 -22.46 0.20
N ILE K 171 56.86 -21.71 0.57
CA ILE K 171 58.21 -22.23 0.77
C ILE K 171 58.59 -22.55 2.18
N ALA K 172 58.84 -23.83 2.41
CA ALA K 172 59.24 -24.32 3.75
C ALA K 172 60.72 -24.00 3.99
N LYS K 173 60.98 -23.49 5.16
CA LYS K 173 62.31 -23.07 5.63
C LYS K 173 63.10 -24.24 6.18
N ARG K 174 64.19 -24.55 5.49
CA ARG K 174 65.04 -25.68 5.91
C ARG K 174 65.69 -25.37 7.26
N CYS K 175 65.80 -26.41 8.05
CA CYS K 175 66.38 -26.40 9.38
C CYS K 175 66.93 -27.80 9.68
N GLU K 176 67.30 -27.98 10.93
CA GLU K 176 67.85 -29.26 11.42
C GLU K 176 67.18 -29.49 12.77
N VAL K 177 66.84 -30.73 13.03
CA VAL K 177 66.19 -31.06 14.34
C VAL K 177 66.89 -32.32 14.87
N ASP K 178 67.70 -32.07 15.89
CA ASP K 178 68.47 -33.19 16.49
C ASP K 178 69.44 -33.66 15.38
N GLY K 179 70.03 -32.63 14.76
CA GLY K 179 70.99 -32.88 13.67
C GLY K 179 70.33 -33.71 12.57
N LYS K 180 69.02 -33.56 12.48
CA LYS K 180 68.26 -34.27 11.41
C LYS K 180 67.60 -33.17 10.57
N THR K 181 67.62 -33.39 9.26
CA THR K 181 67.05 -32.46 8.31
C THR K 181 65.55 -32.29 8.55
N ALA K 182 65.18 -31.02 8.64
CA ALA K 182 63.78 -30.62 8.88
C ALA K 182 63.47 -29.41 8.02
N TYR K 183 62.18 -29.14 7.88
CA TYR K 183 61.68 -27.98 7.13
C TYR K 183 60.40 -27.56 7.89
N ARG K 184 60.32 -26.29 8.17
CA ARG K 184 59.19 -25.74 8.91
C ARG K 184 58.23 -25.08 7.92
N PHE K 185 56.98 -25.55 8.03
CA PHE K 185 55.93 -25.01 7.12
C PHE K 185 54.74 -24.53 7.95
N ASP K 186 54.72 -23.22 8.13
CA ASP K 186 53.69 -22.53 8.90
C ASP K 186 52.60 -22.13 7.88
N ILE K 187 51.38 -22.32 8.32
CA ILE K 187 50.21 -22.00 7.51
C ILE K 187 49.44 -20.88 8.22
N ARG K 188 49.19 -19.82 7.48
CA ARG K 188 48.41 -18.69 8.00
C ARG K 188 47.11 -18.66 7.13
N ILE K 189 46.02 -19.01 7.79
CA ILE K 189 44.72 -19.09 7.16
C ILE K 189 44.22 -17.73 6.63
N GLN K 190 44.54 -16.70 7.40
CA GLN K 190 44.02 -15.37 7.01
C GLN K 190 44.86 -14.19 7.44
N GLY K 191 44.74 -13.10 6.69
CA GLY K 191 45.44 -11.86 7.07
C GLY K 191 46.84 -11.79 6.53
N GLU K 192 47.69 -11.18 7.35
CA GLU K 192 49.09 -10.93 7.01
C GLU K 192 49.83 -12.21 6.76
N GLY K 193 50.49 -12.27 5.61
CA GLY K 193 51.26 -13.45 5.21
C GLY K 193 50.36 -14.63 4.88
N GLU K 194 49.09 -14.37 4.60
CA GLU K 194 48.12 -15.44 4.30
C GLU K 194 48.66 -16.42 3.27
N THR K 195 48.56 -17.68 3.64
CA THR K 195 49.03 -18.76 2.75
C THR K 195 48.13 -18.86 1.51
N VAL K 196 48.78 -19.09 0.38
CA VAL K 196 48.02 -19.27 -0.89
C VAL K 196 47.27 -20.62 -0.76
N PHE K 197 46.02 -20.62 -1.17
CA PHE K 197 45.18 -21.85 -1.17
C PHE K 197 44.72 -21.97 -2.64
N PHE K 198 44.58 -23.22 -3.08
CA PHE K 198 44.27 -23.59 -4.40
C PHE K 198 42.88 -24.22 -4.56
N ASP K 199 42.53 -24.17 -5.85
CA ASP K 199 41.25 -24.75 -6.33
C ASP K 199 41.66 -25.50 -7.61
N PHE K 200 41.04 -26.65 -7.75
CA PHE K 200 41.30 -27.51 -8.91
C PHE K 200 40.27 -28.64 -8.94
N PRO L 1 53.11 -47.21 -10.17
CA PRO L 1 52.66 -45.98 -9.48
C PRO L 1 51.39 -45.48 -10.13
N ALA L 2 50.84 -44.39 -9.60
CA ALA L 2 49.58 -43.85 -10.17
C ALA L 2 49.93 -43.15 -11.49
N GLN L 3 48.92 -42.98 -12.31
CA GLN L 3 49.05 -42.32 -13.63
C GLN L 3 47.97 -41.24 -13.78
N ASP L 4 48.24 -40.26 -14.62
CA ASP L 4 47.32 -39.16 -14.88
C ASP L 4 46.44 -39.44 -16.10
N ASN L 5 45.30 -40.10 -15.85
CA ASN L 5 44.44 -40.39 -17.03
C ASN L 5 43.05 -39.81 -16.86
N SER L 6 42.80 -39.29 -15.68
CA SER L 6 41.47 -38.71 -15.37
C SER L 6 41.53 -37.21 -15.11
N ARG L 7 40.36 -36.63 -15.29
CA ARG L 7 40.12 -35.20 -15.02
C ARG L 7 38.83 -35.24 -14.19
N PHE L 8 38.74 -34.30 -13.28
CA PHE L 8 37.53 -34.27 -12.41
C PHE L 8 36.74 -33.03 -12.73
N VAL L 9 35.44 -33.16 -12.70
CA VAL L 9 34.55 -31.97 -12.96
C VAL L 9 34.88 -30.91 -11.90
N ILE L 10 35.03 -29.68 -12.31
CA ILE L 10 35.28 -28.54 -11.42
C ILE L 10 34.14 -28.45 -10.38
N ARG L 11 34.64 -28.29 -9.14
CA ARG L 11 33.73 -28.19 -7.98
C ARG L 11 32.90 -26.93 -8.16
N ASP L 12 31.71 -26.98 -7.60
CA ASP L 12 30.78 -25.84 -7.65
C ASP L 12 30.84 -25.21 -6.23
N ARG L 13 31.56 -24.15 -6.13
CA ARG L 13 31.81 -23.43 -4.88
C ARG L 13 30.72 -22.56 -4.38
N ASN L 14 29.63 -22.48 -5.16
CA ASN L 14 28.41 -21.77 -4.78
C ASN L 14 27.45 -22.85 -4.21
N TRP L 15 27.76 -24.11 -4.47
CA TRP L 15 26.92 -25.23 -4.00
C TRP L 15 27.31 -25.62 -2.57
N HIS L 16 28.60 -25.77 -2.42
CA HIS L 16 29.30 -26.07 -1.17
C HIS L 16 29.20 -24.76 -0.35
N PRO L 17 29.37 -24.91 0.95
CA PRO L 17 29.35 -23.73 1.83
C PRO L 17 30.54 -22.84 1.51
N LYS L 18 30.31 -21.56 1.57
CA LYS L 18 31.40 -20.56 1.34
C LYS L 18 32.27 -20.69 2.63
N ALA L 19 33.43 -20.10 2.53
CA ALA L 19 34.43 -20.08 3.61
C ALA L 19 33.93 -19.19 4.77
N LEU L 20 33.54 -17.96 4.44
CA LEU L 20 33.06 -17.02 5.47
C LEU L 20 31.58 -17.04 5.65
N THR L 21 31.17 -17.66 6.75
CA THR L 21 29.72 -17.75 7.10
C THR L 21 29.59 -17.34 8.56
N PRO L 22 29.49 -15.99 8.75
CA PRO L 22 29.46 -15.38 10.04
C PRO L 22 28.57 -15.94 11.11
N ASP L 23 27.46 -16.51 10.81
CA ASP L 23 26.59 -17.04 11.90
C ASP L 23 27.29 -18.19 12.61
N TYR L 24 28.23 -18.75 11.87
CA TYR L 24 29.10 -19.88 12.31
C TYR L 24 30.41 -19.15 12.69
N LYS L 25 30.35 -18.64 13.92
CA LYS L 25 31.38 -17.79 14.50
C LYS L 25 32.81 -18.13 14.20
N THR L 26 33.17 -19.39 14.41
CA THR L 26 34.57 -19.82 14.15
C THR L 26 35.06 -19.59 12.77
N SER L 27 34.17 -19.55 11.75
CA SER L 27 34.58 -19.33 10.38
C SER L 27 35.15 -17.93 10.17
N ILE L 28 34.76 -16.99 11.06
CA ILE L 28 35.26 -15.64 10.94
C ILE L 28 36.77 -15.53 10.82
N ALA L 29 37.51 -16.10 11.76
CA ALA L 29 38.99 -16.01 11.76
C ALA L 29 39.66 -17.16 11.05
N ARG L 30 38.87 -18.09 10.58
CA ARG L 30 39.40 -19.30 9.90
C ARG L 30 39.04 -19.41 8.43
N SER L 31 38.86 -18.23 7.81
CA SER L 31 38.50 -18.20 6.38
C SER L 31 39.44 -17.23 5.69
N PRO L 32 40.02 -17.67 4.60
CA PRO L 32 40.94 -16.81 3.83
C PRO L 32 40.22 -15.59 3.33
N ARG L 33 40.99 -14.51 3.14
CA ARG L 33 40.55 -13.21 2.67
C ARG L 33 41.00 -13.05 1.23
N GLN L 34 42.05 -13.79 0.83
CA GLN L 34 42.47 -13.74 -0.58
C GLN L 34 41.68 -14.82 -1.35
N ALA L 35 41.48 -14.63 -2.63
CA ALA L 35 40.78 -15.61 -3.50
C ALA L 35 41.65 -16.85 -3.66
N LEU L 36 41.03 -18.00 -3.78
CA LEU L 36 41.77 -19.26 -4.02
C LEU L 36 42.44 -19.08 -5.40
N VAL L 37 43.53 -19.73 -5.62
CA VAL L 37 44.23 -19.66 -6.92
C VAL L 37 43.87 -20.99 -7.66
N SER L 38 43.23 -20.87 -8.79
CA SER L 38 42.83 -22.07 -9.57
C SER L 38 44.03 -22.57 -10.38
N ILE L 39 44.26 -23.88 -10.31
CA ILE L 39 45.35 -24.49 -11.10
C ILE L 39 44.79 -25.65 -11.90
N PRO L 40 45.44 -25.85 -13.04
CA PRO L 40 45.04 -26.97 -13.96
C PRO L 40 45.32 -28.25 -13.18
N GLN L 41 44.55 -29.30 -13.52
CA GLN L 41 44.78 -30.59 -12.84
C GLN L 41 46.01 -31.28 -13.42
N SER L 42 46.77 -31.95 -12.54
CA SER L 42 47.98 -32.66 -12.94
C SER L 42 47.90 -33.99 -12.14
N ILE L 43 48.88 -34.81 -12.31
CA ILE L 43 48.96 -36.10 -11.61
C ILE L 43 48.92 -35.92 -10.10
N SER L 44 49.40 -34.78 -9.67
CA SER L 44 49.45 -34.42 -8.25
C SER L 44 48.05 -34.40 -7.66
N GLU L 45 47.10 -33.86 -8.45
CA GLU L 45 45.72 -33.73 -8.04
C GLU L 45 44.79 -34.82 -8.51
N THR L 46 45.11 -35.52 -9.59
CA THR L 46 44.15 -36.55 -10.09
C THR L 46 44.42 -37.94 -9.57
N THR L 47 45.39 -38.13 -8.71
CA THR L 47 45.72 -39.44 -8.12
C THR L 47 45.41 -39.34 -6.61
N GLY L 48 45.35 -40.49 -5.97
CA GLY L 48 45.09 -40.60 -4.56
C GLY L 48 45.39 -42.06 -4.13
N PRO L 49 45.43 -42.21 -2.82
CA PRO L 49 45.68 -43.52 -2.21
C PRO L 49 44.46 -44.43 -2.42
N ASN L 50 44.75 -45.69 -2.51
CA ASN L 50 43.76 -46.77 -2.62
C ASN L 50 43.98 -47.55 -1.30
N PHE L 51 42.90 -47.75 -0.58
CA PHE L 51 42.98 -48.42 0.73
C PHE L 51 42.64 -49.87 0.72
N SER L 52 42.60 -50.47 -0.46
CA SER L 52 42.28 -51.88 -0.64
C SER L 52 43.10 -52.82 0.24
N HIS L 53 44.37 -52.53 0.41
CA HIS L 53 45.24 -53.37 1.21
C HIS L 53 45.30 -53.03 2.67
N LEU L 54 44.47 -52.08 3.09
CA LEU L 54 44.47 -51.73 4.55
C LEU L 54 43.82 -52.93 5.25
N GLY L 55 44.42 -53.32 6.35
CA GLY L 55 43.88 -54.48 7.10
C GLY L 55 42.86 -53.97 8.11
N PHE L 56 41.61 -54.12 7.74
CA PHE L 56 40.47 -53.68 8.57
C PHE L 56 40.06 -54.83 9.52
N GLY L 57 39.76 -54.46 10.75
CA GLY L 57 39.29 -55.46 11.74
C GLY L 57 37.86 -55.89 11.41
N ALA L 58 37.44 -56.97 12.04
CA ALA L 58 36.14 -57.59 11.84
C ALA L 58 34.94 -56.71 12.17
N HIS L 59 35.10 -55.88 13.16
CA HIS L 59 34.00 -54.99 13.59
C HIS L 59 34.24 -53.53 13.29
N ASP L 60 35.15 -53.26 12.37
CA ASP L 60 35.52 -51.90 12.00
C ASP L 60 34.28 -51.06 11.66
N HIS L 61 33.32 -51.67 10.97
CA HIS L 61 32.10 -50.92 10.60
C HIS L 61 30.95 -51.12 11.54
N ASP L 62 31.12 -51.83 12.61
CA ASP L 62 30.05 -52.13 13.59
C ASP L 62 30.29 -51.49 14.95
N LEU L 63 29.72 -50.32 15.17
CA LEU L 63 29.84 -49.54 16.39
C LEU L 63 29.15 -50.14 17.59
N LEU L 64 28.41 -51.20 17.37
CA LEU L 64 27.70 -51.87 18.47
C LEU L 64 28.64 -52.84 19.19
N LEU L 65 29.66 -53.29 18.49
CA LEU L 65 30.63 -54.26 19.00
C LEU L 65 32.07 -53.81 18.96
N ASN L 66 32.43 -52.74 18.30
CA ASN L 66 33.84 -52.35 18.15
C ASN L 66 34.49 -51.64 19.33
N PHE L 67 33.76 -51.30 20.35
CA PHE L 67 34.33 -50.60 21.51
C PHE L 67 34.37 -51.69 22.63
N GLY L 71 29.24 -55.20 27.06
CA GLY L 71 27.85 -54.83 26.90
C GLY L 71 27.57 -54.05 25.59
N LEU L 72 26.29 -53.84 25.38
CA LEU L 72 25.77 -53.12 24.21
C LEU L 72 25.50 -51.66 24.58
N PRO L 73 25.82 -50.80 23.64
CA PRO L 73 25.55 -49.36 23.85
C PRO L 73 24.04 -49.17 24.10
N ILE L 74 23.72 -48.15 24.82
CA ILE L 74 22.28 -47.77 25.04
C ILE L 74 21.92 -46.83 23.88
N GLY L 75 20.76 -47.01 23.24
CA GLY L 75 20.42 -46.12 22.13
C GLY L 75 19.66 -46.88 21.05
N GLU L 76 19.20 -46.05 20.11
CA GLU L 76 18.41 -46.56 18.96
C GLU L 76 19.31 -47.27 17.99
N ARG L 77 19.11 -48.58 17.97
CA ARG L 77 19.94 -49.43 17.07
C ARG L 77 19.52 -49.07 15.62
N ILE L 78 20.53 -48.81 14.82
CA ILE L 78 20.30 -48.49 13.41
C ILE L 78 21.46 -48.92 12.54
N ILE L 79 21.14 -49.10 11.28
CA ILE L 79 22.02 -49.39 10.19
C ILE L 79 22.06 -48.12 9.30
N VAL L 80 23.24 -47.73 8.92
CA VAL L 80 23.44 -46.59 8.03
C VAL L 80 24.18 -47.16 6.79
N ALA L 81 23.42 -47.08 5.70
CA ALA L 81 24.01 -47.67 4.47
C ALA L 81 23.69 -46.83 3.28
N GLY L 82 24.44 -47.06 2.22
CA GLY L 82 24.17 -46.28 0.99
C GLY L 82 25.26 -46.63 -0.01
N ARG L 83 25.25 -45.78 -1.03
CA ARG L 83 26.25 -46.02 -2.11
C ARG L 83 27.02 -44.74 -2.36
N VAL L 84 28.22 -44.91 -2.88
CA VAL L 84 29.07 -43.77 -3.28
C VAL L 84 29.16 -43.83 -4.82
N VAL L 85 28.68 -42.76 -5.44
CA VAL L 85 28.75 -42.63 -6.91
C VAL L 85 29.43 -41.26 -7.21
N ASP L 86 29.80 -41.07 -8.43
CA ASP L 86 30.41 -39.84 -8.95
C ASP L 86 29.27 -39.09 -9.61
N GLN L 87 29.49 -37.90 -10.09
CA GLN L 87 28.42 -37.08 -10.68
C GLN L 87 27.83 -37.72 -11.95
N TYR L 88 28.59 -38.65 -12.54
CA TYR L 88 28.07 -39.31 -13.76
C TYR L 88 27.19 -40.47 -13.40
N GLY L 89 27.07 -40.73 -12.10
CA GLY L 89 26.29 -41.85 -11.59
C GLY L 89 27.06 -43.16 -11.53
N LYS L 90 28.33 -43.15 -11.77
CA LYS L 90 29.19 -44.38 -11.72
C LYS L 90 29.55 -44.69 -10.29
N PRO L 91 29.51 -45.97 -9.94
CA PRO L 91 29.84 -46.43 -8.58
C PRO L 91 31.35 -46.20 -8.37
N VAL L 92 31.67 -46.00 -7.10
CA VAL L 92 33.04 -45.84 -6.64
C VAL L 92 33.35 -47.03 -5.70
N PRO L 93 33.85 -48.10 -6.29
CA PRO L 93 34.18 -49.32 -5.49
C PRO L 93 35.51 -49.14 -4.77
N ASN L 94 35.67 -49.95 -3.73
CA ASN L 94 36.86 -50.02 -2.91
C ASN L 94 37.34 -48.64 -2.43
N THR L 95 36.41 -47.86 -1.95
CA THR L 95 36.77 -46.50 -1.46
C THR L 95 36.65 -46.45 0.04
N LEU L 96 37.51 -45.60 0.67
CA LEU L 96 37.43 -45.54 2.14
C LEU L 96 36.35 -44.54 2.61
N VAL L 97 35.52 -45.04 3.48
CA VAL L 97 34.46 -44.30 4.13
C VAL L 97 34.71 -44.39 5.66
N GLU L 98 34.97 -43.25 6.28
CA GLU L 98 35.17 -43.23 7.74
C GLU L 98 34.08 -42.39 8.38
N MET L 99 33.66 -42.77 9.58
CA MET L 99 32.57 -42.01 10.29
C MET L 99 32.88 -41.94 11.78
N TRP L 100 32.37 -40.92 12.47
CA TRP L 100 32.53 -40.67 13.89
C TRP L 100 31.28 -39.88 14.32
N GLN L 101 30.90 -40.09 15.55
CA GLN L 101 29.68 -39.36 16.03
C GLN L 101 29.69 -39.46 17.56
N ALA L 102 28.71 -38.81 18.15
CA ALA L 102 28.56 -38.87 19.63
C ALA L 102 27.70 -40.07 19.97
N ASN L 103 27.45 -40.30 21.24
CA ASN L 103 26.56 -41.38 21.70
C ASN L 103 25.12 -40.84 21.67
N ALA L 104 24.23 -41.64 22.23
CA ALA L 104 22.81 -41.38 22.30
C ALA L 104 22.42 -40.07 22.98
N GLY L 105 23.27 -39.55 23.83
CA GLY L 105 23.04 -38.33 24.59
C GLY L 105 23.75 -37.11 24.03
N GLY L 106 24.45 -37.29 22.94
CA GLY L 106 25.17 -36.20 22.23
C GLY L 106 26.56 -35.96 22.85
N ARG L 107 27.04 -36.94 23.57
CA ARG L 107 28.37 -36.88 24.18
C ARG L 107 29.43 -37.58 23.34
N TYR L 108 30.53 -36.87 23.08
CA TYR L 108 31.64 -37.41 22.26
C TYR L 108 32.70 -38.01 23.23
N ARG L 109 33.30 -39.04 22.70
CA ARG L 109 34.40 -39.73 23.50
C ARG L 109 35.69 -39.07 23.04
N HIS L 110 35.86 -37.85 23.54
CA HIS L 110 36.98 -36.96 23.28
C HIS L 110 37.21 -36.07 24.51
N LYS L 111 38.45 -35.93 24.90
CA LYS L 111 38.98 -35.17 26.01
C LYS L 111 38.26 -33.81 26.21
N ASN L 112 38.25 -33.07 25.12
CA ASN L 112 37.69 -31.73 25.02
C ASN L 112 36.18 -31.64 25.13
N ASP L 113 35.47 -32.75 25.18
CA ASP L 113 33.99 -32.71 25.28
C ASP L 113 33.59 -32.81 26.75
N ARG L 114 33.13 -31.67 27.26
CA ARG L 114 32.72 -31.60 28.67
C ARG L 114 31.22 -31.41 28.82
N TYR L 115 30.49 -31.86 27.81
CA TYR L 115 29.00 -31.75 27.87
C TYR L 115 28.62 -32.69 29.05
N LEU L 116 27.61 -32.29 29.78
CA LEU L 116 27.16 -33.03 30.94
C LEU L 116 26.51 -34.36 30.71
N ALA L 117 26.13 -34.70 29.50
CA ALA L 117 25.51 -36.04 29.23
C ALA L 117 26.67 -37.04 29.36
N PRO L 118 26.40 -38.15 30.04
CA PRO L 118 27.41 -39.16 30.29
C PRO L 118 27.90 -39.90 29.06
N LEU L 119 29.10 -40.44 29.23
CA LEU L 119 29.73 -41.32 28.22
C LEU L 119 29.01 -42.68 28.39
N ASP L 120 29.03 -43.42 27.33
CA ASP L 120 28.42 -44.80 27.33
C ASP L 120 29.62 -45.74 27.31
N PRO L 121 29.73 -46.56 28.35
CA PRO L 121 30.83 -47.50 28.52
C PRO L 121 31.00 -48.48 27.36
N ASN L 122 29.93 -48.82 26.64
CA ASN L 122 30.05 -49.75 25.53
C ASN L 122 30.07 -49.01 24.19
N PHE L 123 30.42 -47.75 24.21
CA PHE L 123 30.35 -47.02 22.91
C PHE L 123 31.54 -46.09 22.70
N GLY L 124 32.12 -46.28 21.49
CA GLY L 124 33.31 -45.55 21.06
C GLY L 124 32.88 -44.37 20.15
N GLY L 125 32.31 -44.72 19.03
CA GLY L 125 31.82 -43.70 18.08
C GLY L 125 32.60 -43.59 16.80
N VAL L 126 33.40 -44.57 16.44
CA VAL L 126 34.20 -44.57 15.22
C VAL L 126 33.99 -45.86 14.41
N GLY L 127 33.99 -45.65 13.08
CA GLY L 127 33.82 -46.75 12.13
C GLY L 127 34.49 -46.42 10.80
N ARG L 128 34.77 -47.48 10.06
CA ARG L 128 35.37 -47.37 8.72
C ARG L 128 34.85 -48.56 7.91
N CYS L 129 34.75 -48.35 6.61
CA CYS L 129 34.22 -49.41 5.69
C CYS L 129 34.80 -49.12 4.32
N LEU L 130 35.18 -50.16 3.63
CA LEU L 130 35.68 -50.01 2.23
C LEU L 130 34.45 -50.35 1.35
N THR L 131 34.19 -49.50 0.36
CA THR L 131 32.99 -49.79 -0.47
C THR L 131 33.27 -51.08 -1.25
N ASP L 132 32.20 -51.76 -1.57
CA ASP L 132 32.30 -53.01 -2.36
C ASP L 132 32.33 -52.60 -3.83
N SER L 133 32.29 -53.66 -4.63
CA SER L 133 32.39 -53.53 -6.09
C SER L 133 31.31 -52.64 -6.64
N ASP L 134 30.18 -52.60 -5.97
CA ASP L 134 29.05 -51.78 -6.38
C ASP L 134 28.99 -50.39 -5.78
N GLY L 135 29.95 -50.05 -4.96
CA GLY L 135 30.00 -48.74 -4.31
C GLY L 135 29.21 -48.66 -3.02
N TYR L 136 28.78 -49.82 -2.50
CA TYR L 136 27.99 -49.88 -1.27
C TYR L 136 28.80 -49.96 0.00
N TYR L 137 28.29 -49.27 1.03
CA TYR L 137 28.96 -49.32 2.35
C TYR L 137 27.80 -49.50 3.35
N SER L 138 28.16 -49.94 4.52
CA SER L 138 27.17 -50.07 5.59
C SER L 138 27.86 -49.93 6.94
N PHE L 139 27.09 -49.47 7.87
CA PHE L 139 27.55 -49.34 9.28
C PHE L 139 26.36 -49.70 10.19
N ARG L 140 26.73 -50.13 11.36
CA ARG L 140 25.69 -50.44 12.38
C ARG L 140 26.14 -49.62 13.60
N THR L 141 25.19 -48.84 14.09
CA THR L 141 25.52 -47.94 15.22
C THR L 141 24.20 -47.68 15.95
N ILE L 142 24.30 -46.65 16.79
CA ILE L 142 23.11 -46.17 17.51
C ILE L 142 22.94 -44.70 17.01
N LYS L 143 21.71 -44.21 16.96
CA LYS L 143 21.49 -42.82 16.49
C LYS L 143 22.04 -41.85 17.55
N PRO L 144 22.85 -40.91 17.12
CA PRO L 144 23.43 -39.91 18.03
C PRO L 144 22.35 -38.90 18.47
N GLY L 145 22.61 -38.17 19.53
CA GLY L 145 21.73 -37.12 20.02
C GLY L 145 22.35 -35.76 19.64
N PRO L 146 21.45 -34.77 19.53
CA PRO L 146 21.94 -33.40 19.22
C PRO L 146 22.76 -32.99 20.48
N TYR L 147 23.49 -31.93 20.36
CA TYR L 147 24.27 -31.41 21.52
C TYR L 147 24.48 -29.90 21.36
N PRO L 148 24.57 -29.28 22.52
CA PRO L 148 24.75 -27.79 22.57
C PRO L 148 26.16 -27.43 22.22
N TRP L 149 26.39 -26.20 21.78
CA TRP L 149 27.74 -25.75 21.42
C TRP L 149 27.77 -24.24 21.64
N ARG L 150 28.94 -23.74 22.01
CA ARG L 150 29.05 -22.29 22.27
C ARG L 150 29.19 -21.50 20.98
N ASN L 151 28.08 -21.12 20.38
CA ASN L 151 28.06 -20.30 19.15
C ASN L 151 27.21 -19.08 19.59
N GLY L 152 25.93 -19.18 19.26
CA GLY L 152 24.96 -18.18 19.75
C GLY L 152 24.73 -18.74 21.21
N PRO L 153 23.94 -18.06 21.97
CA PRO L 153 23.66 -18.47 23.37
C PRO L 153 22.82 -19.71 23.54
N ASN L 154 22.15 -20.18 22.50
CA ASN L 154 21.31 -21.40 22.63
C ASN L 154 21.34 -22.14 21.29
N ASP L 155 22.51 -22.47 20.83
CA ASP L 155 22.70 -23.22 19.55
C ASP L 155 22.83 -24.70 19.88
N TRP L 156 22.19 -25.53 19.05
CA TRP L 156 22.18 -26.96 19.18
C TRP L 156 22.40 -27.66 17.83
N ARG L 157 23.41 -28.49 17.79
CA ARG L 157 23.62 -29.19 16.48
C ARG L 157 22.49 -30.24 16.37
N PRO L 158 21.97 -30.39 15.14
CA PRO L 158 20.98 -31.46 14.92
C PRO L 158 21.82 -32.77 15.05
N ALA L 159 21.12 -33.85 15.29
CA ALA L 159 21.80 -35.18 15.37
C ALA L 159 22.52 -35.36 14.01
N HIS L 160 23.73 -35.88 14.07
CA HIS L 160 24.50 -36.11 12.82
C HIS L 160 25.64 -37.10 13.04
N ILE L 161 26.15 -37.57 11.91
CA ILE L 161 27.28 -38.52 11.86
C ILE L 161 28.27 -37.85 10.88
N HIS L 162 29.50 -37.76 11.31
CA HIS L 162 30.54 -37.11 10.44
C HIS L 162 31.02 -38.22 9.49
N PHE L 163 31.22 -37.84 8.24
CA PHE L 163 31.70 -38.80 7.24
C PHE L 163 32.93 -38.22 6.53
N GLY L 164 33.83 -39.09 6.13
CA GLY L 164 35.06 -38.76 5.40
C GLY L 164 35.08 -39.82 4.25
N ILE L 165 35.14 -39.34 3.02
CA ILE L 165 35.20 -40.35 1.90
C ILE L 165 36.45 -40.00 1.05
N SER L 166 37.28 -41.02 0.76
CA SER L 166 38.48 -40.75 -0.07
C SER L 166 38.18 -40.53 -1.53
N GLY L 167 37.48 -41.49 -2.15
CA GLY L 167 37.17 -41.36 -3.62
C GLY L 167 38.48 -41.72 -4.33
N PRO L 168 38.48 -41.63 -5.66
CA PRO L 168 39.62 -41.94 -6.46
C PRO L 168 40.78 -40.99 -6.41
N SER L 169 40.63 -39.78 -5.86
CA SER L 169 41.84 -38.90 -5.87
C SER L 169 41.77 -37.90 -4.73
N ILE L 170 42.83 -37.11 -4.55
CA ILE L 170 42.76 -36.11 -3.43
C ILE L 170 41.76 -35.03 -3.86
N ALA L 171 41.47 -34.98 -5.18
CA ALA L 171 40.51 -33.99 -5.69
C ALA L 171 39.06 -34.33 -5.30
N THR L 172 38.77 -35.58 -5.03
CA THR L 172 37.49 -36.08 -4.64
C THR L 172 37.26 -36.16 -3.16
N LYS L 173 38.36 -36.29 -2.39
CA LYS L 173 38.25 -36.40 -0.94
C LYS L 173 37.29 -35.30 -0.43
N LEU L 174 36.47 -35.79 0.48
CA LEU L 174 35.45 -34.92 1.11
C LEU L 174 35.14 -35.35 2.54
N ILE L 175 34.73 -34.33 3.30
CA ILE L 175 34.24 -34.54 4.65
C ILE L 175 32.88 -33.82 4.70
N THR L 176 31.96 -34.47 5.34
CA THR L 176 30.59 -33.90 5.47
C THR L 176 29.94 -34.43 6.71
N GLN L 177 28.68 -34.10 6.91
CA GLN L 177 27.83 -34.56 7.98
C GLN L 177 26.52 -35.08 7.40
N LEU L 178 26.04 -36.13 8.00
CA LEU L 178 24.74 -36.76 7.60
C LEU L 178 23.77 -36.29 8.72
N TYR L 179 22.62 -35.86 8.31
CA TYR L 179 21.57 -35.40 9.27
C TYR L 179 20.41 -36.38 9.10
N PHE L 180 19.49 -36.40 10.01
CA PHE L 180 18.38 -37.38 9.93
C PHE L 180 17.04 -36.75 9.63
N GLU L 181 16.40 -37.40 8.67
CA GLU L 181 15.10 -37.07 8.16
C GLU L 181 14.12 -36.62 9.22
N GLY L 182 13.57 -35.45 9.10
CA GLY L 182 12.58 -34.80 9.91
C GLY L 182 13.05 -34.10 11.18
N ASP L 183 14.32 -34.14 11.44
CA ASP L 183 14.81 -33.44 12.73
C ASP L 183 14.56 -31.96 12.62
N PRO L 184 13.79 -31.43 13.56
CA PRO L 184 13.44 -30.00 13.57
C PRO L 184 14.61 -29.08 13.86
N LEU L 185 15.74 -29.56 14.29
CA LEU L 185 16.91 -28.73 14.61
C LEU L 185 17.63 -28.34 13.30
N ILE L 186 17.41 -29.20 12.27
CA ILE L 186 18.06 -28.98 11.02
C ILE L 186 18.12 -27.57 10.48
N PRO L 187 16.96 -26.96 10.26
CA PRO L 187 16.89 -25.60 9.70
C PRO L 187 17.37 -24.52 10.65
N MET L 188 17.60 -24.82 11.90
CA MET L 188 18.08 -23.79 12.86
C MET L 188 19.58 -23.76 13.00
N CYS L 189 20.31 -24.70 12.41
CA CYS L 189 21.76 -24.80 12.57
C CYS L 189 22.56 -23.94 11.62
N PRO L 190 23.41 -23.09 12.21
CA PRO L 190 24.29 -22.19 11.48
C PRO L 190 25.28 -22.97 10.62
N ILE L 191 25.72 -24.13 11.08
CA ILE L 191 26.63 -24.97 10.28
C ILE L 191 25.84 -25.47 9.02
N VAL L 192 24.63 -25.91 9.19
CA VAL L 192 23.81 -26.42 8.03
C VAL L 192 23.66 -25.21 7.07
N LYS L 193 23.17 -24.14 7.65
CA LYS L 193 22.95 -22.87 7.04
C LYS L 193 24.18 -22.30 6.35
N SER L 194 25.33 -22.86 6.57
CA SER L 194 26.55 -22.37 5.85
C SER L 194 26.33 -22.63 4.36
N ILE L 195 25.43 -23.60 4.09
CA ILE L 195 25.06 -23.99 2.73
C ILE L 195 23.93 -23.06 2.25
N ALA L 196 24.19 -22.24 1.28
CA ALA L 196 23.23 -21.29 0.73
C ALA L 196 22.00 -21.87 0.09
N ASN L 197 22.11 -22.90 -0.71
CA ASN L 197 21.03 -23.55 -1.44
C ASN L 197 20.32 -24.68 -0.72
N PRO L 198 19.04 -24.49 -0.42
CA PRO L 198 18.21 -25.46 0.27
C PRO L 198 18.23 -26.81 -0.39
N GLU L 199 18.46 -26.85 -1.71
CA GLU L 199 18.52 -28.17 -2.38
C GLU L 199 19.82 -28.90 -2.00
N ALA L 200 20.82 -28.11 -1.64
CA ALA L 200 22.11 -28.73 -1.24
C ALA L 200 21.96 -29.36 0.13
N VAL L 201 21.19 -28.72 0.97
CA VAL L 201 20.92 -29.18 2.33
C VAL L 201 20.27 -30.57 2.31
N GLN L 202 19.29 -30.69 1.41
CA GLN L 202 18.53 -31.94 1.25
C GLN L 202 19.42 -33.14 0.99
N GLN L 203 20.51 -32.88 0.30
CA GLN L 203 21.50 -33.92 -0.05
C GLN L 203 22.19 -34.52 1.17
N LEU L 204 22.13 -33.82 2.29
CA LEU L 204 22.80 -34.24 3.53
C LEU L 204 21.89 -34.99 4.50
N ILE L 205 20.64 -35.17 4.12
CA ILE L 205 19.65 -35.79 5.00
C ILE L 205 19.42 -37.27 4.66
N ALA L 206 19.68 -38.13 5.61
CA ALA L 206 19.50 -39.57 5.45
C ALA L 206 18.02 -39.87 5.62
N LYS L 207 17.56 -40.74 4.74
CA LYS L 207 16.17 -41.16 4.74
C LYS L 207 16.00 -42.50 5.48
N LEU L 208 14.88 -42.52 6.19
CA LEU L 208 14.47 -43.74 6.93
C LEU L 208 14.29 -44.81 5.80
N ASP L 209 14.86 -45.94 6.06
CA ASP L 209 14.78 -47.02 5.02
C ASP L 209 14.27 -48.31 5.72
N MET L 210 12.95 -48.40 5.81
CA MET L 210 12.29 -49.54 6.41
C MET L 210 12.64 -50.81 5.61
N ASN L 211 12.95 -50.61 4.35
CA ASN L 211 13.30 -51.76 3.47
C ASN L 211 14.54 -52.48 3.97
N ASN L 212 15.48 -51.77 4.54
CA ASN L 212 16.74 -52.35 5.02
C ASN L 212 16.75 -52.72 6.49
N ALA L 213 15.74 -52.35 7.19
CA ALA L 213 15.61 -52.61 8.63
C ALA L 213 15.55 -54.10 8.92
N ASN L 214 16.04 -54.49 10.07
CA ASN L 214 15.97 -55.88 10.58
C ASN L 214 14.82 -55.84 11.58
N PRO L 215 13.73 -56.51 11.26
CA PRO L 215 12.54 -56.54 12.11
C PRO L 215 12.85 -56.99 13.51
N MET L 216 12.21 -56.37 14.47
CA MET L 216 12.39 -56.67 15.90
C MET L 216 13.84 -56.41 16.32
N ASP L 217 14.58 -55.61 15.57
CA ASP L 217 16.03 -55.46 15.94
C ASP L 217 16.57 -54.07 15.79
N CYS L 218 16.69 -53.60 14.53
CA CYS L 218 17.17 -52.25 14.29
C CYS L 218 16.57 -51.63 13.06
N LEU L 219 16.48 -50.31 13.11
CA LEU L 219 15.98 -49.53 11.95
C LEU L 219 17.17 -49.31 11.01
N ALA L 220 16.87 -48.63 9.88
CA ALA L 220 17.93 -48.34 8.89
C ALA L 220 17.64 -46.99 8.20
N TYR L 221 18.75 -46.34 7.84
CA TYR L 221 18.73 -45.04 7.19
C TYR L 221 19.59 -45.18 5.96
N ARG L 222 19.24 -44.49 4.92
CA ARG L 222 19.95 -44.57 3.63
C ARG L 222 20.62 -43.22 3.37
N PHE L 223 21.87 -43.33 3.02
CA PHE L 223 22.67 -42.10 2.75
C PHE L 223 23.60 -42.39 1.59
N ASP L 224 23.31 -41.76 0.46
CA ASP L 224 24.16 -41.94 -0.75
C ASP L 224 25.03 -40.69 -0.83
N ILE L 225 26.23 -40.87 -1.33
CA ILE L 225 27.21 -39.80 -1.48
C ILE L 225 27.64 -39.73 -2.94
N VAL L 226 27.82 -38.50 -3.39
CA VAL L 226 28.20 -38.20 -4.77
C VAL L 226 29.54 -37.47 -4.78
N LEU L 227 30.54 -38.18 -5.33
CA LEU L 227 31.88 -37.54 -5.48
C LEU L 227 31.92 -36.87 -6.86
N ARG L 228 32.90 -36.02 -7.05
CA ARG L 228 33.11 -35.28 -8.30
C ARG L 228 33.15 -36.29 -9.46
N GLY L 229 32.53 -35.88 -10.58
CA GLY L 229 32.52 -36.79 -11.77
C GLY L 229 33.96 -36.94 -12.32
N GLN L 230 34.25 -38.15 -12.71
CA GLN L 230 35.56 -38.53 -13.27
C GLN L 230 35.39 -38.80 -14.77
N ARG L 231 36.21 -38.17 -15.57
CA ARG L 231 36.20 -38.35 -17.02
C ARG L 231 37.63 -38.55 -17.51
N LYS L 232 37.70 -39.16 -18.69
CA LYS L 232 39.04 -39.39 -19.31
C LYS L 232 39.42 -38.01 -19.92
N THR L 233 40.70 -37.89 -20.15
CA THR L 233 41.22 -36.62 -20.77
C THR L 233 40.85 -36.72 -22.25
N HIS L 234 40.78 -35.62 -22.93
CA HIS L 234 40.48 -35.57 -24.36
C HIS L 234 41.06 -34.28 -24.99
N PHE L 235 41.57 -34.44 -26.19
CA PHE L 235 42.11 -33.32 -26.99
C PHE L 235 43.03 -32.43 -26.17
N GLU L 236 43.68 -33.03 -25.21
CA GLU L 236 44.60 -32.32 -24.32
C GLU L 236 46.02 -32.22 -24.81
FE FE M . -8.81 22.07 2.34
C1 BME N . 7.66 27.84 -12.20
C2 BME N . 6.50 28.50 -11.44
O1 BME N . 7.10 26.86 -13.10
S2 BME N . 5.35 29.09 -12.78
C8 4HP O . -16.24 21.00 3.71
O1 4HP O . -16.84 21.18 2.63
O2 4HP O . -16.48 21.73 4.70
C7 4HP O . -15.03 20.02 3.81
C1 4HP O . -13.73 20.71 3.35
C2 4HP O . -13.31 20.59 2.00
C3 4HP O . -12.15 21.24 1.57
C4 4HP O . -11.46 22.07 2.47
C5 4HP O . -11.90 22.22 3.81
C6 4HP O . -13.03 21.54 4.24
O4 4HP O . -10.36 22.79 2.16
FE FE P . -40.60 -9.42 14.03
C1 BME Q . -30.32 -16.17 32.79
C2 BME Q . -31.34 -15.07 32.78
O1 BME Q . -29.02 -15.66 32.49
S2 BME Q . -30.61 -13.47 33.10
C8 4HP R . -42.25 -3.91 8.97
O1 4HP R . -41.62 -2.90 9.28
O2 4HP R . -43.51 -3.84 8.83
C7 4HP R . -41.65 -5.34 8.81
C1 4HP R . -41.50 -6.02 10.20
C2 4HP R . -40.28 -5.88 10.87
C3 4HP R . -40.10 -6.50 12.11
C4 4HP R . -41.18 -7.14 12.73
C5 4HP R . -42.43 -7.25 12.07
C6 4HP R . -42.59 -6.66 10.81
O4 4HP R . -41.05 -7.67 13.95
FE FE S . -36.32 3.68 -30.00
C1 BME T . -45.46 -15.02 -38.89
C2 BME T . -46.04 -13.68 -38.43
O1 BME T . -45.23 -15.87 -37.76
S2 BME T . -47.19 -13.86 -37.09
C8 4HP U . -35.97 8.81 -24.24
O1 4HP U . -36.65 8.27 -23.32
O2 4HP U . -36.12 9.98 -24.60
C7 4HP U . -34.89 7.95 -24.96
C1 4HP U . -35.51 7.07 -26.04
C2 4HP U . -36.00 5.79 -25.70
C3 4HP U . -36.59 4.98 -26.68
C4 4HP U . -36.71 5.47 -27.99
C5 4HP U . -36.24 6.72 -28.33
C6 4HP U . -35.62 7.54 -27.36
O4 4HP U . -37.30 4.68 -28.96
FE FE V . 16.10 10.96 13.73
C1 BME W . 0.58 8.94 30.31
C2 BME W . 2.02 9.43 30.12
O1 BME W . 0.48 7.59 29.79
S2 BME W . 3.10 8.28 31.01
C8 4HP X . 22.86 8.52 10.85
O1 4HP X . 23.27 7.61 11.61
O2 4HP X . 23.52 9.54 10.48
C7 4HP X . 21.42 8.40 10.31
C1 4HP X . 20.41 9.01 11.29
C2 4HP X . 19.76 8.14 12.20
C3 4HP X . 18.85 8.64 13.11
C4 4HP X . 18.63 10.01 13.19
C5 4HP X . 19.29 10.91 12.30
C6 4HP X . 20.19 10.39 11.36
O4 4HP X . 17.74 10.56 14.09
FE FE Y . 36.45 -8.64 -22.90
C1 BME Z . 28.06 5.57 -38.20
C2 BME Z . 29.23 5.64 -37.21
O1 BME Z . 26.82 5.70 -37.51
S2 BME Z . 28.97 7.12 -36.12
C8 4HP AA . 39.29 -10.27 -15.92
O1 4HP AA . 39.16 -9.22 -15.28
O2 4HP AA . 40.43 -10.85 -16.05
C7 4HP AA . 38.16 -10.89 -16.76
C1 4HP AA . 37.96 -10.14 -18.07
C2 4HP AA . 36.99 -9.08 -18.11
C3 4HP AA . 36.79 -8.38 -19.32
C4 4HP AA . 37.66 -8.63 -20.38
C5 4HP AA . 38.65 -9.59 -20.31
C6 4HP AA . 38.81 -10.38 -19.16
O4 4HP AA . 37.55 -7.94 -21.57
FE FE BA . 29.57 -33.36 15.79
C1 BME CA . 30.09 -53.73 5.17
C2 BME CA . 31.03 -52.95 6.09
O1 BME CA . 29.76 -52.80 4.11
S2 BME CA . 32.40 -52.31 5.07
C8 4HP DA . 32.02 -26.16 16.20
O1 4HP DA . 32.65 -25.93 15.16
O2 4HP DA . 32.47 -25.96 17.37
C7 4HP DA . 30.63 -26.82 16.14
C1 4HP DA . 30.72 -28.34 15.95
C2 4HP DA . 30.79 -28.92 14.68
C3 4HP DA . 30.86 -30.30 14.52
C4 4HP DA . 30.91 -31.10 15.66
C5 4HP DA . 30.92 -30.56 16.94
C6 4HP DA . 30.80 -29.16 17.09
O4 4HP DA . 31.07 -32.48 15.56
#